data_6VQW
#
_entry.id   6VQW
#
_cell.length_a   1.00
_cell.length_b   1.00
_cell.length_c   1.00
_cell.angle_alpha   90.00
_cell.angle_beta   90.00
_cell.angle_gamma   90.00
#
_symmetry.space_group_name_H-M   'P 1'
#
loop_
_entity.id
_entity.type
_entity.pdbx_description
1 polymer 'Type I-F CRISPR-associated protein Csy2'
2 polymer 'CRISPR-associated protein Csy3'
3 polymer 'CRISPR-associated endonuclease Cas6/Csy4'
4 polymer AcrF8
5 polymer 'CRISPR-associated protein Csy1'
6 polymer 'CrRNA (40-MER)'
#
loop_
_entity_poly.entity_id
_entity_poly.type
_entity_poly.pdbx_seq_one_letter_code
_entity_poly.pdbx_strand_id
1 'polypeptide(L)'
;MSVTDPEALLLLPRLSIQNANAISSPLTWGFPSPGAFTGFVHALQRRVGISLDIELDGVGIVCHRFEAQISQPAGKRTKV
FNLTRNPLNRDGSTAAIVEEGRAHLEVSLLLGVHGDGLDDHPAQEIARQVQEQAGAMRLAGGSILPWCNERFPAPNAELL
MLGGSDEQRRKNQRRLTRRLLPGFALVSREALLQQHLETLRTTLPEATTLDALLDLCRINFEPPATSSEEEASPPDAAWQ
VRDKPGWLVPIPAGYNALSPLYLPGEVRNARDRETPLRFVENLFGLGEWLSPHRVAALSDLLWYHHAEPDKGLYRWSTPR
FVEHAIA
;
C
2 'polypeptide(L)'
;MKSSHHHHHHENLYFQSNASKPILSTASVLAFERKLDPSDALMSAGAWAQRDASQEWPAVTVREKSVRGTISNRLKTKDR
DPAKLDASIQSPNLQTVDVANLPSDADTLKVRFTLRVLGGAGTPSACNDAAYRDKLLQTVATYVNDQGFAELARRYAHNL
ANARFLWRNRVGAEAVEVRINHIRQGEVARAWRFDALAIGLRDFKADAELDALAELIASGLSGSGHVLLEVVAFARIGDG
QEVFPSQELILDKGDKKGQKSKTLYSVRDAAAIHSQKIGNALRTIDTWYPDEDGLGPIAVEPYGSVTSQGKAYRQPKQKL
DFYTLLDNWVLRDEAPAVEQQHYVIANLIRGGVFGEAEEK
;
D,E,F,G,H,I
3 'polypeptide(L)'
;MDHYLDIRLRPDPEFPPAQLMSVLFGKLHQALVAQGGDRIGVSFPDLDESRSRLGERLRIHASADDLRALLARPWLEGLR
DHLQFGEPAVVPHPTPYRQVSRVQAKSNPERLRRRLMRRHDLSEEEARKRIPDTVARALDLPFVTLRSQSTGQHFRLFIR
HGPLQVTAEEGGFTCYGLSKGGFVPWF
;
J
4 'polypeptide(L)'
;MARIAPNEDSTMSTAYIIFNSSVAAVVDTEIANGANVTFSTVTVKEEINANRDFNLVNAQNGKISRAKRWGNEASKCEYF
GREINPTEFFIK
;
A
5 'polypeptide(L)'
;MTSPLPTPTWQELRQFIESFIQERLQGKLDKLQPDEDDKRQTLLATHRREAWLADAARRVGQLQLVTHTLKPIHPDARGS
NLHSLPQAPGQPGLAGSHELGDRLVSDVVGNAAALDVFKFLSLQYQGKNLLNWLTEDSAEALQALSDNAEQAREWRQAFI
GITTVKGAPASHSLAKQLYFPLPGSGYHLLAPLFPTSLVHHVHALLREARFGDAAKAAREARSRQESWPHGFSEYPNLAI
QKFGGTKPQNISQLNNERRGENWLLPSLPPNWQRQNVNAPMRHSSVFEHDFGRTPEVSRLTRTLQRFLAKTVHNNLAIRQ
RRAQLVAQICDEALQYAARLRELEPGWSATPGCQLHDAEQLWLDPLRAQTDETFLQRRLRGDWPAEVGNRFANWLNRAVS
SDSQILGSPEAAQWSQELSKELTMFKEILEDERD
;
B
6 'polyribonucleotide' CUAAGAAAUUCACGGCGGGCUUGAUGUCCGCGUCUACCUGGUUCACUGCCGUAUAGGCAG K
#
# COMPACT_ATOMS: atom_id res chain seq x y z
N VAL A 3 19.01 1.16 -48.79
CA VAL A 3 18.30 -0.07 -49.09
C VAL A 3 19.22 -1.26 -48.81
N THR A 4 20.53 -1.03 -48.83
CA THR A 4 21.48 -2.11 -48.65
C THR A 4 21.82 -2.27 -47.17
N ASP A 5 22.68 -3.24 -46.87
CA ASP A 5 22.94 -3.69 -45.52
C ASP A 5 23.84 -2.73 -44.74
N PRO A 6 23.63 -2.61 -43.44
CA PRO A 6 24.52 -1.78 -42.62
C PRO A 6 25.77 -2.56 -42.25
N GLU A 7 26.73 -1.85 -41.71
CA GLU A 7 28.02 -2.44 -41.39
C GLU A 7 28.40 -2.16 -39.94
N ALA A 8 27.95 -1.04 -39.41
CA ALA A 8 28.27 -0.67 -38.03
C ALA A 8 27.11 0.07 -37.41
N LEU A 9 26.67 -0.40 -36.25
CA LEU A 9 25.52 0.18 -35.57
C LEU A 9 26.01 1.23 -34.58
N LEU A 10 26.31 2.41 -35.11
CA LEU A 10 26.66 3.54 -34.27
C LEU A 10 25.46 3.96 -33.45
N LEU A 11 25.65 4.08 -32.14
CA LEU A 11 24.56 4.35 -31.23
C LEU A 11 24.85 5.61 -30.44
N LEU A 12 23.88 6.49 -30.37
CA LEU A 12 23.91 7.67 -29.53
C LEU A 12 23.27 7.35 -28.19
N PRO A 13 23.88 7.73 -27.10
CA PRO A 13 23.52 7.12 -25.81
C PRO A 13 22.23 7.63 -25.19
N ARG A 14 22.04 8.95 -25.17
CA ARG A 14 20.89 9.56 -24.51
C ARG A 14 20.77 10.96 -25.07
N LEU A 15 19.74 11.21 -25.86
CA LEU A 15 19.55 12.50 -26.50
C LEU A 15 18.36 13.18 -25.86
N SER A 16 18.62 13.93 -24.79
CA SER A 16 17.54 14.71 -24.19
C SER A 16 17.20 15.87 -25.11
N ILE A 17 15.93 15.99 -25.47
CA ILE A 17 15.45 17.01 -26.38
C ILE A 17 14.50 17.93 -25.64
N GLN A 18 14.62 19.23 -25.88
CA GLN A 18 13.75 20.22 -25.27
C GLN A 18 12.97 20.95 -26.36
N ASN A 19 11.64 21.03 -26.18
CA ASN A 19 10.75 21.88 -26.97
C ASN A 19 10.74 21.48 -28.44
N ALA A 20 10.63 20.20 -28.70
CA ALA A 20 10.56 19.79 -30.09
C ALA A 20 9.13 19.75 -30.55
N ASN A 21 8.97 19.56 -31.86
CA ASN A 21 7.68 19.61 -32.50
C ASN A 21 6.81 18.43 -32.07
N ALA A 22 5.51 18.61 -32.20
CA ALA A 22 4.57 17.57 -31.83
C ALA A 22 3.48 17.34 -32.84
N ILE A 23 3.19 18.31 -33.70
CA ILE A 23 2.07 18.16 -34.61
C ILE A 23 2.41 17.20 -35.74
N SER A 24 3.41 17.57 -36.55
CA SER A 24 4.11 16.76 -37.54
C SER A 24 3.28 16.30 -38.72
N SER A 25 1.97 16.57 -38.74
CA SER A 25 1.13 16.27 -39.90
C SER A 25 -0.12 17.11 -39.77
N PRO A 26 -0.99 17.09 -40.78
CA PRO A 26 -2.35 17.58 -40.55
C PRO A 26 -3.21 16.65 -39.72
N LEU A 27 -2.77 15.43 -39.40
CA LEU A 27 -3.68 14.51 -38.76
C LEU A 27 -3.21 13.97 -37.42
N THR A 28 -1.92 13.70 -37.24
CA THR A 28 -1.48 13.21 -35.95
C THR A 28 -1.17 14.34 -34.99
N TRP A 29 -0.86 13.96 -33.74
CA TRP A 29 -0.24 14.89 -32.82
C TRP A 29 0.76 14.22 -31.89
N GLY A 30 1.12 12.97 -32.12
CA GLY A 30 1.88 12.26 -31.10
C GLY A 30 3.38 12.44 -31.18
N PHE A 31 4.08 11.34 -31.42
CA PHE A 31 5.51 11.38 -31.63
C PHE A 31 5.80 12.12 -32.93
N PRO A 32 6.88 12.88 -32.99
CA PRO A 32 7.21 13.61 -34.22
C PRO A 32 7.50 12.67 -35.36
N SER A 33 7.30 13.19 -36.57
CA SER A 33 7.34 12.38 -37.78
C SER A 33 8.74 11.83 -37.99
N PRO A 34 8.89 10.55 -38.19
CA PRO A 34 10.24 10.01 -38.34
C PRO A 34 10.88 10.28 -39.69
N GLY A 35 10.22 11.07 -40.53
CA GLY A 35 10.92 11.74 -41.61
C GLY A 35 11.93 12.73 -41.09
N ALA A 36 11.65 13.34 -39.93
CA ALA A 36 12.63 14.19 -39.28
C ALA A 36 13.83 13.38 -38.84
N PHE A 37 13.61 12.18 -38.33
CA PHE A 37 14.73 11.34 -37.97
C PHE A 37 15.45 10.81 -39.20
N THR A 38 14.74 10.66 -40.31
CA THR A 38 15.41 10.33 -41.56
C THR A 38 16.31 11.45 -42.03
N GLY A 39 15.80 12.68 -42.04
CA GLY A 39 16.59 13.80 -42.51
C GLY A 39 17.67 14.24 -41.56
N PHE A 40 17.52 13.93 -40.27
CA PHE A 40 18.49 14.37 -39.27
C PHE A 40 19.83 13.70 -39.46
N VAL A 41 19.83 12.41 -39.79
CA VAL A 41 21.11 11.78 -40.02
C VAL A 41 21.68 12.12 -41.38
N HIS A 42 20.86 12.52 -42.35
CA HIS A 42 21.45 12.98 -43.59
C HIS A 42 22.12 14.33 -43.39
N ALA A 43 21.54 15.16 -42.52
CA ALA A 43 22.23 16.40 -42.13
C ALA A 43 23.48 16.10 -41.31
N LEU A 44 23.44 15.05 -40.49
CA LEU A 44 24.61 14.68 -39.70
C LEU A 44 25.74 14.19 -40.59
N GLN A 45 25.42 13.38 -41.61
CA GLN A 45 26.43 12.95 -42.56
C GLN A 45 26.95 14.12 -43.37
N ARG A 46 26.07 15.03 -43.75
CA ARG A 46 26.50 16.20 -44.51
C ARG A 46 27.38 17.13 -43.70
N ARG A 47 27.26 17.10 -42.37
CA ARG A 47 28.14 17.93 -41.56
C ARG A 47 29.39 17.22 -41.07
N VAL A 48 29.41 15.89 -41.03
CA VAL A 48 30.52 15.14 -40.48
C VAL A 48 31.05 14.12 -41.46
N GLY A 49 30.17 13.30 -42.04
CA GLY A 49 30.53 12.05 -42.71
C GLY A 49 31.43 12.19 -43.92
N ILE A 50 31.60 13.40 -44.43
CA ILE A 50 32.59 13.60 -45.49
C ILE A 50 33.98 13.72 -44.89
N SER A 51 34.10 14.19 -43.65
CA SER A 51 35.42 14.33 -43.04
C SER A 51 35.96 12.98 -42.57
N LEU A 52 35.14 12.20 -41.87
CA LEU A 52 35.57 10.91 -41.37
C LEU A 52 35.38 9.80 -42.38
N ASP A 53 34.88 10.13 -43.57
CA ASP A 53 34.70 9.21 -44.70
C ASP A 53 33.82 8.02 -44.34
N ILE A 54 32.56 8.33 -44.03
CA ILE A 54 31.56 7.31 -43.73
C ILE A 54 30.29 7.62 -44.53
N GLU A 55 29.27 6.79 -44.31
CA GLU A 55 28.01 6.91 -45.04
C GLU A 55 26.91 6.39 -44.13
N LEU A 56 25.90 7.23 -43.88
CA LEU A 56 24.83 6.91 -42.95
C LEU A 56 23.50 6.86 -43.68
N ASP A 57 22.69 5.85 -43.39
CA ASP A 57 21.43 5.76 -44.11
C ASP A 57 20.21 5.54 -43.23
N GLY A 58 20.32 4.74 -42.19
CA GLY A 58 19.16 4.30 -41.44
C GLY A 58 19.23 4.71 -39.97
N VAL A 59 18.05 4.88 -39.36
CA VAL A 59 17.94 5.25 -37.96
C VAL A 59 16.94 4.33 -37.29
N GLY A 60 17.14 4.08 -36.00
CA GLY A 60 16.09 3.53 -35.17
C GLY A 60 15.72 4.53 -34.10
N ILE A 61 14.55 4.39 -33.50
CA ILE A 61 14.11 5.30 -32.46
C ILE A 61 13.81 4.45 -31.25
N VAL A 62 14.06 4.97 -30.04
CA VAL A 62 13.69 4.18 -28.87
C VAL A 62 12.70 4.88 -27.93
N CYS A 63 12.70 6.22 -27.89
CA CYS A 63 11.75 7.04 -27.11
C CYS A 63 11.77 6.65 -25.63
N HIS A 64 12.87 7.01 -24.97
CA HIS A 64 13.00 6.76 -23.53
C HIS A 64 11.87 7.39 -22.74
N ARG A 65 11.45 8.60 -23.10
CA ARG A 65 10.24 9.17 -22.49
C ARG A 65 9.65 10.19 -23.44
N PHE A 66 8.44 10.63 -23.12
CA PHE A 66 7.70 11.56 -23.99
C PHE A 66 6.65 12.22 -23.13
N GLU A 67 6.75 13.53 -22.90
CA GLU A 67 5.67 14.26 -22.25
C GLU A 67 5.26 15.42 -23.13
N ALA A 68 3.99 15.45 -23.51
CA ALA A 68 3.50 16.56 -24.31
C ALA A 68 3.17 17.75 -23.42
N GLN A 69 2.63 18.79 -24.02
CA GLN A 69 2.16 19.97 -23.29
C GLN A 69 0.69 20.14 -23.64
N ILE A 70 -0.18 19.55 -22.81
CA ILE A 70 -1.61 19.60 -23.02
C ILE A 70 -2.30 19.83 -21.69
N SER A 71 -3.52 20.37 -21.77
CA SER A 71 -4.39 20.51 -20.61
C SER A 71 -5.83 20.40 -21.07
N GLN A 72 -6.75 20.36 -20.11
CA GLN A 72 -8.18 20.34 -20.38
C GLN A 72 -8.84 21.36 -19.46
N PRO A 73 -9.57 22.33 -20.00
CA PRO A 73 -10.10 23.43 -19.17
C PRO A 73 -11.44 23.08 -18.50
N ALA A 74 -11.41 22.04 -17.66
CA ALA A 74 -12.57 21.52 -16.93
C ALA A 74 -13.73 21.15 -17.86
N GLY A 75 -13.38 20.54 -19.00
CA GLY A 75 -14.35 20.22 -20.02
C GLY A 75 -14.20 18.82 -20.57
N LYS A 76 -14.01 18.73 -21.88
CA LYS A 76 -13.95 17.46 -22.59
C LYS A 76 -12.65 16.72 -22.26
N ARG A 77 -12.62 15.44 -22.66
CA ARG A 77 -11.40 14.65 -22.58
C ARG A 77 -10.46 14.90 -23.75
N THR A 78 -10.89 15.67 -24.75
CA THR A 78 -9.97 16.18 -25.74
C THR A 78 -9.07 17.23 -25.11
N LYS A 79 -7.90 17.43 -25.70
CA LYS A 79 -6.88 18.28 -25.09
C LYS A 79 -6.59 19.49 -25.96
N VAL A 80 -6.36 20.61 -25.30
CA VAL A 80 -5.89 21.81 -25.95
C VAL A 80 -4.38 21.90 -25.74
N PHE A 81 -3.74 22.81 -26.45
CA PHE A 81 -2.29 22.82 -26.55
C PHE A 81 -1.67 23.94 -25.74
N ASN A 82 -0.34 23.94 -25.73
CA ASN A 82 0.43 25.02 -25.14
C ASN A 82 0.55 26.18 -26.12
N LEU A 83 0.71 27.37 -25.57
CA LEU A 83 0.79 28.59 -26.34
C LEU A 83 2.04 29.36 -25.94
N THR A 84 2.61 30.09 -26.90
CA THR A 84 3.78 30.93 -26.67
C THR A 84 3.41 32.38 -26.91
N ARG A 85 3.82 33.26 -26.00
CA ARG A 85 3.56 34.68 -26.19
C ARG A 85 4.46 35.22 -27.28
N ASN A 86 3.88 35.90 -28.22
CA ASN A 86 4.52 36.46 -29.39
C ASN A 86 4.83 37.95 -29.18
N PRO A 87 5.89 38.47 -29.78
CA PRO A 87 6.21 39.90 -29.62
C PRO A 87 5.24 40.78 -30.40
N LEU A 88 5.26 42.06 -30.05
CA LEU A 88 4.33 43.02 -30.62
C LEU A 88 4.73 43.39 -32.04
N ASN A 89 3.77 43.98 -32.75
CA ASN A 89 3.94 44.38 -34.14
C ASN A 89 4.52 45.80 -34.17
N ARG A 90 4.47 46.43 -35.35
CA ARG A 90 4.97 47.80 -35.49
C ARG A 90 4.15 48.79 -34.69
N ASP A 91 2.82 48.58 -34.63
CA ASP A 91 1.98 49.46 -33.82
C ASP A 91 2.14 49.15 -32.35
N GLY A 92 2.56 47.95 -32.00
CA GLY A 92 2.75 47.58 -30.61
C GLY A 92 1.45 47.31 -29.89
N SER A 93 0.52 46.62 -30.55
CA SER A 93 -0.79 46.34 -29.98
C SER A 93 -1.01 44.86 -29.72
N THR A 94 -0.95 44.03 -30.76
CA THR A 94 -1.25 42.60 -30.63
C THR A 94 -0.62 41.87 -31.81
N ALA A 95 -0.78 40.55 -31.82
CA ALA A 95 -0.24 39.70 -32.87
C ALA A 95 -1.24 38.63 -33.24
N ALA A 96 -1.35 38.34 -34.53
CA ALA A 96 -2.20 37.27 -35.02
C ALA A 96 -1.49 35.94 -34.72
N ILE A 97 -1.77 35.42 -33.54
CA ILE A 97 -1.01 34.30 -33.00
C ILE A 97 -1.47 33.00 -33.65
N VAL A 98 -0.50 32.23 -34.13
CA VAL A 98 -0.75 30.91 -34.72
C VAL A 98 0.00 29.90 -33.88
N GLU A 99 -0.70 28.86 -33.42
CA GLU A 99 -0.15 27.97 -32.42
C GLU A 99 0.28 26.64 -33.01
N GLU A 100 1.10 25.93 -32.24
CA GLU A 100 1.57 24.61 -32.58
C GLU A 100 1.91 23.91 -31.28
N GLY A 101 1.94 22.59 -31.33
CA GLY A 101 2.21 21.81 -30.14
C GLY A 101 3.67 21.83 -29.74
N ARG A 102 3.93 21.31 -28.55
CA ARG A 102 5.28 21.15 -28.06
C ARG A 102 5.41 19.75 -27.46
N ALA A 103 6.64 19.35 -27.19
CA ALA A 103 6.91 18.05 -26.60
C ALA A 103 8.28 18.07 -25.95
N HIS A 104 8.38 17.50 -24.76
CA HIS A 104 9.67 17.13 -24.18
C HIS A 104 9.80 15.64 -24.40
N LEU A 105 10.44 15.26 -25.49
CA LEU A 105 10.72 13.87 -25.74
C LEU A 105 12.18 13.60 -25.47
N GLU A 106 12.51 12.35 -25.19
CA GLU A 106 13.87 11.95 -24.86
C GLU A 106 14.10 10.60 -25.50
N VAL A 107 14.95 10.58 -26.53
CA VAL A 107 15.21 9.38 -27.32
C VAL A 107 16.70 9.09 -27.28
N SER A 108 17.09 7.97 -27.88
CA SER A 108 18.50 7.73 -28.16
C SER A 108 18.56 6.88 -29.43
N LEU A 109 18.85 7.53 -30.53
CA LEU A 109 18.85 6.88 -31.82
C LEU A 109 20.06 5.98 -31.98
N LEU A 110 19.92 4.96 -32.82
CA LEU A 110 21.03 4.14 -33.27
C LEU A 110 21.12 4.24 -34.78
N LEU A 111 22.30 4.58 -35.28
CA LEU A 111 22.43 4.92 -36.68
C LEU A 111 22.83 3.67 -37.46
N GLY A 112 23.28 3.85 -38.70
CA GLY A 112 23.83 2.76 -39.47
C GLY A 112 24.94 3.24 -40.39
N VAL A 113 26.13 2.65 -40.28
CA VAL A 113 27.32 3.14 -40.96
C VAL A 113 27.66 2.19 -42.11
N HIS A 114 28.05 2.77 -43.25
CA HIS A 114 28.50 1.99 -44.39
C HIS A 114 29.95 2.26 -44.77
N GLY A 115 30.61 3.21 -44.12
CA GLY A 115 31.86 3.72 -44.62
C GLY A 115 33.01 2.77 -44.44
N ASP A 116 34.03 2.99 -45.28
CA ASP A 116 35.29 2.26 -45.16
C ASP A 116 36.15 2.79 -44.02
N GLY A 117 35.86 3.98 -43.53
CA GLY A 117 36.70 4.63 -42.54
C GLY A 117 36.56 4.12 -41.12
N LEU A 118 36.55 2.80 -40.95
CA LEU A 118 36.58 2.20 -39.63
C LEU A 118 37.93 1.61 -39.28
N ASP A 119 38.82 1.47 -40.26
CA ASP A 119 40.15 0.91 -40.03
C ASP A 119 41.18 2.00 -39.72
N ASP A 120 41.17 3.08 -40.50
CA ASP A 120 42.12 4.16 -40.25
C ASP A 120 41.75 4.93 -38.99
N HIS A 121 40.47 5.16 -38.78
CA HIS A 121 40.10 5.79 -37.53
C HIS A 121 39.66 4.74 -36.52
N PRO A 122 40.04 4.89 -35.26
CA PRO A 122 39.67 3.89 -34.25
C PRO A 122 38.19 3.96 -33.93
N ALA A 123 37.68 2.82 -33.46
CA ALA A 123 36.24 2.60 -33.29
C ALA A 123 35.64 3.38 -32.13
N GLN A 124 36.42 4.15 -31.38
CA GLN A 124 35.84 5.03 -30.38
C GLN A 124 36.01 6.50 -30.73
N GLU A 125 36.99 6.86 -31.56
CA GLU A 125 37.09 8.24 -32.00
C GLU A 125 35.96 8.61 -32.96
N ILE A 126 35.50 7.65 -33.77
CA ILE A 126 34.45 7.93 -34.74
C ILE A 126 33.10 8.06 -34.05
N ALA A 127 32.97 7.57 -32.82
CA ALA A 127 31.78 7.80 -32.03
C ALA A 127 31.96 8.91 -31.01
N ARG A 128 33.19 9.31 -30.73
CA ARG A 128 33.44 10.46 -29.89
C ARG A 128 33.41 11.75 -30.67
N GLN A 129 33.47 11.69 -32.00
CA GLN A 129 33.33 12.90 -32.79
C GLN A 129 31.91 13.12 -33.26
N VAL A 130 31.21 12.06 -33.66
CA VAL A 130 29.85 12.18 -34.17
C VAL A 130 28.90 12.62 -33.07
N GLN A 131 29.00 11.99 -31.90
CA GLN A 131 28.17 12.37 -30.76
C GLN A 131 28.52 13.76 -30.26
N GLU A 132 29.78 14.18 -30.39
CA GLU A 132 30.14 15.53 -30.00
C GLU A 132 29.64 16.56 -31.01
N GLN A 133 29.47 16.18 -32.26
CA GLN A 133 28.92 17.10 -33.25
C GLN A 133 27.42 17.28 -33.04
N ALA A 134 26.69 16.19 -32.91
CA ALA A 134 25.24 16.22 -32.76
C ALA A 134 24.79 16.77 -31.43
N GLY A 135 25.64 17.27 -30.54
CA GLY A 135 25.19 18.02 -29.40
C GLY A 135 25.21 19.50 -29.71
N ALA A 136 25.18 19.84 -30.99
CA ALA A 136 25.13 21.23 -31.43
C ALA A 136 24.21 21.42 -32.62
N MET A 137 23.13 20.64 -32.69
CA MET A 137 22.22 20.75 -33.81
C MET A 137 20.82 20.36 -33.38
N ARG A 138 19.85 20.71 -34.20
CA ARG A 138 18.44 20.48 -33.91
C ARG A 138 17.93 19.29 -34.69
N LEU A 139 16.91 18.64 -34.16
CA LEU A 139 16.51 17.36 -34.73
C LEU A 139 15.02 17.16 -34.93
N ALA A 140 14.17 17.97 -34.32
CA ALA A 140 12.79 18.00 -34.76
C ALA A 140 12.21 19.40 -34.70
N GLY A 141 13.00 20.40 -34.37
CA GLY A 141 12.49 21.70 -33.99
C GLY A 141 12.77 22.03 -32.56
N GLY A 142 13.47 21.16 -31.83
CA GLY A 142 13.84 21.44 -30.47
C GLY A 142 15.33 21.31 -30.25
N SER A 143 15.82 21.92 -29.18
CA SER A 143 17.25 21.86 -28.93
C SER A 143 17.63 20.56 -28.26
N ILE A 144 18.93 20.28 -28.24
CA ILE A 144 19.48 19.06 -27.67
C ILE A 144 20.23 19.42 -26.40
N LEU A 145 19.88 18.82 -25.35
CA LEU A 145 20.41 19.34 -24.12
C LEU A 145 21.73 18.69 -23.74
N PRO A 146 22.58 19.45 -23.09
CA PRO A 146 23.79 18.91 -22.48
C PRO A 146 23.56 18.08 -21.24
N TRP A 147 24.63 17.81 -20.50
CA TRP A 147 24.59 16.92 -19.36
C TRP A 147 24.71 17.62 -18.03
N CYS A 148 24.07 17.00 -17.03
CA CYS A 148 24.09 17.44 -15.64
C CYS A 148 25.32 16.90 -14.95
N ASN A 149 25.38 17.02 -13.64
CA ASN A 149 26.52 16.54 -12.85
C ASN A 149 26.05 15.43 -11.93
N GLU A 150 26.02 14.22 -12.48
CA GLU A 150 25.64 12.98 -11.80
C GLU A 150 26.48 11.86 -12.41
N ARG A 151 26.01 10.62 -12.25
CA ARG A 151 26.57 9.51 -13.00
C ARG A 151 26.36 9.73 -14.50
N PHE A 152 27.22 9.12 -15.30
CA PHE A 152 27.29 9.47 -16.72
C PHE A 152 27.06 8.29 -17.64
N PRO A 153 25.85 8.13 -18.18
CA PRO A 153 25.65 7.29 -19.37
C PRO A 153 25.88 8.04 -20.68
N ALA A 154 26.35 9.27 -20.60
CA ALA A 154 26.76 10.05 -21.75
C ALA A 154 27.83 9.42 -22.64
N PRO A 155 28.68 8.50 -22.17
CA PRO A 155 29.41 7.65 -23.11
C PRO A 155 28.48 6.82 -23.99
N ASN A 156 28.80 6.81 -25.27
CA ASN A 156 28.06 6.09 -26.28
C ASN A 156 28.66 4.70 -26.46
N ALA A 157 28.32 4.03 -27.55
CA ALA A 157 28.96 2.79 -27.95
C ALA A 157 29.25 2.86 -29.43
N GLU A 158 29.83 1.79 -29.97
CA GLU A 158 30.01 1.63 -31.41
C GLU A 158 30.19 0.14 -31.67
N LEU A 159 29.14 -0.50 -32.17
CA LEU A 159 29.18 -1.93 -32.43
C LEU A 159 29.38 -2.19 -33.91
N LEU A 160 30.06 -3.29 -34.22
CA LEU A 160 30.19 -3.79 -35.59
C LEU A 160 29.43 -5.10 -35.67
N MET A 161 28.40 -5.15 -36.53
CA MET A 161 27.65 -6.38 -36.68
C MET A 161 28.40 -7.43 -37.48
N LEU A 162 29.45 -7.04 -38.19
CA LEU A 162 30.26 -8.00 -38.92
C LEU A 162 31.24 -8.72 -38.03
N GLY A 163 31.50 -8.18 -36.83
CA GLY A 163 32.46 -8.80 -35.93
C GLY A 163 31.88 -10.03 -35.25
N GLY A 164 32.73 -11.02 -35.07
CA GLY A 164 32.35 -12.24 -34.38
C GLY A 164 31.48 -13.14 -35.23
N SER A 165 31.12 -14.27 -34.64
CA SER A 165 30.27 -15.24 -35.29
C SER A 165 28.81 -14.93 -34.95
N ASP A 166 27.92 -15.88 -35.23
CA ASP A 166 26.49 -15.66 -35.00
C ASP A 166 26.17 -15.65 -33.52
N GLU A 167 26.81 -16.52 -32.74
CA GLU A 167 26.65 -16.46 -31.29
C GLU A 167 27.27 -15.19 -30.72
N GLN A 168 28.37 -14.73 -31.31
CA GLN A 168 28.97 -13.49 -30.84
C GLN A 168 28.13 -12.29 -31.24
N ARG A 169 27.49 -12.35 -32.41
CA ARG A 169 26.56 -11.30 -32.82
C ARG A 169 25.36 -11.25 -31.89
N ARG A 170 24.78 -12.40 -31.57
CA ARG A 170 23.63 -12.41 -30.68
C ARG A 170 24.02 -12.18 -29.22
N LYS A 171 25.31 -12.24 -28.89
CA LYS A 171 25.75 -11.85 -27.56
C LYS A 171 25.97 -10.34 -27.45
N ASN A 172 26.66 -9.75 -28.44
CA ASN A 172 26.85 -8.30 -28.37
C ASN A 172 25.56 -7.55 -28.67
N GLN A 173 24.59 -8.18 -29.34
CA GLN A 173 23.28 -7.59 -29.50
C GLN A 173 22.59 -7.40 -28.16
N ARG A 174 22.68 -8.40 -27.28
CA ARG A 174 22.15 -8.24 -25.94
C ARG A 174 23.02 -7.31 -25.10
N ARG A 175 24.34 -7.31 -25.37
CA ARG A 175 25.24 -6.39 -24.67
C ARG A 175 25.03 -4.95 -25.08
N LEU A 176 24.33 -4.71 -26.19
CA LEU A 176 23.88 -3.37 -26.55
C LEU A 176 22.47 -3.09 -26.06
N THR A 177 21.60 -4.09 -26.12
CA THR A 177 20.20 -3.92 -25.74
C THR A 177 20.02 -3.79 -24.23
N ARG A 178 21.03 -4.19 -23.45
CA ARG A 178 20.94 -4.05 -22.00
C ARG A 178 20.92 -2.61 -21.53
N ARG A 179 21.41 -1.67 -22.34
CA ARG A 179 21.37 -0.25 -22.00
C ARG A 179 20.24 0.48 -22.70
N LEU A 180 19.52 -0.20 -23.58
CA LEU A 180 18.48 0.40 -24.42
C LEU A 180 17.10 -0.06 -24.01
N LEU A 181 16.98 -0.86 -22.95
CA LEU A 181 15.74 -1.55 -22.63
C LEU A 181 14.54 -0.65 -22.28
N PRO A 182 14.61 0.37 -21.42
CA PRO A 182 13.36 0.96 -20.92
C PRO A 182 12.61 1.82 -21.93
N GLY A 183 13.07 1.90 -23.17
CA GLY A 183 12.35 2.58 -24.22
C GLY A 183 11.47 1.63 -25.01
N PHE A 184 10.91 2.14 -26.08
CA PHE A 184 9.97 1.41 -26.93
C PHE A 184 10.32 1.71 -28.37
N ALA A 185 10.92 0.76 -29.07
CA ALA A 185 11.31 1.00 -30.45
C ALA A 185 10.09 1.04 -31.36
N LEU A 186 10.15 1.90 -32.37
CA LEU A 186 9.05 2.16 -33.28
C LEU A 186 9.46 1.78 -34.68
N VAL A 187 8.63 1.00 -35.36
CA VAL A 187 8.99 0.47 -36.67
C VAL A 187 7.78 0.58 -37.59
N SER A 188 8.04 0.52 -38.88
CA SER A 188 6.97 0.57 -39.87
C SER A 188 6.15 -0.71 -39.85
N ARG A 189 4.93 -0.61 -40.37
CA ARG A 189 4.02 -1.73 -40.41
C ARG A 189 3.24 -1.72 -41.72
N GLU A 190 3.95 -1.54 -42.83
CA GLU A 190 3.30 -1.42 -44.13
C GLU A 190 2.68 -2.71 -44.63
N ALA A 191 2.92 -3.83 -43.97
CA ALA A 191 2.47 -5.12 -44.49
C ALA A 191 0.97 -5.30 -44.30
N LEU A 192 0.51 -5.19 -43.06
CA LEU A 192 -0.83 -5.63 -42.71
C LEU A 192 -1.93 -4.69 -43.21
N LEU A 193 -1.59 -3.48 -43.67
CA LEU A 193 -2.61 -2.60 -44.22
C LEU A 193 -3.14 -3.12 -45.54
N GLN A 194 -2.25 -3.57 -46.42
CA GLN A 194 -2.67 -4.13 -47.70
C GLN A 194 -3.08 -5.59 -47.59
N GLN A 195 -3.22 -6.10 -46.37
CA GLN A 195 -3.91 -7.35 -46.08
C GLN A 195 -5.28 -7.10 -45.45
N HIS A 196 -5.35 -6.12 -44.55
CA HIS A 196 -6.58 -5.67 -43.93
C HIS A 196 -7.51 -5.00 -44.93
N LEU A 197 -6.97 -4.48 -46.03
CA LEU A 197 -7.78 -3.82 -47.06
C LEU A 197 -8.82 -4.75 -47.67
N GLU A 198 -8.38 -5.91 -48.16
CA GLU A 198 -9.29 -6.82 -48.83
C GLU A 198 -10.26 -7.48 -47.85
N THR A 199 -9.86 -7.59 -46.58
CA THR A 199 -10.83 -7.98 -45.57
C THR A 199 -11.87 -6.91 -45.35
N LEU A 200 -11.48 -5.64 -45.45
CA LEU A 200 -12.42 -4.54 -45.27
C LEU A 200 -12.89 -3.97 -46.60
N ARG A 201 -12.77 -4.74 -47.68
CA ARG A 201 -13.13 -4.25 -49.00
C ARG A 201 -14.62 -4.40 -49.32
N THR A 202 -15.39 -5.05 -48.44
CA THR A 202 -16.79 -5.26 -48.72
C THR A 202 -17.60 -3.98 -48.56
N THR A 203 -17.28 -3.19 -47.54
CA THR A 203 -18.03 -1.96 -47.28
C THR A 203 -17.48 -0.78 -48.07
N LEU A 204 -16.23 -0.42 -47.83
CA LEU A 204 -15.62 0.74 -48.48
C LEU A 204 -14.11 0.59 -48.55
N PRO A 205 -13.50 0.80 -49.72
CA PRO A 205 -12.05 0.59 -49.87
C PRO A 205 -11.18 1.80 -49.62
N GLU A 206 -11.71 2.88 -49.04
CA GLU A 206 -10.92 4.08 -48.81
C GLU A 206 -9.92 3.83 -47.69
N ALA A 207 -8.63 4.09 -47.97
CA ALA A 207 -7.55 3.64 -47.10
C ALA A 207 -7.54 4.37 -45.76
N THR A 208 -7.94 5.64 -45.74
CA THR A 208 -8.03 6.38 -44.50
C THR A 208 -9.11 5.82 -43.59
N THR A 209 -10.18 5.28 -44.18
CA THR A 209 -11.19 4.60 -43.37
C THR A 209 -10.66 3.29 -42.81
N LEU A 210 -9.80 2.59 -43.55
CA LEU A 210 -9.23 1.35 -43.04
C LEU A 210 -8.28 1.64 -41.90
N ASP A 211 -7.53 2.74 -41.99
CA ASP A 211 -6.62 3.08 -40.90
C ASP A 211 -7.38 3.62 -39.70
N ALA A 212 -8.46 4.36 -39.94
CA ALA A 212 -9.17 5.03 -38.86
C ALA A 212 -9.94 4.08 -37.98
N LEU A 213 -10.31 2.91 -38.49
CA LEU A 213 -10.99 1.90 -37.69
C LEU A 213 -10.07 0.75 -37.30
N LEU A 214 -8.77 0.88 -37.53
CA LEU A 214 -7.79 -0.03 -36.95
C LEU A 214 -7.26 0.48 -35.64
N ASP A 215 -7.82 1.58 -35.13
CA ASP A 215 -7.52 2.07 -33.79
C ASP A 215 -8.77 2.53 -33.04
N LEU A 216 -9.91 2.65 -33.71
CA LEU A 216 -11.15 3.04 -33.05
C LEU A 216 -12.13 1.87 -33.05
N GLN A 240 -18.76 -7.52 -27.02
CA GLN A 240 -17.60 -6.97 -26.34
C GLN A 240 -16.74 -6.13 -27.30
N VAL A 241 -15.69 -5.50 -26.76
CA VAL A 241 -14.79 -4.73 -27.60
C VAL A 241 -13.89 -5.67 -28.38
N ARG A 242 -13.31 -5.17 -29.46
CA ARG A 242 -12.51 -5.99 -30.36
C ARG A 242 -11.08 -6.08 -29.81
N ASP A 243 -10.18 -6.62 -30.62
CA ASP A 243 -8.81 -6.86 -30.20
C ASP A 243 -7.84 -6.07 -31.07
N LYS A 244 -6.81 -5.51 -30.44
CA LYS A 244 -5.70 -4.90 -31.14
C LYS A 244 -4.45 -5.73 -30.89
N PRO A 245 -3.80 -6.24 -31.93
CA PRO A 245 -2.74 -7.24 -31.70
C PRO A 245 -1.39 -6.66 -31.29
N GLY A 246 -1.37 -5.41 -30.84
CA GLY A 246 -0.16 -4.77 -30.38
C GLY A 246 -0.47 -3.38 -29.88
N TRP A 247 0.30 -2.38 -30.31
CA TRP A 247 -0.04 -0.98 -30.11
C TRP A 247 0.07 -0.32 -31.48
N LEU A 248 -0.99 -0.42 -32.26
CA LEU A 248 -1.00 0.19 -33.57
C LEU A 248 -1.08 1.71 -33.44
N VAL A 249 -0.66 2.40 -34.49
CA VAL A 249 -0.39 3.83 -34.42
C VAL A 249 -0.41 4.38 -35.84
N PRO A 250 -1.06 5.51 -36.09
CA PRO A 250 -1.02 6.09 -37.43
C PRO A 250 0.10 7.11 -37.56
N ILE A 251 0.91 7.00 -38.61
CA ILE A 251 2.04 7.90 -38.78
C ILE A 251 1.98 8.46 -40.19
N PRO A 252 2.67 9.58 -40.43
CA PRO A 252 3.01 9.92 -41.80
C PRO A 252 3.98 8.90 -42.36
N ALA A 253 3.96 8.74 -43.67
CA ALA A 253 4.84 7.78 -44.31
C ALA A 253 5.48 8.35 -45.56
N GLY A 254 5.58 9.67 -45.65
CA GLY A 254 6.18 10.28 -46.82
C GLY A 254 5.32 11.34 -47.45
N TYR A 255 5.43 11.50 -48.76
CA TYR A 255 4.68 12.51 -49.49
C TYR A 255 4.30 11.98 -50.86
N ASN A 256 3.02 12.06 -51.21
CA ASN A 256 2.61 11.89 -52.58
C ASN A 256 2.75 13.20 -53.31
N ALA A 257 3.17 13.14 -54.56
CA ALA A 257 3.36 14.33 -55.36
C ALA A 257 2.20 14.50 -56.34
N LEU A 258 1.82 15.74 -56.58
CA LEU A 258 0.73 16.01 -57.50
C LEU A 258 1.16 17.00 -58.58
N SER A 259 2.01 17.92 -58.24
CA SER A 259 2.49 18.82 -59.27
C SER A 259 3.69 18.21 -59.98
N PRO A 260 3.90 18.54 -61.26
CA PRO A 260 5.08 18.00 -61.97
C PRO A 260 6.39 18.62 -61.52
N LEU A 261 7.49 18.20 -62.12
CA LEU A 261 8.78 18.81 -61.85
C LEU A 261 8.81 20.24 -62.36
N TYR A 262 9.60 21.07 -61.70
CA TYR A 262 9.85 22.43 -62.16
C TYR A 262 11.28 22.53 -62.62
N LEU A 263 11.69 23.72 -62.98
CA LEU A 263 13.09 23.93 -63.25
C LEU A 263 13.79 24.35 -61.97
N PRO A 264 15.11 24.18 -61.89
CA PRO A 264 15.83 24.69 -60.71
C PRO A 264 15.78 26.20 -60.57
N GLY A 265 15.77 26.94 -61.67
CA GLY A 265 15.82 28.38 -61.59
C GLY A 265 14.63 29.11 -62.18
N GLU A 266 13.42 28.60 -61.98
CA GLU A 266 12.23 29.30 -62.46
C GLU A 266 11.20 29.59 -61.39
N VAL A 267 11.29 28.96 -60.24
CA VAL A 267 10.27 29.13 -59.21
C VAL A 267 10.64 30.31 -58.34
N ARG A 268 9.63 31.00 -57.85
CA ARG A 268 9.82 32.12 -56.93
C ARG A 268 9.60 31.63 -55.51
N ASN A 269 10.40 32.17 -54.59
CA ASN A 269 10.35 31.87 -53.15
C ASN A 269 10.58 30.39 -52.87
N ALA A 270 11.78 29.93 -53.20
CA ALA A 270 12.26 28.62 -52.81
C ALA A 270 13.45 28.77 -51.87
N ARG A 271 13.80 27.68 -51.19
CA ARG A 271 14.93 27.72 -50.27
C ARG A 271 16.25 27.82 -51.02
N ASP A 272 16.30 27.40 -52.27
CA ASP A 272 17.50 27.55 -53.08
C ASP A 272 17.05 27.77 -54.52
N ARG A 273 17.98 27.63 -55.46
CA ARG A 273 17.61 27.64 -56.86
C ARG A 273 18.39 26.59 -57.65
N GLU A 274 18.74 25.48 -57.01
CA GLU A 274 19.45 24.40 -57.68
C GLU A 274 18.60 23.16 -57.88
N THR A 275 17.57 22.95 -57.07
CA THR A 275 16.80 21.72 -57.22
C THR A 275 15.41 22.02 -57.76
N PRO A 276 14.83 21.10 -58.52
CA PRO A 276 13.44 21.26 -58.93
C PRO A 276 12.49 21.08 -57.76
N LEU A 277 11.23 21.41 -58.02
CA LEU A 277 10.20 21.45 -56.99
C LEU A 277 9.00 20.62 -57.42
N ARG A 278 8.37 19.96 -56.46
CA ARG A 278 7.09 19.31 -56.66
C ARG A 278 6.21 19.61 -55.45
N PHE A 279 5.02 20.12 -55.71
CA PHE A 279 4.03 20.27 -54.65
C PHE A 279 3.55 18.89 -54.23
N VAL A 280 3.38 18.70 -52.93
CA VAL A 280 3.11 17.38 -52.38
C VAL A 280 2.04 17.46 -51.31
N GLU A 281 1.31 16.35 -51.16
CA GLU A 281 0.43 16.09 -50.04
C GLU A 281 0.99 14.92 -49.26
N ASN A 282 0.39 14.68 -48.08
CA ASN A 282 0.93 13.67 -47.21
C ASN A 282 0.52 12.27 -47.65
N LEU A 283 1.11 11.27 -46.98
CA LEU A 283 0.82 9.87 -47.25
C LEU A 283 0.82 9.16 -45.90
N PHE A 284 -0.35 8.73 -45.45
CA PHE A 284 -0.50 8.22 -44.09
C PHE A 284 -0.46 6.71 -44.08
N GLY A 285 0.38 6.16 -43.22
CA GLY A 285 0.46 4.74 -43.01
C GLY A 285 0.39 4.45 -41.53
N LEU A 286 0.78 3.25 -41.13
CA LEU A 286 0.62 2.86 -39.74
C LEU A 286 1.86 2.08 -39.31
N GLY A 287 2.23 2.25 -38.04
CA GLY A 287 3.45 1.68 -37.54
C GLY A 287 3.21 0.75 -36.38
N GLU A 288 4.22 0.54 -35.54
CA GLU A 288 4.09 -0.33 -34.40
C GLU A 288 5.17 0.01 -33.38
N TRP A 289 4.80 0.00 -32.10
CA TRP A 289 5.73 0.33 -31.02
C TRP A 289 6.15 -0.96 -30.32
N LEU A 290 7.15 -1.61 -30.89
CA LEU A 290 7.67 -2.84 -30.31
C LEU A 290 8.46 -2.56 -29.05
N SER A 291 8.74 -3.62 -28.33
CA SER A 291 9.79 -3.63 -27.33
C SER A 291 11.11 -3.95 -28.04
N PRO A 292 12.25 -3.56 -27.47
CA PRO A 292 13.53 -3.89 -28.13
C PRO A 292 13.88 -5.37 -28.07
N HIS A 293 13.17 -6.19 -27.29
CA HIS A 293 13.56 -7.58 -27.13
C HIS A 293 12.99 -8.46 -28.23
N ARG A 294 11.69 -8.37 -28.48
CA ARG A 294 11.01 -9.28 -29.39
C ARG A 294 11.24 -8.96 -30.87
N VAL A 295 12.22 -8.12 -31.20
CA VAL A 295 12.67 -7.98 -32.57
C VAL A 295 13.62 -9.14 -32.89
N ALA A 296 13.70 -9.51 -34.17
CA ALA A 296 14.63 -10.54 -34.60
C ALA A 296 16.08 -10.08 -34.40
N ALA A 297 16.49 -9.02 -35.08
CA ALA A 297 17.82 -8.47 -34.92
C ALA A 297 17.74 -6.95 -35.08
N LEU A 298 18.86 -6.27 -34.85
CA LEU A 298 18.90 -4.82 -34.89
C LEU A 298 19.40 -4.29 -36.23
N SER A 299 19.16 -5.03 -37.30
CA SER A 299 19.23 -4.48 -38.65
C SER A 299 17.86 -4.43 -39.29
N ASP A 300 16.81 -4.56 -38.47
CA ASP A 300 15.45 -4.61 -38.95
C ASP A 300 14.71 -3.29 -38.77
N LEU A 301 15.28 -2.34 -38.05
CA LEU A 301 14.62 -1.08 -37.73
C LEU A 301 15.52 0.11 -38.02
N LEU A 302 16.07 0.15 -39.23
CA LEU A 302 16.90 1.27 -39.65
C LEU A 302 16.16 2.00 -40.76
N TRP A 303 15.63 3.18 -40.46
CA TRP A 303 14.68 3.87 -41.33
C TRP A 303 15.39 4.47 -42.54
N TYR A 304 15.31 3.78 -43.66
CA TYR A 304 15.82 4.31 -44.91
C TYR A 304 14.74 5.18 -45.56
N HIS A 305 14.86 5.50 -46.84
CA HIS A 305 13.83 6.28 -47.51
C HIS A 305 13.79 5.91 -48.98
N HIS A 306 12.82 5.09 -49.37
CA HIS A 306 12.64 4.76 -50.77
C HIS A 306 12.01 5.93 -51.50
N ALA A 307 12.61 6.33 -52.60
CA ALA A 307 12.39 7.65 -53.18
C ALA A 307 12.23 7.59 -54.69
N GLU A 308 11.34 6.74 -55.17
CA GLU A 308 11.12 6.65 -56.62
C GLU A 308 10.52 7.93 -57.19
N PRO A 309 11.19 8.62 -58.09
CA PRO A 309 10.65 9.87 -58.66
C PRO A 309 9.97 9.71 -60.01
N ASP A 310 9.76 8.47 -60.48
CA ASP A 310 9.23 8.22 -61.81
C ASP A 310 7.73 8.53 -61.89
N LYS A 311 7.42 9.84 -61.87
CA LYS A 311 6.06 10.36 -61.66
C LYS A 311 5.44 9.76 -60.40
N GLY A 312 6.26 9.62 -59.36
CA GLY A 312 5.83 8.85 -58.22
C GLY A 312 5.67 9.67 -56.97
N LEU A 313 6.46 9.35 -55.95
CA LEU A 313 6.19 9.82 -54.61
C LEU A 313 7.48 9.78 -53.81
N TYR A 314 7.36 9.85 -52.50
CA TYR A 314 8.51 9.68 -51.63
C TYR A 314 8.03 9.00 -50.36
N ARG A 315 8.76 7.99 -49.92
CA ARG A 315 8.43 7.30 -48.69
C ARG A 315 9.68 7.17 -47.83
N TRP A 316 9.46 6.80 -46.58
CA TRP A 316 10.55 6.40 -45.72
C TRP A 316 10.04 5.29 -44.82
N SER A 317 10.69 4.13 -44.90
CA SER A 317 10.13 2.93 -44.33
C SER A 317 11.24 2.21 -43.57
N THR A 318 10.96 0.98 -43.17
CA THR A 318 11.99 0.07 -42.67
C THR A 318 11.79 -1.25 -43.39
N PRO A 319 12.56 -1.53 -44.43
CA PRO A 319 12.58 -2.88 -44.99
C PRO A 319 13.20 -3.85 -43.99
N ARG A 320 13.13 -5.14 -44.35
CA ARG A 320 13.28 -6.30 -43.46
C ARG A 320 12.61 -6.07 -42.10
N PHE A 321 11.34 -5.66 -42.16
CA PHE A 321 10.61 -5.26 -40.97
C PHE A 321 10.22 -6.45 -40.11
N VAL A 322 10.04 -7.62 -40.72
CA VAL A 322 9.64 -8.81 -39.98
C VAL A 322 10.63 -9.93 -40.27
N LEU B 24 7.76 -51.07 -15.38
CA LEU B 24 8.27 -50.46 -16.60
C LEU B 24 9.16 -49.28 -16.28
N SER B 25 8.56 -48.10 -16.18
CA SER B 25 9.30 -46.87 -16.02
C SER B 25 9.74 -46.69 -14.56
N THR B 26 10.40 -45.58 -14.29
CA THR B 26 10.97 -45.32 -12.98
C THR B 26 9.92 -44.75 -12.03
N ALA B 27 10.36 -44.32 -10.86
CA ALA B 27 9.49 -43.74 -9.85
C ALA B 27 9.61 -42.23 -9.87
N SER B 28 8.55 -41.56 -9.41
CA SER B 28 8.57 -40.11 -9.41
C SER B 28 9.29 -39.56 -8.19
N VAL B 29 8.78 -39.85 -7.00
CA VAL B 29 9.33 -39.33 -5.76
C VAL B 29 9.67 -40.50 -4.86
N LEU B 30 10.95 -40.67 -4.56
CA LEU B 30 11.41 -41.67 -3.62
C LEU B 30 12.13 -40.99 -2.47
N ALA B 31 11.92 -41.53 -1.28
CA ALA B 31 12.74 -41.14 -0.15
C ALA B 31 13.25 -42.41 0.51
N PHE B 32 14.34 -42.26 1.25
CA PHE B 32 14.88 -43.38 1.99
C PHE B 32 15.28 -42.89 3.36
N GLU B 33 14.61 -43.42 4.37
CA GLU B 33 14.97 -43.17 5.75
C GLU B 33 16.37 -43.67 6.01
N ARG B 34 17.14 -42.87 6.73
CA ARG B 34 18.55 -43.20 6.88
C ARG B 34 18.74 -44.36 7.84
N LYS B 35 19.85 -45.04 7.67
CA LYS B 35 20.31 -46.06 8.58
C LYS B 35 21.70 -45.67 9.02
N LEU B 36 22.25 -46.45 9.95
CA LEU B 36 23.50 -46.15 10.65
C LEU B 36 23.45 -44.74 11.25
N ASP B 37 22.58 -44.61 12.24
CA ASP B 37 22.25 -43.31 12.78
C ASP B 37 23.19 -42.95 13.92
N PRO B 38 24.01 -41.94 13.79
CA PRO B 38 24.86 -41.52 14.90
C PRO B 38 24.13 -40.54 15.81
N SER B 39 24.85 -39.98 16.76
CA SER B 39 24.29 -39.00 17.69
C SER B 39 25.14 -37.75 17.71
N ASP B 40 24.93 -36.87 18.67
CA ASP B 40 25.79 -35.71 18.84
C ASP B 40 26.85 -36.03 19.88
N ALA B 41 28.12 -35.97 19.47
CA ALA B 41 29.19 -36.38 20.35
C ALA B 41 29.51 -35.26 21.33
N LEU B 42 29.46 -35.60 22.61
CA LEU B 42 29.93 -34.66 23.62
C LEU B 42 31.42 -34.89 23.86
N MET B 43 32.06 -33.89 24.44
CA MET B 43 33.50 -33.91 24.64
C MET B 43 33.81 -33.71 26.11
N SER B 44 35.01 -34.12 26.51
CA SER B 44 35.39 -34.00 27.90
C SER B 44 36.90 -33.81 27.95
N ALA B 45 37.48 -34.05 29.12
CA ALA B 45 38.92 -33.93 29.30
C ALA B 45 39.35 -34.96 30.33
N GLY B 46 40.53 -34.79 30.89
CA GLY B 46 41.02 -35.66 31.93
C GLY B 46 42.48 -35.95 31.74
N ALA B 47 43.01 -36.86 32.56
CA ALA B 47 44.38 -37.27 32.47
C ALA B 47 44.47 -38.69 31.93
N TRP B 48 45.54 -38.99 31.21
CA TRP B 48 45.77 -40.35 30.71
C TRP B 48 46.01 -41.30 31.88
N ALA B 49 45.69 -42.58 31.64
CA ALA B 49 45.69 -43.66 32.63
C ALA B 49 44.72 -43.42 33.78
N GLN B 50 43.76 -42.52 33.57
CA GLN B 50 42.60 -42.37 34.44
C GLN B 50 41.32 -42.65 33.66
N ARG B 51 41.46 -43.18 32.45
CA ARG B 51 40.38 -43.30 31.49
C ARG B 51 39.49 -44.50 31.74
N ASP B 52 39.77 -45.31 32.76
CA ASP B 52 38.86 -46.38 33.14
C ASP B 52 37.61 -45.84 33.81
N ALA B 53 37.68 -44.64 34.40
CA ALA B 53 36.57 -44.02 35.12
C ALA B 53 35.90 -42.94 34.29
N SER B 54 35.72 -43.20 33.00
CA SER B 54 35.31 -42.19 32.04
C SER B 54 33.82 -41.97 31.98
N GLN B 55 33.06 -42.39 32.99
CA GLN B 55 31.67 -41.96 33.08
C GLN B 55 31.53 -40.61 33.75
N GLU B 56 32.62 -40.08 34.33
CA GLU B 56 32.62 -38.75 34.93
C GLU B 56 33.89 -38.03 34.51
N TRP B 57 33.72 -36.92 33.79
CA TRP B 57 34.82 -36.06 33.42
C TRP B 57 34.27 -34.66 33.29
N PRO B 58 35.01 -33.64 33.76
CA PRO B 58 34.54 -32.26 33.63
C PRO B 58 34.54 -31.84 32.16
N ALA B 59 33.37 -31.47 31.67
CA ALA B 59 33.21 -31.20 30.24
C ALA B 59 33.88 -29.89 29.85
N VAL B 60 34.20 -29.78 28.56
CA VAL B 60 34.92 -28.64 28.02
C VAL B 60 33.92 -27.56 27.59
N THR B 61 34.16 -26.34 28.04
CA THR B 61 33.29 -25.21 27.73
C THR B 61 33.92 -24.34 26.65
N VAL B 62 33.07 -23.63 25.92
CA VAL B 62 33.57 -22.70 24.92
C VAL B 62 33.93 -21.38 25.59
N ARG B 63 34.97 -20.74 25.08
CA ARG B 63 35.44 -19.48 25.64
C ARG B 63 35.58 -18.47 24.50
N GLU B 64 35.76 -17.21 24.86
CA GLU B 64 35.84 -16.13 23.89
C GLU B 64 37.28 -15.70 23.65
N LYS B 65 37.49 -15.05 22.51
CA LYS B 65 38.76 -14.38 22.25
C LYS B 65 38.78 -13.11 23.08
N SER B 66 39.23 -13.22 24.32
CA SER B 66 39.21 -12.11 25.25
C SER B 66 40.35 -11.13 24.96
N GLN B 95 36.74 -7.35 17.19
CA GLN B 95 35.80 -8.45 16.99
C GLN B 95 36.31 -9.72 17.65
N THR B 96 35.50 -10.28 18.53
CA THR B 96 35.86 -11.49 19.26
C THR B 96 35.09 -12.69 18.72
N VAL B 97 35.75 -13.85 18.77
CA VAL B 97 35.16 -15.12 18.37
C VAL B 97 35.43 -16.13 19.47
N ASP B 98 35.02 -17.38 19.22
CA ASP B 98 34.95 -18.40 20.24
C ASP B 98 35.91 -19.54 19.91
N VAL B 99 36.69 -19.95 20.92
CA VAL B 99 37.58 -21.08 20.81
C VAL B 99 37.21 -22.10 21.87
N ALA B 100 37.83 -23.27 21.76
CA ALA B 100 37.65 -24.34 22.72
C ALA B 100 39.02 -24.88 23.08
N ASN B 101 39.31 -24.94 24.37
CA ASN B 101 40.62 -25.37 24.80
C ASN B 101 40.49 -26.27 26.03
N LEU B 102 41.40 -27.22 26.13
CA LEU B 102 41.42 -28.14 27.25
C LEU B 102 41.83 -27.40 28.51
N PRO B 103 41.46 -27.92 29.69
CA PRO B 103 42.00 -27.37 30.93
C PRO B 103 43.49 -27.64 31.04
N SER B 104 44.16 -26.81 31.83
CA SER B 104 45.61 -26.84 31.90
C SER B 104 46.13 -28.11 32.58
N ASP B 105 45.36 -28.66 33.51
CA ASP B 105 45.80 -29.90 34.15
C ASP B 105 45.53 -31.11 33.27
N ALA B 106 44.54 -31.03 32.39
CA ALA B 106 44.15 -32.17 31.58
C ALA B 106 44.88 -32.15 30.24
N ASP B 107 45.01 -33.34 29.65
CA ASP B 107 45.72 -33.45 28.38
C ASP B 107 45.06 -34.35 27.35
N THR B 108 44.09 -35.18 27.72
CA THR B 108 43.52 -36.16 26.81
C THR B 108 42.08 -35.83 26.53
N LEU B 109 41.75 -35.59 25.27
CA LEU B 109 40.37 -35.41 24.89
C LEU B 109 39.63 -36.73 24.94
N LYS B 110 38.36 -36.70 25.34
CA LYS B 110 37.49 -37.86 25.27
C LYS B 110 36.21 -37.45 24.55
N VAL B 111 35.93 -38.13 23.44
CA VAL B 111 34.76 -37.83 22.62
C VAL B 111 33.82 -39.01 22.71
N ARG B 112 32.56 -38.76 23.03
CA ARG B 112 31.60 -39.83 23.26
C ARG B 112 30.37 -39.59 22.41
N PHE B 113 29.89 -40.64 21.76
CA PHE B 113 28.60 -40.59 21.09
C PHE B 113 28.03 -42.00 21.05
N THR B 114 26.79 -42.11 20.59
CA THR B 114 26.16 -43.42 20.41
C THR B 114 25.74 -43.60 18.97
N LEU B 115 25.80 -44.84 18.52
CA LEU B 115 25.48 -45.20 17.15
C LEU B 115 24.39 -46.24 17.16
N ARG B 116 23.32 -45.98 16.43
CA ARG B 116 22.17 -46.87 16.37
C ARG B 116 22.02 -47.35 14.94
N VAL B 117 21.93 -48.66 14.77
CA VAL B 117 21.82 -49.28 13.46
C VAL B 117 20.41 -49.80 13.30
N LEU B 118 19.73 -49.39 12.24
CA LEU B 118 18.32 -49.74 12.10
C LEU B 118 18.13 -51.00 11.30
N GLY B 119 18.56 -51.01 10.05
CA GLY B 119 18.35 -52.16 9.19
C GLY B 119 17.08 -52.03 8.37
N GLY B 120 16.87 -53.02 7.52
CA GLY B 120 15.82 -52.90 6.52
C GLY B 120 16.20 -51.88 5.48
N ALA B 121 17.19 -52.21 4.67
CA ALA B 121 17.81 -51.23 3.78
C ALA B 121 16.89 -50.89 2.62
N GLY B 122 16.46 -51.90 1.87
CA GLY B 122 15.79 -51.66 0.61
C GLY B 122 14.35 -51.18 0.71
N THR B 123 13.80 -51.04 1.91
CA THR B 123 12.42 -50.60 2.03
C THR B 123 12.37 -49.08 1.87
N PRO B 124 11.70 -48.57 0.85
CA PRO B 124 11.61 -47.11 0.71
C PRO B 124 10.61 -46.53 1.69
N SER B 125 11.01 -45.43 2.31
CA SER B 125 10.12 -44.77 3.25
C SER B 125 9.02 -43.98 2.57
N ALA B 126 9.14 -43.73 1.27
CA ALA B 126 8.08 -43.09 0.49
C ALA B 126 8.27 -43.47 -0.96
N CYS B 127 7.22 -44.00 -1.58
CA CYS B 127 7.29 -44.43 -2.96
C CYS B 127 6.04 -43.95 -3.68
N ASN B 128 5.93 -44.25 -4.97
CA ASN B 128 4.74 -43.89 -5.72
C ASN B 128 4.22 -44.97 -6.63
N ASP B 129 4.88 -46.14 -6.70
CA ASP B 129 4.43 -47.20 -7.60
C ASP B 129 4.88 -48.55 -7.07
N ALA B 130 3.94 -49.46 -6.89
CA ALA B 130 4.27 -50.79 -6.39
C ALA B 130 5.05 -51.60 -7.41
N ALA B 131 4.85 -51.34 -8.70
CA ALA B 131 5.59 -52.06 -9.73
C ALA B 131 7.05 -51.64 -9.77
N TYR B 132 7.39 -50.48 -9.23
CA TYR B 132 8.77 -50.12 -9.00
C TYR B 132 9.27 -50.65 -7.68
N ARG B 133 8.43 -50.60 -6.64
CA ARG B 133 8.86 -50.91 -5.30
C ARG B 133 9.17 -52.40 -5.14
N ASP B 134 8.36 -53.27 -5.75
CA ASP B 134 8.64 -54.69 -5.67
C ASP B 134 9.90 -55.05 -6.44
N LYS B 135 10.17 -54.35 -7.55
CA LYS B 135 11.40 -54.57 -8.29
C LYS B 135 12.61 -54.14 -7.47
N LEU B 136 12.50 -53.00 -6.79
CA LEU B 136 13.61 -52.50 -6.00
C LEU B 136 13.89 -53.42 -4.81
N LEU B 137 12.85 -53.85 -4.12
CA LEU B 137 13.05 -54.74 -2.98
C LEU B 137 13.51 -56.12 -3.44
N GLN B 138 13.09 -56.56 -4.62
CA GLN B 138 13.60 -57.81 -5.17
C GLN B 138 15.08 -57.72 -5.48
N THR B 139 15.51 -56.59 -6.05
CA THR B 139 16.92 -56.45 -6.42
C THR B 139 17.80 -56.34 -5.18
N VAL B 140 17.33 -55.62 -4.16
CA VAL B 140 18.10 -55.50 -2.93
C VAL B 140 18.15 -56.85 -2.20
N ALA B 141 17.05 -57.61 -2.26
CA ALA B 141 17.05 -58.94 -1.66
C ALA B 141 18.00 -59.88 -2.39
N THR B 142 18.06 -59.80 -3.71
CA THR B 142 19.00 -60.63 -4.45
C THR B 142 20.43 -60.17 -4.21
N TYR B 143 20.64 -58.90 -3.89
CA TYR B 143 21.97 -58.48 -3.47
C TYR B 143 22.32 -59.09 -2.13
N VAL B 144 21.37 -59.12 -1.21
CA VAL B 144 21.65 -59.54 0.16
C VAL B 144 21.92 -61.04 0.22
N ASN B 145 21.13 -61.84 -0.50
CA ASN B 145 21.30 -63.29 -0.39
C ASN B 145 22.52 -63.81 -1.15
N ASP B 146 23.08 -63.04 -2.09
CA ASP B 146 24.34 -63.44 -2.70
C ASP B 146 25.49 -63.26 -1.73
N GLN B 147 25.73 -62.03 -1.29
CA GLN B 147 26.63 -61.75 -0.20
C GLN B 147 25.97 -60.75 0.73
N GLY B 148 26.33 -60.83 2.00
CA GLY B 148 25.71 -59.96 2.97
C GLY B 148 26.28 -58.57 2.91
N PHE B 149 26.09 -57.84 4.01
CA PHE B 149 26.69 -56.54 4.15
C PHE B 149 28.09 -56.59 4.73
N ALA B 150 28.70 -57.78 4.77
CA ALA B 150 29.88 -58.03 5.60
C ALA B 150 31.09 -57.24 5.12
N GLU B 151 31.24 -57.09 3.81
CA GLU B 151 32.30 -56.23 3.31
C GLU B 151 31.99 -54.77 3.62
N LEU B 152 30.74 -54.36 3.41
CA LEU B 152 30.33 -53.02 3.79
C LEU B 152 30.38 -52.83 5.29
N ALA B 153 30.14 -53.91 6.04
CA ALA B 153 30.21 -53.82 7.49
C ALA B 153 31.63 -53.63 7.97
N ARG B 154 32.60 -54.35 7.39
CA ARG B 154 33.97 -54.16 7.85
C ARG B 154 34.53 -52.84 7.36
N ARG B 155 34.00 -52.32 6.24
CA ARG B 155 34.40 -50.98 5.84
C ARG B 155 33.81 -49.91 6.75
N TYR B 156 32.62 -50.15 7.31
CA TYR B 156 32.10 -49.24 8.33
C TYR B 156 32.89 -49.38 9.62
N ALA B 157 33.21 -50.60 10.00
CA ALA B 157 33.90 -50.85 11.26
C ALA B 157 35.35 -50.40 11.22
N HIS B 158 35.93 -50.23 10.04
CA HIS B 158 37.24 -49.63 9.96
C HIS B 158 37.20 -48.16 10.33
N ASN B 159 36.23 -47.43 9.78
CA ASN B 159 36.06 -46.03 10.16
C ASN B 159 35.61 -45.88 11.59
N LEU B 160 34.96 -46.90 12.13
CA LEU B 160 34.73 -46.93 13.57
C LEU B 160 36.01 -47.26 14.33
N ALA B 161 36.93 -47.97 13.70
CA ALA B 161 38.11 -48.45 14.40
C ALA B 161 39.14 -47.35 14.56
N ASN B 162 39.64 -46.81 13.46
CA ASN B 162 40.45 -45.61 13.58
C ASN B 162 39.56 -44.42 13.86
N ALA B 163 40.04 -43.50 14.69
CA ALA B 163 39.19 -42.41 15.16
C ALA B 163 39.08 -41.32 14.09
N ARG B 164 38.41 -41.69 13.00
CA ARG B 164 38.26 -40.75 11.90
C ARG B 164 37.24 -39.67 12.21
N PHE B 165 36.32 -39.93 13.15
CA PHE B 165 35.35 -38.90 13.50
C PHE B 165 35.98 -37.77 14.30
N LEU B 166 37.12 -37.99 14.93
CA LEU B 166 37.91 -36.88 15.40
C LEU B 166 38.56 -36.22 14.20
N TRP B 167 37.90 -35.24 13.58
CA TRP B 167 38.33 -34.73 12.29
C TRP B 167 39.68 -34.04 12.34
N ARG B 168 39.76 -32.88 12.98
CA ARG B 168 41.01 -32.16 13.06
C ARG B 168 41.69 -32.36 14.40
N ASN B 169 41.18 -33.27 15.21
CA ASN B 169 41.83 -33.63 16.45
C ASN B 169 42.57 -34.95 16.35
N ARG B 170 42.46 -35.65 15.21
CA ARG B 170 43.24 -36.87 15.04
C ARG B 170 44.71 -36.55 14.87
N VAL B 171 45.03 -35.62 13.97
CA VAL B 171 46.42 -35.24 13.74
C VAL B 171 46.94 -34.48 14.95
N GLY B 172 48.23 -34.61 15.20
CA GLY B 172 48.83 -34.10 16.40
C GLY B 172 48.78 -35.05 17.58
N ALA B 173 47.86 -36.00 17.58
CA ALA B 173 47.80 -36.96 18.66
C ALA B 173 48.83 -38.06 18.44
N GLU B 174 49.12 -38.80 19.50
CA GLU B 174 50.07 -39.89 19.41
C GLU B 174 49.61 -41.18 20.08
N ALA B 175 48.47 -41.18 20.76
CA ALA B 175 47.94 -42.42 21.33
C ALA B 175 46.42 -42.27 21.36
N VAL B 176 45.77 -42.83 20.35
CA VAL B 176 44.33 -42.71 20.20
C VAL B 176 43.71 -44.08 20.37
N GLU B 177 42.91 -44.25 21.41
CA GLU B 177 42.28 -45.53 21.71
C GLU B 177 40.79 -45.33 21.79
N VAL B 178 40.04 -46.08 21.00
CA VAL B 178 38.60 -46.05 21.08
C VAL B 178 38.14 -47.24 21.91
N ARG B 179 36.92 -47.14 22.43
CA ARG B 179 36.27 -48.24 23.11
C ARG B 179 34.83 -48.29 22.65
N ILE B 180 34.37 -49.47 22.27
CA ILE B 180 33.05 -49.66 21.69
C ILE B 180 32.32 -50.69 22.53
N ASN B 181 31.18 -50.32 23.08
CA ASN B 181 30.34 -51.22 23.85
C ASN B 181 29.02 -51.41 23.12
N HIS B 182 28.77 -52.63 22.68
CA HIS B 182 27.44 -52.99 22.19
C HIS B 182 26.59 -53.39 23.39
N ILE B 183 25.42 -52.77 23.52
CA ILE B 183 24.59 -52.95 24.69
C ILE B 183 23.24 -53.52 24.27
N ARG B 184 22.73 -54.47 25.06
CA ARG B 184 21.40 -55.02 24.88
C ARG B 184 20.42 -54.49 25.89
N GLN B 185 20.89 -54.23 27.10
CA GLN B 185 20.16 -53.55 28.16
C GLN B 185 21.00 -52.35 28.57
N GLY B 186 20.64 -51.74 29.72
CA GLY B 186 21.41 -50.62 30.22
C GLY B 186 22.84 -50.96 30.61
N GLU B 187 23.14 -52.23 30.82
CA GLU B 187 24.51 -52.69 31.05
C GLU B 187 25.18 -53.02 29.73
N VAL B 188 26.50 -53.23 29.79
CA VAL B 188 27.23 -53.59 28.59
C VAL B 188 26.95 -55.03 28.20
N ALA B 189 27.18 -55.35 26.94
CA ALA B 189 26.96 -56.72 26.50
C ALA B 189 28.15 -57.26 25.72
N ARG B 190 28.86 -56.40 25.01
CA ARG B 190 30.08 -56.83 24.33
C ARG B 190 31.03 -55.65 24.21
N ALA B 191 32.26 -55.84 24.68
CA ALA B 191 33.21 -54.75 24.72
C ALA B 191 34.23 -54.87 23.60
N TRP B 192 34.84 -53.74 23.26
CA TRP B 192 35.94 -53.68 22.31
C TRP B 192 36.82 -52.52 22.67
N ARG B 193 38.13 -52.70 22.50
CA ARG B 193 39.11 -51.68 22.83
C ARG B 193 40.22 -51.73 21.79
N PHE B 194 40.20 -50.78 20.86
CA PHE B 194 41.13 -50.76 19.75
C PHE B 194 42.31 -49.86 20.03
N ASP B 195 43.16 -49.70 19.03
CA ASP B 195 44.17 -48.64 18.97
C ASP B 195 44.10 -48.07 17.57
N ALA B 196 43.87 -46.76 17.48
CA ALA B 196 43.52 -46.17 16.19
C ALA B 196 44.74 -46.05 15.29
N LEU B 197 45.86 -45.56 15.83
CA LEU B 197 47.01 -45.28 14.99
C LEU B 197 47.74 -46.54 14.54
N ALA B 198 47.54 -47.67 15.23
CA ALA B 198 48.08 -48.92 14.74
C ALA B 198 47.33 -49.40 13.50
N ILE B 199 46.09 -48.98 13.33
CA ILE B 199 45.32 -49.27 12.13
C ILE B 199 45.55 -48.15 11.14
N GLY B 200 45.74 -48.52 9.88
CA GLY B 200 45.99 -47.52 8.86
C GLY B 200 44.75 -46.71 8.55
N LEU B 201 44.95 -45.42 8.30
CA LEU B 201 43.86 -44.57 7.86
C LEU B 201 43.46 -44.83 6.43
N ARG B 202 44.32 -45.50 5.65
CA ARG B 202 43.98 -45.96 4.32
C ARG B 202 44.15 -47.46 4.17
N ASP B 203 44.64 -48.14 5.20
CA ASP B 203 44.97 -49.56 5.13
C ASP B 203 43.79 -50.39 5.62
N PHE B 204 43.34 -51.33 4.79
CA PHE B 204 42.18 -52.17 5.11
C PHE B 204 42.67 -53.51 5.65
N LYS B 205 42.77 -53.59 6.97
CA LYS B 205 43.26 -54.79 7.62
C LYS B 205 42.11 -55.78 7.80
N ALA B 206 42.40 -56.90 8.46
CA ALA B 206 41.37 -57.90 8.78
C ALA B 206 41.79 -58.57 10.08
N ASP B 207 41.28 -58.05 11.19
CA ASP B 207 41.60 -58.54 12.51
C ASP B 207 40.53 -59.53 12.98
N ALA B 208 40.69 -60.02 14.20
CA ALA B 208 39.68 -60.86 14.82
C ALA B 208 38.61 -60.02 15.49
N GLU B 209 39.04 -59.00 16.25
CA GLU B 209 38.09 -58.13 16.93
C GLU B 209 37.30 -57.29 15.95
N LEU B 210 37.96 -56.81 14.90
CA LEU B 210 37.27 -56.01 13.91
C LEU B 210 36.30 -56.84 13.09
N ASP B 211 36.60 -58.11 12.85
CA ASP B 211 35.63 -58.95 12.17
C ASP B 211 34.49 -59.34 13.11
N ALA B 212 34.77 -59.47 14.41
CA ALA B 212 33.70 -59.69 15.37
C ALA B 212 32.79 -58.48 15.48
N LEU B 213 33.33 -57.30 15.27
CA LEU B 213 32.49 -56.10 15.20
C LEU B 213 31.73 -56.05 13.89
N ALA B 214 32.37 -56.49 12.80
CA ALA B 214 31.77 -56.40 11.48
C ALA B 214 30.60 -57.36 11.34
N GLU B 215 30.69 -58.53 11.96
CA GLU B 215 29.56 -59.45 11.88
C GLU B 215 28.38 -58.92 12.68
N LEU B 216 28.65 -58.21 13.77
CA LEU B 216 27.59 -57.58 14.55
C LEU B 216 26.90 -56.49 13.76
N ILE B 217 27.69 -55.64 13.08
CA ILE B 217 27.11 -54.57 12.29
C ILE B 217 26.38 -55.12 11.06
N ALA B 218 26.88 -56.21 10.48
CA ALA B 218 26.19 -56.80 9.34
C ALA B 218 24.89 -57.46 9.75
N SER B 219 24.88 -58.09 10.94
CA SER B 219 23.64 -58.62 11.46
C SER B 219 22.65 -57.51 11.76
N GLY B 220 23.14 -56.35 12.18
CA GLY B 220 22.26 -55.22 12.36
C GLY B 220 21.69 -54.69 11.06
N LEU B 221 22.54 -54.59 10.03
CA LEU B 221 22.09 -54.07 8.75
C LEU B 221 21.11 -55.01 8.07
N SER B 222 21.29 -56.32 8.25
CA SER B 222 20.33 -57.26 7.70
C SER B 222 19.00 -57.20 8.42
N GLY B 223 18.98 -56.75 9.66
CA GLY B 223 17.75 -56.63 10.41
C GLY B 223 17.45 -57.86 11.22
N SER B 224 18.44 -58.32 11.99
CA SER B 224 18.26 -59.47 12.86
C SER B 224 18.00 -59.05 14.29
N GLY B 225 18.91 -58.28 14.88
CA GLY B 225 18.74 -57.88 16.26
C GLY B 225 18.71 -56.38 16.45
N HIS B 226 19.14 -55.92 17.62
CA HIS B 226 19.19 -54.50 17.92
C HIS B 226 20.63 -54.13 18.25
N VAL B 227 21.12 -53.06 17.63
CA VAL B 227 22.49 -52.63 17.75
C VAL B 227 22.53 -51.27 18.40
N LEU B 228 23.37 -51.10 19.40
CA LEU B 228 23.57 -49.81 20.02
C LEU B 228 24.99 -49.75 20.51
N LEU B 229 25.82 -48.98 19.85
CA LEU B 229 27.25 -48.92 20.17
C LEU B 229 27.53 -47.60 20.85
N GLU B 230 28.01 -47.67 22.10
CA GLU B 230 28.31 -46.47 22.86
C GLU B 230 29.78 -46.14 22.68
N VAL B 231 30.07 -45.46 21.58
CA VAL B 231 31.44 -45.27 21.14
C VAL B 231 32.09 -44.17 21.94
N VAL B 232 33.27 -44.45 22.48
CA VAL B 232 34.07 -43.42 23.14
C VAL B 232 35.46 -43.46 22.52
N ALA B 233 36.15 -42.32 22.56
CA ALA B 233 37.45 -42.20 21.91
C ALA B 233 38.34 -41.29 22.74
N PHE B 234 39.47 -41.82 23.18
CA PHE B 234 40.46 -41.09 23.95
C PHE B 234 41.62 -40.72 23.04
N ALA B 235 42.03 -39.46 23.08
CA ALA B 235 43.14 -38.97 22.27
C ALA B 235 44.06 -38.17 23.17
N ARG B 236 45.28 -38.67 23.35
CA ARG B 236 46.30 -37.90 24.05
C ARG B 236 46.77 -36.78 23.14
N ILE B 237 46.35 -35.56 23.43
CA ILE B 237 46.70 -34.41 22.61
C ILE B 237 47.73 -33.51 23.28
N GLY B 238 47.87 -33.56 24.59
CA GLY B 238 48.75 -32.66 25.31
C GLY B 238 47.97 -31.62 26.09
N ASP B 239 48.71 -30.91 26.93
CA ASP B 239 48.10 -29.93 27.84
C ASP B 239 47.68 -28.69 27.09
N GLY B 240 46.41 -28.34 27.20
CA GLY B 240 45.93 -27.06 26.72
C GLY B 240 45.90 -26.88 25.23
N GLN B 241 45.88 -27.95 24.46
CA GLN B 241 45.86 -27.80 23.01
C GLN B 241 44.45 -27.47 22.53
N GLU B 242 44.40 -26.84 21.37
CA GLU B 242 43.15 -26.32 20.84
C GLU B 242 42.32 -27.46 20.27
N VAL B 243 41.36 -27.94 21.05
CA VAL B 243 40.39 -28.88 20.55
C VAL B 243 39.49 -28.17 19.55
N PHE B 244 39.17 -28.85 18.45
CA PHE B 244 38.34 -28.25 17.40
C PHE B 244 36.97 -28.91 17.34
N PRO B 245 35.96 -28.34 17.96
CA PRO B 245 34.61 -28.85 17.78
C PRO B 245 34.00 -28.32 16.49
N SER B 246 32.71 -28.55 16.29
CA SER B 246 32.09 -28.07 15.06
C SER B 246 31.87 -26.56 15.14
N GLN B 247 31.55 -25.97 14.00
CA GLN B 247 31.41 -24.53 13.88
C GLN B 247 29.97 -24.16 13.53
N GLU B 248 29.53 -23.02 14.04
CA GLU B 248 28.15 -22.59 13.93
C GLU B 248 28.11 -21.13 13.50
N LEU B 249 26.98 -20.74 12.93
CA LEU B 249 26.78 -19.35 12.47
C LEU B 249 26.70 -18.39 13.65
N LYS B 262 29.61 -16.56 13.47
CA LYS B 262 30.70 -17.52 13.58
C LYS B 262 30.96 -17.90 15.03
N THR B 263 30.56 -19.10 15.42
CA THR B 263 30.69 -19.53 16.80
C THR B 263 30.77 -21.05 16.84
N LEU B 264 30.92 -21.59 18.05
CA LEU B 264 31.04 -23.01 18.26
C LEU B 264 29.66 -23.63 18.50
N TYR B 265 29.64 -24.88 18.95
CA TYR B 265 28.41 -25.66 19.04
C TYR B 265 28.40 -26.38 20.38
N SER B 266 27.70 -25.80 21.35
CA SER B 266 27.50 -26.42 22.65
C SER B 266 26.05 -26.88 22.76
N VAL B 267 25.82 -27.90 23.58
CA VAL B 267 24.44 -28.33 23.79
C VAL B 267 24.03 -28.14 25.25
N ARG B 268 24.60 -28.88 26.17
CA ARG B 268 24.39 -28.61 27.59
C ARG B 268 25.55 -27.85 28.17
N ASP B 269 25.89 -26.71 27.55
CA ASP B 269 27.07 -25.90 27.85
C ASP B 269 28.35 -26.73 27.81
N ALA B 270 28.48 -27.49 26.72
CA ALA B 270 29.66 -28.32 26.49
C ALA B 270 29.78 -28.54 25.00
N ALA B 271 30.98 -28.35 24.46
CA ALA B 271 31.19 -28.30 23.02
C ALA B 271 30.95 -29.66 22.37
N ALA B 272 30.58 -29.63 21.09
CA ALA B 272 30.13 -30.86 20.47
C ALA B 272 30.33 -30.79 18.97
N ILE B 273 30.42 -31.95 18.36
CA ILE B 273 30.42 -32.09 16.91
C ILE B 273 28.99 -32.19 16.45
N HIS B 274 28.71 -31.75 15.23
CA HIS B 274 27.40 -31.98 14.65
C HIS B 274 27.20 -33.46 14.41
N SER B 275 25.94 -33.87 14.32
CA SER B 275 25.64 -35.27 14.07
C SER B 275 25.95 -35.66 12.65
N GLN B 276 25.59 -34.80 11.69
CA GLN B 276 25.77 -35.15 10.29
C GLN B 276 27.23 -35.15 9.89
N LYS B 277 28.10 -34.46 10.63
CA LYS B 277 29.53 -34.55 10.36
C LYS B 277 30.07 -35.92 10.72
N ILE B 278 29.64 -36.46 11.86
CA ILE B 278 30.05 -37.81 12.23
C ILE B 278 29.41 -38.81 11.30
N GLY B 279 28.18 -38.56 10.87
CA GLY B 279 27.55 -39.40 9.86
C GLY B 279 28.24 -39.33 8.51
N ASN B 280 28.93 -38.24 8.24
CA ASN B 280 29.74 -38.17 7.04
C ASN B 280 31.03 -38.95 7.22
N ALA B 281 31.65 -38.82 8.38
CA ALA B 281 32.92 -39.49 8.64
C ALA B 281 32.75 -40.98 8.73
N LEU B 282 31.58 -41.46 9.15
CA LEU B 282 31.36 -42.88 9.27
C LEU B 282 31.18 -43.57 7.93
N ARG B 283 31.03 -42.84 6.85
CA ARG B 283 30.79 -43.48 5.57
C ARG B 283 31.84 -43.10 4.53
N THR B 284 33.05 -42.78 4.97
CA THR B 284 34.16 -42.70 4.04
C THR B 284 34.57 -44.13 3.75
N ILE B 285 33.96 -44.70 2.73
CA ILE B 285 34.27 -46.07 2.32
C ILE B 285 34.59 -46.19 0.85
N ASP B 286 34.31 -45.16 0.06
CA ASP B 286 34.35 -45.28 -1.39
C ASP B 286 35.80 -45.26 -1.84
N THR B 287 36.35 -46.43 -2.10
CA THR B 287 37.60 -46.56 -2.83
C THR B 287 37.36 -46.92 -4.28
N TRP B 288 36.10 -46.89 -4.72
CA TRP B 288 35.77 -47.36 -6.06
C TRP B 288 35.62 -46.18 -7.01
N TYR B 289 36.72 -45.51 -7.22
CA TYR B 289 36.81 -44.40 -8.15
C TYR B 289 36.78 -44.88 -9.59
N PRO B 290 36.39 -44.02 -10.51
CA PRO B 290 36.81 -44.21 -11.90
C PRO B 290 38.08 -43.44 -12.19
N ASP B 291 38.44 -42.51 -11.31
CA ASP B 291 39.41 -41.48 -11.67
C ASP B 291 40.83 -41.84 -11.25
N GLU B 292 41.07 -41.90 -9.93
CA GLU B 292 42.42 -42.12 -9.42
C GLU B 292 42.33 -42.52 -7.97
N ASP B 293 42.74 -43.75 -7.66
CA ASP B 293 42.65 -44.28 -6.31
C ASP B 293 43.80 -43.84 -5.40
N GLY B 294 44.53 -42.79 -5.78
CA GLY B 294 45.51 -42.21 -4.88
C GLY B 294 44.88 -41.54 -3.68
N LEU B 295 43.66 -41.03 -3.84
CA LEU B 295 42.94 -40.52 -2.69
C LEU B 295 42.46 -41.65 -1.79
N GLY B 296 42.20 -42.82 -2.36
CA GLY B 296 41.76 -43.95 -1.58
C GLY B 296 40.30 -43.88 -1.21
N PRO B 297 40.01 -43.83 0.09
CA PRO B 297 38.62 -43.78 0.52
C PRO B 297 38.04 -42.38 0.43
N ILE B 298 36.73 -42.33 0.21
CA ILE B 298 36.01 -41.06 0.21
C ILE B 298 34.59 -41.30 0.73
N ALA B 299 33.98 -40.23 1.21
CA ALA B 299 32.62 -40.29 1.73
C ALA B 299 31.63 -40.57 0.62
N VAL B 300 30.77 -41.56 0.82
CA VAL B 300 29.88 -42.00 -0.24
C VAL B 300 28.80 -40.96 -0.48
N GLU B 301 28.64 -40.57 -1.73
CA GLU B 301 27.70 -39.55 -2.15
C GLU B 301 27.23 -39.92 -3.54
N PRO B 302 26.04 -39.49 -3.94
CA PRO B 302 25.72 -39.49 -5.37
C PRO B 302 26.36 -38.27 -6.00
N TYR B 303 26.94 -38.48 -7.19
CA TYR B 303 27.92 -37.58 -7.79
C TYR B 303 29.02 -37.24 -6.79
N GLY B 304 29.77 -38.28 -6.43
CA GLY B 304 30.64 -38.27 -5.26
C GLY B 304 31.66 -37.16 -5.23
N SER B 305 31.40 -36.18 -4.38
CA SER B 305 32.07 -34.90 -4.44
C SER B 305 32.84 -34.64 -3.17
N VAL B 306 33.86 -33.80 -3.27
CA VAL B 306 34.68 -33.38 -2.14
C VAL B 306 34.69 -31.87 -2.12
N THR B 307 34.10 -31.28 -1.08
CA THR B 307 34.11 -29.84 -0.98
C THR B 307 35.47 -29.31 -0.54
N SER B 308 36.26 -30.12 0.16
CA SER B 308 37.57 -29.68 0.59
C SER B 308 38.56 -29.63 -0.55
N GLN B 309 38.31 -30.36 -1.63
CA GLN B 309 39.21 -30.39 -2.77
C GLN B 309 38.57 -29.93 -4.06
N GLY B 310 37.28 -29.60 -4.05
CA GLY B 310 36.63 -28.99 -5.19
C GLY B 310 36.35 -29.89 -6.37
N LYS B 311 36.86 -31.12 -6.39
CA LYS B 311 36.60 -32.02 -7.50
C LYS B 311 35.17 -32.55 -7.43
N ALA B 312 34.82 -33.33 -8.44
CA ALA B 312 33.53 -34.03 -8.43
C ALA B 312 33.73 -35.34 -9.20
N TYR B 313 34.06 -36.38 -8.46
CA TYR B 313 34.25 -37.70 -9.04
C TYR B 313 32.91 -38.31 -9.38
N ARG B 314 32.95 -39.36 -10.20
CA ARG B 314 31.78 -40.04 -10.75
C ARG B 314 30.86 -39.07 -11.47
N GLN B 315 31.42 -38.43 -12.49
CA GLN B 315 30.66 -37.49 -13.28
C GLN B 315 29.61 -38.23 -14.11
N PRO B 316 28.44 -37.62 -14.32
CA PRO B 316 27.39 -38.29 -15.10
C PRO B 316 27.72 -38.44 -16.57
N LYS B 317 28.77 -37.80 -17.09
CA LYS B 317 29.22 -38.13 -18.44
C LYS B 317 29.82 -39.52 -18.48
N GLN B 318 30.53 -39.91 -17.42
CA GLN B 318 30.82 -41.31 -17.24
C GLN B 318 29.55 -42.04 -16.84
N LYS B 319 29.60 -43.36 -16.93
CA LYS B 319 28.48 -44.19 -16.50
C LYS B 319 28.75 -44.79 -15.13
N LEU B 320 29.42 -44.02 -14.28
CA LEU B 320 29.85 -44.48 -12.97
C LEU B 320 29.30 -43.62 -11.84
N ASP B 321 28.21 -42.89 -12.08
CA ASP B 321 27.58 -42.12 -11.02
C ASP B 321 26.65 -43.04 -10.23
N PHE B 322 25.80 -42.45 -9.39
CA PHE B 322 24.86 -43.27 -8.65
C PHE B 322 23.54 -43.48 -9.38
N TYR B 323 22.99 -42.40 -9.95
CA TYR B 323 21.64 -42.47 -10.48
C TYR B 323 21.55 -43.32 -11.73
N THR B 324 22.55 -43.20 -12.61
CA THR B 324 22.57 -44.03 -13.82
C THR B 324 22.80 -45.49 -13.46
N LEU B 325 23.62 -45.73 -12.44
CA LEU B 325 23.83 -47.08 -11.92
C LEU B 325 22.55 -47.69 -11.41
N LEU B 326 21.80 -46.93 -10.61
CA LEU B 326 20.51 -47.41 -10.11
C LEU B 326 19.52 -47.59 -11.24
N ASP B 327 19.59 -46.73 -12.26
CA ASP B 327 18.69 -46.78 -13.40
C ASP B 327 18.84 -48.08 -14.17
N ASN B 328 20.05 -48.37 -14.65
CA ASN B 328 20.17 -49.62 -15.39
C ASN B 328 20.31 -50.83 -14.48
N TRP B 329 20.38 -50.63 -13.17
CA TRP B 329 20.47 -51.72 -12.22
C TRP B 329 19.11 -52.21 -11.75
N VAL B 330 18.08 -51.38 -11.82
CA VAL B 330 16.74 -51.81 -11.42
C VAL B 330 15.74 -51.86 -12.57
N LEU B 331 16.00 -51.15 -13.68
CA LEU B 331 15.02 -51.11 -14.77
C LEU B 331 15.37 -52.08 -15.89
N ARG B 332 16.55 -51.94 -16.47
CA ARG B 332 16.98 -52.88 -17.49
C ARG B 332 17.73 -54.07 -16.89
N ASP B 333 17.88 -54.08 -15.56
CA ASP B 333 18.43 -55.19 -14.78
C ASP B 333 19.87 -55.50 -15.17
N GLU B 334 20.62 -54.48 -15.55
CA GLU B 334 22.03 -54.63 -15.89
C GLU B 334 22.83 -54.54 -14.60
N ALA B 335 23.32 -55.67 -14.13
CA ALA B 335 24.10 -55.71 -12.91
C ALA B 335 25.50 -55.17 -13.18
N PRO B 336 25.95 -54.16 -12.45
CA PRO B 336 27.35 -53.77 -12.54
C PRO B 336 28.24 -54.71 -11.74
N ALA B 337 29.50 -54.34 -11.57
CA ALA B 337 30.42 -55.15 -10.78
C ALA B 337 30.02 -55.14 -9.31
N VAL B 338 30.59 -56.09 -8.57
CA VAL B 338 30.36 -56.17 -7.13
C VAL B 338 30.88 -54.93 -6.43
N GLU B 339 31.95 -54.34 -6.96
CA GLU B 339 32.49 -53.09 -6.47
C GLU B 339 31.61 -51.89 -6.80
N GLN B 340 30.58 -52.06 -7.62
CA GLN B 340 29.59 -51.01 -7.82
C GLN B 340 28.26 -51.32 -7.18
N GLN B 341 27.91 -52.59 -7.03
CA GLN B 341 26.76 -52.94 -6.20
C GLN B 341 26.99 -52.52 -4.76
N HIS B 342 28.24 -52.65 -4.29
CA HIS B 342 28.61 -52.15 -2.97
C HIS B 342 28.39 -50.65 -2.87
N TYR B 343 28.71 -49.92 -3.92
CA TYR B 343 28.57 -48.46 -3.88
C TYR B 343 27.10 -48.04 -3.91
N VAL B 344 26.29 -48.69 -4.73
CA VAL B 344 24.89 -48.27 -4.80
C VAL B 344 24.13 -48.68 -3.53
N ILE B 345 24.48 -49.80 -2.91
CA ILE B 345 23.82 -50.19 -1.68
C ILE B 345 24.29 -49.29 -0.54
N ALA B 346 25.57 -48.95 -0.52
CA ALA B 346 26.09 -48.04 0.50
C ALA B 346 25.52 -46.65 0.34
N ASN B 347 25.13 -46.26 -0.85
CA ASN B 347 24.45 -44.99 -0.94
C ASN B 347 23.00 -45.09 -0.54
N LEU B 348 22.35 -46.23 -0.76
CA LEU B 348 21.01 -46.40 -0.22
C LEU B 348 20.98 -46.48 1.30
N ILE B 349 22.10 -46.82 1.93
CA ILE B 349 22.15 -46.84 3.38
C ILE B 349 22.02 -45.44 3.94
N ARG B 350 22.74 -44.47 3.38
CA ARG B 350 22.68 -43.13 3.95
C ARG B 350 21.36 -42.43 3.66
N GLY B 351 20.60 -42.90 2.67
CA GLY B 351 19.26 -42.41 2.45
C GLY B 351 19.18 -40.99 1.93
N GLY B 352 17.98 -40.57 1.62
CA GLY B 352 17.81 -39.23 1.09
C GLY B 352 16.63 -39.17 0.13
N VAL B 353 16.70 -38.22 -0.79
CA VAL B 353 15.61 -37.92 -1.70
C VAL B 353 16.06 -38.27 -3.10
N PHE B 354 15.49 -39.31 -3.68
CA PHE B 354 15.84 -39.72 -5.03
C PHE B 354 14.61 -39.63 -5.91
N GLY B 355 14.83 -39.80 -7.21
CA GLY B 355 13.76 -39.71 -8.18
C GLY B 355 13.53 -38.28 -8.64
N GLU B 356 12.68 -38.16 -9.65
CA GLU B 356 12.42 -36.90 -10.33
C GLU B 356 11.73 -35.87 -9.44
N LEU C 24 -36.59 -38.47 -2.41
CA LEU C 24 -35.56 -38.25 -1.42
C LEU C 24 -34.19 -38.16 -2.08
N SER C 25 -33.43 -37.13 -1.74
CA SER C 25 -32.11 -36.91 -2.29
C SER C 25 -31.14 -36.57 -1.18
N THR C 26 -29.88 -36.35 -1.56
CA THR C 26 -28.85 -36.04 -0.58
C THR C 26 -29.05 -34.64 -0.03
N ALA C 27 -28.46 -34.40 1.13
CA ALA C 27 -28.44 -33.06 1.68
C ALA C 27 -27.47 -32.19 0.90
N SER C 28 -27.73 -30.90 0.90
CA SER C 28 -26.80 -30.00 0.23
C SER C 28 -25.53 -29.83 1.06
N VAL C 29 -25.66 -29.79 2.38
CA VAL C 29 -24.50 -29.82 3.26
C VAL C 29 -24.72 -30.85 4.33
N LEU C 30 -23.63 -31.40 4.85
CA LEU C 30 -23.66 -32.27 6.00
C LEU C 30 -22.37 -32.04 6.77
N ALA C 31 -22.36 -32.48 8.01
CA ALA C 31 -21.18 -32.31 8.85
C ALA C 31 -21.28 -33.30 9.98
N PHE C 32 -20.13 -33.73 10.48
CA PHE C 32 -20.10 -34.60 11.64
C PHE C 32 -18.90 -34.22 12.48
N GLU C 33 -19.13 -33.99 13.76
CA GLU C 33 -18.02 -33.67 14.64
C GLU C 33 -17.18 -34.92 14.87
N ARG C 34 -15.93 -34.71 15.26
CA ARG C 34 -15.05 -35.84 15.43
C ARG C 34 -15.29 -36.51 16.77
N LYS C 35 -15.33 -37.83 16.74
CA LYS C 35 -15.21 -38.64 17.93
C LYS C 35 -13.77 -39.09 18.05
N LEU C 36 -13.40 -39.60 19.23
CA LEU C 36 -12.02 -39.90 19.62
C LEU C 36 -11.13 -38.67 19.42
N ASP C 37 -11.43 -37.65 20.18
CA ASP C 37 -10.71 -36.41 20.02
C ASP C 37 -9.42 -36.45 20.81
N PRO C 38 -8.27 -36.53 20.16
CA PRO C 38 -7.01 -36.67 20.88
C PRO C 38 -6.49 -35.30 21.31
N SER C 39 -5.31 -35.30 21.88
CA SER C 39 -4.67 -34.09 22.31
C SER C 39 -3.39 -33.89 21.53
N ASP C 40 -2.59 -32.94 21.98
CA ASP C 40 -1.24 -32.77 21.46
C ASP C 40 -0.27 -33.48 22.39
N ALA C 41 0.42 -34.49 21.88
CA ALA C 41 1.27 -35.33 22.71
C ALA C 41 2.52 -34.58 23.09
N LEU C 42 2.65 -34.26 24.36
CA LEU C 42 3.92 -33.74 24.81
C LEU C 42 4.94 -34.87 24.88
N MET C 43 6.21 -34.51 24.79
CA MET C 43 7.28 -35.47 24.87
C MET C 43 8.23 -35.08 25.99
N SER C 44 8.88 -36.09 26.56
CA SER C 44 9.85 -35.85 27.61
C SER C 44 10.87 -36.97 27.57
N ALA C 45 11.89 -36.87 28.42
CA ALA C 45 12.98 -37.82 28.35
C ALA C 45 13.45 -38.22 29.73
N GLY C 46 13.61 -39.52 29.95
CA GLY C 46 14.12 -40.01 31.21
C GLY C 46 14.77 -41.37 31.04
N ALA C 47 15.37 -41.86 32.13
CA ALA C 47 16.04 -43.15 32.09
C ALA C 47 15.05 -44.28 32.30
N TRP C 48 15.32 -45.42 31.68
CA TRP C 48 14.52 -46.61 31.92
C TRP C 48 14.75 -47.11 33.33
N ALA C 49 13.75 -47.80 33.87
CA ALA C 49 13.59 -48.24 35.25
C ALA C 49 13.44 -47.07 36.22
N GLN C 50 13.26 -45.86 35.70
CA GLN C 50 12.67 -44.76 36.44
C GLN C 50 11.36 -44.34 35.81
N ARG C 51 10.77 -45.23 35.01
CA ARG C 51 9.54 -44.96 34.30
C ARG C 51 8.30 -45.16 35.15
N ASP C 52 8.45 -45.18 36.47
CA ASP C 52 7.33 -45.13 37.38
C ASP C 52 7.34 -43.87 38.22
N ALA C 53 8.29 -42.98 38.00
CA ALA C 53 8.30 -41.64 38.58
C ALA C 53 8.20 -40.61 37.46
N SER C 54 7.34 -40.88 36.48
CA SER C 54 7.27 -40.10 35.25
C SER C 54 6.46 -38.82 35.43
N GLN C 55 6.95 -37.97 36.33
CA GLN C 55 6.32 -36.68 36.58
C GLN C 55 7.32 -35.54 36.66
N GLU C 56 8.59 -35.81 36.92
CA GLU C 56 9.61 -34.76 36.95
C GLU C 56 10.58 -34.89 35.79
N TRP C 57 10.18 -35.57 34.73
CA TRP C 57 11.04 -35.74 33.58
C TRP C 57 11.07 -34.45 32.77
N PRO C 58 12.21 -33.81 32.59
CA PRO C 58 12.27 -32.59 31.80
C PRO C 58 12.00 -32.87 30.34
N ALA C 59 11.50 -31.85 29.66
CA ALA C 59 11.01 -32.01 28.30
C ALA C 59 12.16 -31.94 27.31
N VAL C 60 12.10 -32.80 26.30
CA VAL C 60 13.06 -32.75 25.20
C VAL C 60 12.81 -31.50 24.38
N THR C 61 13.82 -30.66 24.27
CA THR C 61 13.65 -29.34 23.69
C THR C 61 14.14 -29.28 22.26
N VAL C 62 13.46 -28.46 21.46
CA VAL C 62 13.90 -28.20 20.11
C VAL C 62 15.11 -27.28 20.15
N ARG C 63 16.18 -27.67 19.50
CA ARG C 63 17.34 -26.82 19.39
C ARG C 63 17.69 -26.63 17.93
N GLU C 64 18.60 -25.70 17.66
CA GLU C 64 18.98 -25.34 16.30
C GLU C 64 20.40 -25.79 16.02
N LYS C 65 20.67 -26.02 14.74
CA LYS C 65 22.00 -26.34 14.27
C LYS C 65 22.05 -25.96 12.80
N SER C 66 23.24 -25.96 12.23
CA SER C 66 23.37 -25.62 10.82
C SER C 66 24.08 -26.74 10.09
N VAL C 67 23.64 -27.01 8.88
CA VAL C 67 24.24 -28.04 8.06
C VAL C 67 24.83 -27.37 6.82
N ARG C 68 25.72 -28.09 6.16
CA ARG C 68 26.25 -27.68 4.88
C ARG C 68 26.33 -28.95 4.03
N GLY C 69 25.38 -29.11 3.13
CA GLY C 69 25.24 -30.32 2.35
C GLY C 69 25.47 -30.04 0.88
N THR C 70 26.15 -30.95 0.22
CA THR C 70 26.39 -30.81 -1.21
C THR C 70 25.10 -31.03 -1.99
N ILE C 71 25.04 -30.44 -3.17
CA ILE C 71 23.88 -30.63 -4.03
C ILE C 71 23.89 -32.05 -4.57
N SER C 72 22.80 -32.78 -4.32
CA SER C 72 22.72 -34.18 -4.75
C SER C 72 21.25 -34.48 -5.03
N ASN C 73 20.86 -34.37 -6.30
CA ASN C 73 19.51 -34.68 -6.71
C ASN C 73 19.56 -35.38 -8.05
N ARG C 74 18.41 -35.62 -8.64
CA ARG C 74 18.38 -35.91 -10.06
C ARG C 74 18.53 -34.60 -10.82
N LEU C 75 19.49 -34.53 -11.72
CA LEU C 75 19.71 -33.29 -12.44
C LEU C 75 18.72 -33.18 -13.59
N LYS C 76 18.89 -32.13 -14.40
CA LYS C 76 17.85 -31.71 -15.33
C LYS C 76 17.96 -32.38 -16.70
N THR C 77 18.44 -33.62 -16.76
CA THR C 77 18.44 -34.48 -17.94
C THR C 77 19.19 -33.85 -19.12
N LYS C 78 20.50 -33.77 -18.92
CA LYS C 78 21.46 -33.11 -19.83
C LYS C 78 21.08 -31.64 -20.01
N ASP C 79 21.13 -30.93 -18.88
CA ASP C 79 21.08 -29.47 -18.91
C ASP C 79 22.17 -28.89 -18.04
N ARG C 80 22.51 -29.59 -16.95
CA ARG C 80 23.53 -29.14 -16.01
C ARG C 80 24.55 -30.23 -15.70
N ASP C 81 24.61 -31.25 -16.54
CA ASP C 81 25.45 -32.42 -16.31
C ASP C 81 26.96 -32.22 -16.50
N PRO C 82 27.48 -31.90 -17.69
CA PRO C 82 28.88 -32.26 -17.97
C PRO C 82 29.94 -31.42 -17.25
N ALA C 83 29.78 -30.10 -17.21
CA ALA C 83 30.77 -29.28 -16.55
C ALA C 83 30.14 -28.13 -15.78
N LYS C 84 28.87 -28.26 -15.41
CA LYS C 84 28.18 -27.24 -14.64
C LYS C 84 28.13 -27.56 -13.16
N LEU C 85 28.08 -28.84 -12.80
CA LEU C 85 27.88 -29.21 -11.41
C LEU C 85 29.14 -28.99 -10.58
N ASP C 86 30.32 -29.18 -11.17
CA ASP C 86 31.56 -28.96 -10.44
C ASP C 86 31.78 -27.50 -10.13
N ALA C 87 31.16 -26.62 -10.92
CA ALA C 87 31.08 -25.21 -10.54
C ALA C 87 30.22 -25.03 -9.30
N SER C 88 29.15 -25.81 -9.19
CA SER C 88 28.27 -25.69 -8.03
C SER C 88 28.65 -26.68 -6.92
N ILE C 89 29.94 -26.74 -6.58
CA ILE C 89 30.41 -27.44 -5.41
C ILE C 89 31.06 -26.50 -4.43
N GLN C 90 31.89 -25.57 -4.91
CA GLN C 90 32.50 -24.56 -4.07
C GLN C 90 31.49 -23.54 -3.57
N SER C 91 30.31 -23.48 -4.17
CA SER C 91 29.19 -22.76 -3.61
C SER C 91 28.67 -23.52 -2.39
N PRO C 92 28.89 -23.03 -1.18
CA PRO C 92 28.55 -23.81 0.01
C PRO C 92 27.07 -23.70 0.32
N ASN C 93 26.33 -24.78 0.08
CA ASN C 93 24.91 -24.78 0.38
C ASN C 93 24.70 -24.85 1.89
N LEU C 94 24.55 -23.70 2.52
CA LEU C 94 24.43 -23.61 3.96
C LEU C 94 22.96 -23.55 4.34
N GLN C 95 22.62 -24.21 5.44
CA GLN C 95 21.24 -24.24 5.91
C GLN C 95 21.20 -24.25 7.41
N THR C 96 20.13 -23.72 7.97
CA THR C 96 19.85 -23.83 9.39
C THR C 96 18.64 -24.71 9.59
N VAL C 97 18.75 -25.65 10.52
CA VAL C 97 17.74 -26.68 10.71
C VAL C 97 17.56 -26.86 12.20
N ASP C 98 16.46 -27.47 12.59
CA ASP C 98 16.16 -27.72 13.99
C ASP C 98 16.10 -29.21 14.26
N VAL C 99 16.56 -29.61 15.43
CA VAL C 99 16.57 -31.01 15.81
C VAL C 99 16.06 -31.15 17.23
N ALA C 100 15.78 -32.39 17.59
CA ALA C 100 15.35 -32.75 18.92
C ALA C 100 16.19 -33.92 19.39
N ASN C 101 16.77 -33.80 20.58
CA ASN C 101 17.65 -34.84 21.08
C ASN C 101 17.42 -35.04 22.56
N LEU C 102 17.40 -36.30 22.97
CA LEU C 102 17.35 -36.63 24.38
C LEU C 102 18.65 -36.18 25.04
N PRO C 103 18.61 -35.88 26.33
CA PRO C 103 19.85 -35.58 27.05
C PRO C 103 20.78 -36.78 27.10
N SER C 104 22.02 -36.51 27.47
CA SER C 104 23.10 -37.49 27.33
C SER C 104 22.92 -38.67 28.27
N ASP C 105 22.44 -38.42 29.48
CA ASP C 105 22.30 -39.50 30.44
C ASP C 105 21.07 -40.36 30.18
N ALA C 106 19.99 -39.77 29.66
CA ALA C 106 18.71 -40.44 29.56
C ALA C 106 18.53 -41.07 28.19
N ASP C 107 17.68 -42.09 28.14
CA ASP C 107 17.54 -42.87 26.91
C ASP C 107 16.11 -43.28 26.59
N THR C 108 15.11 -42.74 27.26
CA THR C 108 13.73 -43.08 26.99
C THR C 108 12.92 -41.84 26.67
N LEU C 109 12.19 -41.91 25.57
CA LEU C 109 11.20 -40.94 25.15
C LEU C 109 9.85 -41.28 25.78
N LYS C 110 9.23 -40.31 26.42
CA LYS C 110 7.92 -40.48 27.05
C LYS C 110 6.94 -39.58 26.33
N VAL C 111 5.97 -40.18 25.65
CA VAL C 111 4.96 -39.47 24.87
C VAL C 111 3.67 -39.52 25.66
N ARG C 112 3.10 -38.37 25.98
CA ARG C 112 1.90 -38.31 26.80
C ARG C 112 0.81 -37.55 26.06
N PHE C 113 -0.37 -38.14 25.96
CA PHE C 113 -1.51 -37.44 25.39
C PHE C 113 -2.79 -38.03 25.93
N THR C 114 -3.82 -37.20 26.00
CA THR C 114 -5.09 -37.59 26.60
C THR C 114 -6.15 -37.71 25.53
N LEU C 115 -6.69 -38.90 25.36
CA LEU C 115 -7.69 -39.20 24.35
C LEU C 115 -9.05 -39.16 25.01
N ARG C 116 -10.01 -38.57 24.32
CA ARG C 116 -11.36 -38.38 24.83
C ARG C 116 -12.34 -38.86 23.79
N VAL C 117 -13.17 -39.83 24.14
CA VAL C 117 -14.18 -40.35 23.24
C VAL C 117 -15.50 -39.66 23.56
N LEU C 118 -16.20 -39.20 22.53
CA LEU C 118 -17.39 -38.40 22.74
C LEU C 118 -18.66 -39.24 22.75
N GLY C 119 -18.94 -39.93 21.65
CA GLY C 119 -20.12 -40.75 21.56
C GLY C 119 -21.28 -40.01 20.92
N GLY C 120 -22.33 -40.78 20.64
CA GLY C 120 -23.45 -40.28 19.88
C GLY C 120 -23.00 -40.03 18.46
N ALA C 121 -22.53 -41.09 17.80
CA ALA C 121 -21.79 -40.97 16.56
C ALA C 121 -22.66 -41.05 15.32
N GLY C 122 -23.91 -40.64 15.41
CA GLY C 122 -24.75 -40.62 14.24
C GLY C 122 -25.37 -39.27 13.99
N THR C 123 -25.50 -38.48 15.06
CA THR C 123 -26.18 -37.20 14.95
C THR C 123 -25.30 -36.19 14.25
N PRO C 124 -25.71 -35.66 13.10
CA PRO C 124 -24.87 -34.70 12.40
C PRO C 124 -24.85 -33.37 13.12
N SER C 125 -23.84 -32.57 12.79
CA SER C 125 -23.73 -31.26 13.37
C SER C 125 -24.36 -30.18 12.52
N ALA C 126 -24.71 -30.48 11.28
CA ALA C 126 -25.42 -29.56 10.41
C ALA C 126 -26.08 -30.36 9.31
N CYS C 127 -27.31 -30.02 8.97
CA CYS C 127 -28.03 -30.77 7.96
C CYS C 127 -29.13 -29.92 7.38
N ASN C 128 -29.50 -30.20 6.14
CA ASN C 128 -30.61 -29.51 5.52
C ASN C 128 -31.91 -30.30 5.62
N ASP C 129 -31.98 -31.46 5.00
CA ASP C 129 -33.23 -32.16 4.87
C ASP C 129 -33.44 -33.03 6.09
N ALA C 130 -34.53 -32.78 6.82
CA ALA C 130 -34.89 -33.63 7.94
C ALA C 130 -35.31 -35.02 7.47
N ALA C 131 -35.88 -35.12 6.26
CA ALA C 131 -36.26 -36.40 5.70
C ALA C 131 -35.06 -37.24 5.30
N TYR C 132 -33.88 -36.64 5.22
CA TYR C 132 -32.63 -37.39 5.07
C TYR C 132 -31.97 -37.65 6.41
N ARG C 133 -32.07 -36.68 7.32
CA ARG C 133 -31.40 -36.79 8.62
C ARG C 133 -32.03 -37.89 9.46
N ASP C 134 -33.35 -37.99 9.44
CA ASP C 134 -34.00 -39.08 10.19
C ASP C 134 -33.70 -40.44 9.56
N LYS C 135 -33.52 -40.49 8.24
CA LYS C 135 -33.17 -41.73 7.58
C LYS C 135 -31.76 -42.17 7.95
N LEU C 136 -30.85 -41.20 8.04
CA LEU C 136 -29.48 -41.49 8.46
C LEU C 136 -29.45 -41.98 9.89
N LEU C 137 -30.19 -41.33 10.78
CA LEU C 137 -30.23 -41.77 12.17
C LEU C 137 -30.90 -43.13 12.31
N GLN C 138 -31.90 -43.42 11.49
CA GLN C 138 -32.54 -44.72 11.52
C GLN C 138 -31.59 -45.82 11.05
N THR C 139 -30.78 -45.53 10.03
CA THR C 139 -29.85 -46.54 9.54
C THR C 139 -28.71 -46.77 10.52
N VAL C 140 -28.23 -45.70 11.16
CA VAL C 140 -27.21 -45.88 12.17
C VAL C 140 -27.76 -46.64 13.38
N ALA C 141 -29.03 -46.41 13.70
CA ALA C 141 -29.65 -47.18 14.79
C ALA C 141 -29.81 -48.65 14.41
N THR C 142 -30.15 -48.93 13.15
CA THR C 142 -30.23 -50.32 12.73
C THR C 142 -28.87 -50.96 12.51
N TYR C 143 -27.80 -50.18 12.52
CA TYR C 143 -26.48 -50.80 12.59
C TYR C 143 -26.09 -51.08 14.04
N VAL C 144 -26.27 -50.11 14.93
CA VAL C 144 -25.66 -50.21 16.25
C VAL C 144 -26.37 -51.15 17.20
N ASN C 145 -27.45 -51.79 16.78
CA ASN C 145 -28.18 -52.69 17.67
C ASN C 145 -27.88 -54.16 17.44
N ASP C 146 -27.79 -54.60 16.18
CA ASP C 146 -27.49 -56.00 15.92
C ASP C 146 -26.03 -56.31 16.16
N GLN C 147 -25.15 -55.41 15.74
CA GLN C 147 -23.74 -55.48 16.06
C GLN C 147 -23.35 -54.17 16.72
N GLY C 148 -22.77 -54.24 17.90
CA GLY C 148 -22.43 -53.04 18.63
C GLY C 148 -21.19 -52.40 18.08
N PHE C 149 -20.54 -51.64 18.95
CA PHE C 149 -19.26 -51.02 18.63
C PHE C 149 -18.09 -51.90 19.00
N ALA C 150 -18.25 -53.23 18.97
CA ALA C 150 -17.18 -54.10 19.41
C ALA C 150 -16.03 -54.12 18.42
N GLU C 151 -16.35 -54.14 17.13
CA GLU C 151 -15.33 -54.27 16.10
C GLU C 151 -14.42 -53.05 16.04
N LEU C 152 -15.01 -51.87 15.93
CA LEU C 152 -14.22 -50.66 15.77
C LEU C 152 -13.48 -50.33 17.05
N ALA C 153 -14.09 -50.57 18.21
CA ALA C 153 -13.37 -50.29 19.44
C ALA C 153 -12.27 -51.31 19.69
N ARG C 154 -12.43 -52.52 19.16
CA ARG C 154 -11.35 -53.50 19.24
C ARG C 154 -10.17 -53.04 18.41
N ARG C 155 -10.44 -52.52 17.20
CA ARG C 155 -9.34 -52.04 16.38
C ARG C 155 -8.72 -50.77 16.94
N TYR C 156 -9.52 -49.89 17.53
CA TYR C 156 -8.97 -48.70 18.16
C TYR C 156 -8.16 -49.05 19.41
N ALA C 157 -8.56 -50.09 20.13
CA ALA C 157 -7.76 -50.52 21.27
C ALA C 157 -6.46 -51.16 20.83
N HIS C 158 -6.47 -51.80 19.67
CA HIS C 158 -5.21 -52.27 19.11
C HIS C 158 -4.30 -51.10 18.76
N ASN C 159 -4.84 -50.09 18.09
CA ASN C 159 -3.98 -48.99 17.67
C ASN C 159 -3.56 -48.10 18.83
N LEU C 160 -4.29 -48.13 19.95
CA LEU C 160 -3.73 -47.57 21.17
C LEU C 160 -2.77 -48.53 21.85
N ALA C 161 -2.87 -49.82 21.53
CA ALA C 161 -2.07 -50.79 22.26
C ALA C 161 -0.64 -50.83 21.74
N ASN C 162 -0.44 -51.19 20.47
CA ASN C 162 0.89 -51.04 19.92
C ASN C 162 1.10 -49.59 19.55
N ALA C 163 2.30 -49.07 19.84
CA ALA C 163 2.51 -47.63 19.84
C ALA C 163 2.62 -47.12 18.41
N ARG C 164 1.51 -47.19 17.69
CA ARG C 164 1.51 -46.70 16.32
C ARG C 164 1.51 -45.18 16.29
N PHE C 165 1.04 -44.54 17.34
CA PHE C 165 1.10 -43.09 17.40
C PHE C 165 2.51 -42.58 17.56
N LEU C 166 3.40 -43.37 18.11
CA LEU C 166 4.82 -43.13 17.94
C LEU C 166 5.12 -43.43 16.48
N TRP C 167 5.20 -42.39 15.65
CA TRP C 167 5.26 -42.62 14.21
C TRP C 167 6.62 -43.09 13.77
N ARG C 168 7.64 -42.26 13.97
CA ARG C 168 8.99 -42.62 13.57
C ARG C 168 9.85 -43.08 14.73
N ASN C 169 9.51 -42.68 15.94
CA ASN C 169 10.26 -43.14 17.11
C ASN C 169 10.05 -44.61 17.41
N ARG C 170 9.08 -45.25 16.77
CA ARG C 170 8.82 -46.66 17.04
C ARG C 170 9.90 -47.55 16.44
N VAL C 171 10.28 -47.29 15.18
CA VAL C 171 11.12 -48.24 14.47
C VAL C 171 12.53 -48.19 15.02
N GLY C 172 13.10 -49.37 15.23
CA GLY C 172 14.42 -49.46 15.82
C GLY C 172 14.46 -49.03 17.27
N ALA C 173 13.46 -49.40 18.04
CA ALA C 173 13.47 -49.13 19.47
C ALA C 173 13.64 -50.44 20.22
N GLU C 174 14.35 -50.35 21.35
CA GLU C 174 14.60 -51.53 22.17
C GLU C 174 13.31 -52.04 22.80
N ALA C 175 12.65 -51.19 23.58
CA ALA C 175 11.45 -51.59 24.29
C ALA C 175 10.47 -50.42 24.33
N VAL C 176 9.23 -50.68 23.94
CA VAL C 176 8.16 -49.69 24.01
C VAL C 176 7.05 -50.24 24.91
N GLU C 177 6.69 -49.47 25.92
CA GLU C 177 5.73 -49.88 26.94
C GLU C 177 4.65 -48.83 27.04
N VAL C 178 3.40 -49.23 26.82
CA VAL C 178 2.26 -48.32 26.76
C VAL C 178 1.45 -48.47 28.03
N ARG C 179 1.17 -47.36 28.70
CA ARG C 179 0.34 -47.33 29.90
C ARG C 179 -0.88 -46.46 29.61
N ILE C 180 -2.06 -47.05 29.68
CA ILE C 180 -3.31 -46.37 29.35
C ILE C 180 -4.08 -46.20 30.65
N ASN C 181 -3.94 -45.06 31.30
CA ASN C 181 -4.78 -44.83 32.46
C ASN C 181 -6.19 -44.50 32.00
N HIS C 182 -7.16 -44.74 32.88
CA HIS C 182 -8.54 -44.33 32.62
C HIS C 182 -8.98 -43.51 33.83
N ILE C 183 -8.95 -42.20 33.70
CA ILE C 183 -9.31 -41.31 34.78
C ILE C 183 -10.79 -40.97 34.65
N ARG C 184 -11.49 -41.03 35.78
CA ARG C 184 -12.91 -40.74 35.82
C ARG C 184 -13.19 -39.50 36.67
N GLN C 185 -12.76 -39.51 37.91
CA GLN C 185 -12.60 -38.28 38.67
C GLN C 185 -11.16 -37.82 38.51
N GLY C 186 -10.71 -36.93 39.39
CA GLY C 186 -9.33 -36.47 39.36
C GLY C 186 -8.29 -37.56 39.57
N GLU C 187 -8.68 -38.70 40.13
CA GLU C 187 -7.81 -39.86 40.21
C GLU C 187 -8.20 -40.89 39.16
N VAL C 188 -7.43 -41.96 39.10
CA VAL C 188 -7.55 -42.97 38.07
C VAL C 188 -8.56 -44.02 38.50
N ALA C 189 -9.21 -44.66 37.53
CA ALA C 189 -10.15 -45.73 37.83
C ALA C 189 -9.53 -47.10 37.57
N ARG C 190 -9.10 -47.37 36.34
CA ARG C 190 -8.49 -48.64 36.01
C ARG C 190 -7.28 -48.38 35.15
N ALA C 191 -6.11 -48.78 35.63
CA ALA C 191 -4.89 -48.61 34.85
C ALA C 191 -4.76 -49.76 33.86
N TRP C 192 -3.71 -49.68 33.03
CA TRP C 192 -3.41 -50.72 32.08
C TRP C 192 -1.90 -50.84 31.96
N ARG C 193 -1.47 -51.78 31.13
CA ARG C 193 -0.05 -52.00 30.86
C ARG C 193 0.04 -52.79 29.57
N PHE C 194 0.98 -52.42 28.71
CA PHE C 194 1.08 -53.09 27.43
C PHE C 194 2.51 -53.08 26.95
N ASP C 195 2.94 -54.20 26.40
CA ASP C 195 4.20 -54.28 25.67
C ASP C 195 3.87 -54.12 24.19
N ALA C 196 4.23 -52.98 23.62
CA ALA C 196 3.81 -52.67 22.27
C ALA C 196 4.54 -53.49 21.22
N LEU C 197 5.73 -54.00 21.54
CA LEU C 197 6.43 -54.82 20.57
C LEU C 197 5.80 -56.20 20.45
N ALA C 198 5.26 -56.72 21.53
CA ALA C 198 4.65 -58.05 21.48
C ALA C 198 3.39 -58.04 20.64
N ILE C 199 2.63 -56.95 20.69
CA ILE C 199 1.46 -56.81 19.85
C ILE C 199 1.90 -56.46 18.44
N GLY C 200 1.41 -57.21 17.46
CA GLY C 200 1.87 -57.01 16.10
C GLY C 200 1.32 -55.72 15.52
N LEU C 201 2.16 -55.06 14.71
CA LEU C 201 1.69 -53.88 14.01
C LEU C 201 0.84 -54.23 12.79
N ARG C 202 0.90 -55.47 12.34
CA ARG C 202 0.18 -55.91 11.14
C ARG C 202 -1.01 -56.78 11.46
N ASP C 203 -0.81 -57.84 12.23
CA ASP C 203 -1.91 -58.72 12.57
C ASP C 203 -2.67 -58.15 13.77
N PHE C 204 -3.96 -58.50 13.85
CA PHE C 204 -4.82 -58.03 14.92
C PHE C 204 -5.34 -59.25 15.68
N LYS C 205 -4.71 -59.55 16.81
CA LYS C 205 -5.04 -60.73 17.60
C LYS C 205 -5.83 -60.34 18.82
N ALA C 206 -6.82 -61.16 19.16
CA ALA C 206 -7.68 -60.89 20.31
C ALA C 206 -7.03 -61.41 21.58
N ASP C 207 -6.96 -60.56 22.60
CA ASP C 207 -6.32 -60.93 23.86
C ASP C 207 -7.27 -60.71 25.03
N ALA C 208 -6.75 -60.85 26.24
CA ALA C 208 -7.57 -60.73 27.44
C ALA C 208 -7.66 -59.30 27.94
N GLU C 209 -6.50 -58.64 28.08
CA GLU C 209 -6.48 -57.29 28.60
C GLU C 209 -7.01 -56.28 27.59
N LEU C 210 -6.97 -56.62 26.30
CA LEU C 210 -7.51 -55.75 25.29
C LEU C 210 -9.02 -55.68 25.30
N ASP C 211 -9.70 -56.72 25.74
CA ASP C 211 -11.15 -56.68 25.71
C ASP C 211 -11.69 -55.78 26.82
N ALA C 212 -10.95 -55.65 27.92
CA ALA C 212 -11.33 -54.70 28.96
C ALA C 212 -11.18 -53.26 28.50
N LEU C 213 -10.36 -53.00 27.48
CA LEU C 213 -10.27 -51.67 26.91
C LEU C 213 -11.25 -51.48 25.77
N ALA C 214 -11.47 -52.53 24.98
CA ALA C 214 -12.37 -52.41 23.85
C ALA C 214 -13.81 -52.28 24.30
N GLU C 215 -14.18 -52.92 25.42
CA GLU C 215 -15.52 -52.69 25.94
C GLU C 215 -15.64 -51.28 26.51
N LEU C 216 -14.53 -50.70 27.00
CA LEU C 216 -14.59 -49.34 27.50
C LEU C 216 -14.79 -48.35 26.38
N ILE C 217 -14.09 -48.56 25.27
CA ILE C 217 -14.24 -47.65 24.14
C ILE C 217 -15.57 -47.86 23.43
N ALA C 218 -16.05 -49.11 23.38
CA ALA C 218 -17.39 -49.32 22.84
C ALA C 218 -18.47 -48.81 23.77
N SER C 219 -18.18 -48.66 25.06
CA SER C 219 -19.11 -47.97 25.94
C SER C 219 -19.10 -46.49 25.66
N GLY C 220 -17.91 -45.90 25.55
CA GLY C 220 -17.83 -44.47 25.33
C GLY C 220 -18.34 -44.02 23.98
N LEU C 221 -18.28 -44.91 23.00
CA LEU C 221 -18.81 -44.57 21.68
C LEU C 221 -20.32 -44.66 21.64
N SER C 222 -20.92 -45.49 22.48
CA SER C 222 -22.36 -45.66 22.46
C SER C 222 -23.10 -44.56 23.21
N GLY C 223 -22.38 -43.64 23.84
CA GLY C 223 -22.99 -42.57 24.58
C GLY C 223 -23.44 -42.95 25.98
N SER C 224 -23.18 -44.18 26.40
CA SER C 224 -23.66 -44.67 27.69
C SER C 224 -22.59 -44.52 28.78
N GLY C 225 -21.81 -43.47 28.71
CA GLY C 225 -20.76 -43.25 29.68
C GLY C 225 -19.82 -42.17 29.18
N HIS C 226 -18.89 -41.81 30.05
CA HIS C 226 -17.91 -40.79 29.71
C HIS C 226 -16.52 -41.34 30.00
N VAL C 227 -15.67 -41.39 28.98
CA VAL C 227 -14.36 -42.01 29.08
C VAL C 227 -13.30 -40.97 28.75
N LEU C 228 -12.20 -41.03 29.48
CA LEU C 228 -11.06 -40.14 29.26
C LEU C 228 -9.79 -40.96 29.46
N LEU C 229 -9.28 -41.52 28.37
CA LEU C 229 -8.06 -42.29 28.45
C LEU C 229 -6.88 -41.35 28.48
N GLU C 230 -5.86 -41.72 29.24
CA GLU C 230 -4.66 -40.91 29.36
C GLU C 230 -3.50 -41.81 28.99
N VAL C 231 -3.00 -41.67 27.76
CA VAL C 231 -2.07 -42.61 27.18
C VAL C 231 -0.65 -42.08 27.33
N VAL C 232 0.21 -42.85 27.97
CA VAL C 232 1.61 -42.52 28.14
C VAL C 232 2.42 -43.68 27.61
N ALA C 233 3.22 -43.43 26.57
CA ALA C 233 4.03 -44.47 25.93
C ALA C 233 5.50 -44.18 26.19
N PHE C 234 6.22 -45.18 26.70
CA PHE C 234 7.66 -45.09 26.92
C PHE C 234 8.38 -45.85 25.82
N ALA C 235 9.47 -45.27 25.33
CA ALA C 235 10.29 -45.87 24.29
C ALA C 235 11.74 -45.78 24.72
N ARG C 236 12.48 -46.88 24.63
CA ARG C 236 13.90 -46.84 24.91
C ARG C 236 14.65 -46.83 23.59
N ILE C 237 15.38 -45.74 23.33
CA ILE C 237 16.13 -45.60 22.08
C ILE C 237 17.63 -45.65 22.33
N GLY C 238 18.15 -44.68 23.06
CA GLY C 238 19.59 -44.67 23.30
C GLY C 238 20.05 -43.34 23.84
N ASP C 239 21.32 -43.31 24.23
CA ASP C 239 21.87 -42.21 25.02
C ASP C 239 22.06 -40.96 24.17
N GLY C 240 20.94 -40.36 23.79
CA GLY C 240 20.99 -39.12 23.06
C GLY C 240 20.80 -39.30 21.59
N GLN C 241 19.86 -40.15 21.21
CA GLN C 241 19.57 -40.38 19.81
C GLN C 241 18.71 -39.24 19.26
N GLU C 242 18.33 -39.37 18.00
CA GLU C 242 17.49 -38.39 17.33
C GLU C 242 16.03 -38.75 17.49
N VAL C 243 15.27 -37.90 18.17
CA VAL C 243 13.85 -38.08 18.41
C VAL C 243 13.09 -37.11 17.52
N PHE C 244 11.97 -37.55 16.97
CA PHE C 244 11.29 -36.86 15.88
C PHE C 244 9.95 -36.31 16.29
N PRO C 245 9.83 -35.02 16.56
CA PRO C 245 8.51 -34.40 16.67
C PRO C 245 7.91 -34.13 15.32
N SER C 246 6.81 -33.41 15.27
CA SER C 246 6.17 -33.13 13.99
C SER C 246 6.74 -31.86 13.37
N GLN C 247 6.79 -31.86 12.04
CA GLN C 247 7.49 -30.83 11.29
C GLN C 247 6.49 -29.79 10.82
N GLU C 248 6.62 -28.57 11.33
CA GLU C 248 5.78 -27.47 10.89
C GLU C 248 6.20 -27.01 9.50
N LEU C 249 5.43 -26.10 8.92
CA LEU C 249 5.83 -25.46 7.69
C LEU C 249 6.18 -24.00 7.97
N ILE C 250 7.25 -23.56 7.36
CA ILE C 250 7.76 -22.19 7.54
C ILE C 250 7.76 -21.53 6.19
N LEU C 251 7.62 -20.20 6.20
CA LEU C 251 7.80 -19.43 4.98
C LEU C 251 9.27 -19.44 4.57
N ASP C 252 9.52 -19.18 3.29
CA ASP C 252 10.82 -19.48 2.69
C ASP C 252 11.92 -18.47 3.05
N LYS C 253 11.61 -17.44 3.83
CA LYS C 253 12.62 -16.45 4.19
C LYS C 253 12.31 -15.92 5.58
N GLY C 254 13.21 -15.07 6.08
CA GLY C 254 13.00 -14.42 7.36
C GLY C 254 14.00 -14.85 8.43
N ASP C 255 15.22 -15.20 8.01
CA ASP C 255 16.22 -15.63 8.98
C ASP C 255 17.61 -15.09 8.62
N LYS C 256 17.66 -13.81 8.20
CA LYS C 256 18.87 -13.04 7.80
C LYS C 256 19.82 -13.85 6.91
N LYS C 257 19.23 -14.57 5.96
CA LYS C 257 19.87 -15.61 5.14
C LYS C 257 20.55 -16.67 6.02
N GLY C 258 19.73 -17.26 6.89
CA GLY C 258 20.07 -18.47 7.59
C GLY C 258 19.23 -19.61 7.06
N GLN C 259 18.02 -19.27 6.60
CA GLN C 259 17.12 -20.15 5.85
C GLN C 259 16.74 -21.40 6.66
N LYS C 260 15.97 -21.17 7.72
CA LYS C 260 15.37 -22.28 8.46
C LYS C 260 14.48 -23.08 7.53
N SER C 261 14.63 -24.40 7.59
CA SER C 261 13.93 -25.27 6.67
C SER C 261 13.06 -26.32 7.33
N LYS C 262 13.34 -26.71 8.56
CA LYS C 262 12.62 -27.78 9.22
C LYS C 262 12.30 -27.40 10.67
N THR C 263 11.63 -26.27 10.86
CA THR C 263 11.13 -25.91 12.18
C THR C 263 10.18 -26.98 12.72
N LEU C 264 10.27 -27.23 14.02
CA LEU C 264 9.56 -28.33 14.64
C LEU C 264 8.55 -27.82 15.66
N TYR C 265 7.43 -28.54 15.76
CA TYR C 265 6.26 -28.06 16.46
C TYR C 265 6.47 -28.15 17.96
N SER C 266 6.58 -27.00 18.62
CA SER C 266 6.81 -26.96 20.04
C SER C 266 5.71 -26.16 20.71
N VAL C 267 5.14 -26.71 21.77
CA VAL C 267 4.11 -26.02 22.54
C VAL C 267 4.65 -25.74 23.93
N ARG C 268 4.99 -24.47 24.16
CA ARG C 268 5.52 -23.96 25.41
C ARG C 268 6.81 -24.69 25.82
N ASP C 269 7.78 -24.68 24.91
CA ASP C 269 9.14 -25.20 25.10
C ASP C 269 9.13 -26.72 25.38
N ALA C 270 8.55 -27.46 24.44
CA ALA C 270 8.55 -28.92 24.48
C ALA C 270 8.18 -29.41 23.11
N ALA C 271 8.98 -30.30 22.54
CA ALA C 271 8.69 -30.81 21.21
C ALA C 271 7.50 -31.73 21.26
N ALA C 272 6.56 -31.55 20.34
CA ALA C 272 5.28 -32.24 20.47
C ALA C 272 4.73 -32.65 19.13
N ILE C 273 4.05 -33.78 19.11
CA ILE C 273 3.43 -34.25 17.88
C ILE C 273 2.07 -33.57 17.72
N HIS C 274 1.60 -33.50 16.48
CA HIS C 274 0.35 -32.82 16.22
C HIS C 274 -0.83 -33.67 16.66
N SER C 275 -1.94 -32.98 16.92
CA SER C 275 -3.17 -33.66 17.30
C SER C 275 -3.73 -34.47 16.16
N GLN C 276 -3.74 -33.90 14.96
CA GLN C 276 -4.24 -34.64 13.82
C GLN C 276 -3.30 -35.75 13.41
N LYS C 277 -2.04 -35.70 13.84
CA LYS C 277 -1.12 -36.80 13.56
C LYS C 277 -1.54 -38.04 14.33
N ILE C 278 -1.73 -37.91 15.64
CA ILE C 278 -2.22 -39.01 16.45
C ILE C 278 -3.63 -39.41 16.03
N GLY C 279 -4.40 -38.44 15.55
CA GLY C 279 -5.71 -38.76 15.02
C GLY C 279 -5.65 -39.62 13.78
N ASN C 280 -4.63 -39.41 12.95
CA ASN C 280 -4.43 -40.32 11.83
C ASN C 280 -3.87 -41.65 12.31
N ALA C 281 -3.16 -41.63 13.41
CA ALA C 281 -2.54 -42.86 13.88
C ALA C 281 -3.57 -43.80 14.47
N LEU C 282 -4.52 -43.28 15.23
CA LEU C 282 -5.45 -44.14 15.95
C LEU C 282 -6.40 -44.83 14.99
N ARG C 283 -6.84 -44.14 13.95
CA ARG C 283 -7.83 -44.71 13.05
C ARG C 283 -7.19 -45.50 11.92
N THR C 284 -5.98 -46.02 12.12
CA THR C 284 -5.29 -46.84 11.13
C THR C 284 -5.84 -48.26 11.20
N ILE C 285 -7.11 -48.41 10.83
CA ILE C 285 -7.86 -49.63 11.10
C ILE C 285 -8.41 -50.27 9.85
N ASP C 286 -8.37 -49.61 8.71
CA ASP C 286 -9.02 -50.12 7.52
C ASP C 286 -8.17 -51.23 6.92
N THR C 287 -8.68 -52.46 6.98
CA THR C 287 -8.11 -53.57 6.24
C THR C 287 -9.04 -54.07 5.17
N TRP C 288 -10.16 -53.39 4.95
CA TRP C 288 -11.15 -53.84 3.99
C TRP C 288 -11.01 -53.06 2.67
N TYR C 289 -9.92 -53.35 1.98
CA TYR C 289 -9.64 -52.76 0.68
C TYR C 289 -10.47 -53.43 -0.39
N PRO C 290 -10.44 -52.92 -1.61
CA PRO C 290 -10.87 -53.73 -2.75
C PRO C 290 -10.10 -55.04 -2.90
N ASP C 291 -8.79 -54.96 -3.10
CA ASP C 291 -8.04 -56.16 -3.44
C ASP C 291 -6.74 -56.34 -2.68
N GLU C 292 -6.14 -55.29 -2.14
CA GLU C 292 -4.75 -55.33 -1.67
C GLU C 292 -4.66 -55.59 -0.18
N ASP C 293 -5.53 -56.46 0.33
CA ASP C 293 -5.76 -56.61 1.76
C ASP C 293 -4.54 -57.14 2.52
N GLY C 294 -3.63 -57.85 1.84
CA GLY C 294 -2.51 -58.47 2.52
C GLY C 294 -1.43 -57.51 2.96
N LEU C 295 -1.40 -56.30 2.41
CA LEU C 295 -0.34 -55.34 2.71
C LEU C 295 -0.74 -54.40 3.84
N GLY C 296 -1.22 -54.95 4.95
CA GLY C 296 -1.43 -54.20 6.16
C GLY C 296 -2.60 -53.23 6.13
N PRO C 297 -2.87 -52.61 7.27
CA PRO C 297 -3.95 -51.63 7.36
C PRO C 297 -3.47 -50.21 7.10
N ILE C 298 -4.42 -49.33 6.78
CA ILE C 298 -4.15 -47.92 6.61
C ILE C 298 -5.15 -47.11 7.42
N ALA C 299 -4.96 -45.80 7.39
CA ALA C 299 -5.91 -44.87 7.96
C ALA C 299 -7.20 -44.89 7.15
N VAL C 300 -8.28 -44.45 7.77
CA VAL C 300 -9.59 -44.49 7.16
C VAL C 300 -9.94 -43.10 6.63
N GLU C 301 -10.30 -43.04 5.36
CA GLU C 301 -10.66 -41.80 4.70
C GLU C 301 -11.65 -42.14 3.60
N PRO C 302 -12.45 -41.18 3.17
CA PRO C 302 -13.22 -41.40 1.95
C PRO C 302 -12.27 -41.34 0.78
N TYR C 303 -12.48 -42.24 -0.19
CA TYR C 303 -11.51 -42.56 -1.25
C TYR C 303 -10.16 -42.88 -0.63
N GLY C 304 -10.12 -44.02 0.07
CA GLY C 304 -9.09 -44.29 1.07
C GLY C 304 -7.66 -44.24 0.58
N SER C 305 -7.00 -43.14 0.90
CA SER C 305 -5.76 -42.78 0.25
C SER C 305 -4.70 -42.46 1.28
N VAL C 306 -3.47 -42.83 0.99
CA VAL C 306 -2.34 -42.61 1.86
C VAL C 306 -1.43 -41.59 1.22
N THR C 307 -0.84 -40.73 2.03
CA THR C 307 0.13 -39.78 1.50
C THR C 307 1.53 -40.35 1.41
N SER C 308 1.81 -41.46 2.08
CA SER C 308 3.12 -42.09 1.94
C SER C 308 3.25 -42.75 0.58
N GLN C 309 2.40 -43.73 0.31
CA GLN C 309 2.47 -44.41 -0.97
C GLN C 309 1.90 -43.58 -2.11
N GLY C 310 1.08 -42.57 -1.80
CA GLY C 310 0.55 -41.68 -2.80
C GLY C 310 -0.60 -42.23 -3.62
N LYS C 311 -0.82 -43.53 -3.63
CA LYS C 311 -1.87 -44.10 -4.45
C LYS C 311 -3.22 -43.88 -3.76
N ALA C 312 -4.31 -44.17 -4.46
CA ALA C 312 -5.65 -43.99 -3.93
C ALA C 312 -6.36 -45.34 -3.98
N TYR C 313 -6.32 -46.07 -2.87
CA TYR C 313 -7.20 -47.22 -2.73
C TYR C 313 -8.64 -46.73 -2.54
N ARG C 314 -9.58 -47.67 -2.67
CA ARG C 314 -11.00 -47.37 -2.81
C ARG C 314 -11.21 -46.35 -3.92
N GLN C 315 -10.85 -46.76 -5.12
CA GLN C 315 -11.01 -45.88 -6.26
C GLN C 315 -12.49 -45.73 -6.58
N PRO C 316 -12.95 -44.51 -6.86
CA PRO C 316 -14.38 -44.31 -7.10
C PRO C 316 -14.91 -44.92 -8.38
N LYS C 317 -14.05 -45.36 -9.29
CA LYS C 317 -14.53 -46.17 -10.40
C LYS C 317 -14.99 -47.54 -9.91
N GLN C 318 -14.35 -48.06 -8.87
CA GLN C 318 -14.94 -49.14 -8.12
C GLN C 318 -16.02 -48.58 -7.20
N LYS C 319 -16.96 -49.44 -6.82
CA LYS C 319 -18.07 -49.03 -5.98
C LYS C 319 -17.81 -49.30 -4.51
N LEU C 320 -16.56 -49.19 -4.06
CA LEU C 320 -16.20 -49.47 -2.68
C LEU C 320 -15.56 -48.26 -2.03
N ASP C 321 -15.99 -47.08 -2.40
CA ASP C 321 -15.58 -45.85 -1.75
C ASP C 321 -16.50 -45.55 -0.58
N PHE C 322 -16.47 -44.33 -0.07
CA PHE C 322 -17.35 -44.01 1.04
C PHE C 322 -18.68 -43.45 0.56
N TYR C 323 -18.65 -42.47 -0.34
CA TYR C 323 -19.87 -41.74 -0.69
C TYR C 323 -20.83 -42.62 -1.47
N THR C 324 -20.32 -43.44 -2.38
CA THR C 324 -21.19 -44.35 -3.11
C THR C 324 -21.77 -45.41 -2.20
N LEU C 325 -21.00 -45.83 -1.19
CA LEU C 325 -21.51 -46.74 -0.18
C LEU C 325 -22.64 -46.12 0.61
N LEU C 326 -22.47 -44.88 1.03
CA LEU C 326 -23.49 -44.24 1.85
C LEU C 326 -24.75 -43.96 1.05
N ASP C 327 -24.60 -43.55 -0.21
CA ASP C 327 -25.75 -43.31 -1.06
C ASP C 327 -26.46 -44.60 -1.44
N ASN C 328 -25.73 -45.71 -1.53
CA ASN C 328 -26.40 -46.97 -1.74
C ASN C 328 -27.02 -47.50 -0.46
N TRP C 329 -26.56 -47.04 0.70
CA TRP C 329 -27.09 -47.58 1.93
C TRP C 329 -28.31 -46.84 2.42
N VAL C 330 -28.32 -45.50 2.35
CA VAL C 330 -29.41 -44.75 2.99
C VAL C 330 -30.40 -44.17 2.00
N LEU C 331 -30.14 -44.27 0.70
CA LEU C 331 -31.07 -43.75 -0.30
C LEU C 331 -31.67 -44.83 -1.16
N ARG C 332 -30.85 -45.68 -1.75
CA ARG C 332 -31.37 -46.88 -2.39
C ARG C 332 -31.65 -47.99 -1.39
N ASP C 333 -31.27 -47.79 -0.13
CA ASP C 333 -31.79 -48.51 1.02
C ASP C 333 -31.45 -49.98 1.01
N GLU C 334 -30.33 -50.33 0.40
CA GLU C 334 -29.82 -51.70 0.43
C GLU C 334 -28.50 -51.71 1.19
N ALA C 335 -28.32 -52.71 2.02
CA ALA C 335 -27.18 -52.74 2.91
C ALA C 335 -25.95 -53.26 2.18
N PRO C 336 -24.78 -52.75 2.53
CA PRO C 336 -23.55 -53.32 2.01
C PRO C 336 -23.17 -54.60 2.74
N ALA C 337 -22.01 -55.16 2.41
CA ALA C 337 -21.48 -56.25 3.20
C ALA C 337 -21.10 -55.76 4.59
N VAL C 338 -21.00 -56.70 5.52
CA VAL C 338 -20.91 -56.36 6.94
C VAL C 338 -19.57 -55.70 7.26
N GLU C 339 -18.53 -56.04 6.52
CA GLU C 339 -17.23 -55.47 6.81
C GLU C 339 -17.13 -54.02 6.33
N GLN C 340 -17.81 -53.66 5.24
CA GLN C 340 -17.74 -52.29 4.75
C GLN C 340 -18.55 -51.34 5.63
N GLN C 341 -19.55 -51.88 6.33
CA GLN C 341 -20.30 -51.06 7.26
C GLN C 341 -19.43 -50.59 8.40
N HIS C 342 -18.44 -51.41 8.79
CA HIS C 342 -17.46 -50.96 9.76
C HIS C 342 -16.67 -49.78 9.22
N TYR C 343 -16.36 -49.80 7.92
CA TYR C 343 -15.62 -48.71 7.33
C TYR C 343 -16.43 -47.43 7.31
N VAL C 344 -17.72 -47.54 6.98
CA VAL C 344 -18.52 -46.32 6.88
C VAL C 344 -18.83 -45.75 8.26
N ILE C 345 -18.95 -46.62 9.28
CA ILE C 345 -19.18 -46.10 10.61
C ILE C 345 -17.90 -45.51 11.20
N ALA C 346 -16.75 -46.10 10.88
CA ALA C 346 -15.49 -45.50 11.32
C ALA C 346 -15.25 -44.16 10.64
N ASN C 347 -15.71 -44.04 9.39
CA ASN C 347 -15.57 -42.76 8.72
C ASN C 347 -16.51 -41.73 9.30
N LEU C 348 -17.71 -42.16 9.72
CA LEU C 348 -18.59 -41.24 10.44
C LEU C 348 -18.00 -40.85 11.77
N ILE C 349 -17.20 -41.73 12.37
CA ILE C 349 -16.56 -41.41 13.63
C ILE C 349 -15.47 -40.36 13.43
N ARG C 350 -14.72 -40.45 12.33
CA ARG C 350 -13.66 -39.46 12.12
C ARG C 350 -14.21 -38.08 11.77
N GLY C 351 -15.45 -37.99 11.31
CA GLY C 351 -16.02 -36.71 10.95
C GLY C 351 -15.76 -36.36 9.51
N GLY C 352 -16.03 -35.11 9.18
CA GLY C 352 -15.66 -34.62 7.86
C GLY C 352 -16.75 -33.97 7.05
N VAL C 353 -16.39 -32.93 6.31
CA VAL C 353 -17.29 -32.18 5.45
C VAL C 353 -17.83 -33.06 4.35
N PHE C 354 -19.10 -33.41 4.40
CA PHE C 354 -19.68 -34.25 3.36
C PHE C 354 -20.72 -33.45 2.59
N GLY C 355 -21.43 -34.11 1.70
CA GLY C 355 -22.44 -33.43 0.90
C GLY C 355 -21.87 -32.50 -0.16
N GLU C 356 -22.73 -31.92 -0.98
CA GLU C 356 -22.27 -31.07 -2.08
C GLU C 356 -21.72 -29.73 -1.59
N ILE D 23 -57.15 5.27 8.16
CA ILE D 23 -57.20 4.22 9.17
C ILE D 23 -55.79 4.01 9.72
N LEU D 24 -55.71 3.37 10.88
CA LEU D 24 -54.41 3.10 11.47
C LEU D 24 -53.71 1.99 10.70
N SER D 25 -52.49 2.26 10.28
CA SER D 25 -51.62 1.27 9.65
C SER D 25 -50.28 1.30 10.36
N THR D 26 -49.39 0.40 9.96
CA THR D 26 -48.15 0.21 10.68
C THR D 26 -47.17 1.33 10.37
N ALA D 27 -46.13 1.42 11.18
CA ALA D 27 -45.15 2.47 11.01
C ALA D 27 -44.19 2.12 9.89
N SER D 28 -43.37 3.09 9.52
CA SER D 28 -42.33 2.87 8.54
C SER D 28 -40.94 2.81 9.15
N VAL D 29 -40.76 3.40 10.32
CA VAL D 29 -39.53 3.25 11.09
C VAL D 29 -39.90 2.61 12.41
N LEU D 30 -39.30 1.47 12.71
CA LEU D 30 -39.44 0.86 14.02
C LEU D 30 -38.12 0.26 14.42
N ALA D 31 -37.70 0.51 15.65
CA ALA D 31 -36.43 -0.02 16.11
C ALA D 31 -36.48 -0.13 17.61
N PHE D 32 -36.06 -1.27 18.13
CA PHE D 32 -36.07 -1.53 19.55
C PHE D 32 -34.67 -1.92 19.98
N GLU D 33 -34.14 -1.25 20.99
CA GLU D 33 -32.85 -1.63 21.52
C GLU D 33 -32.94 -2.98 22.19
N ARG D 34 -31.83 -3.69 22.20
CA ARG D 34 -31.82 -5.00 22.83
C ARG D 34 -31.87 -4.86 24.34
N LYS D 35 -32.44 -5.86 24.96
CA LYS D 35 -32.23 -6.10 26.37
C LYS D 35 -31.47 -7.41 26.47
N LEU D 36 -31.13 -7.80 27.70
CA LEU D 36 -30.20 -8.89 27.97
C LEU D 36 -28.87 -8.65 27.26
N ASP D 37 -28.13 -7.68 27.77
CA ASP D 37 -26.88 -7.30 27.14
C ASP D 37 -25.77 -8.26 27.58
N PRO D 38 -25.16 -9.00 26.66
CA PRO D 38 -24.06 -9.88 27.07
C PRO D 38 -22.71 -9.25 26.84
N SER D 39 -21.74 -9.62 27.65
CA SER D 39 -20.36 -9.21 27.42
C SER D 39 -19.73 -10.13 26.38
N ASP D 40 -18.42 -10.08 26.28
CA ASP D 40 -17.68 -11.10 25.56
C ASP D 40 -17.24 -12.17 26.53
N ALA D 41 -17.43 -13.43 26.16
CA ALA D 41 -17.08 -14.53 27.04
C ALA D 41 -15.57 -14.72 27.05
N LEU D 42 -14.92 -14.33 28.14
CA LEU D 42 -13.50 -14.61 28.31
C LEU D 42 -13.27 -16.05 28.71
N MET D 43 -12.12 -16.59 28.35
CA MET D 43 -11.76 -17.97 28.64
C MET D 43 -10.53 -18.03 29.52
N SER D 44 -10.42 -19.13 30.27
CA SER D 44 -9.28 -19.36 31.14
C SER D 44 -9.17 -20.86 31.34
N ALA D 45 -8.11 -21.30 32.01
CA ALA D 45 -7.97 -22.72 32.28
C ALA D 45 -7.29 -22.93 33.62
N GLY D 46 -7.66 -24.03 34.26
CA GLY D 46 -7.07 -24.39 35.54
C GLY D 46 -7.53 -25.77 35.96
N ALA D 47 -7.12 -26.17 37.15
CA ALA D 47 -7.46 -27.49 37.67
C ALA D 47 -8.85 -27.46 38.27
N TRP D 48 -9.23 -28.50 39.00
CA TRP D 48 -10.32 -28.36 39.94
C TRP D 48 -9.75 -27.73 41.22
N ALA D 49 -10.54 -27.73 42.29
CA ALA D 49 -10.42 -26.76 43.38
C ALA D 49 -10.34 -25.35 42.79
N GLN D 50 -11.47 -24.97 42.19
CA GLN D 50 -11.65 -23.76 41.43
C GLN D 50 -12.12 -22.59 42.28
N ARG D 51 -12.20 -22.75 43.60
CA ARG D 51 -12.85 -21.76 44.44
C ARG D 51 -12.06 -20.46 44.53
N ASP D 52 -10.78 -20.47 44.23
CA ASP D 52 -9.98 -19.25 44.25
C ASP D 52 -9.40 -18.99 42.88
N ALA D 53 -10.24 -19.09 41.85
CA ALA D 53 -9.83 -18.91 40.48
C ALA D 53 -9.96 -17.48 40.01
N SER D 54 -9.90 -16.50 40.92
CA SER D 54 -10.25 -15.15 40.53
C SER D 54 -9.14 -14.51 39.71
N GLN D 55 -7.88 -14.75 40.06
CA GLN D 55 -6.82 -14.05 39.35
C GLN D 55 -5.70 -14.94 38.85
N GLU D 56 -5.46 -16.06 39.53
CA GLU D 56 -4.29 -16.86 39.16
C GLU D 56 -4.48 -17.62 37.87
N TRP D 57 -5.70 -17.76 37.37
CA TRP D 57 -5.92 -18.64 36.27
C TRP D 57 -5.54 -17.93 34.98
N PRO D 58 -4.57 -18.42 34.24
CA PRO D 58 -4.10 -17.71 33.06
C PRO D 58 -5.07 -17.88 31.91
N ALA D 59 -4.80 -17.16 30.84
CA ALA D 59 -5.68 -17.22 29.69
C ALA D 59 -5.32 -18.39 28.80
N VAL D 60 -6.19 -18.63 27.82
CA VAL D 60 -6.00 -19.71 26.86
C VAL D 60 -5.50 -19.05 25.60
N THR D 61 -4.18 -18.99 25.44
CA THR D 61 -3.60 -18.25 24.32
C THR D 61 -3.80 -19.00 23.02
N VAL D 62 -4.23 -18.28 21.99
CA VAL D 62 -4.44 -18.88 20.70
C VAL D 62 -3.09 -19.14 20.04
N ARG D 63 -2.84 -20.37 19.63
CA ARG D 63 -1.60 -20.74 18.97
C ARG D 63 -1.88 -21.18 17.54
N GLU D 64 -0.83 -21.19 16.76
CA GLU D 64 -0.90 -21.65 15.38
C GLU D 64 -0.32 -23.04 15.27
N LYS D 65 -0.70 -23.74 14.22
CA LYS D 65 -0.10 -25.03 13.93
C LYS D 65 -0.07 -25.19 12.43
N SER D 66 0.08 -26.41 11.96
CA SER D 66 0.23 -26.62 10.53
C SER D 66 -0.35 -27.98 10.16
N VAL D 67 -1.45 -27.98 9.45
CA VAL D 67 -2.06 -29.22 9.04
C VAL D 67 -1.73 -29.49 7.60
N ARG D 68 -1.96 -30.72 7.16
CA ARG D 68 -1.68 -31.11 5.78
C ARG D 68 -2.78 -32.06 5.34
N GLY D 69 -3.80 -31.51 4.71
CA GLY D 69 -5.03 -32.21 4.49
C GLY D 69 -4.94 -33.24 3.39
N THR D 70 -6.11 -33.75 3.02
CA THR D 70 -6.25 -34.64 1.89
C THR D 70 -7.62 -34.33 1.31
N ILE D 71 -7.80 -34.64 0.03
CA ILE D 71 -9.05 -34.34 -0.66
C ILE D 71 -10.16 -35.23 -0.09
N SER D 72 -11.07 -34.62 0.65
CA SER D 72 -12.05 -35.34 1.43
C SER D 72 -13.49 -35.01 1.08
N ASN D 73 -13.73 -34.06 0.17
CA ASN D 73 -15.08 -33.65 -0.14
C ASN D 73 -15.73 -34.65 -1.08
N ARG D 74 -16.86 -34.29 -1.65
CA ARG D 74 -17.49 -35.12 -2.66
C ARG D 74 -17.00 -34.69 -4.04
N LEU D 75 -16.81 -35.66 -4.91
CA LEU D 75 -16.45 -35.39 -6.29
C LEU D 75 -17.66 -35.53 -7.19
N LYS D 76 -17.64 -34.83 -8.32
CA LYS D 76 -18.77 -34.79 -9.22
C LYS D 76 -18.74 -36.03 -10.13
N THR D 77 -19.61 -36.03 -11.14
CA THR D 77 -19.56 -37.07 -12.16
C THR D 77 -18.29 -36.94 -13.00
N LYS D 78 -17.88 -35.71 -13.28
CA LYS D 78 -16.57 -35.44 -13.82
C LYS D 78 -15.52 -35.67 -12.71
N ASP D 79 -14.25 -35.77 -13.12
CA ASP D 79 -13.10 -36.01 -12.24
C ASP D 79 -13.21 -37.35 -11.50
N ARG D 80 -13.86 -38.33 -12.12
CA ARG D 80 -13.81 -39.71 -11.65
C ARG D 80 -12.69 -40.47 -12.36
N ASP D 81 -11.50 -39.90 -12.34
CA ASP D 81 -10.35 -40.52 -12.96
C ASP D 81 -9.34 -40.87 -11.89
N PRO D 82 -8.82 -42.10 -11.89
CA PRO D 82 -7.81 -42.46 -10.87
C PRO D 82 -6.52 -41.70 -11.03
N ALA D 83 -6.12 -41.40 -12.27
CA ALA D 83 -4.90 -40.64 -12.50
C ALA D 83 -5.05 -39.21 -12.04
N LYS D 84 -6.22 -38.61 -12.28
CA LYS D 84 -6.47 -37.26 -11.78
C LYS D 84 -6.55 -37.25 -10.26
N LEU D 85 -7.07 -38.32 -9.66
CA LEU D 85 -7.12 -38.38 -8.21
C LEU D 85 -5.73 -38.52 -7.61
N ASP D 86 -4.87 -39.31 -8.26
CA ASP D 86 -3.48 -39.43 -7.82
C ASP D 86 -2.74 -38.12 -8.00
N ALA D 87 -3.07 -37.37 -9.05
CA ALA D 87 -2.47 -36.06 -9.26
C ALA D 87 -2.90 -35.09 -8.19
N SER D 88 -4.15 -35.17 -7.75
CA SER D 88 -4.61 -34.31 -6.67
C SER D 88 -3.99 -34.71 -5.35
N ILE D 89 -3.76 -36.01 -5.15
CA ILE D 89 -3.25 -36.48 -3.87
C ILE D 89 -1.77 -36.16 -3.72
N GLN D 90 -0.98 -36.39 -4.78
CA GLN D 90 0.46 -36.17 -4.72
C GLN D 90 0.83 -34.70 -4.56
N SER D 91 -0.06 -33.79 -4.93
CA SER D 91 0.09 -32.39 -4.59
C SER D 91 -0.88 -32.07 -3.47
N PRO D 92 -0.47 -32.25 -2.21
CA PRO D 92 -1.43 -32.18 -1.11
C PRO D 92 -1.75 -30.76 -0.74
N ASN D 93 -2.82 -30.61 0.02
CA ASN D 93 -3.22 -29.32 0.54
C ASN D 93 -2.50 -29.03 1.84
N LEU D 94 -1.98 -27.81 1.97
CA LEU D 94 -1.23 -27.42 3.15
C LEU D 94 -1.81 -26.12 3.68
N GLN D 95 -2.21 -26.12 4.95
CA GLN D 95 -2.85 -24.96 5.53
C GLN D 95 -2.16 -24.60 6.83
N THR D 96 -2.56 -23.48 7.41
CA THR D 96 -2.02 -23.02 8.67
C THR D 96 -3.20 -22.59 9.52
N VAL D 97 -3.80 -23.54 10.22
CA VAL D 97 -4.96 -23.26 11.04
C VAL D 97 -4.49 -22.71 12.36
N ASP D 98 -5.41 -22.16 13.13
CA ASP D 98 -5.14 -21.81 14.51
C ASP D 98 -5.92 -22.72 15.42
N VAL D 99 -5.46 -22.86 16.66
CA VAL D 99 -6.09 -23.75 17.61
C VAL D 99 -5.78 -23.23 18.99
N ALA D 100 -6.63 -23.59 19.95
CA ALA D 100 -6.46 -23.18 21.34
C ALA D 100 -6.67 -24.39 22.22
N ASN D 101 -5.67 -24.74 23.00
CA ASN D 101 -5.76 -25.88 23.90
C ASN D 101 -5.56 -25.39 25.32
N LEU D 102 -6.00 -26.20 26.26
CA LEU D 102 -5.69 -25.93 27.66
C LEU D 102 -4.22 -26.23 27.89
N PRO D 103 -3.64 -25.71 28.98
CA PRO D 103 -2.33 -26.18 29.39
C PRO D 103 -2.39 -27.65 29.75
N SER D 104 -1.26 -28.33 29.57
CA SER D 104 -1.22 -29.78 29.75
C SER D 104 -1.10 -30.21 31.20
N ASP D 105 -1.35 -29.32 32.16
CA ASP D 105 -1.47 -29.70 33.56
C ASP D 105 -2.76 -29.17 34.16
N ALA D 106 -3.76 -28.90 33.33
CA ALA D 106 -5.05 -28.41 33.78
C ALA D 106 -6.14 -29.12 32.98
N ASP D 107 -7.34 -29.12 33.53
CA ASP D 107 -8.40 -29.87 32.89
C ASP D 107 -9.73 -29.14 32.81
N THR D 108 -9.83 -27.93 33.36
CA THR D 108 -11.10 -27.21 33.46
C THR D 108 -11.00 -25.89 32.74
N LEU D 109 -11.92 -25.66 31.82
CA LEU D 109 -12.07 -24.41 31.09
C LEU D 109 -13.06 -23.52 31.82
N LYS D 110 -12.68 -22.28 32.06
CA LYS D 110 -13.52 -21.34 32.80
C LYS D 110 -13.94 -20.23 31.85
N VAL D 111 -15.25 -20.05 31.66
CA VAL D 111 -15.77 -19.05 30.74
C VAL D 111 -16.54 -18.04 31.57
N ARG D 112 -16.16 -16.77 31.47
CA ARG D 112 -16.70 -15.73 32.34
C ARG D 112 -17.22 -14.58 31.51
N PHE D 113 -18.44 -14.13 31.78
CA PHE D 113 -18.98 -12.96 31.10
C PHE D 113 -20.02 -12.32 32.00
N THR D 114 -20.23 -11.02 31.85
CA THR D 114 -21.18 -10.29 32.68
C THR D 114 -22.39 -9.91 31.85
N LEU D 115 -23.57 -10.22 32.36
CA LEU D 115 -24.83 -9.91 31.71
C LEU D 115 -25.50 -8.74 32.41
N ARG D 116 -26.10 -7.86 31.61
CA ARG D 116 -26.85 -6.71 32.10
C ARG D 116 -28.20 -6.73 31.42
N VAL D 117 -29.27 -6.65 32.20
CA VAL D 117 -30.62 -6.58 31.66
C VAL D 117 -31.12 -5.16 31.91
N LEU D 118 -31.71 -4.56 30.87
CA LEU D 118 -31.99 -3.13 30.93
C LEU D 118 -33.40 -2.83 31.45
N GLY D 119 -34.40 -3.30 30.74
CA GLY D 119 -35.76 -3.04 31.17
C GLY D 119 -36.44 -1.99 30.32
N GLY D 120 -37.76 -1.94 30.44
CA GLY D 120 -38.54 -1.13 29.54
C GLY D 120 -38.52 -1.77 28.18
N ALA D 121 -39.16 -2.93 28.07
CA ALA D 121 -39.00 -3.76 26.89
C ALA D 121 -39.95 -3.42 25.78
N GLY D 122 -40.88 -2.51 25.98
CA GLY D 122 -41.86 -2.23 24.96
C GLY D 122 -41.60 -0.95 24.19
N THR D 123 -41.05 0.04 24.87
CA THR D 123 -40.89 1.37 24.29
C THR D 123 -39.84 1.37 23.20
N PRO D 124 -40.17 1.71 21.97
CA PRO D 124 -39.17 1.71 20.91
C PRO D 124 -38.17 2.85 21.01
N SER D 125 -37.29 2.94 20.02
CA SER D 125 -36.33 4.01 19.98
C SER D 125 -36.44 4.85 18.74
N ALA D 126 -37.32 4.49 17.81
CA ALA D 126 -37.54 5.28 16.59
C ALA D 126 -38.88 4.87 16.02
N CYS D 127 -39.84 5.78 15.98
CA CYS D 127 -41.14 5.47 15.40
C CYS D 127 -41.72 6.69 14.73
N ASN D 128 -42.45 6.48 13.65
CA ASN D 128 -43.03 7.61 12.93
C ASN D 128 -44.37 8.03 13.54
N ASP D 129 -45.37 7.16 13.44
CA ASP D 129 -46.72 7.53 13.82
C ASP D 129 -46.88 7.44 15.32
N ALA D 130 -47.23 8.56 15.96
CA ALA D 130 -47.37 8.55 17.41
C ALA D 130 -48.59 7.78 17.86
N ALA D 131 -49.63 7.65 17.02
CA ALA D 131 -50.78 6.84 17.41
C ALA D 131 -50.42 5.37 17.42
N TYR D 132 -49.57 4.94 16.49
CA TYR D 132 -49.10 3.57 16.49
C TYR D 132 -48.22 3.28 17.69
N ARG D 133 -47.38 4.24 18.08
CA ARG D 133 -46.57 4.09 19.27
C ARG D 133 -47.43 4.01 20.51
N ASP D 134 -48.51 4.79 20.56
CA ASP D 134 -49.38 4.71 21.71
C ASP D 134 -50.17 3.41 21.73
N LYS D 135 -50.53 2.88 20.56
CA LYS D 135 -51.19 1.59 20.51
C LYS D 135 -50.26 0.48 20.98
N LEU D 136 -48.99 0.57 20.60
CA LEU D 136 -48.02 -0.44 21.04
C LEU D 136 -47.75 -0.35 22.53
N LEU D 137 -47.61 0.85 23.06
CA LEU D 137 -47.39 1.00 24.50
C LEU D 137 -48.64 0.81 25.31
N GLN D 138 -49.81 0.75 24.68
CA GLN D 138 -50.97 0.25 25.38
C GLN D 138 -50.98 -1.27 25.39
N THR D 139 -50.62 -1.88 24.26
CA THR D 139 -50.72 -3.33 24.14
C THR D 139 -49.68 -4.06 25.00
N VAL D 140 -48.43 -3.62 24.96
CA VAL D 140 -47.40 -4.22 25.80
C VAL D 140 -47.69 -3.99 27.27
N ALA D 141 -48.29 -2.85 27.62
CA ALA D 141 -48.67 -2.64 29.01
C ALA D 141 -49.82 -3.55 29.42
N THR D 142 -50.75 -3.85 28.51
CA THR D 142 -51.80 -4.82 28.85
C THR D 142 -51.21 -6.20 29.04
N TYR D 143 -50.19 -6.54 28.25
CA TYR D 143 -49.51 -7.82 28.43
C TYR D 143 -48.82 -7.88 29.79
N VAL D 144 -48.09 -6.83 30.14
CA VAL D 144 -47.28 -6.83 31.35
C VAL D 144 -48.17 -6.80 32.58
N ASN D 145 -49.21 -5.97 32.58
CA ASN D 145 -50.13 -5.95 33.71
C ASN D 145 -51.00 -7.19 33.75
N ASP D 146 -51.22 -7.84 32.62
CA ASP D 146 -51.94 -9.11 32.61
C ASP D 146 -51.12 -10.22 33.26
N GLN D 147 -49.96 -10.50 32.70
CA GLN D 147 -49.04 -11.50 33.23
C GLN D 147 -47.64 -10.94 33.21
N GLY D 148 -46.84 -11.32 34.20
CA GLY D 148 -45.55 -10.68 34.37
C GLY D 148 -44.55 -11.13 33.33
N PHE D 149 -43.31 -10.76 33.58
CA PHE D 149 -42.21 -11.36 32.84
C PHE D 149 -41.78 -12.69 33.42
N ALA D 150 -42.51 -13.23 34.39
CA ALA D 150 -42.12 -14.45 35.07
C ALA D 150 -42.20 -15.69 34.19
N GLU D 151 -42.77 -15.60 33.00
CA GLU D 151 -42.67 -16.74 32.09
C GLU D 151 -41.37 -16.67 31.31
N LEU D 152 -41.04 -15.52 30.75
CA LEU D 152 -39.81 -15.44 29.97
C LEU D 152 -38.58 -15.41 30.87
N ALA D 153 -38.71 -14.94 32.10
CA ALA D 153 -37.55 -14.90 32.98
C ALA D 153 -37.14 -16.29 33.43
N ARG D 154 -38.11 -17.20 33.57
CA ARG D 154 -37.76 -18.58 33.87
C ARG D 154 -37.04 -19.23 32.70
N ARG D 155 -37.50 -18.97 31.48
CA ARG D 155 -36.85 -19.57 30.33
C ARG D 155 -35.49 -18.94 30.04
N TYR D 156 -35.24 -17.71 30.48
CA TYR D 156 -33.87 -17.21 30.40
C TYR D 156 -33.02 -17.74 31.54
N ALA D 157 -33.62 -17.99 32.70
CA ALA D 157 -32.86 -18.49 33.82
C ALA D 157 -32.44 -19.94 33.60
N HIS D 158 -33.18 -20.69 32.78
CA HIS D 158 -32.68 -22.00 32.37
C HIS D 158 -31.42 -21.88 31.53
N ASN D 159 -31.47 -21.08 30.47
CA ASN D 159 -30.31 -20.99 29.59
C ASN D 159 -29.15 -20.25 30.22
N LEU D 160 -29.37 -19.54 31.31
CA LEU D 160 -28.26 -19.11 32.13
C LEU D 160 -27.87 -20.14 33.17
N ALA D 161 -28.76 -21.07 33.49
CA ALA D 161 -28.50 -22.01 34.57
C ALA D 161 -27.64 -23.16 34.09
N ASN D 162 -28.14 -23.97 33.18
CA ASN D 162 -27.25 -24.91 32.53
C ASN D 162 -26.39 -24.15 31.55
N ALA D 163 -25.20 -24.64 31.31
CA ALA D 163 -24.28 -23.91 30.46
C ALA D 163 -24.65 -24.18 29.00
N ARG D 164 -25.74 -23.55 28.58
CA ARG D 164 -26.07 -23.56 27.16
C ARG D 164 -25.06 -22.74 26.39
N PHE D 165 -24.56 -21.66 26.99
CA PHE D 165 -23.72 -20.73 26.27
C PHE D 165 -22.33 -21.26 25.99
N LEU D 166 -21.85 -22.24 26.76
CA LEU D 166 -20.77 -23.05 26.25
C LEU D 166 -21.33 -23.78 25.05
N TRP D 167 -20.97 -23.37 23.85
CA TRP D 167 -21.68 -23.89 22.70
C TRP D 167 -21.24 -25.31 22.37
N ARG D 168 -19.97 -25.47 22.03
CA ARG D 168 -19.44 -26.78 21.75
C ARG D 168 -18.52 -27.28 22.85
N ASN D 169 -18.05 -26.40 23.73
CA ASN D 169 -17.23 -26.88 24.84
C ASN D 169 -18.04 -27.62 25.88
N ARG D 170 -19.37 -27.60 25.80
CA ARG D 170 -20.18 -28.31 26.75
C ARG D 170 -20.20 -29.80 26.46
N VAL D 171 -20.38 -30.18 25.20
CA VAL D 171 -20.69 -31.56 24.85
C VAL D 171 -19.50 -32.46 25.12
N GLY D 172 -19.72 -33.49 25.92
CA GLY D 172 -18.62 -34.29 26.40
C GLY D 172 -17.85 -33.60 27.50
N ALA D 173 -18.49 -33.38 28.63
CA ALA D 173 -17.77 -32.87 29.79
C ALA D 173 -18.09 -33.75 30.99
N GLU D 174 -17.68 -33.33 32.17
CA GLU D 174 -17.98 -34.13 33.36
C GLU D 174 -18.86 -33.39 34.36
N ALA D 175 -18.46 -32.20 34.78
CA ALA D 175 -19.19 -31.48 35.83
C ALA D 175 -19.08 -30.00 35.53
N VAL D 176 -20.11 -29.44 34.92
CA VAL D 176 -20.09 -28.07 34.43
C VAL D 176 -20.73 -27.22 35.53
N GLU D 177 -19.92 -26.75 36.45
CA GLU D 177 -20.41 -25.99 37.59
C GLU D 177 -20.58 -24.54 37.19
N VAL D 178 -21.79 -24.01 37.28
CA VAL D 178 -22.07 -22.63 36.86
C VAL D 178 -22.33 -21.78 38.08
N ARG D 179 -21.47 -20.80 38.31
CA ARG D 179 -21.69 -19.82 39.36
C ARG D 179 -22.28 -18.57 38.76
N ILE D 180 -23.19 -17.93 39.48
CA ILE D 180 -23.81 -16.70 39.02
C ILE D 180 -23.82 -15.74 40.20
N ASN D 181 -23.18 -14.60 40.04
CA ASN D 181 -23.23 -13.57 41.05
C ASN D 181 -24.15 -12.46 40.58
N HIS D 182 -24.89 -11.88 41.51
CA HIS D 182 -25.63 -10.65 41.25
C HIS D 182 -25.03 -9.58 42.13
N ILE D 183 -24.63 -8.48 41.50
CA ILE D 183 -23.81 -7.44 42.13
C ILE D 183 -24.58 -6.13 42.15
N ARG D 184 -24.64 -5.51 43.32
CA ARG D 184 -25.22 -4.18 43.46
C ARG D 184 -24.16 -3.11 43.39
N GLN D 185 -22.95 -3.44 43.82
CA GLN D 185 -21.82 -2.54 43.89
C GLN D 185 -20.65 -3.35 43.36
N GLY D 186 -19.43 -2.91 43.69
CA GLY D 186 -18.28 -3.77 43.49
C GLY D 186 -18.40 -5.08 44.24
N GLU D 187 -18.91 -5.03 45.46
CA GLU D 187 -19.16 -6.25 46.22
C GLU D 187 -20.41 -6.95 45.69
N VAL D 188 -20.54 -8.22 46.04
CA VAL D 188 -21.57 -9.08 45.46
C VAL D 188 -22.78 -9.11 46.38
N ALA D 189 -23.96 -8.94 45.81
CA ALA D 189 -25.18 -8.96 46.61
C ALA D 189 -25.61 -10.38 46.92
N ARG D 190 -25.68 -11.24 45.90
CA ARG D 190 -26.20 -12.57 46.15
C ARG D 190 -25.64 -13.52 45.10
N ALA D 191 -25.22 -14.71 45.52
CA ALA D 191 -24.57 -15.67 44.65
C ALA D 191 -25.31 -16.99 44.61
N TRP D 192 -25.28 -17.65 43.46
CA TRP D 192 -25.87 -18.97 43.28
C TRP D 192 -24.91 -19.88 42.53
N ARG D 193 -25.08 -21.18 42.71
CA ARG D 193 -24.21 -22.20 42.12
C ARG D 193 -25.08 -23.34 41.65
N PHE D 194 -25.12 -23.59 40.35
CA PHE D 194 -25.92 -24.67 39.80
C PHE D 194 -25.02 -25.70 39.14
N ASP D 195 -25.57 -26.89 38.93
CA ASP D 195 -24.93 -27.93 38.15
C ASP D 195 -25.60 -28.00 36.79
N ALA D 196 -24.81 -27.86 35.74
CA ALA D 196 -25.38 -27.77 34.42
C ALA D 196 -25.78 -29.10 33.82
N LEU D 197 -25.57 -30.21 34.52
CA LEU D 197 -25.98 -31.48 33.95
C LEU D 197 -27.16 -32.11 34.66
N ALA D 198 -27.47 -31.68 35.87
CA ALA D 198 -28.76 -31.99 36.45
C ALA D 198 -29.87 -31.35 35.64
N ILE D 199 -29.74 -30.05 35.40
CA ILE D 199 -30.64 -29.36 34.49
C ILE D 199 -30.34 -29.79 33.06
N GLY D 200 -31.36 -30.24 32.35
CA GLY D 200 -31.15 -30.78 31.03
C GLY D 200 -31.00 -29.74 29.96
N LEU D 201 -31.46 -30.04 28.76
CA LEU D 201 -31.43 -29.08 27.68
C LEU D 201 -32.71 -29.03 26.87
N ARG D 202 -33.75 -29.75 27.26
CA ARG D 202 -35.02 -29.64 26.54
C ARG D 202 -36.22 -29.67 27.47
N ASP D 203 -36.02 -29.41 28.76
CA ASP D 203 -37.10 -29.52 29.74
C ASP D 203 -36.98 -28.36 30.70
N PHE D 204 -37.98 -27.48 30.72
CA PHE D 204 -37.95 -26.30 31.57
C PHE D 204 -38.67 -26.59 32.88
N LYS D 205 -37.99 -27.36 33.72
CA LYS D 205 -38.54 -27.82 34.98
C LYS D 205 -38.10 -26.92 36.12
N ALA D 206 -39.06 -26.43 36.89
CA ALA D 206 -38.79 -25.37 37.86
C ALA D 206 -38.20 -25.93 39.14
N ASP D 207 -37.10 -25.34 39.58
CA ASP D 207 -36.44 -25.69 40.82
C ASP D 207 -36.75 -24.63 41.87
N ALA D 208 -36.08 -24.71 43.01
CA ALA D 208 -36.21 -23.72 44.06
C ALA D 208 -35.19 -22.60 43.93
N GLU D 209 -34.32 -22.66 42.93
CA GLU D 209 -33.38 -21.59 42.66
C GLU D 209 -33.68 -20.84 41.37
N LEU D 210 -34.10 -21.56 40.33
CA LEU D 210 -34.44 -20.91 39.08
C LEU D 210 -35.69 -20.05 39.22
N ASP D 211 -36.59 -20.42 40.11
CA ASP D 211 -37.70 -19.52 40.39
C ASP D 211 -37.32 -18.40 41.34
N ALA D 212 -36.11 -18.43 41.88
CA ALA D 212 -35.58 -17.25 42.54
C ALA D 212 -34.75 -16.41 41.59
N LEU D 213 -34.30 -16.99 40.47
CA LEU D 213 -33.60 -16.23 39.46
C LEU D 213 -34.56 -15.55 38.51
N ALA D 214 -35.68 -16.18 38.21
CA ALA D 214 -36.71 -15.53 37.41
C ALA D 214 -37.31 -14.35 38.14
N GLU D 215 -37.34 -14.39 39.46
CA GLU D 215 -37.76 -13.25 40.26
C GLU D 215 -36.68 -12.19 40.41
N LEU D 216 -35.56 -12.33 39.72
CA LEU D 216 -34.64 -11.22 39.52
C LEU D 216 -34.61 -10.74 38.10
N ILE D 217 -34.67 -11.66 37.14
CA ILE D 217 -34.67 -11.26 35.74
C ILE D 217 -35.98 -10.57 35.38
N ALA D 218 -37.11 -11.06 35.89
CA ALA D 218 -38.37 -10.38 35.63
C ALA D 218 -38.46 -9.06 36.36
N SER D 219 -37.75 -8.91 37.49
CA SER D 219 -37.72 -7.61 38.14
C SER D 219 -36.87 -6.64 37.37
N GLY D 220 -35.78 -7.13 36.76
CA GLY D 220 -34.96 -6.27 35.94
C GLY D 220 -35.64 -5.88 34.65
N LEU D 221 -36.41 -6.79 34.08
CA LEU D 221 -37.09 -6.52 32.82
C LEU D 221 -38.31 -5.64 32.99
N SER D 222 -38.84 -5.53 34.19
CA SER D 222 -39.94 -4.62 34.45
C SER D 222 -39.45 -3.26 34.93
N GLY D 223 -38.15 -3.01 34.85
CA GLY D 223 -37.62 -1.72 35.23
C GLY D 223 -37.66 -1.43 36.69
N SER D 224 -37.77 -2.45 37.53
CA SER D 224 -37.86 -2.25 38.96
C SER D 224 -36.52 -2.04 39.62
N GLY D 225 -35.43 -2.03 38.87
CA GLY D 225 -34.11 -1.85 39.45
C GLY D 225 -33.04 -2.25 38.47
N HIS D 226 -31.82 -2.27 38.99
CA HIS D 226 -30.65 -2.61 38.20
C HIS D 226 -30.25 -4.06 38.45
N VAL D 227 -29.83 -4.75 37.38
CA VAL D 227 -29.44 -6.15 37.48
C VAL D 227 -28.11 -6.36 36.74
N LEU D 228 -27.09 -6.78 37.47
CA LEU D 228 -25.82 -7.13 36.87
C LEU D 228 -25.42 -8.51 37.36
N LEU D 229 -25.32 -9.45 36.43
CA LEU D 229 -25.07 -10.85 36.71
C LEU D 229 -23.72 -11.24 36.16
N GLU D 230 -22.74 -11.42 37.03
CA GLU D 230 -21.47 -11.97 36.63
C GLU D 230 -21.60 -13.48 36.52
N VAL D 231 -21.62 -14.01 35.31
CA VAL D 231 -21.83 -15.43 35.06
C VAL D 231 -20.49 -16.09 34.80
N VAL D 232 -20.12 -17.05 35.64
CA VAL D 232 -18.91 -17.84 35.48
C VAL D 232 -19.32 -19.29 35.29
N ALA D 233 -18.69 -20.00 34.36
CA ALA D 233 -19.04 -21.39 34.13
C ALA D 233 -17.78 -22.22 33.97
N PHE D 234 -17.59 -23.21 34.84
CA PHE D 234 -16.46 -24.12 34.74
C PHE D 234 -16.89 -25.41 34.09
N ALA D 235 -16.06 -25.90 33.16
CA ALA D 235 -16.32 -27.15 32.46
C ALA D 235 -15.05 -27.98 32.49
N ARG D 236 -15.09 -29.12 33.17
CA ARG D 236 -13.96 -30.04 33.18
C ARG D 236 -14.02 -30.89 31.93
N ILE D 237 -13.21 -30.56 30.94
CA ILE D 237 -13.15 -31.34 29.71
C ILE D 237 -12.14 -32.45 29.84
N GLY D 238 -10.96 -32.12 30.31
CA GLY D 238 -9.90 -33.11 30.44
C GLY D 238 -8.54 -32.46 30.34
N ASP D 239 -7.53 -33.24 30.71
CA ASP D 239 -6.17 -32.73 30.79
C ASP D 239 -5.63 -32.45 29.39
N GLY D 240 -5.21 -31.21 29.16
CA GLY D 240 -4.58 -30.83 27.92
C GLY D 240 -5.45 -30.93 26.70
N GLN D 241 -6.77 -30.90 26.87
CA GLN D 241 -7.70 -31.22 25.81
C GLN D 241 -7.88 -29.97 24.93
N GLU D 242 -8.91 -29.95 24.09
CA GLU D 242 -9.06 -28.96 23.02
C GLU D 242 -10.37 -28.21 23.19
N VAL D 243 -10.29 -26.94 23.57
CA VAL D 243 -11.48 -26.10 23.68
C VAL D 243 -11.81 -25.52 22.32
N PHE D 244 -12.99 -24.91 22.20
CA PHE D 244 -13.40 -24.24 20.97
C PHE D 244 -13.85 -22.82 21.29
N PRO D 245 -13.08 -21.81 20.98
CA PRO D 245 -13.62 -20.45 21.02
C PRO D 245 -14.34 -20.12 19.73
N SER D 246 -14.74 -18.87 19.56
CA SER D 246 -15.57 -18.50 18.44
C SER D 246 -14.72 -18.19 17.24
N GLN D 247 -15.08 -18.73 16.09
CA GLN D 247 -14.25 -18.64 14.91
C GLN D 247 -14.55 -17.36 14.14
N GLU D 248 -13.52 -16.56 13.88
CA GLU D 248 -13.67 -15.33 13.12
C GLU D 248 -13.75 -15.66 11.64
N LEU D 249 -13.64 -14.65 10.80
CA LEU D 249 -13.58 -14.88 9.37
C LEU D 249 -12.37 -14.17 8.79
N ILE D 250 -11.68 -14.86 7.90
CA ILE D 250 -10.54 -14.29 7.22
C ILE D 250 -11.01 -13.76 5.86
N LEU D 251 -10.28 -12.79 5.34
CA LEU D 251 -10.69 -12.08 4.14
C LEU D 251 -10.32 -12.90 2.91
N ASP D 252 -10.52 -12.34 1.72
CA ASP D 252 -10.17 -13.03 0.49
C ASP D 252 -8.75 -12.66 0.09
N LYS D 253 -7.81 -13.28 0.81
CA LYS D 253 -6.40 -13.02 0.63
C LYS D 253 -5.86 -13.81 -0.56
N GLY D 254 -4.53 -13.86 -0.69
CA GLY D 254 -3.91 -14.59 -1.78
C GLY D 254 -3.96 -16.08 -1.52
N ASP D 255 -4.64 -16.83 -2.39
CA ASP D 255 -4.80 -18.28 -2.24
C ASP D 255 -3.48 -18.94 -2.63
N LYS D 256 -2.64 -19.18 -1.63
CA LYS D 256 -1.37 -19.86 -1.83
C LYS D 256 -1.28 -21.07 -0.92
N LYS D 257 -0.10 -21.65 -0.76
CA LYS D 257 0.11 -22.73 0.20
C LYS D 257 0.83 -22.16 1.41
N GLY D 258 0.06 -21.85 2.44
CA GLY D 258 0.60 -21.21 3.63
C GLY D 258 -0.34 -20.15 4.17
N GLN D 259 -1.51 -20.03 3.56
CA GLN D 259 -2.51 -19.10 4.02
C GLN D 259 -3.23 -19.65 5.25
N LYS D 260 -3.68 -18.73 6.12
CA LYS D 260 -4.50 -19.13 7.24
C LYS D 260 -5.86 -19.58 6.77
N SER D 261 -6.36 -20.65 7.34
CA SER D 261 -7.65 -21.16 6.97
C SER D 261 -8.68 -21.09 8.08
N LYS D 262 -8.30 -20.62 9.27
CA LYS D 262 -9.19 -20.57 10.42
C LYS D 262 -8.58 -19.66 11.46
N THR D 263 -9.35 -18.69 11.95
CA THR D 263 -8.79 -17.72 12.88
C THR D 263 -9.75 -17.52 14.04
N LEU D 264 -9.24 -17.59 15.24
CA LEU D 264 -10.10 -17.51 16.41
C LEU D 264 -10.16 -16.08 16.92
N TYR D 265 -11.25 -15.79 17.59
CA TYR D 265 -11.44 -14.48 18.20
C TYR D 265 -10.60 -14.38 19.46
N SER D 266 -10.08 -13.19 19.71
CA SER D 266 -9.15 -13.02 20.81
C SER D 266 -9.16 -11.58 21.29
N VAL D 267 -9.23 -11.39 22.59
CA VAL D 267 -9.31 -10.06 23.19
C VAL D 267 -8.16 -9.89 24.17
N ARG D 268 -7.08 -9.26 23.69
CA ARG D 268 -5.85 -9.02 24.44
C ARG D 268 -5.25 -10.32 24.98
N ASP D 269 -4.91 -11.20 24.04
CA ASP D 269 -4.21 -12.47 24.29
C ASP D 269 -5.02 -13.39 25.20
N ALA D 270 -6.21 -13.74 24.72
CA ALA D 270 -7.08 -14.69 25.39
C ALA D 270 -8.13 -15.12 24.40
N ALA D 271 -8.35 -16.42 24.23
CA ALA D 271 -9.41 -16.86 23.36
C ALA D 271 -10.74 -16.48 23.96
N ALA D 272 -11.72 -16.22 23.11
CA ALA D 272 -12.98 -15.71 23.59
C ALA D 272 -14.11 -16.15 22.70
N ILE D 273 -15.31 -15.99 23.19
CA ILE D 273 -16.50 -16.23 22.39
C ILE D 273 -17.15 -14.88 22.16
N HIS D 274 -17.85 -14.75 21.05
CA HIS D 274 -18.40 -13.47 20.66
C HIS D 274 -19.53 -13.06 21.58
N SER D 275 -19.83 -11.77 21.58
CA SER D 275 -20.92 -11.25 22.38
C SER D 275 -22.28 -11.46 21.76
N GLN D 276 -22.36 -12.06 20.58
CA GLN D 276 -23.62 -12.56 20.10
C GLN D 276 -23.68 -14.07 20.09
N LYS D 277 -22.55 -14.76 20.26
CA LYS D 277 -22.60 -16.19 20.47
C LYS D 277 -23.11 -16.53 21.85
N ILE D 278 -22.98 -15.63 22.80
CA ILE D 278 -23.69 -15.79 24.05
C ILE D 278 -25.17 -15.56 23.84
N GLY D 279 -25.51 -14.45 23.20
CA GLY D 279 -26.89 -14.02 23.05
C GLY D 279 -27.69 -14.84 22.08
N ASN D 280 -27.05 -15.67 21.26
CA ASN D 280 -27.82 -16.65 20.53
C ASN D 280 -28.15 -17.83 21.41
N ALA D 281 -27.34 -18.08 22.43
CA ALA D 281 -27.67 -19.18 23.31
C ALA D 281 -28.71 -18.79 24.32
N LEU D 282 -28.64 -17.55 24.82
CA LEU D 282 -29.52 -17.14 25.91
C LEU D 282 -30.98 -17.15 25.50
N ARG D 283 -31.28 -16.65 24.32
CA ARG D 283 -32.66 -16.61 23.88
C ARG D 283 -33.09 -17.84 23.10
N THR D 284 -32.45 -18.98 23.33
CA THR D 284 -33.07 -20.20 22.85
C THR D 284 -34.27 -20.50 23.73
N ILE D 285 -35.43 -20.04 23.29
CA ILE D 285 -36.63 -20.00 24.10
C ILE D 285 -37.78 -20.73 23.43
N ASP D 286 -37.97 -20.47 22.13
CA ASP D 286 -39.20 -20.81 21.43
C ASP D 286 -39.36 -22.31 21.36
N THR D 287 -40.27 -22.83 22.16
CA THR D 287 -40.77 -24.19 22.03
C THR D 287 -42.20 -24.19 21.53
N TRP D 288 -42.53 -23.22 20.69
CA TRP D 288 -43.91 -23.02 20.25
C TRP D 288 -44.06 -23.03 18.74
N TYR D 289 -43.01 -23.38 18.01
CA TYR D 289 -43.16 -23.61 16.58
C TYR D 289 -44.05 -24.82 16.35
N PRO D 290 -44.86 -24.82 15.30
CA PRO D 290 -45.84 -25.91 15.15
C PRO D 290 -45.23 -27.26 14.80
N ASP D 291 -44.05 -27.28 14.18
CA ASP D 291 -43.42 -28.54 13.79
C ASP D 291 -42.69 -29.12 15.00
N GLU D 292 -43.44 -29.81 15.85
CA GLU D 292 -42.85 -30.51 16.98
C GLU D 292 -42.61 -31.99 16.67
N ASP D 293 -42.29 -32.32 15.42
CA ASP D 293 -41.88 -33.67 15.09
C ASP D 293 -40.52 -33.99 15.71
N GLY D 294 -39.57 -33.07 15.60
CA GLY D 294 -38.35 -33.13 16.38
C GLY D 294 -38.59 -32.43 17.70
N LEU D 295 -37.49 -32.03 18.33
CA LEU D 295 -37.59 -31.32 19.60
C LEU D 295 -36.43 -30.35 19.70
N GLY D 296 -36.47 -29.54 20.75
CA GLY D 296 -35.41 -28.62 21.03
C GLY D 296 -35.89 -27.19 21.09
N PRO D 297 -35.48 -26.46 22.09
CA PRO D 297 -35.80 -25.04 22.15
C PRO D 297 -34.89 -24.26 21.22
N ILE D 298 -35.44 -23.85 20.08
CA ILE D 298 -34.68 -23.08 19.10
C ILE D 298 -34.51 -21.66 19.60
N ALA D 299 -33.65 -20.91 18.94
CA ALA D 299 -33.51 -19.50 19.25
C ALA D 299 -34.69 -18.72 18.68
N VAL D 300 -35.07 -17.66 19.36
CA VAL D 300 -36.23 -16.88 18.95
C VAL D 300 -35.82 -15.93 17.83
N GLU D 301 -36.61 -15.93 16.76
CA GLU D 301 -36.29 -15.18 15.55
C GLU D 301 -37.58 -14.82 14.85
N PRO D 302 -37.61 -13.73 14.10
CA PRO D 302 -38.70 -13.54 13.16
C PRO D 302 -38.46 -14.44 11.97
N TYR D 303 -39.54 -15.05 11.47
CA TYR D 303 -39.49 -16.25 10.63
C TYR D 303 -38.58 -17.29 11.26
N GLY D 304 -39.00 -17.75 12.45
CA GLY D 304 -38.10 -18.34 13.42
C GLY D 304 -37.31 -19.53 12.94
N SER D 305 -36.03 -19.29 12.69
CA SER D 305 -35.22 -20.28 12.01
C SER D 305 -33.85 -20.41 12.64
N VAL D 306 -33.35 -21.65 12.59
CA VAL D 306 -32.00 -21.99 12.99
C VAL D 306 -31.20 -22.31 11.74
N THR D 307 -29.93 -21.93 11.75
CA THR D 307 -29.11 -22.07 10.55
C THR D 307 -28.50 -23.45 10.42
N SER D 308 -28.16 -24.10 11.55
CA SER D 308 -27.60 -25.44 11.51
C SER D 308 -28.60 -26.44 10.98
N GLN D 309 -29.87 -26.28 11.30
CA GLN D 309 -30.88 -27.09 10.63
C GLN D 309 -31.22 -26.56 9.26
N GLY D 310 -30.73 -25.40 8.89
CA GLY D 310 -30.93 -24.91 7.53
C GLY D 310 -32.29 -24.38 7.15
N LYS D 311 -33.36 -25.12 7.42
CA LYS D 311 -34.67 -24.72 6.97
C LYS D 311 -35.27 -23.70 7.94
N ALA D 312 -36.53 -23.34 7.73
CA ALA D 312 -37.13 -22.24 8.47
C ALA D 312 -38.48 -22.67 9.02
N TYR D 313 -38.58 -22.72 10.34
CA TYR D 313 -39.87 -22.82 11.00
C TYR D 313 -40.50 -21.43 11.06
N ARG D 314 -41.76 -21.38 11.45
CA ARG D 314 -42.58 -20.17 11.48
C ARG D 314 -42.57 -19.49 10.12
N GLN D 315 -42.94 -20.23 9.11
CA GLN D 315 -42.94 -19.63 7.79
C GLN D 315 -44.16 -18.73 7.63
N PRO D 316 -44.08 -17.70 6.79
CA PRO D 316 -45.26 -16.87 6.54
C PRO D 316 -46.28 -17.52 5.62
N LYS D 317 -46.00 -18.70 5.08
CA LYS D 317 -47.04 -19.44 4.37
C LYS D 317 -48.14 -19.85 5.33
N GLN D 318 -47.76 -20.44 6.45
CA GLN D 318 -48.70 -20.56 7.55
C GLN D 318 -48.77 -19.24 8.30
N LYS D 319 -49.73 -19.11 9.20
CA LYS D 319 -49.98 -17.84 9.85
C LYS D 319 -49.25 -17.69 11.17
N LEU D 320 -48.31 -18.58 11.48
CA LEU D 320 -47.71 -18.62 12.79
C LEU D 320 -46.45 -17.79 12.88
N ASP D 321 -46.33 -16.74 12.10
CA ASP D 321 -45.10 -15.99 11.98
C ASP D 321 -44.96 -15.03 13.15
N PHE D 322 -44.04 -14.07 13.03
CA PHE D 322 -43.99 -12.93 13.94
C PHE D 322 -44.60 -11.68 13.32
N TYR D 323 -44.28 -11.39 12.07
CA TYR D 323 -44.80 -10.20 11.42
C TYR D 323 -46.27 -10.30 11.11
N THR D 324 -46.81 -11.51 11.01
CA THR D 324 -48.26 -11.60 10.93
C THR D 324 -48.88 -11.42 12.30
N LEU D 325 -48.18 -11.84 13.35
CA LEU D 325 -48.78 -11.81 14.67
C LEU D 325 -48.82 -10.41 15.25
N LEU D 326 -47.81 -9.59 14.97
CA LEU D 326 -47.83 -8.23 15.49
C LEU D 326 -48.90 -7.40 14.80
N ASP D 327 -49.09 -7.61 13.50
CA ASP D 327 -50.17 -6.95 12.78
C ASP D 327 -51.52 -7.44 13.25
N ASN D 328 -51.64 -8.72 13.58
CA ASN D 328 -52.92 -9.20 14.07
C ASN D 328 -53.17 -8.83 15.52
N TRP D 329 -52.13 -8.48 16.26
CA TRP D 329 -52.33 -8.18 17.66
C TRP D 329 -52.54 -6.69 17.90
N VAL D 330 -51.76 -5.85 17.25
CA VAL D 330 -51.82 -4.42 17.54
C VAL D 330 -52.92 -3.74 16.76
N LEU D 331 -53.04 -4.02 15.46
CA LEU D 331 -54.00 -3.31 14.64
C LEU D 331 -55.41 -3.87 14.79
N ARG D 332 -55.59 -5.14 14.45
CA ARG D 332 -56.91 -5.74 14.43
C ARG D 332 -57.35 -6.28 15.79
N ASP D 333 -56.46 -6.27 16.78
CA ASP D 333 -56.71 -6.76 18.14
C ASP D 333 -57.13 -8.23 18.19
N GLU D 334 -56.66 -9.04 17.24
CA GLU D 334 -56.83 -10.49 17.34
C GLU D 334 -55.68 -11.00 18.19
N ALA D 335 -55.85 -10.92 19.50
CA ALA D 335 -54.81 -11.31 20.42
C ALA D 335 -54.62 -12.82 20.40
N PRO D 336 -53.43 -13.31 20.07
CA PRO D 336 -53.25 -14.75 19.87
C PRO D 336 -53.13 -15.50 21.18
N ALA D 337 -52.81 -16.79 21.10
CA ALA D 337 -52.67 -17.62 22.29
C ALA D 337 -51.49 -17.16 23.14
N VAL D 338 -51.56 -17.49 24.43
CA VAL D 338 -50.57 -17.01 25.39
C VAL D 338 -49.20 -17.58 25.09
N GLU D 339 -49.15 -18.84 24.68
CA GLU D 339 -47.89 -19.45 24.31
C GLU D 339 -47.35 -18.92 23.00
N GLN D 340 -48.15 -18.21 22.21
CA GLN D 340 -47.60 -17.41 21.13
C GLN D 340 -47.36 -15.97 21.54
N GLN D 341 -48.11 -15.47 22.51
CA GLN D 341 -47.91 -14.10 22.94
C GLN D 341 -46.62 -13.92 23.71
N HIS D 342 -46.06 -14.98 24.28
CA HIS D 342 -44.73 -14.85 24.86
C HIS D 342 -43.68 -14.64 23.79
N TYR D 343 -43.91 -15.22 22.60
CA TYR D 343 -42.90 -15.22 21.55
C TYR D 343 -42.69 -13.83 21.00
N VAL D 344 -43.76 -13.06 20.88
CA VAL D 344 -43.66 -11.70 20.37
C VAL D 344 -42.87 -10.82 21.34
N ILE D 345 -43.15 -10.95 22.63
CA ILE D 345 -42.49 -10.08 23.58
C ILE D 345 -41.04 -10.48 23.76
N ALA D 346 -40.73 -11.76 23.60
CA ALA D 346 -39.33 -12.16 23.62
C ALA D 346 -38.59 -11.62 22.40
N ASN D 347 -39.27 -11.61 21.25
CA ASN D 347 -38.65 -11.07 20.06
C ASN D 347 -38.44 -9.56 20.17
N LEU D 348 -39.36 -8.86 20.83
CA LEU D 348 -39.16 -7.44 21.06
C LEU D 348 -38.11 -7.19 22.12
N ILE D 349 -37.85 -8.16 22.99
CA ILE D 349 -36.70 -8.05 23.88
C ILE D 349 -35.42 -8.17 23.08
N ARG D 350 -35.43 -9.00 22.03
CA ARG D 350 -34.24 -9.15 21.19
C ARG D 350 -33.89 -7.86 20.48
N GLY D 351 -34.81 -7.32 19.72
CA GLY D 351 -34.60 -6.06 19.02
C GLY D 351 -34.65 -6.24 17.52
N GLY D 352 -34.26 -5.20 16.82
CA GLY D 352 -34.19 -5.23 15.38
C GLY D 352 -34.95 -4.09 14.78
N VAL D 353 -35.20 -4.19 13.47
CA VAL D 353 -36.04 -3.24 12.76
C VAL D 353 -37.24 -3.97 12.17
N PHE D 354 -38.40 -3.35 12.25
CA PHE D 354 -39.64 -4.01 11.90
C PHE D 354 -40.52 -3.08 11.10
N GLY D 355 -39.94 -2.37 10.15
CA GLY D 355 -40.67 -1.34 9.44
C GLY D 355 -41.63 -1.90 8.40
N GLU D 356 -42.14 -0.98 7.59
CA GLU D 356 -42.96 -1.35 6.43
C GLU D 356 -42.12 -1.28 5.17
N ILE E 23 -38.43 50.40 5.27
CA ILE E 23 -39.50 49.43 5.12
C ILE E 23 -39.15 48.16 5.90
N LEU E 24 -37.85 47.88 6.00
CA LEU E 24 -37.26 46.74 6.71
C LEU E 24 -37.83 45.41 6.20
N SER E 25 -37.48 45.10 4.95
CA SER E 25 -37.76 43.77 4.45
C SER E 25 -36.82 42.76 5.07
N THR E 26 -37.08 41.48 4.80
CA THR E 26 -36.28 40.40 5.38
C THR E 26 -34.89 40.36 4.76
N ALA E 27 -33.92 39.94 5.57
CA ALA E 27 -32.54 39.89 5.11
C ALA E 27 -32.35 38.74 4.14
N SER E 28 -31.70 39.02 3.01
CA SER E 28 -31.58 38.02 1.96
C SER E 28 -30.62 36.91 2.35
N VAL E 29 -29.51 37.27 2.96
CA VAL E 29 -28.52 36.32 3.43
C VAL E 29 -28.19 36.67 4.86
N LEU E 30 -28.40 35.72 5.77
CA LEU E 30 -28.14 35.95 7.19
C LEU E 30 -27.71 34.63 7.79
N ALA E 31 -26.55 34.63 8.46
CA ALA E 31 -26.05 33.44 9.11
C ALA E 31 -25.36 33.85 10.40
N PHE E 32 -25.27 32.91 11.34
CA PHE E 32 -24.78 33.22 12.66
C PHE E 32 -23.67 32.26 13.08
N GLU E 33 -22.62 32.82 13.64
CA GLU E 33 -21.60 32.01 14.29
C GLU E 33 -22.18 31.46 15.58
N ARG E 34 -21.77 30.24 15.92
CA ARG E 34 -22.37 29.62 17.09
C ARG E 34 -21.70 30.10 18.36
N LYS E 35 -22.38 29.89 19.46
CA LYS E 35 -21.77 29.86 20.77
C LYS E 35 -21.86 28.44 21.27
N LEU E 36 -21.33 28.21 22.47
CA LEU E 36 -21.32 26.91 23.14
C LEU E 36 -20.68 25.83 22.27
N ASP E 37 -19.38 25.98 22.05
CA ASP E 37 -18.78 24.90 21.28
C ASP E 37 -18.33 23.79 22.20
N PRO E 38 -18.62 22.56 21.87
CA PRO E 38 -18.04 21.45 22.62
C PRO E 38 -16.82 20.91 21.94
N SER E 39 -15.90 20.33 22.70
CA SER E 39 -14.75 19.67 22.09
C SER E 39 -15.17 18.31 21.55
N ASP E 40 -14.22 17.48 21.20
CA ASP E 40 -14.57 16.12 20.87
C ASP E 40 -14.51 15.30 22.15
N ALA E 41 -15.33 14.25 22.20
CA ALA E 41 -15.48 13.46 23.42
C ALA E 41 -14.48 12.31 23.43
N LEU E 42 -13.82 12.09 24.55
CA LEU E 42 -12.90 10.97 24.71
C LEU E 42 -13.47 9.96 25.68
N MET E 43 -13.22 8.69 25.42
CA MET E 43 -13.74 7.61 26.24
C MET E 43 -12.58 6.82 26.83
N SER E 44 -12.47 6.80 28.14
CA SER E 44 -11.48 6.04 28.87
C SER E 44 -12.20 5.04 29.76
N ALA E 45 -11.43 4.20 30.44
CA ALA E 45 -11.99 3.10 31.20
C ALA E 45 -11.21 2.87 32.48
N GLY E 46 -11.91 2.41 33.51
CA GLY E 46 -11.21 2.10 34.75
C GLY E 46 -12.09 1.47 35.80
N ALA E 47 -11.64 1.57 37.04
CA ALA E 47 -12.37 1.06 38.19
C ALA E 47 -12.91 2.20 39.03
N TRP E 48 -14.07 1.97 39.65
CA TRP E 48 -14.83 3.06 40.24
C TRP E 48 -14.16 3.66 41.45
N ALA E 49 -13.43 2.86 42.23
CA ALA E 49 -12.82 3.41 43.44
C ALA E 49 -11.66 4.34 43.12
N GLN E 50 -11.08 4.22 41.94
CA GLN E 50 -10.03 5.13 41.50
C GLN E 50 -10.60 6.27 40.66
N ARG E 51 -11.63 6.94 41.16
CA ARG E 51 -12.17 8.06 40.41
C ARG E 51 -11.27 9.28 40.52
N ASP E 52 -10.86 9.61 41.74
CA ASP E 52 -10.18 10.87 42.00
C ASP E 52 -8.71 10.87 41.62
N ALA E 53 -8.24 9.87 40.88
CA ALA E 53 -6.89 9.87 40.35
C ALA E 53 -6.89 9.36 38.92
N SER E 54 -7.93 9.71 38.17
CA SER E 54 -8.15 9.14 36.85
C SER E 54 -7.69 10.09 35.76
N GLN E 55 -6.39 10.33 35.73
CA GLN E 55 -5.79 11.09 34.65
C GLN E 55 -5.17 10.20 33.60
N GLU E 56 -4.67 9.04 34.00
CA GLU E 56 -3.95 8.14 33.11
C GLU E 56 -4.70 6.85 32.88
N TRP E 57 -6.01 6.91 32.84
CA TRP E 57 -6.79 5.74 32.49
C TRP E 57 -6.55 5.43 31.01
N PRO E 58 -6.44 4.16 30.65
CA PRO E 58 -6.22 3.82 29.24
C PRO E 58 -7.45 4.12 28.41
N ALA E 59 -7.26 4.11 27.10
CA ALA E 59 -8.29 4.54 26.19
C ALA E 59 -9.12 3.38 25.71
N VAL E 60 -10.43 3.58 25.60
CA VAL E 60 -11.31 2.54 25.14
C VAL E 60 -11.11 2.36 23.65
N THR E 61 -10.30 1.41 23.26
CA THR E 61 -9.94 1.31 21.86
C THR E 61 -11.01 0.61 21.05
N VAL E 62 -11.04 0.93 19.80
CA VAL E 62 -11.93 0.31 18.84
C VAL E 62 -11.21 -0.91 18.30
N ARG E 63 -11.94 -1.98 18.02
CA ARG E 63 -11.34 -3.14 17.40
C ARG E 63 -12.37 -3.84 16.54
N GLU E 64 -11.89 -4.56 15.55
CA GLU E 64 -12.74 -5.23 14.60
C GLU E 64 -13.16 -6.59 15.14
N LYS E 65 -14.41 -6.96 14.90
CA LYS E 65 -14.88 -8.31 15.15
C LYS E 65 -15.70 -8.75 13.96
N SER E 66 -16.07 -10.02 13.92
CA SER E 66 -16.89 -10.52 12.84
C SER E 66 -18.23 -10.97 13.39
N VAL E 67 -19.25 -10.95 12.53
CA VAL E 67 -20.58 -11.41 12.90
C VAL E 67 -21.15 -12.24 11.75
N ARG E 68 -22.37 -12.73 11.94
CA ARG E 68 -23.04 -13.55 10.92
C ARG E 68 -24.54 -13.41 11.12
N GLY E 69 -25.17 -12.64 10.25
CA GLY E 69 -26.57 -12.33 10.42
C GLY E 69 -27.47 -13.41 9.84
N THR E 70 -28.74 -13.05 9.77
CA THR E 70 -29.75 -13.87 9.09
C THR E 70 -30.64 -12.87 8.37
N ILE E 71 -31.83 -13.29 7.96
CA ILE E 71 -32.76 -12.42 7.24
C ILE E 71 -33.91 -12.11 8.17
N SER E 72 -34.03 -10.84 8.57
CA SER E 72 -35.00 -10.38 9.53
C SER E 72 -35.67 -9.11 9.04
N ASN E 73 -36.10 -9.10 7.78
CA ASN E 73 -36.82 -7.96 7.24
C ASN E 73 -38.18 -8.41 6.74
N ARG E 74 -39.10 -7.46 6.69
CA ARG E 74 -40.47 -7.77 6.29
C ARG E 74 -40.50 -8.07 4.81
N LEU E 75 -40.64 -9.34 4.45
CA LEU E 75 -40.77 -9.71 3.06
C LEU E 75 -42.12 -9.28 2.51
N LYS E 76 -42.14 -8.96 1.22
CA LYS E 76 -43.36 -8.50 0.58
C LYS E 76 -44.31 -9.66 0.35
N THR E 77 -45.52 -9.33 -0.11
CA THR E 77 -46.56 -10.34 -0.24
C THR E 77 -46.31 -11.28 -1.41
N LYS E 78 -45.57 -10.82 -2.42
CA LYS E 78 -45.36 -11.65 -3.61
C LYS E 78 -44.31 -12.73 -3.35
N ASP E 79 -43.15 -12.36 -2.84
CA ASP E 79 -42.03 -13.29 -2.72
C ASP E 79 -42.01 -14.00 -1.36
N ARG E 80 -43.13 -14.58 -0.98
CA ARG E 80 -43.23 -15.34 0.27
C ARG E 80 -43.29 -16.83 -0.02
N ASP E 81 -42.53 -17.26 -1.03
CA ASP E 81 -42.47 -18.67 -1.37
C ASP E 81 -41.72 -19.44 -0.30
N PRO E 82 -42.12 -20.68 -0.02
CA PRO E 82 -41.46 -21.43 1.06
C PRO E 82 -40.07 -21.89 0.67
N ALA E 83 -39.88 -22.32 -0.57
CA ALA E 83 -38.60 -22.86 -1.02
C ALA E 83 -37.54 -21.77 -1.24
N LYS E 84 -37.91 -20.50 -1.17
CA LYS E 84 -36.95 -19.44 -1.38
C LYS E 84 -36.43 -18.84 -0.08
N LEU E 85 -37.23 -18.88 0.99
CA LEU E 85 -36.80 -18.28 2.25
C LEU E 85 -35.68 -19.09 2.90
N ASP E 86 -35.84 -20.42 2.94
CA ASP E 86 -34.80 -21.27 3.49
C ASP E 86 -33.54 -21.25 2.63
N ALA E 87 -33.69 -21.06 1.33
CA ALA E 87 -32.52 -20.93 0.47
C ALA E 87 -31.82 -19.61 0.70
N SER E 88 -32.57 -18.54 0.97
CA SER E 88 -31.93 -17.25 1.20
C SER E 88 -31.25 -17.21 2.55
N ILE E 89 -31.78 -17.93 3.54
CA ILE E 89 -31.10 -17.99 4.83
C ILE E 89 -30.06 -19.09 4.89
N GLN E 90 -29.99 -19.97 3.89
CA GLN E 90 -28.90 -20.93 3.83
C GLN E 90 -27.58 -20.25 3.53
N SER E 91 -27.62 -19.13 2.82
CA SER E 91 -26.45 -18.28 2.62
C SER E 91 -26.64 -17.02 3.43
N PRO E 92 -26.06 -16.92 4.61
CA PRO E 92 -26.21 -15.72 5.43
C PRO E 92 -25.28 -14.63 4.95
N ASN E 93 -25.38 -13.48 5.60
CA ASN E 93 -24.64 -12.29 5.20
C ASN E 93 -23.59 -11.96 6.26
N LEU E 94 -22.35 -12.27 5.95
CA LEU E 94 -21.28 -12.22 6.93
C LEU E 94 -20.69 -10.82 6.95
N GLN E 95 -21.14 -10.00 7.88
CA GLN E 95 -20.64 -8.63 7.97
C GLN E 95 -19.30 -8.61 8.70
N THR E 96 -18.79 -7.43 9.02
CA THR E 96 -17.54 -7.32 9.77
C THR E 96 -17.62 -6.03 10.59
N VAL E 97 -18.11 -6.14 11.78
CA VAL E 97 -18.54 -4.99 12.55
C VAL E 97 -17.41 -4.52 13.45
N ASP E 98 -17.24 -3.22 13.57
CA ASP E 98 -16.40 -2.67 14.62
C ASP E 98 -17.21 -2.45 15.87
N VAL E 99 -16.64 -2.79 17.03
CA VAL E 99 -17.29 -2.57 18.31
C VAL E 99 -16.26 -2.05 19.29
N ALA E 100 -16.75 -1.61 20.44
CA ALA E 100 -15.89 -1.07 21.48
C ALA E 100 -16.38 -1.60 22.81
N ASN E 101 -15.53 -2.37 23.49
CA ASN E 101 -15.85 -2.92 24.79
C ASN E 101 -14.91 -2.34 25.83
N LEU E 102 -15.38 -2.27 27.06
CA LEU E 102 -14.51 -1.92 28.15
C LEU E 102 -13.53 -3.05 28.41
N PRO E 103 -12.38 -2.76 29.01
CA PRO E 103 -11.49 -3.82 29.46
C PRO E 103 -12.14 -4.70 30.51
N SER E 104 -11.78 -5.97 30.49
CA SER E 104 -12.48 -6.97 31.30
C SER E 104 -12.23 -6.82 32.78
N ASP E 105 -11.22 -6.07 33.18
CA ASP E 105 -11.03 -5.79 34.59
C ASP E 105 -11.62 -4.46 35.01
N ALA E 106 -12.13 -3.67 34.07
CA ALA E 106 -12.62 -2.33 34.35
C ALA E 106 -14.12 -2.29 34.16
N ASP E 107 -14.77 -1.37 34.87
CA ASP E 107 -16.22 -1.26 34.80
C ASP E 107 -16.72 0.14 34.55
N THR E 108 -15.98 1.18 34.92
CA THR E 108 -16.49 2.55 34.86
C THR E 108 -15.95 3.24 33.62
N LEU E 109 -16.86 3.76 32.80
CA LEU E 109 -16.54 4.48 31.57
C LEU E 109 -16.42 5.96 31.85
N LYS E 110 -15.29 6.55 31.49
CA LYS E 110 -15.03 7.96 31.71
C LYS E 110 -15.15 8.66 30.36
N VAL E 111 -15.97 9.70 30.29
CA VAL E 111 -16.11 10.48 29.07
C VAL E 111 -15.68 11.89 29.40
N ARG E 112 -14.70 12.39 28.66
CA ARG E 112 -14.15 13.70 28.93
C ARG E 112 -14.27 14.57 27.69
N PHE E 113 -14.78 15.79 27.87
CA PHE E 113 -14.80 16.77 26.80
C PHE E 113 -14.85 18.15 27.44
N THR E 114 -14.42 19.17 26.69
CA THR E 114 -14.37 20.54 27.19
C THR E 114 -15.28 21.43 26.38
N LEU E 115 -15.95 22.34 27.08
CA LEU E 115 -16.96 23.22 26.50
C LEU E 115 -16.55 24.66 26.75
N ARG E 116 -16.53 25.45 25.69
CA ARG E 116 -16.17 26.85 25.77
C ARG E 116 -17.42 27.68 25.49
N VAL E 117 -17.56 28.79 26.20
CA VAL E 117 -18.76 29.63 26.11
C VAL E 117 -18.35 30.95 25.48
N LEU E 118 -18.78 31.19 24.24
CA LEU E 118 -18.23 32.32 23.50
C LEU E 118 -18.87 33.64 23.92
N GLY E 119 -20.16 33.81 23.67
CA GLY E 119 -20.85 35.02 24.07
C GLY E 119 -21.07 35.99 22.91
N GLY E 120 -21.88 36.99 23.18
CA GLY E 120 -22.29 37.93 22.15
C GLY E 120 -23.20 37.25 21.16
N ALA E 121 -24.39 36.87 21.60
CA ALA E 121 -25.24 35.99 20.82
C ALA E 121 -26.00 36.68 19.71
N GLY E 122 -26.02 38.01 19.68
CA GLY E 122 -26.86 38.69 18.73
C GLY E 122 -26.19 39.09 17.45
N THR E 123 -24.92 39.46 17.54
CA THR E 123 -24.16 40.00 16.42
C THR E 123 -23.96 38.94 15.35
N PRO E 124 -24.54 39.10 14.18
CA PRO E 124 -24.51 38.03 13.19
C PRO E 124 -23.18 37.86 12.51
N SER E 125 -23.13 37.02 11.48
CA SER E 125 -21.90 36.83 10.73
C SER E 125 -21.94 37.53 9.39
N ALA E 126 -23.02 37.39 8.63
CA ALA E 126 -23.01 37.97 7.29
C ALA E 126 -24.43 38.40 6.91
N CYS E 127 -24.77 39.63 7.23
CA CYS E 127 -26.08 40.16 6.89
C CYS E 127 -26.00 40.89 5.55
N ASN E 128 -27.12 41.44 5.11
CA ASN E 128 -27.11 42.32 3.94
C ASN E 128 -27.53 43.73 4.30
N ASP E 129 -28.70 43.93 4.86
CA ASP E 129 -29.15 45.26 5.18
C ASP E 129 -28.58 45.70 6.51
N ALA E 130 -28.11 46.94 6.57
CA ALA E 130 -27.58 47.46 7.83
C ALA E 130 -28.70 47.77 8.81
N ALA E 131 -29.87 48.17 8.32
CA ALA E 131 -30.97 48.44 9.22
C ALA E 131 -31.54 47.17 9.82
N TYR E 132 -31.53 46.07 9.06
CA TYR E 132 -31.93 44.78 9.60
C TYR E 132 -30.99 44.34 10.71
N ARG E 133 -29.69 44.49 10.48
CA ARG E 133 -28.71 44.11 11.48
C ARG E 133 -28.81 44.99 12.72
N ASP E 134 -29.05 46.28 12.54
CA ASP E 134 -29.14 47.17 13.70
C ASP E 134 -30.41 46.92 14.48
N LYS E 135 -31.53 46.66 13.79
CA LYS E 135 -32.77 46.34 14.48
C LYS E 135 -32.68 45.00 15.19
N LEU E 136 -31.98 44.05 14.58
CA LEU E 136 -31.77 42.74 15.19
C LEU E 136 -30.98 42.86 16.48
N LEU E 137 -29.89 43.63 16.43
CA LEU E 137 -29.09 43.83 17.62
C LEU E 137 -29.84 44.64 18.66
N GLN E 138 -30.74 45.53 18.23
CA GLN E 138 -31.53 46.30 19.19
C GLN E 138 -32.54 45.42 19.92
N THR E 139 -33.21 44.51 19.19
CA THR E 139 -34.16 43.60 19.82
C THR E 139 -33.46 42.64 20.76
N VAL E 140 -32.30 42.11 20.35
CA VAL E 140 -31.55 41.23 21.23
C VAL E 140 -31.04 41.98 22.45
N ALA E 141 -30.67 43.25 22.29
CA ALA E 141 -30.24 44.03 23.45
C ALA E 141 -31.38 44.30 24.41
N THR E 142 -32.61 44.47 23.90
CA THR E 142 -33.75 44.58 24.80
C THR E 142 -33.99 43.27 25.54
N TYR E 143 -33.83 42.14 24.85
CA TYR E 143 -34.02 40.85 25.49
C TYR E 143 -33.00 40.61 26.58
N VAL E 144 -31.75 41.01 26.34
CA VAL E 144 -30.77 40.86 27.40
C VAL E 144 -30.93 41.93 28.46
N ASN E 145 -31.61 43.04 28.14
CA ASN E 145 -31.76 44.09 29.12
C ASN E 145 -32.86 43.78 30.14
N ASP E 146 -34.02 43.29 29.70
CA ASP E 146 -35.11 43.12 30.65
C ASP E 146 -34.90 41.90 31.54
N GLN E 147 -34.73 40.73 30.93
CA GLN E 147 -34.31 39.54 31.66
C GLN E 147 -32.87 39.20 31.28
N GLY E 148 -32.22 38.40 32.11
CA GLY E 148 -30.90 37.94 31.80
C GLY E 148 -30.92 36.79 30.82
N PHE E 149 -29.78 36.13 30.71
CA PHE E 149 -29.71 34.78 30.16
C PHE E 149 -29.96 33.72 31.21
N ALA E 150 -30.47 34.09 32.39
CA ALA E 150 -30.59 33.15 33.50
C ALA E 150 -31.60 32.06 33.21
N GLU E 151 -32.65 32.38 32.46
CA GLU E 151 -33.58 31.32 32.10
C GLU E 151 -33.01 30.43 31.00
N LEU E 152 -32.16 30.97 30.15
CA LEU E 152 -31.49 30.14 29.17
C LEU E 152 -30.16 29.63 29.65
N ALA E 153 -29.88 29.72 30.93
CA ALA E 153 -28.69 29.10 31.46
C ALA E 153 -28.96 28.17 32.63
N ARG E 154 -30.12 28.24 33.26
CA ARG E 154 -30.54 27.19 34.17
C ARG E 154 -31.00 25.95 33.44
N ARG E 155 -31.05 25.97 32.12
CA ARG E 155 -31.38 24.79 31.36
C ARG E 155 -30.20 24.19 30.65
N TYR E 156 -29.20 24.99 30.27
CA TYR E 156 -27.96 24.39 29.79
C TYR E 156 -27.20 23.73 30.93
N ALA E 157 -27.28 24.29 32.14
CA ALA E 157 -26.60 23.71 33.28
C ALA E 157 -27.19 22.37 33.68
N HIS E 158 -28.49 22.18 33.43
CA HIS E 158 -29.10 20.88 33.64
C HIS E 158 -28.54 19.87 32.67
N ASN E 159 -28.55 20.17 31.37
CA ASN E 159 -27.98 19.20 30.45
C ASN E 159 -26.47 19.11 30.50
N LEU E 160 -25.77 19.89 31.30
CA LEU E 160 -24.48 19.40 31.75
C LEU E 160 -24.59 18.51 32.97
N ALA E 161 -25.56 18.73 33.84
CA ALA E 161 -25.64 17.95 35.07
C ALA E 161 -26.16 16.54 34.80
N ASN E 162 -27.42 16.39 34.41
CA ASN E 162 -27.88 15.04 34.13
C ASN E 162 -27.36 14.66 32.75
N ALA E 163 -26.39 13.75 32.75
CA ALA E 163 -25.45 13.63 31.65
C ALA E 163 -26.15 13.05 30.43
N ARG E 164 -26.93 13.90 29.76
CA ARG E 164 -27.60 13.48 28.56
C ARG E 164 -26.63 13.31 27.40
N PHE E 165 -25.45 13.91 27.48
CA PHE E 165 -24.51 13.81 26.38
C PHE E 165 -23.92 12.42 26.26
N LEU E 166 -23.90 11.66 27.35
CA LEU E 166 -23.88 10.22 27.22
C LEU E 166 -25.20 9.83 26.60
N TRP E 167 -25.19 9.48 25.33
CA TRP E 167 -26.47 9.33 24.64
C TRP E 167 -27.10 7.96 24.91
N ARG E 168 -26.44 6.90 24.47
CA ARG E 168 -26.92 5.55 24.76
C ARG E 168 -26.17 4.89 25.90
N ASN E 169 -25.07 5.46 26.36
CA ASN E 169 -24.39 4.90 27.50
C ASN E 169 -25.05 5.27 28.81
N ARG E 170 -26.11 6.06 28.79
CA ARG E 170 -26.72 6.46 30.04
C ARG E 170 -27.67 5.40 30.56
N VAL E 171 -28.40 4.73 29.65
CA VAL E 171 -29.46 3.83 30.07
C VAL E 171 -28.86 2.60 30.74
N GLY E 172 -29.47 2.20 31.85
CA GLY E 172 -28.98 1.04 32.57
C GLY E 172 -27.66 1.23 33.26
N ALA E 173 -27.26 2.47 33.51
CA ALA E 173 -26.05 2.70 34.27
C ALA E 173 -26.35 2.68 35.74
N GLU E 174 -25.37 2.26 36.53
CA GLU E 174 -25.59 2.10 37.96
C GLU E 174 -25.60 3.45 38.66
N ALA E 175 -24.53 4.21 38.53
CA ALA E 175 -24.46 5.54 39.09
C ALA E 175 -23.61 6.40 38.18
N VAL E 176 -24.16 7.51 37.72
CA VAL E 176 -23.52 8.37 36.75
C VAL E 176 -23.06 9.61 37.49
N GLU E 177 -21.78 9.70 37.77
CA GLU E 177 -21.24 10.87 38.45
C GLU E 177 -20.60 11.75 37.41
N VAL E 178 -21.13 12.96 37.25
CA VAL E 178 -20.55 13.92 36.33
C VAL E 178 -19.82 14.94 37.18
N ARG E 179 -18.84 15.60 36.58
CA ARG E 179 -17.90 16.40 37.34
C ARG E 179 -17.32 17.45 36.43
N ILE E 180 -17.41 18.71 36.84
CA ILE E 180 -17.20 19.85 35.95
C ILE E 180 -16.27 20.84 36.63
N ASN E 181 -15.24 21.27 35.92
CA ASN E 181 -14.27 22.20 36.46
C ASN E 181 -14.20 23.47 35.63
N HIS E 182 -13.84 24.56 36.30
CA HIS E 182 -13.68 25.88 35.70
C HIS E 182 -12.19 26.13 35.54
N ILE E 183 -11.67 25.91 34.34
CA ILE E 183 -10.25 26.12 34.08
C ILE E 183 -10.07 27.52 33.53
N ARG E 184 -9.92 28.49 34.45
CA ARG E 184 -9.67 29.86 34.03
C ARG E 184 -8.26 30.00 33.51
N GLN E 185 -7.28 29.79 34.37
CA GLN E 185 -5.91 29.59 33.95
C GLN E 185 -5.73 28.11 33.60
N GLY E 186 -4.48 27.64 33.53
CA GLY E 186 -4.26 26.22 33.43
C GLY E 186 -4.76 25.45 34.64
N GLU E 187 -4.83 26.10 35.80
CA GLU E 187 -5.38 25.50 37.00
C GLU E 187 -6.91 25.47 36.94
N VAL E 188 -7.52 25.02 38.02
CA VAL E 188 -8.98 25.01 38.13
C VAL E 188 -9.39 26.12 39.07
N ALA E 189 -10.52 26.76 38.77
CA ALA E 189 -11.01 27.83 39.63
C ALA E 189 -11.96 27.29 40.69
N ARG E 190 -13.06 26.68 40.25
CA ARG E 190 -14.03 26.12 41.17
C ARG E 190 -14.63 24.87 40.55
N ALA E 191 -14.67 23.79 41.34
CA ALA E 191 -15.06 22.46 40.89
C ALA E 191 -16.49 22.14 41.29
N TRP E 192 -17.07 21.16 40.62
CA TRP E 192 -18.45 20.76 40.86
C TRP E 192 -18.61 19.28 40.60
N ARG E 193 -19.31 18.60 41.50
CA ARG E 193 -19.69 17.21 41.30
C ARG E 193 -21.19 17.08 41.39
N PHE E 194 -21.76 16.30 40.50
CA PHE E 194 -23.19 16.02 40.53
C PHE E 194 -23.41 14.52 40.61
N ASP E 195 -24.65 14.13 40.40
CA ASP E 195 -25.00 12.72 40.24
C ASP E 195 -26.20 12.67 39.32
N ALA E 196 -25.99 12.15 38.12
CA ALA E 196 -26.92 12.38 37.02
C ALA E 196 -28.21 11.57 37.12
N LEU E 197 -28.38 10.75 38.14
CA LEU E 197 -29.66 10.09 38.32
C LEU E 197 -30.45 10.65 39.49
N ALA E 198 -29.80 11.40 40.37
CA ALA E 198 -30.57 12.22 41.32
C ALA E 198 -31.27 13.35 40.60
N ILE E 199 -30.69 13.84 39.52
CA ILE E 199 -31.31 14.84 38.66
C ILE E 199 -32.04 14.12 37.54
N GLY E 200 -33.32 14.36 37.43
CA GLY E 200 -34.13 13.65 36.46
C GLY E 200 -33.86 14.11 35.06
N LEU E 201 -34.33 13.30 34.11
CA LEU E 201 -34.19 13.62 32.70
C LEU E 201 -35.34 14.45 32.17
N ARG E 202 -36.34 14.76 33.01
CA ARG E 202 -37.51 15.50 32.56
C ARG E 202 -37.64 16.84 33.28
N ASP E 203 -37.68 16.85 34.60
CA ASP E 203 -37.94 18.09 35.30
C ASP E 203 -36.68 18.94 35.38
N PHE E 204 -36.88 20.25 35.46
CA PHE E 204 -35.79 21.20 35.64
C PHE E 204 -35.91 21.76 37.05
N LYS E 205 -35.20 21.14 37.98
CA LYS E 205 -35.27 21.52 39.39
C LYS E 205 -34.41 22.75 39.64
N ALA E 206 -34.28 23.12 40.91
CA ALA E 206 -33.53 24.31 41.31
C ALA E 206 -32.67 23.93 42.51
N ASP E 207 -31.40 23.65 42.27
CA ASP E 207 -30.47 23.23 43.30
C ASP E 207 -29.51 24.37 43.61
N ALA E 208 -28.76 24.19 44.70
CA ALA E 208 -27.81 25.22 45.09
C ALA E 208 -26.55 25.20 44.25
N GLU E 209 -26.23 24.06 43.62
CA GLU E 209 -25.06 23.97 42.76
C GLU E 209 -25.44 23.77 41.29
N LEU E 210 -26.68 24.05 40.93
CA LEU E 210 -27.03 24.33 39.55
C LEU E 210 -27.42 25.78 39.36
N ASP E 211 -27.14 26.63 40.34
CA ASP E 211 -27.28 28.06 40.17
C ASP E 211 -25.95 28.78 40.22
N ALA E 212 -24.95 28.22 40.89
CA ALA E 212 -23.61 28.74 40.71
C ALA E 212 -23.06 28.37 39.34
N LEU E 213 -23.54 27.27 38.76
CA LEU E 213 -23.11 26.95 37.40
C LEU E 213 -23.91 27.72 36.39
N ALA E 214 -25.20 27.92 36.63
CA ALA E 214 -26.04 28.59 35.65
C ALA E 214 -25.67 30.05 35.52
N GLU E 215 -25.31 30.70 36.63
CA GLU E 215 -24.86 32.08 36.51
C GLU E 215 -23.54 32.18 35.78
N LEU E 216 -22.71 31.13 35.83
CA LEU E 216 -21.45 31.15 35.12
C LEU E 216 -21.66 31.11 33.63
N ILE E 217 -22.55 30.23 33.18
CA ILE E 217 -22.87 30.20 31.75
C ILE E 217 -23.66 31.44 31.35
N ALA E 218 -24.37 32.05 32.30
CA ALA E 218 -25.06 33.31 32.00
C ALA E 218 -24.07 34.44 31.77
N SER E 219 -23.07 34.56 32.63
CA SER E 219 -22.05 35.59 32.41
C SER E 219 -21.16 35.25 31.23
N GLY E 220 -21.03 33.98 30.88
CA GLY E 220 -20.28 33.64 29.68
C GLY E 220 -21.02 34.00 28.42
N LEU E 221 -22.33 33.80 28.41
CA LEU E 221 -23.10 34.11 27.22
C LEU E 221 -23.37 35.60 27.08
N SER E 222 -23.53 36.31 28.20
CA SER E 222 -23.71 37.75 28.11
C SER E 222 -22.42 38.42 27.65
N GLY E 223 -21.29 38.01 28.21
CA GLY E 223 -20.02 38.42 27.67
C GLY E 223 -19.09 39.05 28.66
N SER E 224 -19.34 38.86 29.95
CA SER E 224 -18.58 39.54 30.99
C SER E 224 -17.36 38.75 31.44
N GLY E 225 -16.81 37.92 30.57
CA GLY E 225 -15.63 37.15 30.93
C GLY E 225 -15.41 36.06 29.90
N HIS E 226 -14.54 35.12 30.26
CA HIS E 226 -14.32 33.94 29.44
C HIS E 226 -14.57 32.69 30.26
N VAL E 227 -15.25 31.73 29.64
CA VAL E 227 -15.68 30.52 30.31
C VAL E 227 -15.21 29.30 29.53
N LEU E 228 -14.31 28.52 30.13
CA LEU E 228 -13.93 27.22 29.62
C LEU E 228 -14.14 26.18 30.71
N LEU E 229 -14.91 25.15 30.40
CA LEU E 229 -15.37 24.16 31.36
C LEU E 229 -14.88 22.78 30.94
N GLU E 230 -14.22 22.09 31.85
CA GLU E 230 -13.83 20.71 31.61
C GLU E 230 -14.89 19.79 32.20
N VAL E 231 -15.44 18.90 31.39
CA VAL E 231 -16.53 18.04 31.79
C VAL E 231 -16.07 16.60 31.69
N VAL E 232 -16.11 15.89 32.80
CA VAL E 232 -15.90 14.45 32.80
C VAL E 232 -17.15 13.79 33.36
N ALA E 233 -17.48 12.62 32.83
CA ALA E 233 -18.71 11.94 33.19
C ALA E 233 -18.39 10.47 33.34
N PHE E 234 -18.47 9.95 34.56
CA PHE E 234 -18.25 8.54 34.82
C PHE E 234 -19.58 7.83 34.85
N ALA E 235 -19.73 6.82 34.00
CA ALA E 235 -20.92 5.99 33.95
C ALA E 235 -20.54 4.58 34.34
N ARG E 236 -21.26 3.98 35.27
CA ARG E 236 -20.94 2.65 35.78
C ARG E 236 -21.70 1.62 34.97
N ILE E 237 -21.01 0.96 34.05
CA ILE E 237 -21.68 0.03 33.16
C ILE E 237 -21.39 -1.42 33.49
N GLY E 238 -20.19 -1.74 33.97
CA GLY E 238 -19.88 -3.09 34.40
C GLY E 238 -18.65 -3.65 33.71
N ASP E 239 -18.18 -4.76 34.27
CA ASP E 239 -17.00 -5.44 33.74
C ASP E 239 -17.26 -5.94 32.33
N GLY E 240 -16.39 -5.58 31.41
CA GLY E 240 -16.42 -6.14 30.08
C GLY E 240 -17.61 -5.75 29.25
N GLN E 241 -18.31 -4.68 29.62
CA GLN E 241 -19.55 -4.32 28.97
C GLN E 241 -19.27 -3.60 27.66
N GLU E 242 -20.30 -3.10 27.01
CA GLU E 242 -20.19 -2.51 25.68
C GLU E 242 -20.60 -1.05 25.70
N VAL E 243 -19.63 -0.16 25.46
CA VAL E 243 -19.90 1.26 25.33
C VAL E 243 -20.42 1.53 23.93
N PHE E 244 -20.86 2.75 23.68
CA PHE E 244 -21.32 3.15 22.35
C PHE E 244 -20.69 4.47 21.96
N PRO E 245 -19.76 4.48 21.04
CA PRO E 245 -19.33 5.73 20.45
C PRO E 245 -20.18 6.01 19.22
N SER E 246 -19.85 7.03 18.45
CA SER E 246 -20.65 7.39 17.30
C SER E 246 -20.04 6.85 16.02
N GLN E 247 -20.88 6.63 15.02
CA GLN E 247 -20.45 5.94 13.82
C GLN E 247 -19.78 6.89 12.85
N GLU E 248 -19.60 6.43 11.62
CA GLU E 248 -19.08 7.23 10.54
C GLU E 248 -19.75 6.74 9.27
N LEU E 249 -19.18 7.09 8.12
CA LEU E 249 -19.69 6.64 6.85
C LEU E 249 -18.81 5.57 6.24
N ILE E 250 -19.42 4.70 5.45
CA ILE E 250 -18.80 3.52 4.87
C ILE E 250 -18.85 3.65 3.36
N LEU E 251 -18.70 4.89 2.89
CA LEU E 251 -18.81 5.27 1.49
C LEU E 251 -17.88 4.45 0.58
N ASP E 252 -18.50 3.78 -0.39
CA ASP E 252 -17.89 2.74 -1.23
C ASP E 252 -17.17 1.66 -0.43
N LYS E 257 -16.45 -9.00 -2.53
CA LYS E 257 -15.93 -7.71 -2.12
C LYS E 257 -15.33 -7.77 -0.72
N GLY E 258 -14.64 -6.71 -0.32
CA GLY E 258 -14.22 -6.56 1.06
C GLY E 258 -15.23 -5.74 1.83
N GLN E 259 -16.15 -6.42 2.52
CA GLN E 259 -17.25 -5.73 3.15
C GLN E 259 -16.86 -5.25 4.54
N LYS E 260 -17.66 -4.31 5.05
CA LYS E 260 -17.59 -3.80 6.40
C LYS E 260 -18.91 -3.11 6.65
N SER E 261 -19.28 -2.97 7.91
CA SER E 261 -20.40 -2.14 8.30
C SER E 261 -20.09 -1.59 9.67
N LYS E 262 -20.67 -0.43 9.96
CA LYS E 262 -20.67 0.18 11.29
C LYS E 262 -19.24 0.46 11.78
N THR E 263 -18.59 1.38 11.09
CA THR E 263 -17.30 1.85 11.55
C THR E 263 -17.49 2.92 12.62
N LEU E 264 -16.88 2.74 13.77
CA LEU E 264 -16.98 3.78 14.77
C LEU E 264 -15.92 4.85 14.53
N TYR E 265 -16.04 5.96 15.24
CA TYR E 265 -15.21 7.13 15.03
C TYR E 265 -14.26 7.27 16.20
N SER E 266 -12.97 7.17 15.92
CA SER E 266 -11.93 7.27 16.92
C SER E 266 -10.95 8.35 16.52
N VAL E 267 -10.58 9.20 17.49
CA VAL E 267 -9.71 10.33 17.18
C VAL E 267 -8.29 9.84 16.93
N ARG E 268 -7.58 9.40 17.96
CA ARG E 268 -6.28 8.75 17.77
C ARG E 268 -6.37 7.43 18.51
N ASP E 269 -7.04 6.47 17.86
CA ASP E 269 -7.41 5.17 18.39
C ASP E 269 -7.92 5.22 19.83
N ALA E 270 -8.81 6.15 20.10
CA ALA E 270 -9.60 6.20 21.32
C ALA E 270 -11.01 6.53 20.88
N ALA E 271 -11.98 5.72 21.30
CA ALA E 271 -13.33 5.87 20.77
C ALA E 271 -13.94 7.18 21.21
N ALA E 272 -14.77 7.76 20.35
CA ALA E 272 -15.12 9.16 20.48
C ALA E 272 -16.54 9.42 20.06
N ILE E 273 -17.22 10.27 20.81
CA ILE E 273 -18.51 10.81 20.38
C ILE E 273 -18.22 12.08 19.63
N HIS E 274 -18.98 12.34 18.56
CA HIS E 274 -18.81 13.51 17.72
C HIS E 274 -19.03 14.79 18.51
N SER E 275 -18.44 15.88 18.03
CA SER E 275 -18.63 17.15 18.67
C SER E 275 -19.90 17.86 18.23
N GLN E 276 -20.79 17.18 17.52
CA GLN E 276 -22.14 17.68 17.35
C GLN E 276 -23.20 16.71 17.80
N LYS E 277 -22.87 15.45 18.07
CA LYS E 277 -23.80 14.63 18.85
C LYS E 277 -23.71 14.98 20.32
N ILE E 278 -22.50 15.15 20.84
CA ILE E 278 -22.37 15.93 22.06
C ILE E 278 -22.71 17.36 21.71
N GLY E 279 -23.29 18.08 22.63
CA GLY E 279 -23.73 19.39 22.22
C GLY E 279 -25.11 19.38 21.59
N ASN E 280 -25.50 18.34 20.85
CA ASN E 280 -26.91 18.16 20.55
C ASN E 280 -27.68 17.90 21.82
N ALA E 281 -27.07 17.19 22.76
CA ALA E 281 -27.68 17.04 24.05
C ALA E 281 -27.47 18.27 24.92
N LEU E 282 -26.62 19.21 24.53
CA LEU E 282 -26.54 20.43 25.30
C LEU E 282 -27.75 21.32 25.09
N ARG E 283 -28.40 21.21 23.95
CA ARG E 283 -29.48 22.11 23.60
C ARG E 283 -30.76 21.35 23.31
N THR E 284 -31.04 20.30 24.07
CA THR E 284 -32.42 19.81 24.17
C THR E 284 -33.03 20.54 25.33
N ILE E 285 -33.61 21.70 25.04
CA ILE E 285 -34.03 22.65 26.04
C ILE E 285 -35.51 22.93 25.84
N ASP E 286 -35.95 22.77 24.60
CA ASP E 286 -37.25 23.26 24.14
C ASP E 286 -38.38 22.46 24.76
N THR E 287 -38.99 23.04 25.80
CA THR E 287 -40.24 22.53 26.33
C THR E 287 -41.44 23.32 25.82
N TRP E 288 -41.23 24.51 25.28
CA TRP E 288 -42.32 25.39 24.86
C TRP E 288 -42.65 25.08 23.41
N TYR E 289 -43.55 24.13 23.20
CA TYR E 289 -43.99 23.81 21.86
C TYR E 289 -45.37 23.21 21.98
N PRO E 290 -46.22 23.30 20.96
CA PRO E 290 -47.59 22.80 21.07
C PRO E 290 -47.62 21.29 21.18
N ASP E 291 -48.81 20.80 21.54
CA ASP E 291 -49.16 19.42 21.94
C ASP E 291 -48.14 18.79 22.89
N GLU E 292 -47.58 19.59 23.79
CA GLU E 292 -46.62 19.10 24.77
C GLU E 292 -47.38 18.30 25.81
N ASP E 293 -47.31 16.98 25.69
CA ASP E 293 -48.08 16.07 26.54
C ASP E 293 -47.21 15.50 27.66
N GLY E 294 -46.30 16.30 28.19
CA GLY E 294 -45.31 15.76 29.10
C GLY E 294 -44.30 14.85 28.44
N LEU E 295 -44.11 14.99 27.13
CA LEU E 295 -43.23 14.13 26.36
C LEU E 295 -41.78 14.61 26.40
N GLY E 296 -41.45 15.50 27.32
CA GLY E 296 -40.07 15.89 27.53
C GLY E 296 -39.59 16.93 26.55
N PRO E 297 -38.45 17.52 26.82
CA PRO E 297 -37.91 18.53 25.91
C PRO E 297 -37.33 17.92 24.66
N ILE E 298 -37.37 18.68 23.59
CA ILE E 298 -36.72 18.31 22.34
C ILE E 298 -35.56 19.26 22.11
N ALA E 299 -34.78 18.96 21.08
CA ALA E 299 -33.68 19.83 20.70
C ALA E 299 -34.19 21.07 20.00
N VAL E 300 -33.54 22.21 20.25
CA VAL E 300 -33.97 23.44 19.61
C VAL E 300 -33.56 23.41 18.15
N GLU E 301 -34.50 23.75 17.29
CA GLU E 301 -34.25 23.81 15.86
C GLU E 301 -35.23 24.78 15.24
N PRO E 302 -34.88 25.40 14.13
CA PRO E 302 -35.91 25.99 13.29
C PRO E 302 -36.72 24.87 12.71
N TYR E 303 -38.04 25.07 12.66
CA TYR E 303 -39.03 24.00 12.48
C TYR E 303 -38.75 22.86 13.45
N GLY E 304 -38.86 23.15 14.74
CA GLY E 304 -38.23 22.35 15.79
C GLY E 304 -38.60 20.89 15.80
N SER E 305 -37.68 20.06 15.31
CA SER E 305 -37.99 18.71 14.89
C SER E 305 -36.99 17.73 15.44
N VAL E 306 -37.42 16.49 15.57
CA VAL E 306 -36.56 15.38 15.91
C VAL E 306 -36.85 14.25 14.95
N THR E 307 -35.79 13.56 14.51
CA THR E 307 -35.98 12.50 13.55
C THR E 307 -36.39 11.20 14.23
N SER E 308 -35.99 11.02 15.48
CA SER E 308 -36.30 9.80 16.22
C SER E 308 -37.79 9.68 16.47
N GLN E 309 -38.47 10.79 16.71
CA GLN E 309 -39.92 10.76 16.76
C GLN E 309 -40.56 10.76 15.39
N GLY E 310 -39.77 10.89 14.33
CA GLY E 310 -40.31 10.82 12.99
C GLY E 310 -40.89 12.11 12.45
N LYS E 311 -41.70 12.79 13.24
CA LYS E 311 -42.41 13.96 12.77
C LYS E 311 -41.72 15.23 13.27
N ALA E 312 -42.21 16.37 12.78
CA ALA E 312 -41.60 17.67 13.00
C ALA E 312 -42.58 18.56 13.73
N TYR E 313 -42.29 18.87 14.98
CA TYR E 313 -43.09 19.83 15.72
C TYR E 313 -42.73 21.24 15.28
N ARG E 314 -43.42 22.22 15.87
CA ARG E 314 -43.38 23.63 15.46
C ARG E 314 -43.65 23.77 13.97
N GLN E 315 -44.82 23.27 13.59
CA GLN E 315 -45.19 23.21 12.18
C GLN E 315 -45.45 24.63 11.68
N PRO E 316 -45.04 24.96 10.46
CA PRO E 316 -45.19 26.35 9.97
C PRO E 316 -46.61 26.76 9.71
N LYS E 317 -47.56 25.84 9.61
CA LYS E 317 -48.95 26.26 9.56
C LYS E 317 -49.42 26.79 10.90
N GLN E 318 -48.86 26.27 11.98
CA GLN E 318 -48.96 27.00 13.24
C GLN E 318 -48.03 28.20 13.17
N LYS E 319 -48.38 29.24 13.94
CA LYS E 319 -47.57 30.44 13.99
C LYS E 319 -46.54 30.40 15.11
N LEU E 320 -46.14 29.21 15.55
CA LEU E 320 -45.20 29.05 16.65
C LEU E 320 -43.91 28.44 16.14
N ASP E 321 -43.47 28.90 14.98
CA ASP E 321 -42.26 28.45 14.31
C ASP E 321 -41.06 29.25 14.84
N PHE E 322 -39.93 29.20 14.14
CA PHE E 322 -38.87 30.14 14.42
C PHE E 322 -38.85 31.31 13.45
N TYR E 323 -38.96 31.02 12.15
CA TYR E 323 -38.85 32.06 11.15
C TYR E 323 -39.99 33.06 11.26
N THR E 324 -41.21 32.56 11.37
CA THR E 324 -42.33 33.44 11.60
C THR E 324 -42.46 33.87 13.05
N LEU E 325 -41.48 33.51 13.89
CA LEU E 325 -41.32 34.18 15.17
C LEU E 325 -40.25 35.25 15.14
N LEU E 326 -39.31 35.15 14.22
CA LEU E 326 -38.33 36.22 14.12
C LEU E 326 -38.86 37.37 13.27
N ASP E 327 -39.58 37.03 12.20
CA ASP E 327 -40.11 38.05 11.32
C ASP E 327 -41.28 38.81 11.92
N ASN E 328 -41.83 38.36 13.03
CA ASN E 328 -42.85 39.12 13.73
C ASN E 328 -42.29 39.80 14.95
N TRP E 329 -40.98 39.78 15.12
CA TRP E 329 -40.35 40.42 16.26
C TRP E 329 -39.26 41.41 15.86
N VAL E 330 -38.64 41.23 14.70
CA VAL E 330 -37.66 42.20 14.24
C VAL E 330 -38.23 43.09 13.15
N LEU E 331 -39.35 42.71 12.53
CA LEU E 331 -39.96 43.54 11.51
C LEU E 331 -41.15 44.31 12.06
N ARG E 332 -42.17 43.61 12.52
CA ARG E 332 -43.41 44.25 12.92
C ARG E 332 -43.51 44.40 14.43
N ASP E 333 -42.47 44.02 15.16
CA ASP E 333 -42.25 44.31 16.59
C ASP E 333 -43.31 43.68 17.49
N GLU E 334 -44.07 42.72 17.00
CA GLU E 334 -45.06 42.03 17.82
C GLU E 334 -44.32 41.02 18.69
N ALA E 335 -43.90 41.48 19.85
CA ALA E 335 -43.10 40.66 20.75
C ALA E 335 -43.92 39.49 21.28
N PRO E 336 -43.53 38.25 21.02
CA PRO E 336 -44.29 37.11 21.52
C PRO E 336 -44.11 36.90 23.01
N ALA E 337 -44.70 35.84 23.54
CA ALA E 337 -44.59 35.54 24.97
C ALA E 337 -43.15 35.23 25.33
N VAL E 338 -42.83 35.46 26.60
CA VAL E 338 -41.45 35.30 27.08
C VAL E 338 -41.04 33.83 27.02
N GLU E 339 -42.00 32.93 27.13
CA GLU E 339 -41.75 31.53 26.84
C GLU E 339 -41.55 31.25 25.36
N GLN E 340 -41.47 32.21 24.44
CA GLN E 340 -40.92 31.95 23.13
C GLN E 340 -39.70 32.80 22.85
N GLN E 341 -39.51 33.90 23.58
CA GLN E 341 -38.26 34.61 23.52
C GLN E 341 -37.16 33.87 24.25
N HIS E 342 -37.52 32.88 25.07
CA HIS E 342 -36.49 31.96 25.50
C HIS E 342 -36.13 30.94 24.44
N TYR E 343 -36.90 30.85 23.36
CA TYR E 343 -36.64 29.90 22.29
C TYR E 343 -35.93 30.53 21.11
N VAL E 344 -36.33 31.75 20.75
CA VAL E 344 -35.75 32.41 19.59
C VAL E 344 -34.27 32.72 19.84
N ILE E 345 -33.94 33.18 21.03
CA ILE E 345 -32.55 33.49 21.36
C ILE E 345 -31.72 32.23 21.42
N ALA E 346 -32.30 31.14 21.91
CA ALA E 346 -31.57 29.88 21.92
C ALA E 346 -31.38 29.32 20.53
N ASN E 347 -32.31 29.59 19.62
CA ASN E 347 -32.06 29.21 18.25
C ASN E 347 -31.01 30.09 17.61
N LEU E 348 -30.87 31.33 18.09
CA LEU E 348 -29.74 32.14 17.62
C LEU E 348 -28.43 31.65 18.21
N ILE E 349 -28.47 31.00 19.37
CA ILE E 349 -27.23 30.60 20.02
C ILE E 349 -26.60 29.39 19.32
N ARG E 350 -27.41 28.49 18.77
CA ARG E 350 -26.85 27.37 18.03
C ARG E 350 -26.28 27.75 16.67
N GLY E 351 -26.57 28.94 16.17
CA GLY E 351 -26.06 29.33 14.89
C GLY E 351 -26.97 28.93 13.75
N GLY E 352 -26.38 28.77 12.58
CA GLY E 352 -27.06 28.26 11.41
C GLY E 352 -27.12 29.27 10.29
N VAL E 353 -27.75 28.84 9.21
CA VAL E 353 -28.08 29.74 8.11
C VAL E 353 -29.54 30.10 8.23
N PHE E 354 -29.88 31.31 7.80
CA PHE E 354 -31.25 31.78 7.94
C PHE E 354 -31.68 32.57 6.72
N GLY E 355 -30.90 32.57 5.65
CA GLY E 355 -31.20 33.36 4.49
C GLY E 355 -31.91 32.56 3.41
N GLU E 356 -32.47 33.30 2.45
CA GLU E 356 -33.27 32.72 1.38
C GLU E 356 -32.35 32.03 0.37
N ALA E 357 -31.87 30.86 0.77
CA ALA E 357 -30.87 30.14 -0.01
C ALA E 357 -31.48 29.47 -1.23
N LEU F 24 -1.32 62.95 -19.92
CA LEU F 24 -2.57 63.67 -20.15
C LEU F 24 -3.75 62.77 -19.82
N SER F 25 -3.77 61.59 -20.43
CA SER F 25 -4.84 60.63 -20.19
C SER F 25 -4.35 59.53 -19.26
N THR F 26 -5.22 58.56 -19.01
CA THR F 26 -4.81 57.37 -18.29
C THR F 26 -4.41 56.28 -19.27
N ALA F 27 -3.77 55.24 -18.75
CA ALA F 27 -3.14 54.24 -19.59
C ALA F 27 -4.12 53.15 -19.99
N SER F 28 -3.76 52.42 -21.05
CA SER F 28 -4.57 51.30 -21.49
C SER F 28 -4.28 50.04 -20.71
N VAL F 29 -3.05 49.84 -20.24
CA VAL F 29 -2.74 48.82 -19.25
C VAL F 29 -1.95 49.49 -18.13
N LEU F 30 -2.15 48.99 -16.93
CA LEU F 30 -1.47 49.51 -15.75
C LEU F 30 -1.53 48.44 -14.68
N ALA F 31 -0.39 48.09 -14.11
CA ALA F 31 -0.34 47.01 -13.15
C ALA F 31 0.58 47.40 -12.02
N PHE F 32 0.32 46.86 -10.84
CA PHE F 32 1.15 47.12 -9.68
C PHE F 32 1.39 45.81 -8.96
N GLU F 33 2.65 45.41 -8.87
CA GLU F 33 3.01 44.25 -8.08
C GLU F 33 2.81 44.57 -6.61
N ARG F 34 2.50 43.54 -5.84
CA ARG F 34 2.15 43.78 -4.45
C ARG F 34 3.39 43.89 -3.60
N LYS F 35 3.27 44.67 -2.56
CA LYS F 35 4.22 44.66 -1.47
C LYS F 35 3.47 44.04 -0.31
N LEU F 36 4.08 44.06 0.87
CA LEU F 36 3.55 43.40 2.07
C LEU F 36 3.22 41.94 1.81
N ASP F 37 4.12 41.23 1.16
CA ASP F 37 3.84 39.89 0.71
C ASP F 37 3.89 38.92 1.88
N PRO F 38 2.82 38.21 2.19
CA PRO F 38 2.88 37.25 3.29
C PRO F 38 3.11 35.82 2.81
N SER F 39 3.55 34.95 3.71
CA SER F 39 3.77 33.56 3.34
C SER F 39 2.45 32.80 3.45
N ASP F 40 2.53 31.49 3.40
CA ASP F 40 1.45 30.73 4.02
C ASP F 40 1.61 30.78 5.52
N ALA F 41 0.54 30.49 6.23
CA ALA F 41 0.57 30.51 7.68
C ALA F 41 0.41 29.08 8.16
N LEU F 42 1.45 28.55 8.78
CA LEU F 42 1.42 27.17 9.23
C LEU F 42 0.92 27.10 10.66
N MET F 43 0.18 26.03 10.95
CA MET F 43 -0.46 25.82 12.24
C MET F 43 0.18 24.66 12.96
N SER F 44 0.13 24.72 14.29
CA SER F 44 0.66 23.68 15.14
C SER F 44 0.02 23.84 16.50
N ALA F 45 0.22 22.86 17.38
CA ALA F 45 -0.38 22.96 18.69
C ALA F 45 0.55 22.45 19.77
N GLY F 46 0.25 22.83 21.00
CA GLY F 46 1.07 22.41 22.11
C GLY F 46 0.51 22.95 23.40
N ALA F 47 1.37 23.09 24.41
CA ALA F 47 0.92 23.59 25.68
C ALA F 47 1.36 25.02 25.90
N TRP F 48 0.63 25.73 26.74
CA TRP F 48 1.05 27.04 27.20
C TRP F 48 2.21 26.88 28.18
N ALA F 49 2.76 28.02 28.61
CA ALA F 49 3.95 28.13 29.47
C ALA F 49 5.13 27.37 28.88
N GLN F 50 5.22 27.37 27.57
CA GLN F 50 6.38 26.85 26.84
C GLN F 50 6.82 27.96 25.89
N ARG F 51 7.61 28.88 26.44
CA ARG F 51 8.28 29.96 25.72
C ARG F 51 9.68 29.51 25.41
N ASP F 52 10.18 29.94 24.25
CA ASP F 52 11.54 29.65 23.77
C ASP F 52 11.83 28.15 23.64
N ALA F 53 10.80 27.32 23.54
CA ALA F 53 11.00 25.89 23.36
C ALA F 53 9.99 25.34 22.39
N SER F 54 9.53 26.19 21.48
CA SER F 54 8.35 25.88 20.72
C SER F 54 8.67 25.72 19.24
N GLN F 55 9.75 25.00 18.95
CA GLN F 55 10.22 24.86 17.59
C GLN F 55 9.80 23.55 16.94
N GLU F 56 9.28 22.61 17.72
CA GLU F 56 9.10 21.25 17.22
C GLU F 56 7.70 20.74 17.54
N TRP F 57 6.73 21.64 17.64
CA TRP F 57 5.40 21.22 18.03
C TRP F 57 4.76 20.48 16.87
N PRO F 58 3.98 19.44 17.14
CA PRO F 58 3.38 18.68 16.05
C PRO F 58 2.30 19.45 15.34
N ALA F 59 2.18 19.21 14.06
CA ALA F 59 1.28 20.00 13.25
C ALA F 59 -0.14 19.52 13.41
N VAL F 60 -1.07 20.47 13.49
CA VAL F 60 -2.48 20.18 13.60
C VAL F 60 -2.96 19.61 12.28
N THR F 61 -3.27 18.33 12.26
CA THR F 61 -3.67 17.70 11.01
C THR F 61 -5.18 17.69 10.87
N VAL F 62 -5.65 17.78 9.64
CA VAL F 62 -7.09 17.72 9.37
C VAL F 62 -7.48 16.27 9.29
N ARG F 63 -8.77 15.98 9.33
CA ARG F 63 -9.27 14.62 9.21
C ARG F 63 -10.74 14.65 8.85
N GLU F 64 -11.20 13.58 8.21
CA GLU F 64 -12.60 13.46 7.91
C GLU F 64 -13.39 13.17 9.18
N LYS F 65 -14.70 13.40 9.10
CA LYS F 65 -15.63 13.25 10.20
C LYS F 65 -17.02 13.33 9.61
N SER F 66 -17.88 12.36 9.88
CA SER F 66 -19.19 12.42 9.24
C SER F 66 -20.15 13.23 10.09
N VAL F 67 -21.10 13.88 9.42
CA VAL F 67 -22.06 14.78 10.05
C VAL F 67 -23.39 14.67 9.31
N ARG F 68 -24.48 14.46 10.04
CA ARG F 68 -25.82 14.57 9.50
C ARG F 68 -26.67 15.41 10.42
N GLY F 69 -27.27 16.45 9.87
CA GLY F 69 -28.22 17.27 10.60
C GLY F 69 -29.30 17.77 9.67
N THR F 70 -30.54 17.69 10.09
CA THR F 70 -31.66 17.75 9.17
C THR F 70 -31.94 19.17 8.70
N ILE F 71 -33.01 19.30 7.92
CA ILE F 71 -33.27 20.49 7.12
C ILE F 71 -33.74 21.64 8.00
N SER F 72 -33.02 22.75 7.97
CA SER F 72 -33.44 23.93 8.71
C SER F 72 -33.12 25.23 7.97
N ASN F 73 -33.19 25.23 6.65
CA ASN F 73 -33.12 26.48 5.90
C ASN F 73 -34.52 27.06 5.79
N ARG F 74 -34.68 28.12 5.01
CA ARG F 74 -36.01 28.70 4.88
C ARG F 74 -36.84 27.95 3.86
N LEU F 75 -38.13 28.24 3.84
CA LEU F 75 -39.03 27.64 2.88
C LEU F 75 -39.76 28.74 2.12
N LYS F 76 -40.09 28.44 0.87
CA LYS F 76 -40.53 29.44 -0.09
C LYS F 76 -42.05 29.48 -0.23
N THR F 77 -42.76 29.32 0.90
CA THR F 77 -44.21 29.20 1.09
C THR F 77 -44.91 28.34 0.03
N LYS F 78 -44.23 27.29 -0.40
CA LYS F 78 -44.78 26.27 -1.29
C LYS F 78 -44.83 24.92 -0.61
N ASP F 79 -43.77 24.55 0.10
CA ASP F 79 -43.79 23.39 0.98
C ASP F 79 -44.18 23.76 2.40
N ARG F 80 -44.86 24.89 2.58
CA ARG F 80 -45.45 25.23 3.87
C ARG F 80 -46.78 24.48 4.00
N ASP F 81 -46.66 23.19 4.28
CA ASP F 81 -47.81 22.32 4.45
C ASP F 81 -47.33 21.13 5.27
N PRO F 82 -48.10 20.66 6.25
CA PRO F 82 -47.64 19.55 7.08
C PRO F 82 -47.63 18.21 6.35
N ALA F 83 -48.19 18.14 5.14
CA ALA F 83 -48.18 16.89 4.41
C ALA F 83 -46.81 16.57 3.83
N LYS F 84 -45.99 17.60 3.59
CA LYS F 84 -44.70 17.41 2.94
C LYS F 84 -43.51 17.65 3.85
N LEU F 85 -43.68 18.40 4.94
CA LEU F 85 -42.55 18.67 5.81
C LEU F 85 -42.13 17.42 6.57
N ASP F 86 -43.09 16.60 6.97
CA ASP F 86 -42.77 15.34 7.61
C ASP F 86 -42.14 14.36 6.63
N ALA F 87 -42.49 14.46 5.35
CA ALA F 87 -41.85 13.61 4.36
C ALA F 87 -40.41 14.05 4.11
N SER F 88 -40.18 15.36 4.07
CA SER F 88 -38.83 15.86 3.84
C SER F 88 -37.95 15.77 5.08
N ILE F 89 -38.54 15.67 6.27
CA ILE F 89 -37.74 15.55 7.47
C ILE F 89 -37.18 14.14 7.62
N GLN F 90 -37.74 13.17 6.90
CA GLN F 90 -37.27 11.79 6.93
C GLN F 90 -36.28 11.47 5.82
N SER F 91 -36.01 12.41 4.94
CA SER F 91 -34.96 12.22 3.95
C SER F 91 -33.70 12.88 4.48
N PRO F 92 -32.76 12.14 5.05
CA PRO F 92 -31.63 12.76 5.73
C PRO F 92 -30.60 13.25 4.72
N ASN F 93 -29.58 13.89 5.26
CA ASN F 93 -28.67 14.72 4.48
C ASN F 93 -27.23 14.46 4.87
N LEU F 94 -26.82 13.19 4.82
CA LEU F 94 -25.50 12.76 5.25
C LEU F 94 -24.39 13.46 4.48
N GLN F 95 -23.52 14.16 5.20
CA GLN F 95 -22.37 14.81 4.62
C GLN F 95 -21.14 14.35 5.36
N THR F 96 -19.98 14.58 4.77
CA THR F 96 -18.72 14.16 5.35
C THR F 96 -17.73 15.32 5.36
N VAL F 97 -17.88 16.17 6.35
CA VAL F 97 -17.09 17.39 6.41
C VAL F 97 -15.73 17.08 6.98
N ASP F 98 -14.81 18.04 6.93
CA ASP F 98 -13.54 17.93 7.62
C ASP F 98 -13.54 18.83 8.83
N VAL F 99 -12.47 18.75 9.61
CA VAL F 99 -12.39 19.48 10.86
C VAL F 99 -10.92 19.53 11.23
N ALA F 100 -10.55 20.48 12.09
CA ALA F 100 -9.21 20.55 12.60
C ALA F 100 -9.30 20.85 14.08
N ASN F 101 -8.97 19.87 14.91
CA ASN F 101 -8.92 20.04 16.35
C ASN F 101 -7.48 20.03 16.81
N LEU F 102 -7.25 20.66 17.95
CA LEU F 102 -5.97 20.52 18.60
C LEU F 102 -5.84 19.12 19.17
N PRO F 103 -4.62 18.68 19.46
CA PRO F 103 -4.45 17.49 20.30
C PRO F 103 -5.09 17.68 21.65
N SER F 104 -5.64 16.59 22.19
CA SER F 104 -6.53 16.64 23.34
C SER F 104 -5.82 16.98 24.63
N ASP F 105 -4.50 17.06 24.65
CA ASP F 105 -3.78 17.58 25.81
C ASP F 105 -3.14 18.91 25.51
N ALA F 106 -3.44 19.51 24.37
CA ALA F 106 -2.75 20.70 23.88
C ALA F 106 -3.73 21.87 23.83
N ASP F 107 -3.45 22.91 24.60
CA ASP F 107 -4.32 24.08 24.64
C ASP F 107 -3.63 25.33 24.13
N THR F 108 -2.83 25.22 23.08
CA THR F 108 -2.23 26.39 22.47
C THR F 108 -2.08 26.16 20.98
N LEU F 109 -2.53 27.13 20.19
CA LEU F 109 -2.42 27.09 18.74
C LEU F 109 -1.33 28.06 18.32
N LYS F 110 -0.32 27.56 17.61
CA LYS F 110 0.78 28.37 17.11
C LYS F 110 0.62 28.52 15.61
N VAL F 111 0.57 29.77 15.15
CA VAL F 111 0.57 30.09 13.74
C VAL F 111 1.84 30.84 13.44
N ARG F 112 2.63 30.32 12.50
CA ARG F 112 3.90 30.92 12.12
C ARG F 112 3.86 31.26 10.65
N PHE F 113 4.25 32.49 10.32
CA PHE F 113 4.27 32.89 8.94
C PHE F 113 5.30 34.00 8.78
N THR F 114 5.82 34.14 7.56
CA THR F 114 6.88 35.09 7.27
C THR F 114 6.43 36.14 6.28
N LEU F 115 6.69 37.39 6.60
CA LEU F 115 6.16 38.55 5.90
C LEU F 115 7.32 39.31 5.30
N ARG F 116 7.26 39.56 4.00
CA ARG F 116 8.35 40.18 3.26
C ARG F 116 7.89 41.56 2.80
N VAL F 117 8.55 42.61 3.26
CA VAL F 117 8.16 43.96 2.86
C VAL F 117 9.14 44.43 1.80
N LEU F 118 8.67 44.62 0.57
CA LEU F 118 9.61 44.88 -0.52
C LEU F 118 10.08 46.33 -0.53
N GLY F 119 9.18 47.27 -0.76
CA GLY F 119 9.55 48.66 -0.87
C GLY F 119 9.61 49.11 -2.32
N GLY F 120 9.77 50.42 -2.49
CA GLY F 120 9.65 51.01 -3.81
C GLY F 120 8.21 50.96 -4.26
N ALA F 121 7.36 51.78 -3.63
CA ALA F 121 5.92 51.63 -3.75
C ALA F 121 5.38 52.11 -5.08
N GLY F 122 5.91 53.22 -5.60
CA GLY F 122 5.23 53.93 -6.66
C GLY F 122 5.37 53.33 -8.04
N THR F 123 6.48 52.70 -8.32
CA THR F 123 6.83 52.29 -9.69
C THR F 123 5.96 51.15 -10.18
N PRO F 124 5.11 51.36 -11.18
CA PRO F 124 4.30 50.26 -11.68
C PRO F 124 5.14 49.31 -12.51
N SER F 125 4.69 48.07 -12.57
CA SER F 125 5.44 47.09 -13.33
C SER F 125 5.22 47.23 -14.83
N ALA F 126 4.14 47.89 -15.25
CA ALA F 126 3.88 48.06 -16.67
C ALA F 126 3.06 49.32 -16.87
N CYS F 127 3.13 49.86 -18.07
CA CYS F 127 2.36 51.04 -18.44
C CYS F 127 2.31 51.12 -19.96
N ASN F 128 1.71 52.17 -20.46
CA ASN F 128 1.78 52.48 -21.88
C ASN F 128 2.40 53.84 -22.15
N ASP F 129 1.85 54.90 -21.58
CA ASP F 129 2.37 56.24 -21.81
C ASP F 129 3.39 56.57 -20.74
N ALA F 130 4.59 56.95 -21.16
CA ALA F 130 5.60 57.35 -20.21
C ALA F 130 5.26 58.68 -19.56
N ALA F 131 4.55 59.55 -20.28
CA ALA F 131 4.12 60.83 -19.70
C ALA F 131 3.07 60.64 -18.62
N TYR F 132 2.34 59.55 -18.66
CA TYR F 132 1.53 59.16 -17.51
C TYR F 132 2.42 58.69 -16.37
N ARG F 133 3.43 57.90 -16.70
CA ARG F 133 4.15 57.14 -15.68
C ARG F 133 5.05 58.05 -14.86
N ASP F 134 5.72 59.02 -15.49
CA ASP F 134 6.59 59.89 -14.72
C ASP F 134 5.78 60.88 -13.89
N LYS F 135 4.60 61.26 -14.39
CA LYS F 135 3.69 62.09 -13.60
C LYS F 135 3.21 61.34 -12.37
N LEU F 136 2.93 60.05 -12.55
CA LEU F 136 2.51 59.21 -11.43
C LEU F 136 3.61 59.09 -10.39
N LEU F 137 4.84 58.86 -10.86
CA LEU F 137 5.98 58.78 -9.95
C LEU F 137 6.27 60.12 -9.30
N GLN F 138 5.99 61.22 -10.00
CA GLN F 138 6.13 62.54 -9.41
C GLN F 138 5.16 62.74 -8.27
N THR F 139 3.90 62.34 -8.48
CA THR F 139 2.89 62.47 -7.44
C THR F 139 3.24 61.63 -6.23
N VAL F 140 3.68 60.40 -6.46
CA VAL F 140 4.02 59.50 -5.37
C VAL F 140 5.24 60.02 -4.61
N ALA F 141 6.22 60.54 -5.33
CA ALA F 141 7.41 61.06 -4.67
C ALA F 141 7.12 62.32 -3.89
N THR F 142 6.20 63.17 -4.38
CA THR F 142 5.81 64.34 -3.62
C THR F 142 5.06 63.94 -2.36
N TYR F 143 4.25 62.88 -2.46
CA TYR F 143 3.60 62.34 -1.27
C TYR F 143 4.62 61.83 -0.28
N VAL F 144 5.62 61.10 -0.77
CA VAL F 144 6.56 60.41 0.13
C VAL F 144 7.46 61.41 0.83
N ASN F 145 8.05 62.36 0.09
CA ASN F 145 8.90 63.31 0.77
C ASN F 145 8.10 64.37 1.51
N ASP F 146 6.83 64.53 1.17
CA ASP F 146 5.96 65.41 1.97
C ASP F 146 5.72 64.82 3.35
N GLN F 147 5.19 63.61 3.41
CA GLN F 147 4.99 62.89 4.65
C GLN F 147 5.38 61.45 4.41
N GLY F 148 5.99 60.82 5.40
CA GLY F 148 6.56 59.50 5.18
C GLY F 148 5.50 58.43 5.05
N PHE F 149 5.98 57.20 5.08
CA PHE F 149 5.07 56.07 5.15
C PHE F 149 4.60 55.78 6.57
N ALA F 150 4.83 56.71 7.51
CA ALA F 150 4.65 56.43 8.93
C ALA F 150 3.19 56.19 9.29
N GLU F 151 2.26 56.85 8.61
CA GLU F 151 0.88 56.62 8.95
C GLU F 151 0.34 55.34 8.34
N LEU F 152 0.89 54.91 7.21
CA LEU F 152 0.57 53.55 6.78
C LEU F 152 1.33 52.52 7.60
N ALA F 153 2.48 52.89 8.15
CA ALA F 153 3.25 51.93 8.91
C ALA F 153 2.63 51.66 10.27
N ARG F 154 2.16 52.71 10.95
CA ARG F 154 1.52 52.55 12.24
C ARG F 154 0.21 51.82 12.15
N ARG F 155 -0.39 51.76 10.97
CA ARG F 155 -1.59 50.98 10.77
C ARG F 155 -1.32 49.59 10.23
N TYR F 156 -0.19 49.37 9.56
CA TYR F 156 0.19 47.99 9.25
C TYR F 156 0.83 47.29 10.42
N ALA F 157 1.19 48.01 11.48
CA ALA F 157 1.71 47.33 12.64
C ALA F 157 0.60 46.81 13.54
N HIS F 158 -0.53 47.50 13.59
CA HIS F 158 -1.59 47.06 14.47
C HIS F 158 -2.45 45.97 13.87
N ASN F 159 -2.17 45.54 12.65
CA ASN F 159 -2.67 44.27 12.18
C ASN F 159 -1.61 43.19 12.31
N LEU F 160 -0.60 43.44 13.13
CA LEU F 160 0.28 42.41 13.64
C LEU F 160 0.46 42.49 15.13
N ALA F 161 0.20 43.65 15.75
CA ALA F 161 0.27 43.77 17.19
C ALA F 161 -0.88 43.00 17.80
N ASN F 162 -2.11 43.42 17.55
CA ASN F 162 -3.23 42.54 17.81
C ASN F 162 -3.36 41.61 16.62
N ALA F 163 -3.43 40.32 16.89
CA ALA F 163 -3.32 39.35 15.81
C ALA F 163 -4.66 39.26 15.08
N ARG F 164 -4.91 40.23 14.23
CA ARG F 164 -6.11 40.16 13.41
C ARG F 164 -5.98 39.17 12.27
N PHE F 165 -4.82 38.55 12.07
CA PHE F 165 -4.70 37.51 11.07
C PHE F 165 -5.20 36.18 11.58
N LEU F 166 -5.23 35.97 12.88
CA LEU F 166 -5.99 34.87 13.45
C LEU F 166 -7.45 35.25 13.26
N TRP F 167 -8.08 34.73 12.22
CA TRP F 167 -9.35 35.29 11.79
C TRP F 167 -10.50 34.95 12.70
N ARG F 168 -10.88 33.69 12.74
CA ARG F 168 -11.92 33.22 13.64
C ARG F 168 -11.34 32.56 14.87
N ASN F 169 -10.06 32.21 14.83
CA ASN F 169 -9.42 31.60 15.97
C ASN F 169 -9.10 32.60 17.06
N ARG F 170 -9.33 33.89 16.82
CA ARG F 170 -9.02 34.88 17.84
C ARG F 170 -10.16 35.03 18.83
N VAL F 171 -11.40 35.00 18.34
CA VAL F 171 -12.54 35.38 19.17
C VAL F 171 -12.81 34.29 20.19
N GLY F 172 -12.90 34.71 21.44
CA GLY F 172 -13.00 33.74 22.52
C GLY F 172 -11.70 33.02 22.71
N ALA F 173 -10.69 33.72 23.17
CA ALA F 173 -9.42 33.11 23.49
C ALA F 173 -8.91 33.70 24.79
N GLU F 174 -8.10 32.93 25.50
CA GLU F 174 -7.73 33.33 26.85
C GLU F 174 -6.65 34.39 26.84
N ALA F 175 -5.59 34.16 26.09
CA ALA F 175 -4.55 35.17 25.93
C ALA F 175 -3.85 34.91 24.61
N VAL F 176 -3.95 35.85 23.69
CA VAL F 176 -3.25 35.76 22.42
C VAL F 176 -1.94 36.52 22.57
N GLU F 177 -0.86 35.94 22.08
CA GLU F 177 0.43 36.60 22.16
C GLU F 177 1.19 36.39 20.87
N VAL F 178 1.65 37.46 20.25
CA VAL F 178 2.47 37.35 19.04
C VAL F 178 3.88 37.75 19.37
N ARG F 179 4.81 37.05 18.75
CA ARG F 179 6.23 37.31 18.87
C ARG F 179 6.76 37.52 17.47
N ILE F 180 7.50 38.61 17.27
CA ILE F 180 7.96 39.02 15.95
C ILE F 180 9.47 39.07 15.97
N ASN F 181 10.10 38.35 15.05
CA ASN F 181 11.55 38.33 14.94
C ASN F 181 11.93 38.85 13.56
N HIS F 182 12.70 39.92 13.52
CA HIS F 182 13.15 40.49 12.25
C HIS F 182 14.42 39.76 11.83
N ILE F 183 14.38 39.07 10.69
CA ILE F 183 15.56 38.32 10.29
C ILE F 183 16.34 39.13 9.26
N ARG F 184 17.67 39.08 9.38
CA ARG F 184 18.61 39.84 8.57
C ARG F 184 19.58 38.93 7.85
N GLN F 185 20.13 37.97 8.56
CA GLN F 185 20.79 36.80 8.00
C GLN F 185 19.92 35.67 8.49
N GLY F 186 20.41 34.43 8.47
CA GLY F 186 19.69 33.34 9.11
C GLY F 186 19.32 33.57 10.57
N GLU F 187 20.06 34.41 11.27
CA GLU F 187 19.77 34.75 12.65
C GLU F 187 18.79 35.92 12.72
N VAL F 188 18.34 36.20 13.95
CA VAL F 188 17.40 37.29 14.20
C VAL F 188 18.14 38.59 14.25
N ALA F 189 17.41 39.70 14.23
CA ALA F 189 18.00 41.00 14.50
C ALA F 189 17.33 41.69 15.67
N ARG F 190 16.01 41.71 15.72
CA ARG F 190 15.29 42.26 16.85
C ARG F 190 14.09 41.40 17.16
N ALA F 191 13.78 41.31 18.45
CA ALA F 191 12.73 40.43 18.96
C ALA F 191 11.67 41.23 19.67
N TRP F 192 10.41 40.90 19.41
CA TRP F 192 9.26 41.64 19.91
C TRP F 192 8.26 40.72 20.56
N ARG F 193 7.89 41.03 21.80
CA ARG F 193 6.83 40.35 22.52
C ARG F 193 5.65 41.31 22.68
N PHE F 194 4.48 40.86 22.28
CA PHE F 194 3.26 41.66 22.35
C PHE F 194 2.26 41.00 23.27
N ASP F 195 1.04 41.52 23.27
CA ASP F 195 -0.06 40.90 23.99
C ASP F 195 -1.34 41.34 23.29
N ALA F 196 -1.87 40.49 22.43
CA ALA F 196 -2.84 40.91 21.43
C ALA F 196 -4.19 41.21 21.98
N LEU F 197 -4.45 41.31 23.27
CA LEU F 197 -5.76 41.76 23.74
C LEU F 197 -5.70 43.09 24.45
N ALA F 198 -4.57 43.44 25.05
CA ALA F 198 -4.40 44.79 25.55
C ALA F 198 -4.35 45.78 24.40
N ILE F 199 -3.63 45.43 23.35
CA ILE F 199 -3.72 46.16 22.10
C ILE F 199 -5.05 45.81 21.45
N GLY F 200 -5.90 46.80 21.29
CA GLY F 200 -7.27 46.55 20.91
C GLY F 200 -7.42 46.19 19.46
N LEU F 201 -8.60 45.73 19.12
CA LEU F 201 -9.00 45.51 17.74
C LEU F 201 -9.60 46.74 17.10
N ARG F 202 -9.79 47.80 17.88
CA ARG F 202 -10.51 48.99 17.41
C ARG F 202 -9.63 50.22 17.37
N ASP F 203 -9.04 50.63 18.49
CA ASP F 203 -8.30 51.87 18.54
C ASP F 203 -6.88 51.65 18.08
N PHE F 204 -6.30 52.68 17.46
CA PHE F 204 -4.92 52.65 17.00
C PHE F 204 -4.09 53.47 17.97
N LYS F 205 -3.46 52.79 18.91
CA LYS F 205 -2.75 53.41 20.02
C LYS F 205 -1.38 53.90 19.56
N ALA F 206 -0.55 54.27 20.52
CA ALA F 206 0.83 54.68 20.24
C ALA F 206 1.68 54.21 21.41
N ASP F 207 2.31 53.05 21.24
CA ASP F 207 3.12 52.45 22.29
C ASP F 207 4.59 52.77 22.06
N ALA F 208 5.39 52.55 23.11
CA ALA F 208 6.82 52.77 23.04
C ALA F 208 7.56 51.67 22.30
N GLU F 209 6.87 50.59 21.90
CA GLU F 209 7.50 49.54 21.12
C GLU F 209 6.85 49.32 19.77
N LEU F 210 5.61 49.78 19.57
CA LEU F 210 5.02 49.72 18.25
C LEU F 210 5.59 50.75 17.30
N ASP F 211 6.17 51.83 17.83
CA ASP F 211 6.82 52.78 16.96
C ASP F 211 8.07 52.20 16.31
N ALA F 212 8.74 51.27 16.98
CA ALA F 212 9.95 50.68 16.42
C ALA F 212 9.62 49.75 15.27
N LEU F 213 8.63 48.88 15.46
CA LEU F 213 8.14 48.08 14.35
C LEU F 213 7.54 48.95 13.26
N ALA F 214 6.92 50.06 13.66
CA ALA F 214 6.35 50.99 12.70
C ALA F 214 7.44 51.58 11.80
N GLU F 215 8.48 52.15 12.40
CA GLU F 215 9.53 52.75 11.60
C GLU F 215 10.36 51.71 10.88
N LEU F 216 10.38 50.46 11.35
CA LEU F 216 11.04 49.41 10.59
C LEU F 216 10.29 49.11 9.31
N ILE F 217 8.96 48.99 9.38
CA ILE F 217 8.25 48.79 8.11
C ILE F 217 8.21 50.08 7.30
N ALA F 218 8.40 51.23 7.93
CA ALA F 218 8.54 52.47 7.18
C ALA F 218 9.82 52.45 6.34
N SER F 219 10.92 52.04 6.94
CA SER F 219 12.16 51.89 6.19
C SER F 219 12.08 50.72 5.21
N GLY F 220 11.22 49.75 5.48
CA GLY F 220 11.06 48.66 4.55
C GLY F 220 10.21 49.00 3.35
N LEU F 221 9.32 49.98 3.48
CA LEU F 221 8.51 50.38 2.34
C LEU F 221 9.13 51.50 1.52
N SER F 222 9.99 52.30 2.13
CA SER F 222 10.60 53.42 1.44
C SER F 222 11.83 53.03 0.65
N GLY F 223 12.08 51.73 0.47
CA GLY F 223 13.24 51.28 -0.27
C GLY F 223 14.57 51.47 0.42
N SER F 224 14.57 51.85 1.70
CA SER F 224 15.80 52.16 2.42
C SER F 224 16.44 50.94 3.05
N GLY F 225 16.17 49.76 2.53
CA GLY F 225 16.69 48.51 3.05
C GLY F 225 15.84 47.36 2.54
N HIS F 226 15.83 46.28 3.31
CA HIS F 226 14.96 45.17 3.00
C HIS F 226 14.66 44.39 4.27
N VAL F 227 13.38 44.25 4.60
CA VAL F 227 12.98 43.63 5.85
C VAL F 227 12.08 42.45 5.58
N LEU F 228 12.29 41.41 6.38
CA LEU F 228 11.54 40.18 6.34
C LEU F 228 11.38 39.72 7.77
N LEU F 229 10.15 39.48 8.18
CA LEU F 229 9.82 39.19 9.56
C LEU F 229 9.25 37.79 9.67
N GLU F 230 9.63 37.09 10.72
CA GLU F 230 8.96 35.85 11.10
C GLU F 230 8.05 36.18 12.26
N VAL F 231 6.75 35.99 12.07
CA VAL F 231 5.75 36.34 13.05
C VAL F 231 5.05 35.08 13.50
N VAL F 232 4.99 34.87 14.81
CA VAL F 232 4.29 33.73 15.37
C VAL F 232 3.20 34.24 16.30
N ALA F 233 2.13 33.46 16.38
CA ALA F 233 0.95 33.82 17.13
C ALA F 233 0.54 32.63 17.98
N PHE F 234 0.44 32.83 19.28
CA PHE F 234 -0.05 31.83 20.20
C PHE F 234 -1.46 32.21 20.61
N ALA F 235 -2.41 31.33 20.35
CA ALA F 235 -3.79 31.52 20.76
C ALA F 235 -4.15 30.41 21.72
N ARG F 236 -4.46 30.76 22.96
CA ARG F 236 -4.80 29.77 23.97
C ARG F 236 -6.27 29.44 23.85
N ILE F 237 -6.58 28.53 22.92
CA ILE F 237 -7.97 28.22 22.61
C ILE F 237 -8.56 27.37 23.72
N GLY F 238 -8.08 26.14 23.83
CA GLY F 238 -8.68 25.17 24.71
C GLY F 238 -8.30 23.78 24.30
N ASP F 239 -8.11 22.89 25.27
CA ASP F 239 -7.60 21.57 24.97
C ASP F 239 -8.66 20.75 24.27
N GLY F 240 -8.31 20.24 23.11
CA GLY F 240 -9.26 19.46 22.34
C GLY F 240 -10.27 20.28 21.60
N GLN F 241 -10.16 21.60 21.61
CA GLN F 241 -11.16 22.48 21.03
C GLN F 241 -11.01 22.49 19.51
N GLU F 242 -11.72 23.37 18.81
CA GLU F 242 -11.66 23.43 17.37
C GLU F 242 -10.92 24.67 16.92
N VAL F 243 -10.07 24.53 15.92
CA VAL F 243 -9.46 25.67 15.24
C VAL F 243 -9.90 25.63 13.80
N PHE F 244 -9.60 26.69 13.06
CA PHE F 244 -10.14 26.90 11.73
C PHE F 244 -9.04 27.24 10.73
N PRO F 245 -8.86 26.43 9.71
CA PRO F 245 -7.99 26.82 8.60
C PRO F 245 -8.77 27.53 7.52
N SER F 246 -8.16 27.84 6.40
CA SER F 246 -8.92 28.34 5.26
C SER F 246 -9.57 27.18 4.55
N GLN F 247 -10.76 27.42 4.05
CA GLN F 247 -11.59 26.39 3.44
C GLN F 247 -11.50 26.49 1.93
N GLU F 248 -11.49 25.36 1.26
CA GLU F 248 -11.29 25.38 -0.18
C GLU F 248 -12.59 25.16 -0.95
N LEU F 249 -12.46 25.14 -2.27
CA LEU F 249 -13.58 24.89 -3.16
C LEU F 249 -13.98 23.43 -3.13
N ILE F 250 -15.07 23.14 -3.83
CA ILE F 250 -15.59 21.78 -3.95
C ILE F 250 -15.62 21.42 -5.42
N LEU F 251 -14.69 20.56 -5.84
CA LEU F 251 -14.52 20.06 -7.21
C LEU F 251 -14.29 21.20 -8.22
N LYS F 260 -17.05 14.48 -0.33
CA LYS F 260 -16.76 15.47 0.69
C LYS F 260 -17.61 16.70 0.47
N SER F 261 -17.71 17.56 1.47
CA SER F 261 -18.50 18.77 1.33
C SER F 261 -17.92 19.96 2.06
N LYS F 262 -16.73 19.84 2.64
CA LYS F 262 -16.04 20.98 3.24
C LYS F 262 -14.56 20.60 3.28
N THR F 263 -13.79 21.09 2.34
CA THR F 263 -12.39 20.74 2.25
C THR F 263 -11.55 21.81 2.92
N LEU F 264 -10.46 21.40 3.56
CA LEU F 264 -9.59 22.36 4.21
C LEU F 264 -8.24 22.39 3.52
N TYR F 265 -7.48 23.44 3.81
CA TYR F 265 -6.21 23.69 3.14
C TYR F 265 -5.09 23.02 3.92
N SER F 266 -4.43 22.08 3.28
CA SER F 266 -3.33 21.34 3.87
C SER F 266 -2.11 21.49 2.98
N VAL F 267 -1.03 22.03 3.55
CA VAL F 267 0.17 22.26 2.75
C VAL F 267 0.95 20.98 2.55
N ARG F 268 1.52 20.42 3.61
CA ARG F 268 2.11 19.09 3.57
C ARG F 268 1.54 18.34 4.76
N ASP F 269 0.30 17.90 4.61
CA ASP F 269 -0.51 17.28 5.66
C ASP F 269 -0.46 18.06 6.97
N ALA F 270 -0.59 19.39 6.86
CA ALA F 270 -0.66 20.26 8.00
C ALA F 270 -1.64 21.37 7.67
N ALA F 271 -2.49 21.70 8.61
CA ALA F 271 -3.53 22.68 8.34
C ALA F 271 -2.94 24.08 8.27
N ALA F 272 -3.41 24.86 7.31
CA ALA F 272 -2.80 26.15 7.06
C ALA F 272 -3.83 27.16 6.62
N ILE F 273 -3.73 28.38 7.14
CA ILE F 273 -4.48 29.48 6.60
C ILE F 273 -3.92 29.80 5.23
N HIS F 274 -4.75 30.38 4.37
CA HIS F 274 -4.31 30.83 3.06
C HIS F 274 -3.31 31.97 3.19
N SER F 275 -2.61 32.26 2.10
CA SER F 275 -1.68 33.38 2.14
C SER F 275 -2.42 34.69 2.02
N GLN F 276 -3.25 34.82 1.00
CA GLN F 276 -3.95 36.07 0.77
C GLN F 276 -5.05 36.33 1.79
N LYS F 277 -5.47 35.32 2.54
CA LYS F 277 -6.35 35.61 3.67
C LYS F 277 -5.61 36.34 4.76
N ILE F 278 -4.38 35.94 5.03
CA ILE F 278 -3.51 36.72 5.91
C ILE F 278 -3.26 38.09 5.30
N GLY F 279 -3.20 38.15 3.97
CA GLY F 279 -3.07 39.45 3.31
C GLY F 279 -4.28 40.33 3.53
N ASN F 280 -5.47 39.75 3.47
CA ASN F 280 -6.69 40.53 3.66
C ASN F 280 -6.84 40.97 5.08
N ALA F 281 -6.36 40.18 6.02
CA ALA F 281 -6.36 40.66 7.39
C ALA F 281 -5.28 41.68 7.64
N LEU F 282 -4.23 41.68 6.83
CA LEU F 282 -3.10 42.54 7.12
C LEU F 282 -3.31 43.97 6.69
N ARG F 283 -4.19 44.23 5.72
CA ARG F 283 -4.40 45.56 5.22
C ARG F 283 -5.74 46.14 5.65
N THR F 284 -6.28 45.67 6.78
CA THR F 284 -7.44 46.32 7.37
C THR F 284 -6.95 47.55 8.10
N ILE F 285 -6.84 48.66 7.37
CA ILE F 285 -6.35 49.90 7.94
C ILE F 285 -7.34 51.01 7.61
N ASP F 286 -8.32 50.70 6.77
CA ASP F 286 -9.18 51.71 6.18
C ASP F 286 -10.21 52.20 7.19
N THR F 287 -9.96 53.33 7.80
CA THR F 287 -10.90 53.95 8.71
C THR F 287 -11.33 55.33 8.23
N TRP F 288 -11.45 55.50 6.91
CA TRP F 288 -11.76 56.78 6.29
C TRP F 288 -12.91 56.61 5.31
N TYR F 289 -14.00 56.01 5.78
CA TYR F 289 -15.19 55.80 4.97
C TYR F 289 -15.84 57.12 4.59
N PRO F 290 -16.71 57.11 3.60
CA PRO F 290 -17.70 58.18 3.51
C PRO F 290 -18.75 58.04 4.60
N ASP F 291 -19.01 56.82 5.04
CA ASP F 291 -20.26 56.52 5.74
C ASP F 291 -20.22 56.93 7.21
N GLU F 292 -19.38 56.26 8.00
CA GLU F 292 -19.46 56.41 9.45
C GLU F 292 -18.22 55.83 10.10
N ASP F 293 -17.59 56.62 10.97
CA ASP F 293 -16.39 56.17 11.64
C ASP F 293 -16.65 55.31 12.87
N GLY F 294 -17.92 55.07 13.21
CA GLY F 294 -18.21 54.30 14.40
C GLY F 294 -18.31 52.80 14.22
N LEU F 295 -17.82 52.26 13.11
CA LEU F 295 -17.92 50.82 12.85
C LEU F 295 -16.57 50.17 12.66
N GLY F 296 -15.47 50.89 12.87
CA GLY F 296 -14.15 50.30 12.81
C GLY F 296 -13.64 50.09 11.39
N PRO F 297 -12.38 49.70 11.26
CA PRO F 297 -11.74 49.63 9.95
C PRO F 297 -12.17 48.41 9.14
N ILE F 298 -11.91 48.48 7.83
CA ILE F 298 -12.06 47.36 6.92
C ILE F 298 -10.83 47.28 6.02
N ALA F 299 -10.87 46.33 5.09
CA ALA F 299 -9.77 46.08 4.19
C ALA F 299 -9.78 47.04 3.01
N VAL F 300 -8.60 47.55 2.65
CA VAL F 300 -8.48 48.57 1.61
C VAL F 300 -8.74 48.00 0.23
N GLU F 301 -9.87 48.35 -0.33
CA GLU F 301 -10.20 47.93 -1.68
C GLU F 301 -10.41 49.18 -2.53
N PRO F 302 -10.52 49.05 -3.86
CA PRO F 302 -10.95 50.20 -4.65
C PRO F 302 -12.33 50.69 -4.25
N TYR F 303 -13.33 49.84 -4.43
CA TYR F 303 -14.63 50.06 -3.84
C TYR F 303 -14.62 49.28 -2.54
N GLY F 304 -14.70 49.98 -1.41
CA GLY F 304 -14.54 49.29 -0.14
C GLY F 304 -15.70 48.34 0.09
N SER F 305 -15.46 47.05 -0.18
CA SER F 305 -16.52 46.09 -0.38
C SER F 305 -16.23 44.87 0.46
N VAL F 306 -16.65 44.90 1.72
CA VAL F 306 -16.53 43.73 2.57
C VAL F 306 -17.56 42.71 2.14
N THR F 307 -17.09 41.51 1.77
CA THR F 307 -18.00 40.48 1.30
C THR F 307 -18.84 39.90 2.42
N SER F 308 -18.36 39.99 3.66
CA SER F 308 -19.13 39.55 4.81
C SER F 308 -20.36 40.43 5.00
N GLN F 309 -20.17 41.73 5.18
CA GLN F 309 -21.31 42.61 5.40
C GLN F 309 -22.12 42.86 4.14
N GLY F 310 -21.64 42.43 2.98
CA GLY F 310 -22.44 42.44 1.77
C GLY F 310 -22.69 43.79 1.14
N LYS F 311 -22.26 44.88 1.76
CA LYS F 311 -22.41 46.21 1.19
C LYS F 311 -21.06 46.71 0.73
N ALA F 312 -21.07 47.78 -0.06
CA ALA F 312 -19.84 48.35 -0.60
C ALA F 312 -19.74 49.80 -0.16
N TYR F 313 -18.88 50.06 0.82
CA TYR F 313 -18.51 51.43 1.14
C TYR F 313 -17.66 51.99 0.01
N ARG F 314 -17.53 53.32 -0.01
CA ARG F 314 -16.89 54.08 -1.08
C ARG F 314 -17.51 53.74 -2.43
N GLN F 315 -18.79 54.08 -2.56
CA GLN F 315 -19.48 53.84 -3.81
C GLN F 315 -19.01 54.83 -4.87
N PRO F 316 -18.98 54.42 -6.14
CA PRO F 316 -18.55 55.35 -7.19
C PRO F 316 -19.53 56.46 -7.46
N LYS F 317 -20.79 56.33 -7.02
CA LYS F 317 -21.72 57.45 -7.11
C LYS F 317 -21.32 58.56 -6.16
N GLN F 318 -20.63 58.23 -5.08
CA GLN F 318 -19.96 59.26 -4.30
C GLN F 318 -18.55 59.44 -4.84
N LYS F 319 -17.96 60.57 -4.53
CA LYS F 319 -16.62 60.89 -5.01
C LYS F 319 -15.59 60.56 -3.93
N LEU F 320 -15.60 59.31 -3.48
CA LEU F 320 -14.65 58.90 -2.46
C LEU F 320 -14.08 57.51 -2.68
N ASP F 321 -14.19 56.97 -3.88
CA ASP F 321 -13.62 55.66 -4.15
C ASP F 321 -12.17 55.83 -4.58
N PHE F 322 -11.56 54.77 -5.10
CA PHE F 322 -10.18 54.87 -5.55
C PHE F 322 -10.06 55.28 -7.00
N TYR F 323 -10.92 54.75 -7.87
CA TYR F 323 -10.77 54.98 -9.30
C TYR F 323 -11.04 56.41 -9.71
N THR F 324 -11.83 57.15 -8.95
CA THR F 324 -11.99 58.58 -9.16
C THR F 324 -11.23 59.38 -8.13
N LEU F 325 -10.27 58.77 -7.46
CA LEU F 325 -9.29 59.49 -6.69
C LEU F 325 -7.90 59.38 -7.28
N LEU F 326 -7.73 58.54 -8.29
CA LEU F 326 -6.45 58.47 -9.00
C LEU F 326 -6.42 59.50 -10.12
N ASP F 327 -7.36 59.39 -11.07
CA ASP F 327 -7.38 60.29 -12.21
C ASP F 327 -7.81 61.70 -11.86
N ASN F 328 -8.32 61.93 -10.65
CA ASN F 328 -8.53 63.28 -10.17
C ASN F 328 -7.39 63.73 -9.27
N TRP F 329 -6.26 63.07 -9.33
CA TRP F 329 -5.08 63.50 -8.60
C TRP F 329 -3.89 63.56 -9.53
N VAL F 330 -3.86 62.71 -10.54
CA VAL F 330 -2.74 62.64 -11.44
C VAL F 330 -3.05 63.17 -12.84
N LEU F 331 -4.31 63.38 -13.18
CA LEU F 331 -4.63 64.03 -14.45
C LEU F 331 -5.05 65.48 -14.23
N ARG F 332 -6.08 65.71 -13.42
CA ARG F 332 -6.55 67.04 -13.16
C ARG F 332 -5.83 67.69 -11.98
N ASP F 333 -5.03 66.93 -11.27
CA ASP F 333 -3.98 67.42 -10.38
C ASP F 333 -4.50 68.20 -9.18
N GLU F 334 -5.75 67.99 -8.78
CA GLU F 334 -6.20 68.50 -7.50
C GLU F 334 -5.90 67.47 -6.43
N ALA F 335 -5.34 67.92 -5.34
CA ALA F 335 -5.01 66.94 -4.33
C ALA F 335 -6.25 66.60 -3.51
N PRO F 336 -6.41 65.34 -3.12
CA PRO F 336 -7.45 65.02 -2.13
C PRO F 336 -7.00 65.43 -0.75
N ALA F 337 -7.84 65.21 0.25
CA ALA F 337 -7.46 65.53 1.62
C ALA F 337 -6.35 64.59 2.09
N VAL F 338 -5.71 64.96 3.20
CA VAL F 338 -4.56 64.22 3.68
C VAL F 338 -4.95 62.84 4.19
N GLU F 339 -6.22 62.64 4.53
CA GLU F 339 -6.67 61.29 4.88
C GLU F 339 -6.72 60.40 3.66
N GLN F 340 -7.34 60.89 2.58
CA GLN F 340 -7.54 60.05 1.41
C GLN F 340 -6.24 59.74 0.67
N GLN F 341 -5.19 60.53 0.90
CA GLN F 341 -3.90 60.20 0.32
C GLN F 341 -3.37 58.88 0.88
N HIS F 342 -3.59 58.64 2.17
CA HIS F 342 -3.18 57.39 2.77
C HIS F 342 -3.93 56.21 2.15
N TYR F 343 -5.21 56.39 1.86
CA TYR F 343 -5.98 55.32 1.25
C TYR F 343 -5.57 55.13 -0.20
N VAL F 344 -5.25 56.20 -0.91
CA VAL F 344 -4.92 56.05 -2.32
C VAL F 344 -3.51 55.51 -2.51
N ILE F 345 -2.65 55.60 -1.50
CA ILE F 345 -1.37 54.93 -1.55
C ILE F 345 -1.51 53.48 -1.10
N ALA F 346 -2.29 53.25 -0.05
CA ALA F 346 -2.51 51.90 0.45
C ALA F 346 -3.25 51.05 -0.55
N ASN F 347 -4.02 51.64 -1.45
CA ASN F 347 -4.55 50.86 -2.53
C ASN F 347 -3.49 50.48 -3.54
N LEU F 348 -2.39 51.21 -3.58
CA LEU F 348 -1.32 50.83 -4.49
C LEU F 348 -0.43 49.77 -3.88
N ILE F 349 -0.28 49.76 -2.56
CA ILE F 349 0.57 48.74 -1.95
C ILE F 349 -0.07 47.35 -2.05
N ARG F 350 -1.40 47.27 -2.13
CA ARG F 350 -2.00 46.00 -2.44
C ARG F 350 -1.87 45.63 -3.90
N GLY F 351 -1.47 46.55 -4.75
CA GLY F 351 -1.24 46.20 -6.13
C GLY F 351 -2.53 46.13 -6.93
N GLY F 352 -2.47 45.39 -8.03
CA GLY F 352 -3.68 45.15 -8.78
C GLY F 352 -3.51 45.54 -10.22
N VAL F 353 -4.63 45.61 -10.92
CA VAL F 353 -4.68 45.95 -12.33
C VAL F 353 -5.68 47.07 -12.52
N PHE F 354 -5.30 48.09 -13.29
CA PHE F 354 -6.11 49.30 -13.41
C PHE F 354 -6.19 49.71 -14.87
N GLY F 355 -6.96 50.77 -15.12
CA GLY F 355 -6.96 51.48 -16.38
C GLY F 355 -7.46 50.72 -17.60
N GLU F 356 -8.74 50.38 -17.63
CA GLU F 356 -9.28 49.66 -18.77
C GLU F 356 -9.75 50.63 -19.85
N THR G 26 18.53 38.88 -50.09
CA THR G 26 17.37 39.74 -50.09
C THR G 26 16.40 39.33 -51.16
N ALA G 27 16.76 38.25 -51.87
CA ALA G 27 16.03 37.83 -53.06
C ALA G 27 14.60 37.43 -52.74
N SER G 28 14.41 36.32 -52.02
CA SER G 28 13.09 36.00 -51.51
C SER G 28 13.08 35.80 -50.01
N VAL G 29 13.92 34.90 -49.49
CA VAL G 29 13.81 34.45 -48.11
C VAL G 29 15.21 34.38 -47.51
N LEU G 30 15.35 34.84 -46.28
CA LEU G 30 16.61 34.74 -45.58
C LEU G 30 16.33 34.62 -44.09
N ALA G 31 16.83 33.55 -43.48
CA ALA G 31 16.49 33.23 -42.11
C ALA G 31 17.74 32.73 -41.39
N PHE G 32 17.80 33.03 -40.10
CA PHE G 32 18.97 32.77 -39.29
C PHE G 32 18.59 31.89 -38.12
N GLU G 33 19.14 30.68 -38.10
CA GLU G 33 19.00 29.78 -36.96
C GLU G 33 19.67 30.41 -35.75
N ARG G 34 19.07 30.21 -34.59
CA ARG G 34 19.47 31.00 -33.44
C ARG G 34 20.75 30.47 -32.85
N LYS G 35 21.50 31.38 -32.25
CA LYS G 35 22.62 31.09 -31.40
C LYS G 35 22.24 31.50 -29.99
N LEU G 36 23.16 31.31 -29.05
CA LEU G 36 22.95 31.60 -27.64
C LEU G 36 21.73 30.86 -27.10
N ASP G 37 21.59 29.61 -27.49
CA ASP G 37 20.42 28.83 -27.18
C ASP G 37 20.37 28.40 -25.72
N PRO G 38 19.42 28.85 -24.94
CA PRO G 38 19.34 28.40 -23.56
C PRO G 38 18.48 27.16 -23.41
N SER G 39 18.27 26.72 -22.18
CA SER G 39 17.33 25.63 -21.91
C SER G 39 16.41 25.98 -20.77
N ASP G 40 15.59 25.03 -20.33
CA ASP G 40 14.68 25.30 -19.23
C ASP G 40 15.45 25.45 -17.93
N ALA G 41 14.77 26.00 -16.95
CA ALA G 41 15.39 26.36 -15.68
C ALA G 41 14.61 25.69 -14.57
N LEU G 42 15.13 24.59 -14.05
CA LEU G 42 14.41 23.93 -12.98
C LEU G 42 14.69 24.63 -11.67
N MET G 43 13.89 24.30 -10.66
CA MET G 43 13.99 24.96 -9.37
C MET G 43 14.19 23.94 -8.25
N SER G 44 14.80 24.39 -7.18
CA SER G 44 14.98 23.62 -5.96
C SER G 44 15.03 24.58 -4.79
N ALA G 45 14.96 24.07 -3.57
CA ALA G 45 14.88 24.94 -2.41
C ALA G 45 15.69 24.39 -1.26
N GLY G 46 16.75 25.09 -0.88
CA GLY G 46 17.60 24.65 0.20
C GLY G 46 18.03 25.82 1.07
N ALA G 47 18.74 25.51 2.14
CA ALA G 47 19.10 26.54 3.08
C ALA G 47 20.30 27.34 2.59
N TRP G 48 20.69 28.34 3.37
CA TRP G 48 21.87 29.16 3.11
C TRP G 48 23.01 28.66 3.96
N ALA G 49 24.23 28.97 3.52
CA ALA G 49 25.49 28.36 3.98
C ALA G 49 25.44 26.84 3.88
N GLN G 50 24.67 26.35 2.93
CA GLN G 50 24.63 24.95 2.57
C GLN G 50 24.45 24.84 1.06
N ARG G 51 24.67 25.93 0.33
CA ARG G 51 24.46 25.97 -1.11
C ARG G 51 25.52 25.20 -1.88
N ASP G 52 26.61 24.79 -1.22
CA ASP G 52 27.64 24.03 -1.91
C ASP G 52 27.15 22.65 -2.30
N ALA G 53 26.24 22.07 -1.53
CA ALA G 53 25.78 20.71 -1.74
C ALA G 53 24.52 20.68 -2.59
N SER G 54 24.42 21.58 -3.55
CA SER G 54 23.16 21.79 -4.23
C SER G 54 22.88 20.81 -5.35
N GLN G 55 23.00 19.51 -5.08
CA GLN G 55 22.62 18.52 -6.06
C GLN G 55 21.50 17.61 -5.61
N GLU G 56 21.25 17.51 -4.31
CA GLU G 56 20.22 16.65 -3.77
C GLU G 56 19.04 17.45 -3.23
N TRP G 57 18.99 18.74 -3.51
CA TRP G 57 17.90 19.56 -2.99
C TRP G 57 16.59 19.19 -3.69
N PRO G 58 15.51 19.08 -2.94
CA PRO G 58 14.25 18.63 -3.53
C PRO G 58 13.65 19.71 -4.41
N ALA G 59 12.69 19.32 -5.22
CA ALA G 59 12.10 20.25 -6.16
C ALA G 59 11.13 21.19 -5.45
N VAL G 60 10.67 22.19 -6.19
CA VAL G 60 9.68 23.16 -5.71
C VAL G 60 8.45 22.93 -6.56
N THR G 61 7.52 22.17 -6.04
CA THR G 61 6.41 21.69 -6.86
C THR G 61 5.28 22.69 -6.87
N VAL G 62 4.28 22.41 -7.71
CA VAL G 62 3.16 23.32 -7.88
C VAL G 62 1.90 22.81 -7.17
N ARG G 63 1.72 23.23 -5.93
CA ARG G 63 0.47 22.95 -5.26
C ARG G 63 -0.59 23.94 -5.74
N GLU G 64 -1.84 23.64 -5.43
CA GLU G 64 -2.95 24.50 -5.82
C GLU G 64 -3.62 25.09 -4.60
N LYS G 65 -4.38 26.15 -4.82
CA LYS G 65 -5.32 26.63 -3.82
C LYS G 65 -6.53 27.16 -4.56
N SER G 66 -7.38 27.88 -3.85
CA SER G 66 -8.61 28.38 -4.44
C SER G 66 -8.96 29.68 -3.76
N VAL G 67 -9.27 30.70 -4.54
CA VAL G 67 -9.46 32.04 -4.01
C VAL G 67 -10.82 32.58 -4.45
N ARG G 68 -11.37 33.41 -3.57
CA ARG G 68 -12.66 34.06 -3.75
C ARG G 68 -12.41 35.54 -3.91
N GLY G 69 -12.54 36.03 -5.13
CA GLY G 69 -12.24 37.40 -5.43
C GLY G 69 -13.49 38.25 -5.52
N THR G 70 -13.38 39.48 -5.05
CA THR G 70 -14.40 40.48 -5.28
C THR G 70 -14.16 41.14 -6.63
N ILE G 71 -14.81 42.26 -6.89
CA ILE G 71 -14.71 42.93 -8.18
C ILE G 71 -13.88 44.19 -8.02
N SER G 72 -12.84 44.31 -8.84
CA SER G 72 -11.88 45.40 -8.73
C SER G 72 -11.54 45.99 -10.08
N ASN G 73 -12.46 45.95 -11.04
CA ASN G 73 -12.24 46.53 -12.34
C ASN G 73 -13.06 47.80 -12.49
N ARG G 74 -12.70 48.61 -13.48
CA ARG G 74 -13.51 49.77 -13.82
C ARG G 74 -14.82 49.33 -14.44
N LEU G 75 -15.84 50.16 -14.30
CA LEU G 75 -17.13 49.88 -14.91
C LEU G 75 -17.54 51.05 -15.79
N LYS G 76 -18.54 50.81 -16.61
CA LYS G 76 -18.99 51.82 -17.56
C LYS G 76 -19.88 52.85 -16.88
N THR G 77 -20.20 53.90 -17.64
CA THR G 77 -21.06 54.96 -17.11
C THR G 77 -22.51 54.49 -17.01
N LYS G 78 -22.92 53.57 -17.89
CA LYS G 78 -24.22 52.91 -17.73
C LYS G 78 -24.24 52.02 -16.50
N ASP G 79 -23.08 51.59 -16.02
CA ASP G 79 -22.93 50.86 -14.78
C ASP G 79 -22.71 51.86 -13.64
N ARG G 80 -22.20 51.38 -12.51
CA ARG G 80 -21.87 52.13 -11.30
C ARG G 80 -23.10 52.69 -10.60
N ASP G 81 -24.27 52.13 -10.85
CA ASP G 81 -25.38 52.41 -9.96
C ASP G 81 -25.19 51.62 -8.66
N PRO G 82 -25.57 52.19 -7.51
CA PRO G 82 -25.29 51.50 -6.23
C PRO G 82 -26.17 50.27 -5.97
N ALA G 83 -27.06 49.91 -6.87
CA ALA G 83 -27.85 48.69 -6.72
C ALA G 83 -27.22 47.50 -7.44
N LYS G 84 -26.76 47.70 -8.67
CA LYS G 84 -26.12 46.61 -9.41
C LYS G 84 -24.75 46.28 -8.85
N LEU G 85 -24.10 47.25 -8.22
CA LEU G 85 -22.78 46.99 -7.66
C LEU G 85 -22.86 46.10 -6.43
N ASP G 86 -23.77 46.38 -5.50
CA ASP G 86 -23.91 45.55 -4.32
C ASP G 86 -24.47 44.18 -4.66
N ALA G 87 -25.26 44.08 -5.72
CA ALA G 87 -25.72 42.78 -6.19
C ALA G 87 -24.62 42.00 -6.89
N SER G 88 -23.52 42.65 -7.26
CA SER G 88 -22.39 41.95 -7.82
C SER G 88 -21.49 41.37 -6.74
N ILE G 89 -21.33 42.06 -5.61
CA ILE G 89 -20.50 41.53 -4.53
C ILE G 89 -21.23 40.48 -3.71
N GLN G 90 -22.52 40.28 -3.96
CA GLN G 90 -23.22 39.11 -3.43
C GLN G 90 -22.87 37.84 -4.17
N SER G 91 -22.26 37.95 -5.35
CA SER G 91 -21.78 36.79 -6.10
C SER G 91 -20.33 37.04 -6.50
N PRO G 92 -19.39 36.80 -5.58
CA PRO G 92 -17.98 36.99 -5.91
C PRO G 92 -17.48 35.88 -6.82
N ASN G 93 -16.38 36.15 -7.51
CA ASN G 93 -15.83 35.18 -8.43
C ASN G 93 -15.05 34.12 -7.67
N LEU G 94 -15.10 32.89 -8.17
CA LEU G 94 -14.42 31.77 -7.54
C LEU G 94 -13.44 31.18 -8.54
N GLN G 95 -12.15 31.26 -8.23
CA GLN G 95 -11.17 30.77 -9.17
C GLN G 95 -10.10 30.02 -8.40
N THR G 96 -9.50 29.04 -9.06
CA THR G 96 -8.54 28.15 -8.41
C THR G 96 -7.17 28.34 -9.04
N VAL G 97 -6.39 29.26 -8.48
CA VAL G 97 -5.06 29.51 -8.99
C VAL G 97 -4.11 28.43 -8.51
N ASP G 98 -2.94 28.38 -9.11
CA ASP G 98 -1.85 27.56 -8.62
C ASP G 98 -0.83 28.45 -7.94
N VAL G 99 0.10 27.83 -7.23
CA VAL G 99 1.11 28.59 -6.51
C VAL G 99 2.29 27.67 -6.30
N ALA G 100 3.45 28.24 -6.00
CA ALA G 100 4.62 27.46 -5.69
C ALA G 100 5.38 28.18 -4.60
N ASN G 101 5.68 27.48 -3.53
CA ASN G 101 6.35 28.07 -2.39
C ASN G 101 7.58 27.24 -2.06
N LEU G 102 8.53 27.88 -1.42
CA LEU G 102 9.59 27.13 -0.79
C LEU G 102 9.02 26.35 0.38
N PRO G 103 9.48 25.14 0.61
CA PRO G 103 9.16 24.46 1.87
C PRO G 103 9.65 25.26 3.06
N SER G 104 8.85 25.27 4.12
CA SER G 104 8.86 26.27 5.20
C SER G 104 10.10 26.23 6.07
N ASP G 105 11.12 25.44 5.78
CA ASP G 105 12.41 25.56 6.44
C ASP G 105 13.48 26.15 5.55
N ALA G 106 13.40 25.94 4.25
CA ALA G 106 14.43 26.36 3.32
C ALA G 106 14.11 27.72 2.75
N ASP G 107 15.07 28.63 2.82
CA ASP G 107 14.82 30.00 2.37
C ASP G 107 15.44 30.33 1.02
N THR G 108 16.35 29.51 0.50
CA THR G 108 17.06 29.87 -0.72
C THR G 108 16.56 29.08 -1.91
N LEU G 109 16.35 29.80 -2.99
CA LEU G 109 15.87 29.27 -4.25
C LEU G 109 17.03 29.01 -5.17
N LYS G 110 17.17 27.77 -5.61
CA LYS G 110 18.18 27.39 -6.60
C LYS G 110 17.48 27.25 -7.95
N VAL G 111 17.92 28.03 -8.92
CA VAL G 111 17.43 27.90 -10.28
C VAL G 111 18.60 27.40 -11.12
N ARG G 112 18.35 26.47 -12.01
CA ARG G 112 19.44 25.82 -12.74
C ARG G 112 19.08 25.73 -14.21
N PHE G 113 19.99 26.15 -15.08
CA PHE G 113 19.73 26.04 -16.50
C PHE G 113 21.04 25.89 -17.27
N THR G 114 20.98 25.23 -18.41
CA THR G 114 22.15 24.91 -19.21
C THR G 114 22.10 25.69 -20.51
N LEU G 115 23.04 26.60 -20.68
CA LEU G 115 23.15 27.44 -21.87
C LEU G 115 24.27 26.92 -22.75
N ARG G 116 23.99 26.72 -24.02
CA ARG G 116 25.04 26.42 -24.97
C ARG G 116 25.04 27.47 -26.07
N VAL G 117 26.21 27.84 -26.54
CA VAL G 117 26.35 28.71 -27.67
C VAL G 117 26.67 27.84 -28.87
N LEU G 118 26.60 28.41 -30.05
CA LEU G 118 26.83 27.58 -31.23
C LEU G 118 28.00 28.02 -32.07
N GLY G 119 28.20 29.31 -32.28
CA GLY G 119 29.24 29.75 -33.16
C GLY G 119 28.84 29.71 -34.62
N GLY G 120 29.61 30.40 -35.44
CA GLY G 120 29.22 30.60 -36.82
C GLY G 120 28.04 31.53 -36.86
N ALA G 121 28.25 32.78 -36.46
CA ALA G 121 27.13 33.70 -36.29
C ALA G 121 26.58 34.17 -37.62
N GLY G 122 27.45 34.67 -38.50
CA GLY G 122 27.00 35.35 -39.69
C GLY G 122 26.44 34.43 -40.76
N THR G 123 26.77 33.15 -40.72
CA THR G 123 26.30 32.25 -41.75
C THR G 123 24.83 31.93 -41.54
N PRO G 124 23.98 32.17 -42.53
CA PRO G 124 22.56 31.82 -42.40
C PRO G 124 22.32 30.41 -42.92
N SER G 125 21.10 29.95 -42.72
CA SER G 125 20.60 28.83 -43.49
C SER G 125 19.22 29.21 -44.02
N ALA G 126 19.23 30.13 -44.98
CA ALA G 126 18.21 30.32 -46.01
C ALA G 126 18.75 31.32 -47.03
N CYS G 127 18.99 30.89 -48.26
CA CYS G 127 19.39 31.82 -49.31
C CYS G 127 19.16 31.17 -50.66
N ASN G 128 18.35 31.82 -51.48
CA ASN G 128 18.22 31.41 -52.87
C ASN G 128 18.85 32.42 -53.82
N ASP G 129 19.84 33.17 -53.34
CA ASP G 129 20.51 34.18 -54.15
C ASP G 129 21.96 33.80 -54.43
N ALA G 130 22.75 33.54 -53.38
CA ALA G 130 24.15 33.11 -53.36
C ALA G 130 25.13 34.17 -53.85
N ALA G 131 24.62 35.30 -54.35
CA ALA G 131 25.42 36.51 -54.50
C ALA G 131 25.13 37.48 -53.39
N TYR G 132 23.98 37.33 -52.73
CA TYR G 132 23.71 38.03 -51.48
C TYR G 132 24.38 37.32 -50.32
N ARG G 133 24.50 35.99 -50.42
CA ARG G 133 25.04 35.21 -49.32
C ARG G 133 26.52 35.48 -49.11
N ASP G 134 27.30 35.46 -50.19
CA ASP G 134 28.73 35.65 -50.04
C ASP G 134 29.09 37.09 -49.70
N LYS G 135 28.30 38.06 -50.16
CA LYS G 135 28.58 39.42 -49.74
C LYS G 135 28.12 39.65 -48.31
N LEU G 136 27.13 38.89 -47.85
CA LEU G 136 26.79 38.91 -46.43
C LEU G 136 27.93 38.32 -45.62
N LEU G 137 28.54 37.25 -46.13
CA LEU G 137 29.72 36.68 -45.49
C LEU G 137 30.88 37.66 -45.46
N GLN G 138 31.01 38.44 -46.53
CA GLN G 138 32.06 39.46 -46.58
C GLN G 138 31.80 40.55 -45.54
N THR G 139 30.54 40.96 -45.38
CA THR G 139 30.22 42.00 -44.42
C THR G 139 30.41 41.53 -43.00
N VAL G 140 30.00 40.30 -42.69
CA VAL G 140 30.18 39.82 -41.33
C VAL G 140 31.67 39.52 -41.08
N ALA G 141 32.42 39.17 -42.14
CA ALA G 141 33.84 38.92 -41.97
C ALA G 141 34.58 40.21 -41.70
N THR G 142 34.25 41.29 -42.42
CA THR G 142 34.90 42.55 -42.11
C THR G 142 34.34 43.19 -40.86
N TYR G 143 33.24 42.67 -40.31
CA TYR G 143 32.89 43.07 -38.96
C TYR G 143 33.71 42.33 -37.92
N VAL G 144 33.93 41.02 -38.09
CA VAL G 144 34.54 40.25 -37.02
C VAL G 144 36.06 40.38 -36.99
N ASN G 145 36.69 40.87 -38.07
CA ASN G 145 38.15 40.82 -38.10
C ASN G 145 38.79 42.00 -37.38
N ASP G 146 38.27 43.21 -37.58
CA ASP G 146 38.84 44.39 -36.94
C ASP G 146 38.48 44.45 -35.47
N GLN G 147 37.25 44.06 -35.13
CA GLN G 147 36.83 43.94 -33.75
C GLN G 147 36.13 42.60 -33.58
N GLY G 148 36.40 41.94 -32.47
CA GLY G 148 35.82 40.64 -32.21
C GLY G 148 34.42 40.77 -31.66
N PHE G 149 33.97 39.69 -31.05
CA PHE G 149 32.69 39.68 -30.38
C PHE G 149 32.77 40.22 -28.96
N ALA G 150 33.92 40.76 -28.55
CA ALA G 150 34.19 41.11 -27.16
C ALA G 150 33.40 42.32 -26.67
N GLU G 151 32.56 42.93 -27.50
CA GLU G 151 31.62 43.91 -26.97
C GLU G 151 30.24 43.33 -26.75
N LEU G 152 29.75 42.48 -27.67
CA LEU G 152 28.52 41.77 -27.39
C LEU G 152 28.70 40.72 -26.32
N ALA G 153 29.90 40.13 -26.25
CA ALA G 153 30.14 39.16 -25.21
C ALA G 153 30.26 39.82 -23.85
N ARG G 154 30.73 41.07 -23.80
CA ARG G 154 30.82 41.78 -22.53
C ARG G 154 29.45 42.10 -21.96
N ARG G 155 28.42 42.15 -22.79
CA ARG G 155 27.06 42.31 -22.29
C ARG G 155 26.32 41.00 -22.12
N TYR G 156 26.64 39.98 -22.93
CA TYR G 156 26.08 38.67 -22.69
C TYR G 156 26.61 38.06 -21.40
N ALA G 157 27.78 38.47 -20.97
CA ALA G 157 28.27 38.05 -19.67
C ALA G 157 27.63 38.84 -18.55
N HIS G 158 27.28 40.09 -18.80
CA HIS G 158 26.57 40.83 -17.77
C HIS G 158 25.16 40.31 -17.59
N ASN G 159 24.53 39.82 -18.65
CA ASN G 159 23.22 39.23 -18.50
C ASN G 159 23.25 37.81 -17.97
N LEU G 160 24.40 37.32 -17.51
CA LEU G 160 24.46 36.16 -16.66
C LEU G 160 25.11 36.48 -15.33
N ALA G 161 25.76 37.63 -15.21
CA ALA G 161 26.33 38.05 -13.94
C ALA G 161 25.25 38.56 -13.01
N ASN G 162 24.52 39.60 -13.41
CA ASN G 162 23.31 39.93 -12.71
C ASN G 162 22.18 39.06 -13.22
N ALA G 163 21.41 38.50 -12.30
CA ALA G 163 20.49 37.44 -12.68
C ALA G 163 19.23 38.04 -13.28
N ARG G 164 19.37 38.54 -14.51
CA ARG G 164 18.21 39.00 -15.25
C ARG G 164 17.30 37.85 -15.60
N PHE G 165 17.85 36.65 -15.73
CA PHE G 165 17.04 35.48 -15.99
C PHE G 165 16.21 35.10 -14.77
N LEU G 166 16.65 35.46 -13.58
CA LEU G 166 15.77 35.43 -12.43
C LEU G 166 14.82 36.60 -12.56
N TRP G 167 13.68 36.39 -13.23
CA TRP G 167 12.88 37.53 -13.67
C TRP G 167 12.20 38.31 -12.56
N ARG G 168 11.27 37.69 -11.86
CA ARG G 168 10.62 38.38 -10.76
C ARG G 168 11.20 38.00 -9.42
N ASN G 169 11.82 36.84 -9.32
CA ASN G 169 12.36 36.38 -8.06
C ASN G 169 13.64 37.10 -7.67
N ARG G 170 14.17 37.96 -8.54
CA ARG G 170 15.36 38.72 -8.17
C ARG G 170 15.05 39.78 -7.14
N VAL G 171 13.89 40.44 -7.28
CA VAL G 171 13.67 41.68 -6.54
C VAL G 171 13.38 41.38 -5.08
N GLY G 172 14.02 42.15 -4.21
CA GLY G 172 13.80 42.01 -2.78
C GLY G 172 14.63 40.95 -2.11
N ALA G 173 15.36 40.13 -2.85
CA ALA G 173 16.18 39.11 -2.22
C ALA G 173 17.36 39.75 -1.51
N GLU G 174 17.87 39.06 -0.50
CA GLU G 174 18.93 39.66 0.31
C GLU G 174 20.27 39.57 -0.37
N ALA G 175 20.59 38.42 -0.96
CA ALA G 175 21.87 38.25 -1.65
C ALA G 175 21.69 37.17 -2.70
N VAL G 176 21.56 37.58 -3.95
CA VAL G 176 21.62 36.62 -5.04
C VAL G 176 23.07 36.24 -5.26
N GLU G 177 23.32 34.97 -5.53
CA GLU G 177 24.67 34.52 -5.86
C GLU G 177 24.57 33.55 -7.03
N VAL G 178 25.21 33.88 -8.13
CA VAL G 178 25.12 33.07 -9.34
C VAL G 178 26.44 32.34 -9.53
N ARG G 179 26.37 31.13 -10.08
CA ARG G 179 27.54 30.28 -10.28
C ARG G 179 27.49 29.73 -11.69
N ILE G 180 28.62 29.77 -12.37
CA ILE G 180 28.72 29.40 -13.77
C ILE G 180 29.81 28.37 -13.93
N ASN G 181 29.48 27.24 -14.54
CA ASN G 181 30.44 26.18 -14.79
C ASN G 181 30.63 26.02 -16.29
N HIS G 182 31.87 26.09 -16.73
CA HIS G 182 32.20 25.68 -18.08
C HIS G 182 32.30 24.17 -18.12
N ILE G 183 31.69 23.57 -19.13
CA ILE G 183 31.72 22.13 -19.32
C ILE G 183 32.06 21.86 -20.77
N ARG G 184 33.02 20.98 -20.99
CA ARG G 184 33.42 20.52 -22.32
C ARG G 184 33.32 19.02 -22.47
N GLN G 185 33.72 18.27 -21.44
CA GLN G 185 33.46 16.85 -21.31
C GLN G 185 32.71 16.71 -19.99
N GLY G 186 32.60 15.49 -19.44
CA GLY G 186 31.98 15.33 -18.14
C GLY G 186 32.67 16.09 -17.02
N GLU G 187 33.95 16.42 -17.19
CA GLU G 187 34.66 17.35 -16.33
C GLU G 187 34.03 18.73 -16.32
N VAL G 188 34.30 19.47 -15.29
CA VAL G 188 34.11 20.91 -15.31
C VAL G 188 35.44 21.52 -15.71
N ALA G 189 35.39 22.66 -16.39
CA ALA G 189 36.62 23.28 -16.87
C ALA G 189 37.02 24.46 -16.01
N ARG G 190 36.16 25.46 -15.91
CA ARG G 190 36.44 26.62 -15.08
C ARG G 190 35.16 27.06 -14.41
N ALA G 191 35.22 27.34 -13.11
CA ALA G 191 34.05 27.69 -12.32
C ALA G 191 34.18 29.13 -11.84
N TRP G 192 33.11 29.90 -12.04
CA TRP G 192 33.06 31.28 -11.60
C TRP G 192 32.12 31.41 -10.40
N ARG G 193 32.17 32.56 -9.75
CA ARG G 193 31.28 32.82 -8.62
C ARG G 193 31.11 34.32 -8.50
N PHE G 194 29.99 34.84 -8.97
CA PHE G 194 29.70 36.26 -8.96
C PHE G 194 28.86 36.63 -7.74
N ASP G 195 28.34 37.86 -7.76
CA ASP G 195 27.44 38.34 -6.71
C ASP G 195 26.55 39.40 -7.36
N ALA G 196 25.32 39.02 -7.70
CA ALA G 196 24.46 39.79 -8.57
C ALA G 196 23.81 40.99 -7.90
N LEU G 197 24.26 41.41 -6.73
CA LEU G 197 23.78 42.64 -6.11
C LEU G 197 24.78 43.77 -6.24
N ALA G 198 26.07 43.50 -6.01
CA ALA G 198 27.09 44.52 -6.24
C ALA G 198 27.21 44.81 -7.72
N ILE G 199 27.04 43.80 -8.56
CA ILE G 199 26.91 44.03 -9.99
C ILE G 199 25.60 44.74 -10.25
N GLY G 200 25.66 45.88 -10.92
CA GLY G 200 24.47 46.64 -11.21
C GLY G 200 23.62 45.96 -12.25
N LEU G 201 22.42 46.49 -12.43
CA LEU G 201 21.48 45.87 -13.36
C LEU G 201 21.41 46.57 -14.71
N ARG G 202 21.75 47.87 -14.77
CA ARG G 202 21.63 48.60 -16.02
C ARG G 202 22.96 49.21 -16.46
N ASP G 203 24.05 48.89 -15.79
CA ASP G 203 25.37 49.37 -16.21
C ASP G 203 26.15 48.24 -16.87
N PHE G 204 27.33 48.58 -17.39
CA PHE G 204 28.22 47.60 -18.00
C PHE G 204 29.64 48.03 -17.66
N LYS G 205 30.21 47.44 -16.63
CA LYS G 205 31.52 47.81 -16.13
C LYS G 205 32.53 46.72 -16.44
N ALA G 206 33.80 47.05 -16.23
CA ALA G 206 34.87 46.09 -16.41
C ALA G 206 35.06 45.27 -15.13
N ASP G 207 35.56 44.06 -15.31
CA ASP G 207 35.73 43.13 -14.21
C ASP G 207 36.82 42.15 -14.57
N ALA G 208 37.63 41.77 -13.59
CA ALA G 208 38.76 40.88 -13.81
C ALA G 208 38.35 39.45 -14.20
N GLU G 209 37.10 39.07 -13.97
CA GLU G 209 36.62 37.76 -14.38
C GLU G 209 35.63 37.82 -15.53
N LEU G 210 34.84 38.90 -15.62
CA LEU G 210 33.83 38.99 -16.66
C LEU G 210 34.46 39.13 -18.03
N ASP G 211 35.64 39.75 -18.12
CA ASP G 211 36.34 39.81 -19.39
C ASP G 211 36.78 38.43 -19.84
N ALA G 212 37.20 37.59 -18.89
CA ALA G 212 37.60 36.23 -19.24
C ALA G 212 36.40 35.40 -19.64
N LEU G 213 35.27 35.59 -18.95
CA LEU G 213 34.05 34.89 -19.33
C LEU G 213 33.56 35.35 -20.69
N ALA G 214 33.67 36.64 -20.96
CA ALA G 214 33.29 37.17 -22.26
C ALA G 214 34.22 36.69 -23.35
N GLU G 215 35.50 36.53 -23.04
CA GLU G 215 36.42 36.00 -24.03
C GLU G 215 36.14 34.54 -24.32
N LEU G 216 35.71 33.78 -23.30
CA LEU G 216 35.33 32.41 -23.51
C LEU G 216 34.10 32.31 -24.41
N ILE G 217 33.07 33.11 -24.12
CA ILE G 217 31.87 33.03 -24.94
C ILE G 217 32.08 33.67 -26.31
N ALA G 218 33.03 34.58 -26.43
CA ALA G 218 33.34 35.13 -27.74
C ALA G 218 34.13 34.14 -28.58
N SER G 219 35.00 33.36 -27.93
CA SER G 219 35.68 32.27 -28.61
C SER G 219 34.69 31.19 -29.02
N GLY G 220 33.65 31.00 -28.22
CA GLY G 220 32.59 30.10 -28.64
C GLY G 220 31.79 30.65 -29.80
N LEU G 221 31.58 31.96 -29.82
CA LEU G 221 30.74 32.56 -30.85
C LEU G 221 31.47 32.70 -32.17
N SER G 222 32.78 32.91 -32.14
CA SER G 222 33.53 33.12 -33.38
C SER G 222 33.76 31.81 -34.11
N GLY G 223 34.46 30.87 -33.48
CA GLY G 223 34.80 29.62 -34.10
C GLY G 223 33.61 28.67 -34.18
N SER G 224 33.89 27.47 -34.64
CA SER G 224 32.89 26.43 -34.75
C SER G 224 32.95 25.52 -33.52
N GLY G 225 31.90 24.71 -33.35
CA GLY G 225 31.81 23.82 -32.21
C GLY G 225 31.27 24.52 -30.99
N HIS G 226 30.36 23.87 -30.27
CA HIS G 226 29.66 24.52 -29.18
C HIS G 226 30.55 24.70 -27.96
N VAL G 227 30.35 25.80 -27.26
CA VAL G 227 30.98 26.07 -25.97
C VAL G 227 29.87 26.18 -24.95
N LEU G 228 29.90 25.29 -23.98
CA LEU G 228 28.75 24.95 -23.18
C LEU G 228 28.85 25.59 -21.81
N LEU G 229 27.71 25.86 -21.20
CA LEU G 229 27.68 26.51 -19.90
C LEU G 229 26.55 25.92 -19.08
N GLU G 230 26.80 25.75 -17.79
CA GLU G 230 25.78 25.27 -16.88
C GLU G 230 25.74 26.25 -15.73
N VAL G 231 24.66 27.01 -15.61
CA VAL G 231 24.60 28.12 -14.68
C VAL G 231 23.51 27.84 -13.67
N VAL G 232 23.86 27.91 -12.41
CA VAL G 232 22.87 27.89 -11.36
C VAL G 232 22.90 29.25 -10.69
N ALA G 233 21.84 29.54 -9.95
CA ALA G 233 21.76 30.81 -9.24
C ALA G 233 20.93 30.63 -7.99
N PHE G 234 21.45 31.09 -6.87
CA PHE G 234 20.78 31.01 -5.60
C PHE G 234 20.24 32.38 -5.24
N ALA G 235 19.06 32.40 -4.62
CA ALA G 235 18.47 33.64 -4.16
C ALA G 235 17.97 33.44 -2.74
N ARG G 236 18.32 34.35 -1.84
CA ARG G 236 17.89 34.22 -0.44
C ARG G 236 16.60 35.01 -0.26
N ILE G 237 15.48 34.37 -0.60
CA ILE G 237 14.19 35.03 -0.50
C ILE G 237 13.75 35.08 0.95
N GLY G 238 13.47 33.92 1.52
CA GLY G 238 12.94 33.87 2.86
C GLY G 238 12.17 32.58 3.07
N ASP G 239 11.85 32.34 4.34
CA ASP G 239 11.29 31.07 4.77
C ASP G 239 9.87 30.89 4.24
N GLY G 240 9.70 30.01 3.27
CA GLY G 240 8.36 29.67 2.84
C GLY G 240 7.69 30.71 2.00
N GLN G 241 8.43 31.60 1.39
CA GLN G 241 7.87 32.70 0.60
C GLN G 241 7.34 32.19 -0.72
N GLU G 242 7.01 33.09 -1.62
CA GLU G 242 6.55 32.68 -2.93
C GLU G 242 7.69 32.70 -3.93
N VAL G 243 7.56 31.88 -4.95
CA VAL G 243 8.41 31.99 -6.13
C VAL G 243 7.49 32.19 -7.31
N PHE G 244 8.09 32.51 -8.45
CA PHE G 244 7.32 32.82 -9.65
C PHE G 244 7.98 32.14 -10.83
N PRO G 245 7.54 30.96 -11.18
CA PRO G 245 7.89 30.38 -12.47
C PRO G 245 7.02 31.00 -13.54
N SER G 246 7.24 30.55 -14.77
CA SER G 246 6.47 31.09 -15.86
C SER G 246 5.09 30.49 -15.89
N GLN G 247 4.15 31.24 -16.40
CA GLN G 247 2.77 30.79 -16.48
C GLN G 247 2.54 30.10 -17.81
N GLU G 248 1.29 29.80 -18.12
CA GLU G 248 0.97 29.09 -19.34
C GLU G 248 -0.42 29.50 -19.77
N LEU G 249 -0.57 29.80 -21.06
CA LEU G 249 -1.86 30.22 -21.57
C LEU G 249 -2.81 29.03 -21.64
N ILE G 250 -4.10 29.34 -21.64
CA ILE G 250 -5.10 28.29 -21.65
C ILE G 250 -5.39 27.91 -23.10
N ASP G 255 -17.76 28.91 -20.63
CA ASP G 255 -17.30 27.95 -19.64
C ASP G 255 -16.80 28.64 -18.38
N LYS G 256 -17.59 29.57 -17.86
CA LYS G 256 -17.23 30.35 -16.67
C LYS G 256 -17.83 29.74 -15.40
N LYS G 257 -17.48 28.47 -15.13
CA LYS G 257 -17.93 27.83 -13.89
C LYS G 257 -16.77 27.48 -12.98
N GLY G 258 -15.84 26.63 -13.44
CA GLY G 258 -14.68 26.26 -12.66
C GLY G 258 -13.57 27.28 -12.80
N GLN G 259 -13.13 27.47 -14.05
CA GLN G 259 -12.25 28.56 -14.48
C GLN G 259 -10.92 28.52 -13.75
N LYS G 260 -10.17 27.46 -14.01
CA LYS G 260 -8.83 27.36 -13.48
C LYS G 260 -7.91 28.31 -14.22
N SER G 261 -7.70 29.49 -13.66
CA SER G 261 -6.76 30.44 -14.23
C SER G 261 -5.40 30.27 -13.56
N LYS G 262 -4.37 30.84 -14.20
CA LYS G 262 -2.99 30.88 -13.71
C LYS G 262 -2.44 29.47 -13.49
N THR G 263 -2.27 28.75 -14.59
CA THR G 263 -1.61 27.45 -14.57
C THR G 263 -0.12 27.64 -14.82
N LEU G 264 0.71 27.14 -13.91
CA LEU G 264 2.15 27.33 -14.02
C LEU G 264 2.75 26.26 -14.93
N TYR G 265 4.08 26.26 -15.03
CA TYR G 265 4.79 25.39 -15.95
C TYR G 265 5.57 24.37 -15.15
N SER G 266 5.33 23.10 -15.42
CA SER G 266 6.01 22.04 -14.71
C SER G 266 6.55 21.03 -15.72
N VAL G 267 7.84 20.75 -15.63
CA VAL G 267 8.46 19.65 -16.36
C VAL G 267 9.15 18.73 -15.38
N ARG G 268 8.82 17.43 -15.47
CA ARG G 268 9.18 16.40 -14.49
C ARG G 268 8.82 16.82 -13.07
N ASP G 269 7.65 17.45 -12.94
CA ASP G 269 7.04 17.84 -11.66
C ASP G 269 7.92 18.80 -10.87
N ALA G 270 8.37 19.86 -11.53
CA ALA G 270 9.07 20.94 -10.85
C ALA G 270 8.79 22.22 -11.60
N ALA G 271 8.67 23.32 -10.86
CA ALA G 271 8.27 24.59 -11.44
C ALA G 271 9.39 25.13 -12.31
N ALA G 272 9.12 25.26 -13.60
CA ALA G 272 10.14 25.57 -14.58
C ALA G 272 9.87 26.89 -15.26
N ILE G 273 10.88 27.73 -15.35
CA ILE G 273 10.79 28.90 -16.20
C ILE G 273 10.93 28.45 -17.64
N HIS G 274 10.22 29.12 -18.54
CA HIS G 274 10.27 28.77 -19.96
C HIS G 274 11.65 29.06 -20.55
N SER G 275 11.88 28.50 -21.73
CA SER G 275 13.10 28.78 -22.46
C SER G 275 13.12 30.20 -22.98
N GLN G 276 12.00 30.64 -23.58
CA GLN G 276 11.95 31.98 -24.14
C GLN G 276 12.03 33.04 -23.05
N LYS G 277 11.58 32.72 -21.85
CA LYS G 277 11.66 33.66 -20.74
C LYS G 277 13.10 33.86 -20.31
N ILE G 278 13.96 32.87 -20.53
CA ILE G 278 15.38 33.10 -20.36
C ILE G 278 15.94 33.83 -21.57
N GLY G 279 15.35 33.57 -22.74
CA GLY G 279 15.84 34.19 -23.95
C GLY G 279 15.61 35.69 -24.00
N ASN G 280 14.55 36.15 -23.35
CA ASN G 280 14.28 37.57 -23.25
C ASN G 280 15.08 38.24 -22.16
N ALA G 281 15.90 37.49 -21.43
CA ALA G 281 16.75 38.07 -20.42
C ALA G 281 18.22 37.94 -20.74
N LEU G 282 18.57 37.02 -21.63
CA LEU G 282 19.92 36.99 -22.14
C LEU G 282 20.19 38.20 -23.02
N ARG G 283 19.34 38.45 -24.01
CA ARG G 283 19.63 39.48 -25.00
C ARG G 283 19.11 40.85 -24.62
N THR G 284 18.99 41.17 -23.33
CA THR G 284 18.80 42.56 -22.91
C THR G 284 20.14 43.25 -23.02
N ILE G 285 20.45 43.71 -24.23
CA ILE G 285 21.73 44.33 -24.51
C ILE G 285 21.61 45.68 -25.18
N ASP G 286 20.50 45.97 -25.84
CA ASP G 286 20.38 47.16 -26.69
C ASP G 286 20.29 48.40 -25.81
N THR G 287 21.34 49.20 -25.82
CA THR G 287 21.35 50.48 -25.10
C THR G 287 21.71 51.61 -26.04
N TRP G 288 21.31 51.49 -27.29
CA TRP G 288 21.60 52.46 -28.35
C TRP G 288 20.31 52.93 -29.00
N TYR G 289 19.40 53.34 -28.20
CA TYR G 289 18.12 53.74 -28.72
C TYR G 289 18.08 55.24 -29.00
N PRO G 290 17.33 55.66 -30.02
CA PRO G 290 17.18 57.09 -30.25
C PRO G 290 16.29 57.75 -29.21
N ASP G 291 15.33 57.03 -28.65
CA ASP G 291 14.35 57.64 -27.78
C ASP G 291 14.91 57.89 -26.38
N GLU G 292 15.26 56.82 -25.67
CA GLU G 292 15.76 56.95 -24.31
C GLU G 292 17.02 56.13 -24.15
N ASP G 293 18.03 56.73 -23.53
CA ASP G 293 19.27 56.05 -23.20
C ASP G 293 19.58 56.06 -21.72
N GLY G 294 18.68 56.59 -20.89
CA GLY G 294 18.85 56.59 -19.46
C GLY G 294 17.91 55.61 -18.76
N LEU G 295 16.99 55.03 -19.53
CA LEU G 295 16.08 54.03 -18.96
C LEU G 295 16.82 52.74 -18.65
N GLY G 296 17.51 52.18 -19.65
CA GLY G 296 18.17 50.92 -19.50
C GLY G 296 18.10 50.10 -20.77
N PRO G 297 18.58 48.87 -20.74
CA PRO G 297 18.59 48.04 -21.93
C PRO G 297 17.22 47.47 -22.23
N ILE G 298 17.05 47.07 -23.49
CA ILE G 298 15.85 46.45 -24.00
C ILE G 298 16.29 45.26 -24.84
N ALA G 299 15.54 44.16 -24.78
CA ALA G 299 15.79 43.01 -25.62
C ALA G 299 15.78 43.38 -27.10
N VAL G 300 16.68 42.77 -27.87
CA VAL G 300 16.85 43.12 -29.27
C VAL G 300 15.73 42.52 -30.10
N GLU G 301 15.38 43.22 -31.17
CA GLU G 301 14.14 42.95 -31.90
C GLU G 301 14.15 43.69 -33.23
N PRO G 302 13.75 43.07 -34.34
CA PRO G 302 13.43 43.87 -35.53
C PRO G 302 12.13 44.62 -35.27
N TYR G 303 12.12 45.91 -35.64
CA TYR G 303 11.15 46.90 -35.15
C TYR G 303 11.15 46.89 -33.62
N GLY G 304 12.28 47.32 -33.05
CA GLY G 304 12.63 46.99 -31.67
C GLY G 304 11.65 47.38 -30.59
N SER G 305 10.93 46.38 -30.10
CA SER G 305 9.70 46.60 -29.36
C SER G 305 9.76 45.96 -27.99
N VAL G 306 9.04 46.56 -27.05
CA VAL G 306 8.87 46.01 -25.72
C VAL G 306 7.42 45.61 -25.57
N THR G 307 7.19 44.39 -25.08
CA THR G 307 5.82 43.96 -24.83
C THR G 307 5.23 44.68 -23.62
N SER G 308 6.04 44.97 -22.61
CA SER G 308 5.54 45.69 -21.44
C SER G 308 5.31 47.16 -21.76
N GLN G 309 6.33 47.83 -22.29
CA GLN G 309 6.23 49.25 -22.58
C GLN G 309 5.39 49.56 -23.81
N GLY G 310 4.94 48.55 -24.55
CA GLY G 310 3.99 48.75 -25.63
C GLY G 310 4.57 49.37 -26.89
N LYS G 311 5.16 50.56 -26.77
CA LYS G 311 5.62 51.29 -27.94
C LYS G 311 6.88 50.67 -28.51
N ALA G 312 6.95 50.62 -29.83
CA ALA G 312 8.06 49.98 -30.54
C ALA G 312 9.07 51.06 -30.91
N TYR G 313 10.24 51.02 -30.27
CA TYR G 313 11.33 51.88 -30.68
C TYR G 313 11.95 51.36 -31.97
N ARG G 314 12.81 52.18 -32.56
CA ARG G 314 13.44 51.96 -33.86
C ARG G 314 12.37 51.64 -34.92
N GLN G 315 11.48 52.60 -35.09
CA GLN G 315 10.36 52.48 -36.01
C GLN G 315 10.86 52.41 -37.45
N PRO G 316 10.07 51.81 -38.36
CA PRO G 316 10.48 51.78 -39.76
C PRO G 316 10.50 53.15 -40.42
N LYS G 317 9.74 54.11 -39.91
CA LYS G 317 9.87 55.49 -40.40
C LYS G 317 11.20 56.08 -39.97
N GLN G 318 11.67 55.71 -38.79
CA GLN G 318 13.02 56.05 -38.38
C GLN G 318 14.02 55.21 -39.18
N LYS G 319 15.20 55.75 -39.41
CA LYS G 319 16.21 55.04 -40.18
C LYS G 319 17.04 54.09 -39.32
N LEU G 320 16.72 53.93 -38.04
CA LEU G 320 17.49 53.09 -37.14
C LEU G 320 16.92 51.69 -37.04
N ASP G 321 16.04 51.31 -37.95
CA ASP G 321 15.47 49.97 -37.97
C ASP G 321 16.51 48.96 -38.42
N PHE G 322 16.32 47.72 -37.97
CA PHE G 322 17.20 46.62 -38.37
C PHE G 322 17.14 46.36 -39.87
N TYR G 323 15.93 46.26 -40.43
CA TYR G 323 15.81 45.78 -41.80
C TYR G 323 16.28 46.81 -42.81
N THR G 324 16.18 48.09 -42.47
CA THR G 324 16.85 49.10 -43.28
C THR G 324 18.35 48.99 -43.14
N LEU G 325 18.83 48.75 -41.93
CA LEU G 325 20.26 48.70 -41.67
C LEU G 325 20.92 47.45 -42.23
N LEU G 326 20.14 46.45 -42.63
CA LEU G 326 20.74 45.32 -43.33
C LEU G 326 21.06 45.69 -44.76
N ASP G 327 20.07 46.19 -45.50
CA ASP G 327 20.25 46.53 -46.90
C ASP G 327 21.19 47.71 -47.08
N ASN G 328 21.22 48.64 -46.12
CA ASN G 328 22.16 49.73 -46.22
C ASN G 328 23.59 49.27 -45.98
N TRP G 329 23.78 48.18 -45.27
CA TRP G 329 25.12 47.72 -44.96
C TRP G 329 25.63 46.65 -45.90
N VAL G 330 24.75 45.94 -46.61
CA VAL G 330 25.21 44.88 -47.48
C VAL G 330 24.81 45.07 -48.95
N LEU G 331 23.75 45.82 -49.26
CA LEU G 331 23.40 46.04 -50.66
C LEU G 331 23.98 47.35 -51.18
N ARG G 332 23.59 48.47 -50.59
CA ARG G 332 24.17 49.74 -50.97
C ARG G 332 25.47 50.03 -50.24
N ASP G 333 25.79 49.24 -49.22
CA ASP G 333 27.11 49.20 -48.58
C ASP G 333 27.49 50.52 -47.93
N GLU G 334 26.55 51.14 -47.22
CA GLU G 334 26.86 52.24 -46.33
C GLU G 334 27.08 51.66 -44.93
N ALA G 335 28.30 51.79 -44.43
CA ALA G 335 28.59 51.31 -43.10
C ALA G 335 27.94 52.24 -42.08
N PRO G 336 27.04 51.74 -41.22
CA PRO G 336 26.47 52.61 -40.19
C PRO G 336 27.43 52.84 -39.04
N ALA G 337 26.95 53.47 -37.98
CA ALA G 337 27.77 53.62 -36.79
C ALA G 337 28.01 52.25 -36.15
N VAL G 338 29.05 52.20 -35.31
CA VAL G 338 29.43 50.93 -34.71
C VAL G 338 28.39 50.41 -33.72
N GLU G 339 27.58 51.32 -33.15
CA GLU G 339 26.47 50.89 -32.30
C GLU G 339 25.41 50.16 -33.11
N GLN G 340 25.07 50.69 -34.28
CA GLN G 340 24.08 50.02 -35.11
C GLN G 340 24.63 48.73 -35.69
N GLN G 341 25.94 48.66 -35.90
CA GLN G 341 26.56 47.41 -36.32
C GLN G 341 26.45 46.35 -35.22
N HIS G 342 26.70 46.77 -33.98
CA HIS G 342 26.50 45.87 -32.84
C HIS G 342 25.06 45.41 -32.74
N TYR G 343 24.12 46.31 -32.99
CA TYR G 343 22.70 45.96 -32.91
C TYR G 343 22.30 44.98 -34.00
N VAL G 344 22.77 45.19 -35.25
CA VAL G 344 22.33 44.31 -36.32
C VAL G 344 23.01 42.95 -36.20
N ILE G 345 24.24 42.92 -35.67
CA ILE G 345 24.86 41.60 -35.54
C ILE G 345 24.31 40.87 -34.32
N ALA G 346 23.82 41.59 -33.30
CA ALA G 346 23.15 40.91 -32.21
C ALA G 346 21.80 40.39 -32.65
N ASN G 347 21.13 41.13 -33.52
CA ASN G 347 19.90 40.66 -34.10
C ASN G 347 20.13 39.44 -34.97
N LEU G 348 21.30 39.35 -35.59
CA LEU G 348 21.63 38.14 -36.31
C LEU G 348 21.93 37.00 -35.36
N ILE G 349 22.46 37.30 -34.18
CA ILE G 349 22.71 36.26 -33.20
C ILE G 349 21.39 35.67 -32.70
N ARG G 350 20.37 36.49 -32.47
CA ARG G 350 19.12 35.92 -32.00
C ARG G 350 18.35 35.16 -33.07
N GLY G 351 18.73 35.29 -34.33
CA GLY G 351 18.03 34.57 -35.39
C GLY G 351 16.72 35.23 -35.75
N GLY G 352 16.11 34.69 -36.78
CA GLY G 352 14.86 35.26 -37.26
C GLY G 352 14.58 34.78 -38.66
N VAL G 353 13.59 35.41 -39.29
CA VAL G 353 13.19 35.04 -40.65
C VAL G 353 12.65 36.28 -41.34
N PHE G 354 13.16 36.55 -42.55
CA PHE G 354 12.85 37.79 -43.25
C PHE G 354 12.55 37.47 -44.71
N GLY G 355 11.52 38.11 -45.24
CA GLY G 355 11.10 37.90 -46.60
C GLY G 355 11.25 39.14 -47.46
N LEU H 9 52.17 -34.49 1.31
CA LEU H 9 50.72 -34.35 1.48
C LEU H 9 49.98 -35.02 0.34
N ARG H 10 49.51 -36.23 0.58
CA ARG H 10 48.83 -37.03 -0.44
C ARG H 10 47.40 -36.50 -0.63
N PRO H 11 46.63 -37.13 -1.52
CA PRO H 11 45.23 -36.69 -1.70
C PRO H 11 44.36 -37.15 -0.54
N ASP H 12 44.00 -36.21 0.34
CA ASP H 12 43.20 -36.49 1.52
C ASP H 12 41.80 -35.90 1.35
N PRO H 13 40.78 -36.58 1.88
CA PRO H 13 39.42 -36.08 1.69
C PRO H 13 38.97 -35.11 2.78
N GLU H 14 39.67 -35.11 3.91
CA GLU H 14 39.23 -34.34 5.08
C GLU H 14 39.86 -32.94 5.13
N PHE H 15 41.17 -32.88 5.20
CA PHE H 15 41.86 -31.61 5.31
C PHE H 15 41.86 -30.89 3.97
N PRO H 16 42.19 -29.59 3.96
CA PRO H 16 42.26 -28.86 2.71
C PRO H 16 43.55 -29.17 1.99
N PRO H 17 43.70 -28.72 0.73
CA PRO H 17 44.97 -28.91 0.02
C PRO H 17 46.06 -28.05 0.64
N ALA H 18 45.75 -26.78 0.90
CA ALA H 18 46.67 -25.90 1.60
C ALA H 18 46.52 -25.97 3.11
N GLN H 19 45.65 -26.84 3.63
CA GLN H 19 45.44 -26.94 5.06
C GLN H 19 46.39 -27.93 5.72
N LEU H 20 46.64 -29.07 5.06
CA LEU H 20 47.44 -30.13 5.68
C LEU H 20 48.91 -29.75 5.76
N MET H 21 49.44 -29.12 4.71
CA MET H 21 50.83 -28.69 4.72
C MET H 21 51.04 -27.54 5.70
N SER H 22 50.03 -26.68 5.85
CA SER H 22 50.11 -25.62 6.84
C SER H 22 49.99 -26.16 8.25
N VAL H 23 49.29 -27.28 8.42
CA VAL H 23 49.19 -27.89 9.75
C VAL H 23 50.50 -28.59 10.10
N LEU H 24 51.08 -29.31 9.15
CA LEU H 24 52.34 -30.02 9.38
C LEU H 24 53.55 -29.18 8.97
N PHE H 25 53.63 -27.95 9.48
CA PHE H 25 54.73 -27.06 9.16
C PHE H 25 55.58 -26.72 10.37
N GLY H 26 54.99 -26.15 11.41
CA GLY H 26 55.73 -25.86 12.62
C GLY H 26 55.20 -26.60 13.82
N LYS H 27 53.89 -26.84 13.83
CA LYS H 27 53.25 -27.59 14.90
C LYS H 27 53.25 -29.08 14.58
N LEU H 28 52.61 -29.46 13.48
CA LEU H 28 52.75 -30.83 12.99
C LEU H 28 54.16 -31.07 12.48
N HIS H 29 54.81 -30.04 11.96
CA HIS H 29 56.25 -30.07 11.71
C HIS H 29 56.99 -29.54 12.94
N GLN H 30 56.83 -30.27 14.05
CA GLN H 30 57.47 -29.88 15.30
C GLN H 30 58.98 -30.08 15.25
N ALA H 31 59.45 -31.03 14.44
CA ALA H 31 60.88 -31.16 14.21
C ALA H 31 61.39 -30.00 13.36
N LEU H 32 60.53 -29.39 12.56
CA LEU H 32 60.86 -28.18 11.81
C LEU H 32 60.33 -26.91 12.46
N VAL H 33 59.64 -27.03 13.60
CA VAL H 33 59.10 -25.89 14.32
C VAL H 33 59.80 -25.68 15.66
N ALA H 34 60.03 -26.75 16.42
CA ALA H 34 60.76 -26.67 17.68
C ALA H 34 61.72 -27.83 17.81
N GLN H 35 62.42 -28.17 16.72
CA GLN H 35 63.30 -29.33 16.73
C GLN H 35 64.58 -29.05 17.51
N GLY H 36 65.16 -27.87 17.34
CA GLY H 36 66.39 -27.54 18.00
C GLY H 36 67.59 -27.77 17.12
N GLY H 37 68.15 -26.69 16.57
CA GLY H 37 69.28 -26.83 15.67
C GLY H 37 69.25 -25.81 14.54
N ASP H 38 70.39 -25.16 14.31
CA ASP H 38 70.49 -24.12 13.29
C ASP H 38 71.50 -24.54 12.22
N ARG H 39 71.41 -25.79 11.78
CA ARG H 39 72.29 -26.32 10.74
C ARG H 39 71.49 -27.04 9.66
N ILE H 40 70.25 -26.61 9.42
CA ILE H 40 69.36 -27.22 8.45
C ILE H 40 68.52 -26.13 7.80
N GLY H 41 67.64 -26.52 6.89
CA GLY H 41 66.76 -25.59 6.23
C GLY H 41 65.60 -26.31 5.59
N VAL H 42 64.44 -25.66 5.60
CA VAL H 42 63.21 -26.22 5.05
C VAL H 42 62.99 -25.56 3.70
N SER H 43 63.41 -26.24 2.63
CA SER H 43 63.34 -25.69 1.29
C SER H 43 62.15 -26.28 0.54
N PHE H 44 61.48 -25.45 -0.26
CA PHE H 44 60.34 -25.89 -1.04
C PHE H 44 60.82 -26.70 -2.23
N PRO H 45 60.45 -27.98 -2.35
CA PRO H 45 60.94 -28.78 -3.47
C PRO H 45 60.21 -28.48 -4.77
N ASP H 46 58.93 -28.15 -4.67
CA ASP H 46 58.14 -27.80 -5.86
C ASP H 46 57.22 -26.63 -5.59
N LEU H 47 57.60 -25.76 -4.65
CA LEU H 47 56.74 -24.65 -4.25
C LEU H 47 56.76 -23.58 -5.34
N ASP H 48 55.62 -23.38 -5.99
CA ASP H 48 55.47 -22.32 -6.98
C ASP H 48 55.36 -21.00 -6.25
N GLU H 49 56.42 -20.19 -6.30
CA GLU H 49 56.49 -18.93 -5.57
C GLU H 49 56.02 -17.73 -6.39
N SER H 50 55.10 -17.95 -7.33
CA SER H 50 54.57 -16.86 -8.15
C SER H 50 53.04 -16.84 -8.18
N ARG H 51 52.38 -17.71 -7.41
CA ARG H 51 50.92 -17.75 -7.38
C ARG H 51 50.34 -17.64 -5.98
N SER H 52 51.17 -17.53 -4.95
CA SER H 52 50.77 -17.39 -3.55
C SER H 52 50.36 -18.69 -2.89
N ARG H 53 50.34 -19.82 -3.60
CA ARG H 53 50.02 -21.12 -3.03
C ARG H 53 51.18 -22.04 -3.39
N LEU H 54 52.21 -22.04 -2.54
CA LEU H 54 53.45 -22.73 -2.88
C LEU H 54 53.81 -23.81 -1.88
N GLY H 55 52.84 -24.65 -1.51
CA GLY H 55 53.13 -25.77 -0.65
C GLY H 55 52.99 -27.11 -1.34
N GLU H 56 54.13 -27.76 -1.61
CA GLU H 56 54.13 -29.10 -2.18
C GLU H 56 54.84 -30.11 -1.31
N ARG H 57 56.10 -29.85 -0.96
CA ARG H 57 56.86 -30.76 -0.11
C ARG H 57 58.02 -29.98 0.47
N LEU H 58 57.99 -29.72 1.76
CA LEU H 58 59.06 -28.97 2.43
C LEU H 58 60.18 -29.94 2.77
N ARG H 59 61.17 -30.02 1.89
CA ARG H 59 62.29 -30.91 2.11
C ARG H 59 63.23 -30.31 3.15
N ILE H 60 63.69 -31.15 4.08
CA ILE H 60 64.61 -30.70 5.12
C ILE H 60 66.02 -30.74 4.55
N HIS H 61 66.41 -29.67 3.86
CA HIS H 61 67.72 -29.61 3.22
C HIS H 61 68.76 -29.33 4.29
N ALA H 62 69.40 -30.38 4.78
CA ALA H 62 70.39 -30.24 5.85
C ALA H 62 71.71 -30.88 5.44
N SER H 63 72.61 -31.03 6.39
CA SER H 63 73.90 -31.68 6.15
C SER H 63 73.72 -33.20 6.19
N ALA H 64 74.84 -33.93 6.27
CA ALA H 64 74.78 -35.39 6.31
C ALA H 64 74.26 -35.87 7.65
N ASP H 65 74.96 -35.55 8.74
CA ASP H 65 74.54 -35.99 10.06
C ASP H 65 73.48 -35.10 10.68
N ASP H 66 73.30 -33.89 10.16
CA ASP H 66 72.29 -32.98 10.70
C ASP H 66 70.89 -33.39 10.27
N LEU H 67 70.70 -33.65 8.99
CA LEU H 67 69.41 -34.06 8.47
C LEU H 67 69.22 -35.57 8.46
N ARG H 68 70.30 -36.35 8.55
CA ARG H 68 70.22 -37.80 8.55
C ARG H 68 70.24 -38.42 9.93
N ALA H 69 70.98 -37.82 10.87
CA ALA H 69 71.07 -38.33 12.24
C ALA H 69 70.26 -37.51 13.24
N LEU H 70 70.31 -36.18 13.15
CA LEU H 70 69.61 -35.30 14.07
C LEU H 70 68.19 -34.98 13.63
N LEU H 71 67.59 -35.82 12.78
CA LEU H 71 66.22 -35.61 12.32
C LEU H 71 65.37 -36.86 12.44
N ALA H 72 65.76 -37.82 13.29
CA ALA H 72 65.04 -39.06 13.47
C ALA H 72 64.07 -39.02 14.65
N ARG H 73 63.52 -37.85 14.96
CA ARG H 73 62.61 -37.71 16.08
C ARG H 73 61.22 -38.19 15.70
N PRO H 74 60.29 -38.22 16.65
CA PRO H 74 58.93 -38.68 16.37
C PRO H 74 58.02 -37.64 15.76
N TRP H 75 58.56 -36.51 15.30
CA TRP H 75 57.72 -35.50 14.66
C TRP H 75 57.24 -35.96 13.28
N LEU H 76 58.00 -36.84 12.63
CA LEU H 76 57.56 -37.44 11.38
C LEU H 76 56.56 -38.57 11.60
N GLU H 77 56.40 -39.05 12.83
CA GLU H 77 55.45 -40.10 13.11
C GLU H 77 54.02 -39.56 13.04
N GLY H 78 53.09 -40.45 12.77
CA GLY H 78 51.70 -40.06 12.62
C GLY H 78 51.39 -39.33 11.33
N LEU H 79 52.23 -39.47 10.32
CA LEU H 79 52.03 -38.78 9.05
C LEU H 79 51.71 -39.73 7.90
N ARG H 80 51.32 -40.97 8.22
CA ARG H 80 50.99 -41.95 7.19
C ARG H 80 49.66 -41.67 6.51
N ASP H 81 48.83 -40.79 7.07
CA ASP H 81 47.57 -40.45 6.44
C ASP H 81 47.76 -39.56 5.22
N HIS H 82 48.87 -38.83 5.13
CA HIS H 82 49.13 -37.94 4.01
C HIS H 82 50.53 -38.05 3.41
N LEU H 83 51.51 -38.56 4.14
CA LEU H 83 52.90 -38.56 3.67
C LEU H 83 53.13 -39.68 2.65
N GLN H 84 54.37 -39.77 2.18
CA GLN H 84 54.75 -40.78 1.20
C GLN H 84 56.11 -40.46 0.62
N ARG H 98 69.13 -15.27 -5.47
CA ARG H 98 68.07 -15.21 -4.46
C ARG H 98 68.29 -16.25 -3.37
N GLN H 99 67.87 -15.92 -2.15
CA GLN H 99 68.01 -16.83 -1.02
C GLN H 99 66.94 -16.46 0.01
N VAL H 100 65.88 -17.27 0.06
CA VAL H 100 64.79 -17.05 1.01
C VAL H 100 64.37 -18.38 1.60
N SER H 101 64.33 -18.47 2.92
CA SER H 101 64.08 -19.73 3.61
C SER H 101 63.10 -19.48 4.74
N ARG H 102 62.99 -20.45 5.66
CA ARG H 102 62.05 -20.37 6.78
C ARG H 102 62.59 -19.42 7.85
N VAL H 103 62.42 -18.13 7.57
CA VAL H 103 62.90 -17.07 8.45
C VAL H 103 61.79 -16.03 8.52
N GLN H 104 62.08 -14.89 9.15
CA GLN H 104 61.12 -13.80 9.25
C GLN H 104 61.19 -12.86 8.05
N ALA H 105 61.12 -13.42 6.85
CA ALA H 105 61.09 -12.62 5.62
C ALA H 105 60.28 -13.40 4.59
N LYS H 106 59.00 -13.11 4.52
CA LYS H 106 58.09 -13.75 3.58
C LYS H 106 56.71 -13.15 3.78
N SER H 107 55.90 -13.21 2.72
CA SER H 107 54.52 -12.72 2.76
C SER H 107 53.49 -13.85 2.75
N ASN H 108 53.89 -15.06 3.14
CA ASN H 108 52.99 -16.19 3.12
C ASN H 108 53.09 -16.93 1.79
N THR I 11 -25.54 17.75 -13.68
CA THR I 11 -24.64 17.50 -14.78
C THR I 11 -24.75 16.08 -15.27
N MET I 12 -25.95 15.68 -15.69
CA MET I 12 -26.18 14.32 -16.15
C MET I 12 -27.37 14.31 -17.09
N SER I 13 -27.83 13.12 -17.43
CA SER I 13 -29.01 12.91 -18.26
C SER I 13 -29.83 11.81 -17.58
N THR I 14 -30.80 12.24 -16.78
CA THR I 14 -31.49 11.34 -15.86
C THR I 14 -32.56 10.53 -16.59
N ALA I 15 -33.47 9.97 -15.80
CA ALA I 15 -34.64 9.28 -16.34
C ALA I 15 -35.78 10.25 -16.58
N TYR I 16 -36.97 9.73 -16.85
CA TYR I 16 -38.09 10.52 -17.34
C TYR I 16 -38.91 11.16 -16.23
N ILE I 17 -38.34 11.38 -15.04
CA ILE I 17 -39.11 11.99 -13.96
C ILE I 17 -39.19 13.49 -14.16
N ILE I 18 -40.39 14.04 -14.01
CA ILE I 18 -40.64 15.45 -14.32
C ILE I 18 -41.02 16.12 -13.01
N PHE I 19 -40.39 15.69 -11.91
CA PHE I 19 -40.95 15.96 -10.59
C PHE I 19 -40.76 17.42 -10.17
N ASN I 20 -39.52 17.83 -9.93
CA ASN I 20 -39.23 19.17 -9.41
C ASN I 20 -37.74 19.43 -9.57
N SER I 21 -37.24 20.48 -8.92
CA SER I 21 -35.82 20.78 -8.89
C SER I 21 -35.11 19.71 -8.07
N SER I 22 -34.47 18.78 -8.76
CA SER I 22 -33.93 17.57 -8.16
C SER I 22 -32.68 17.86 -7.35
N VAL I 23 -32.27 16.85 -6.58
CA VAL I 23 -31.02 16.87 -5.82
C VAL I 23 -30.25 15.63 -6.26
N ALA I 24 -28.91 15.72 -6.27
CA ALA I 24 -28.15 14.62 -6.83
C ALA I 24 -26.79 14.52 -6.17
N ALA I 25 -26.27 13.29 -6.09
CA ALA I 25 -24.89 13.04 -5.69
C ALA I 25 -24.43 11.72 -6.28
N VAL I 26 -23.13 11.50 -6.25
CA VAL I 26 -22.58 10.24 -6.75
C VAL I 26 -22.20 9.28 -5.63
N VAL I 27 -21.87 9.78 -4.44
CA VAL I 27 -21.51 8.91 -3.33
C VAL I 27 -22.77 8.49 -2.61
N ASP I 28 -22.99 7.18 -2.49
CA ASP I 28 -24.26 6.64 -2.05
C ASP I 28 -24.04 5.57 -0.99
N THR I 29 -24.61 5.77 0.20
CA THR I 29 -24.62 4.74 1.20
C THR I 29 -26.01 4.10 1.26
N GLU I 30 -26.06 2.92 1.86
CA GLU I 30 -27.31 2.17 1.98
C GLU I 30 -27.83 2.28 3.39
N ILE I 31 -29.05 2.72 3.54
CA ILE I 31 -29.67 2.76 4.85
C ILE I 31 -30.43 1.48 5.05
N ALA I 32 -30.56 1.08 6.31
CA ALA I 32 -31.29 -0.11 6.70
C ALA I 32 -32.42 0.19 7.66
N ASN I 33 -32.20 1.09 8.60
CA ASN I 33 -33.26 1.56 9.48
C ASN I 33 -34.23 2.43 8.69
N GLY I 34 -35.52 2.17 8.87
CA GLY I 34 -36.51 2.95 8.15
C GLY I 34 -36.86 2.39 6.79
N ALA I 35 -37.37 1.16 6.75
CA ALA I 35 -37.47 0.40 5.50
C ALA I 35 -38.65 0.78 4.63
N ASN I 36 -38.80 2.07 4.32
CA ASN I 36 -39.56 2.52 3.17
C ASN I 36 -38.70 3.33 2.22
N VAL I 37 -37.50 3.69 2.63
CA VAL I 37 -36.54 4.48 1.86
C VAL I 37 -35.22 3.73 1.83
N THR I 38 -34.69 3.50 0.63
CA THR I 38 -33.42 2.81 0.45
C THR I 38 -32.41 3.73 -0.22
N PHE I 39 -31.13 3.51 0.08
CA PHE I 39 -29.99 4.21 -0.52
C PHE I 39 -30.04 5.72 -0.30
N SER I 40 -29.91 6.12 0.96
CA SER I 40 -29.82 7.55 1.27
C SER I 40 -28.50 8.12 0.79
N THR I 41 -28.54 9.28 0.13
CA THR I 41 -27.39 9.82 -0.61
C THR I 41 -26.50 10.71 0.26
N VAL I 42 -25.22 10.72 -0.08
CA VAL I 42 -24.17 11.26 0.79
C VAL I 42 -23.48 12.40 0.08
N THR I 43 -23.10 13.43 0.87
CA THR I 43 -22.51 14.73 0.47
C THR I 43 -23.12 15.27 -0.82
N VAL I 44 -24.40 15.57 -0.70
CA VAL I 44 -25.26 15.76 -1.86
C VAL I 44 -25.20 17.22 -2.27
N LYS I 45 -25.53 17.49 -3.54
CA LYS I 45 -25.45 18.82 -4.11
C LYS I 45 -26.78 19.16 -4.75
N GLU I 46 -27.17 20.42 -4.66
CA GLU I 46 -28.44 20.89 -5.20
C GLU I 46 -28.38 20.98 -6.72
N GLU I 47 -29.56 21.06 -7.33
CA GLU I 47 -29.69 21.26 -8.76
C GLU I 47 -31.10 21.79 -9.02
N ILE I 48 -31.28 22.37 -10.20
CA ILE I 48 -32.56 22.91 -10.63
C ILE I 48 -32.75 22.62 -12.10
N ASN I 49 -33.85 21.94 -12.45
CA ASN I 49 -34.31 21.92 -13.82
C ASN I 49 -35.63 22.64 -14.01
N ALA I 50 -36.31 23.00 -12.90
CA ALA I 50 -37.50 23.86 -12.87
C ALA I 50 -38.64 23.28 -13.71
N ASN I 51 -38.82 21.97 -13.59
CA ASN I 51 -39.85 21.18 -14.28
C ASN I 51 -39.75 21.33 -15.79
N ARG I 52 -38.58 20.97 -16.31
CA ARG I 52 -38.34 20.98 -17.75
C ARG I 52 -38.94 19.71 -18.35
N ASP I 53 -38.98 19.65 -19.68
CA ASP I 53 -39.72 18.60 -20.37
C ASP I 53 -39.00 17.27 -20.39
N PHE I 54 -37.72 17.28 -20.74
CA PHE I 54 -37.03 16.05 -21.07
C PHE I 54 -36.02 15.74 -19.96
N ASN I 55 -35.27 14.66 -20.11
CA ASN I 55 -34.50 14.10 -19.01
C ASN I 55 -33.20 14.85 -18.78
N LEU I 56 -32.58 15.35 -19.85
CA LEU I 56 -31.20 15.83 -19.82
C LEU I 56 -30.99 17.09 -18.99
N VAL I 57 -32.07 17.81 -18.68
CA VAL I 57 -31.98 19.11 -18.04
C VAL I 57 -31.63 18.85 -16.58
N ASN I 58 -30.38 19.12 -16.22
CA ASN I 58 -29.93 19.06 -14.83
C ASN I 58 -29.50 20.41 -14.30
N ALA I 59 -28.57 21.08 -14.98
CA ALA I 59 -28.26 22.50 -14.82
C ALA I 59 -27.79 22.85 -13.41
N GLN I 60 -26.60 22.36 -13.05
CA GLN I 60 -26.03 22.76 -11.77
C GLN I 60 -25.64 24.23 -11.79
N ASN I 61 -24.64 24.60 -12.59
CA ASN I 61 -24.30 26.01 -12.69
C ASN I 61 -24.10 26.47 -14.13
N GLY I 62 -23.79 25.54 -15.04
CA GLY I 62 -23.38 25.97 -16.35
C GLY I 62 -24.07 25.36 -17.56
N LYS I 63 -24.68 24.20 -17.43
CA LYS I 63 -25.14 23.43 -18.57
C LYS I 63 -26.67 23.35 -18.60
N ILE I 64 -27.30 24.20 -19.41
CA ILE I 64 -28.76 24.25 -19.46
C ILE I 64 -29.21 23.89 -20.86
N SER I 65 -28.83 24.71 -21.83
CA SER I 65 -29.14 24.47 -23.24
C SER I 65 -28.09 23.52 -23.82
N ARG I 66 -28.00 23.51 -25.16
CA ARG I 66 -27.01 22.77 -25.93
C ARG I 66 -27.09 21.27 -25.69
N ALA I 67 -28.19 20.67 -26.16
CA ALA I 67 -28.40 19.23 -26.03
C ALA I 67 -27.32 18.40 -26.70
N LYS I 68 -26.68 18.93 -27.75
CA LYS I 68 -25.53 18.23 -28.33
C LYS I 68 -24.35 18.22 -27.35
N ARG I 69 -24.09 19.35 -26.69
CA ARG I 69 -23.05 19.38 -25.67
C ARG I 69 -23.46 18.58 -24.44
N TRP I 70 -24.76 18.46 -24.18
CA TRP I 70 -25.21 17.61 -23.08
C TRP I 70 -24.98 16.14 -23.39
N GLY I 71 -25.30 15.71 -24.62
CA GLY I 71 -24.99 14.36 -25.05
C GLY I 71 -23.50 14.10 -25.16
N ASN I 72 -22.72 15.15 -25.38
CA ASN I 72 -21.28 15.05 -25.25
C ASN I 72 -20.87 14.88 -23.80
N GLU I 73 -21.64 15.48 -22.87
CA GLU I 73 -21.35 15.39 -21.44
C GLU I 73 -21.86 14.07 -20.86
N ALA I 74 -21.26 12.99 -21.32
CA ALA I 74 -21.62 11.65 -20.89
C ALA I 74 -20.57 11.00 -20.00
N SER I 75 -19.75 11.80 -19.32
CA SER I 75 -18.78 11.24 -18.39
C SER I 75 -19.47 10.67 -17.16
N LYS I 76 -20.26 11.50 -16.47
CA LYS I 76 -21.03 11.08 -15.31
C LYS I 76 -22.50 11.38 -15.65
N CYS I 77 -23.13 10.44 -16.32
CA CYS I 77 -24.48 10.60 -16.82
C CYS I 77 -25.25 9.29 -16.65
N GLU I 78 -26.44 9.26 -17.25
CA GLU I 78 -27.38 8.13 -17.20
C GLU I 78 -27.71 7.75 -15.76
N TYR I 79 -27.99 8.75 -14.94
CA TYR I 79 -28.41 8.48 -13.58
C TYR I 79 -29.81 7.89 -13.56
N PHE I 80 -30.02 6.87 -12.74
CA PHE I 80 -31.24 6.08 -12.81
C PHE I 80 -32.42 6.84 -12.20
N GLY I 81 -32.18 7.61 -11.16
CA GLY I 81 -33.25 8.41 -10.59
C GLY I 81 -34.16 7.72 -9.61
N ARG I 82 -34.39 6.43 -9.78
CA ARG I 82 -35.18 5.65 -8.84
C ARG I 82 -34.43 5.56 -7.52
N GLU I 83 -34.86 6.37 -6.56
CA GLU I 83 -34.07 6.63 -5.36
C GLU I 83 -35.04 6.87 -4.20
N ILE I 84 -34.56 7.56 -3.17
CA ILE I 84 -35.30 7.82 -1.94
C ILE I 84 -36.59 8.60 -2.15
N ASN I 85 -36.77 9.21 -3.31
CA ASN I 85 -37.89 10.09 -3.58
C ASN I 85 -38.03 10.18 -5.09
N PRO I 86 -39.25 10.31 -5.60
CA PRO I 86 -39.41 10.59 -7.04
C PRO I 86 -38.73 11.87 -7.51
N THR I 87 -38.54 12.87 -6.63
CA THR I 87 -37.78 14.04 -7.01
C THR I 87 -36.28 13.78 -6.97
N GLU I 88 -35.81 13.16 -5.91
CA GLU I 88 -34.38 13.03 -5.67
C GLU I 88 -33.80 11.95 -6.59
N PHE I 89 -32.66 12.27 -7.21
CA PHE I 89 -32.05 11.43 -8.22
C PHE I 89 -30.72 10.89 -7.73
N PHE I 90 -30.14 10.00 -8.51
CA PHE I 90 -28.89 9.38 -8.13
C PHE I 90 -27.73 10.30 -8.50
N ALA J 175 7.29 30.53 -47.17
CA ALA J 175 6.47 29.33 -47.10
C ALA J 175 7.06 28.35 -46.09
N LYS J 176 6.94 27.06 -46.41
CA LYS J 176 7.49 26.01 -45.55
C LYS J 176 7.70 24.78 -46.44
N GLN J 177 8.93 24.54 -46.84
CA GLN J 177 9.24 23.48 -47.79
C GLN J 177 10.50 22.75 -47.39
N LEU J 178 10.59 21.49 -47.82
CA LEU J 178 11.69 20.61 -47.44
C LEU J 178 12.39 20.16 -48.70
N TYR J 179 13.46 19.37 -48.56
CA TYR J 179 13.93 18.59 -49.69
C TYR J 179 14.43 17.24 -49.23
N PHE J 180 14.19 16.23 -50.05
CA PHE J 180 14.67 14.93 -49.63
C PHE J 180 15.77 14.43 -50.54
N PRO J 181 16.67 13.59 -50.01
CA PRO J 181 17.73 13.02 -50.84
C PRO J 181 17.22 12.00 -51.84
N LEU J 182 17.80 12.05 -53.03
CA LEU J 182 17.52 11.11 -54.10
C LEU J 182 18.31 9.82 -53.87
N PRO J 183 17.98 8.74 -54.58
CA PRO J 183 18.83 7.54 -54.50
C PRO J 183 20.14 7.70 -55.24
N GLY J 184 21.15 8.25 -54.56
CA GLY J 184 22.46 8.38 -55.16
C GLY J 184 22.62 9.61 -56.03
N SER J 185 21.93 10.69 -55.69
CA SER J 185 21.96 11.92 -56.46
C SER J 185 21.74 13.07 -55.50
N GLY J 186 21.30 14.21 -56.03
CA GLY J 186 21.06 15.37 -55.20
C GLY J 186 19.75 15.30 -54.44
N TYR J 187 19.00 16.39 -54.44
CA TYR J 187 17.84 16.51 -53.59
C TYR J 187 16.66 16.98 -54.43
N HIS J 188 15.46 16.63 -54.01
CA HIS J 188 14.25 17.17 -54.59
C HIS J 188 13.50 17.99 -53.57
N LEU J 189 13.22 19.24 -53.91
CA LEU J 189 12.46 20.13 -53.06
C LEU J 189 11.00 19.75 -53.10
N LEU J 190 10.40 19.60 -51.93
CA LEU J 190 8.99 19.30 -51.78
C LEU J 190 8.29 20.42 -51.01
N ALA J 191 7.08 20.78 -51.47
CA ALA J 191 6.28 21.83 -50.86
C ALA J 191 5.05 21.21 -50.21
N PRO J 192 5.10 20.88 -48.93
CA PRO J 192 3.94 20.24 -48.29
C PRO J 192 2.87 21.25 -47.92
N LEU J 193 1.79 21.27 -48.69
CA LEU J 193 0.74 22.24 -48.46
C LEU J 193 -0.24 21.71 -47.41
N PHE J 194 -1.34 22.43 -47.23
CA PHE J 194 -2.37 22.05 -46.28
C PHE J 194 -3.50 21.37 -47.04
N PRO J 195 -3.73 20.08 -46.84
CA PRO J 195 -4.88 19.45 -47.50
C PRO J 195 -6.17 19.85 -46.81
N THR J 196 -7.21 20.05 -47.62
CA THR J 196 -8.53 20.41 -47.12
C THR J 196 -9.58 19.36 -47.43
N SER J 197 -9.57 18.78 -48.62
CA SER J 197 -10.58 17.80 -48.99
C SER J 197 -10.38 16.48 -48.26
N LEU J 198 -9.22 16.25 -47.68
CA LEU J 198 -8.96 15.04 -46.91
C LEU J 198 -8.78 15.34 -45.43
N VAL J 199 -9.27 16.47 -44.95
CA VAL J 199 -9.37 16.67 -43.51
C VAL J 199 -10.85 16.81 -43.16
N HIS J 200 -11.66 17.27 -44.13
CA HIS J 200 -13.08 17.35 -43.88
C HIS J 200 -13.73 15.98 -43.90
N HIS J 201 -13.17 15.04 -44.66
CA HIS J 201 -13.73 13.71 -44.69
C HIS J 201 -13.50 12.98 -43.38
N VAL J 202 -12.32 13.14 -42.79
CA VAL J 202 -12.09 12.52 -41.49
C VAL J 202 -12.81 13.32 -40.39
N HIS J 203 -13.03 14.61 -40.60
CA HIS J 203 -13.85 15.38 -39.67
C HIS J 203 -15.29 14.89 -39.66
N ALA J 204 -15.84 14.57 -40.83
CA ALA J 204 -17.18 14.02 -40.90
C ALA J 204 -17.25 12.61 -40.35
N LEU J 205 -16.28 11.77 -40.72
CA LEU J 205 -16.27 10.38 -40.25
C LEU J 205 -15.88 10.24 -38.80
N LEU J 206 -15.43 11.30 -38.15
CA LEU J 206 -15.12 11.25 -36.73
C LEU J 206 -16.12 11.99 -35.87
N ARG J 207 -16.76 13.04 -36.39
CA ARG J 207 -17.75 13.76 -35.60
C ARG J 207 -19.01 12.93 -35.38
N GLU J 208 -19.37 12.09 -36.34
CA GLU J 208 -20.60 11.33 -36.22
C GLU J 208 -20.46 10.20 -35.20
N ALA J 209 -19.26 9.65 -35.03
CA ALA J 209 -19.08 8.61 -34.04
C ALA J 209 -18.97 9.17 -32.63
N ARG J 210 -18.69 10.47 -32.50
CA ARG J 210 -18.74 11.10 -31.19
C ARG J 210 -20.19 11.31 -30.76
N PHE J 211 -20.98 11.93 -31.62
CA PHE J 211 -22.40 12.14 -31.34
C PHE J 211 -23.18 12.08 -32.66
N GLY J 212 -24.23 11.26 -32.67
CA GLY J 212 -25.01 11.05 -33.87
C GLY J 212 -25.91 9.82 -33.70
N ASP J 213 -26.22 9.19 -34.83
CA ASP J 213 -27.07 8.00 -34.81
C ASP J 213 -26.39 6.83 -34.13
N ALA J 214 -25.14 6.55 -34.52
CA ALA J 214 -24.44 5.39 -33.97
C ALA J 214 -24.03 5.64 -32.52
N ALA J 215 -23.93 6.90 -32.13
CA ALA J 215 -23.53 7.20 -30.76
C ALA J 215 -24.73 7.23 -29.82
N LYS J 216 -25.73 8.06 -30.11
CA LYS J 216 -26.88 8.19 -29.21
C LYS J 216 -27.70 6.90 -29.18
N ALA J 217 -28.25 6.51 -30.32
CA ALA J 217 -28.84 5.18 -30.43
C ALA J 217 -27.73 4.15 -30.41
N ALA J 218 -28.02 2.99 -29.82
CA ALA J 218 -27.06 1.93 -29.51
C ALA J 218 -25.86 2.46 -28.75
N ARG J 219 -26.11 3.36 -27.79
CA ARG J 219 -25.07 3.82 -26.89
C ARG J 219 -24.66 2.68 -25.97
N GLU J 220 -25.63 1.89 -25.54
CA GLU J 220 -25.42 0.78 -24.63
C GLU J 220 -25.33 -0.53 -25.38
N ALA J 221 -24.67 -0.52 -26.54
CA ALA J 221 -24.73 -1.63 -27.50
C ALA J 221 -24.06 -2.89 -26.99
N ARG J 222 -23.15 -2.78 -26.01
CA ARG J 222 -22.51 -3.95 -25.46
C ARG J 222 -22.71 -4.07 -23.94
N SER J 223 -23.48 -3.19 -23.33
CA SER J 223 -23.79 -3.30 -21.91
C SER J 223 -25.19 -3.87 -21.66
N ARG J 224 -26.23 -3.21 -22.17
CA ARG J 224 -27.60 -3.73 -22.06
C ARG J 224 -28.25 -3.73 -23.43
N GLN J 225 -27.91 -4.74 -24.23
CA GLN J 225 -28.65 -5.30 -25.36
C GLN J 225 -29.36 -4.28 -26.25
N GLU J 226 -28.59 -3.31 -26.73
CA GLU J 226 -29.11 -2.32 -27.67
C GLU J 226 -29.10 -2.83 -29.09
N SER J 227 -29.20 -1.91 -30.05
CA SER J 227 -29.22 -2.21 -31.48
C SER J 227 -28.00 -3.02 -31.91
N TRP J 228 -28.24 -4.29 -32.22
CA TRP J 228 -27.21 -5.28 -32.49
C TRP J 228 -26.32 -5.02 -33.72
N PRO J 229 -26.79 -4.53 -34.87
CA PRO J 229 -25.86 -4.29 -35.98
C PRO J 229 -25.01 -3.02 -35.86
N HIS J 230 -24.92 -2.40 -34.70
CA HIS J 230 -24.09 -1.21 -34.53
C HIS J 230 -22.86 -1.52 -33.68
N GLY J 231 -22.02 -0.49 -33.53
CA GLY J 231 -20.82 -0.61 -32.75
C GLY J 231 -20.68 0.48 -31.71
N PHE J 232 -19.55 0.50 -31.01
CA PHE J 232 -19.31 1.43 -29.91
C PHE J 232 -18.46 2.63 -30.32
N SER J 233 -17.42 2.42 -31.13
CA SER J 233 -16.61 3.47 -31.75
C SER J 233 -15.95 4.40 -30.72
N GLU J 234 -15.03 3.82 -29.95
CA GLU J 234 -14.24 4.58 -29.00
C GLU J 234 -13.33 5.59 -29.70
N TYR J 235 -12.83 6.56 -28.94
CA TYR J 235 -12.11 7.70 -29.50
C TYR J 235 -11.11 8.25 -28.49
N PRO J 236 -10.03 7.51 -28.21
CA PRO J 236 -9.15 7.92 -27.12
C PRO J 236 -8.14 8.98 -27.54
N ASN J 237 -7.90 9.91 -26.61
CA ASN J 237 -6.75 10.83 -26.64
C ASN J 237 -6.76 11.75 -27.86
N LEU J 238 -7.91 12.30 -28.20
CA LEU J 238 -7.95 13.20 -29.33
C LEU J 238 -7.40 14.57 -28.94
N ALA J 239 -7.04 15.35 -29.95
CA ALA J 239 -6.51 16.68 -29.71
C ALA J 239 -7.21 17.69 -30.61
N ILE J 240 -7.17 18.95 -30.21
CA ILE J 240 -7.81 20.02 -30.96
C ILE J 240 -6.82 21.15 -31.16
N GLN J 241 -7.05 21.94 -32.20
CA GLN J 241 -6.08 22.92 -32.66
C GLN J 241 -6.81 24.10 -33.28
N LYS J 242 -6.72 25.27 -32.63
CA LYS J 242 -7.46 26.44 -33.07
C LYS J 242 -6.71 27.16 -34.20
N PHE J 243 -7.39 28.11 -34.82
CA PHE J 243 -6.85 28.86 -35.95
C PHE J 243 -7.04 30.36 -35.77
N GLY J 244 -6.68 30.87 -34.59
CA GLY J 244 -6.70 32.29 -34.31
C GLY J 244 -7.87 32.74 -33.46
N GLY J 245 -8.96 31.99 -33.47
CA GLY J 245 -10.10 32.31 -32.62
C GLY J 245 -11.22 33.05 -33.32
N THR J 246 -11.31 34.36 -33.06
CA THR J 246 -12.44 35.17 -33.54
C THR J 246 -12.09 35.97 -34.79
N LYS J 247 -11.29 35.39 -35.70
CA LYS J 247 -10.95 36.04 -36.96
C LYS J 247 -11.14 35.08 -38.13
N PRO J 248 -12.40 34.66 -38.43
CA PRO J 248 -12.64 33.66 -39.47
C PRO J 248 -12.89 34.27 -40.85
N GLN J 249 -11.91 35.02 -41.37
CA GLN J 249 -11.98 35.52 -42.74
C GLN J 249 -10.71 35.26 -43.55
N ASN J 250 -9.58 34.92 -42.92
CA ASN J 250 -8.33 34.80 -43.66
C ASN J 250 -8.27 33.49 -44.43
N ILE J 251 -8.52 32.36 -43.75
CA ILE J 251 -8.50 31.07 -44.44
C ILE J 251 -9.75 30.92 -45.29
N SER J 252 -9.72 29.92 -46.16
CA SER J 252 -10.85 29.58 -47.01
C SER J 252 -11.56 28.34 -46.46
N GLN J 253 -12.66 27.97 -47.13
CA GLN J 253 -13.55 26.87 -46.74
C GLN J 253 -14.04 27.05 -45.30
N LEU J 254 -14.79 28.12 -45.09
CA LEU J 254 -15.21 28.50 -43.75
C LEU J 254 -16.30 27.58 -43.23
N ASN J 255 -16.41 27.54 -41.91
CA ASN J 255 -17.53 26.88 -41.23
C ASN J 255 -17.72 27.57 -39.90
N ASN J 256 -18.99 27.88 -39.57
CA ASN J 256 -19.29 28.65 -38.36
C ASN J 256 -19.00 27.86 -37.10
N GLU J 257 -19.12 26.53 -37.15
CA GLU J 257 -18.66 25.70 -36.05
C GLU J 257 -17.15 25.59 -36.02
N ARG J 258 -16.48 25.82 -37.15
CA ARG J 258 -15.02 25.65 -37.24
C ARG J 258 -14.34 27.00 -37.09
N ARG J 259 -14.13 27.40 -35.84
CA ARG J 259 -13.22 28.48 -35.49
C ARG J 259 -11.85 27.92 -35.13
N GLY J 260 -11.30 27.08 -36.00
CA GLY J 260 -10.15 26.28 -35.66
C GLY J 260 -10.59 25.01 -34.96
N GLU J 261 -11.41 24.22 -35.62
CA GLU J 261 -12.06 23.04 -35.04
C GLU J 261 -11.78 21.82 -35.91
N ASN J 262 -10.51 21.63 -36.26
CA ASN J 262 -10.08 20.41 -36.92
C ASN J 262 -9.41 19.50 -35.90
N TRP J 263 -9.86 18.25 -35.84
CA TRP J 263 -9.39 17.34 -34.82
C TRP J 263 -8.01 16.82 -35.16
N LEU J 264 -7.41 16.11 -34.20
CA LEU J 264 -6.10 15.49 -34.38
C LEU J 264 -6.10 14.13 -33.71
N LEU J 265 -5.82 13.09 -34.50
CA LEU J 265 -5.74 11.73 -33.98
C LEU J 265 -4.44 11.57 -33.19
N PRO J 266 -4.42 10.67 -32.21
CA PRO J 266 -3.18 10.43 -31.47
C PRO J 266 -2.26 9.47 -32.19
N SER J 267 -0.97 9.68 -31.98
CA SER J 267 0.06 8.74 -32.40
C SER J 267 1.14 8.67 -31.32
N LEU J 268 0.74 8.54 -30.11
CA LEU J 268 1.70 8.74 -29.04
C LEU J 268 2.52 7.48 -28.82
N PRO J 269 3.82 7.60 -28.61
CA PRO J 269 4.60 6.48 -28.14
C PRO J 269 4.15 6.15 -26.72
N PRO J 270 4.13 4.88 -26.36
CA PRO J 270 3.68 4.50 -25.01
C PRO J 270 4.65 4.91 -23.93
N ASN J 271 4.36 4.48 -22.69
CA ASN J 271 5.07 4.84 -21.46
C ASN J 271 5.19 6.36 -21.29
N TRP J 272 4.17 7.10 -21.75
CA TRP J 272 4.15 8.54 -21.65
C TRP J 272 3.50 9.03 -20.36
N GLN J 273 3.65 8.29 -19.28
CA GLN J 273 3.27 8.75 -17.95
C GLN J 273 4.38 8.66 -16.94
N ARG J 274 5.25 7.65 -17.03
CA ARG J 274 6.42 7.49 -16.17
C ARG J 274 6.04 7.30 -14.69
N GLN J 275 5.35 6.20 -14.42
CA GLN J 275 4.87 5.95 -13.07
C GLN J 275 5.82 5.12 -12.22
N ASN J 276 6.59 4.20 -12.82
CA ASN J 276 7.36 3.20 -12.08
C ASN J 276 8.58 3.84 -11.41
N VAL J 277 8.32 4.54 -10.30
CA VAL J 277 9.33 5.35 -9.63
C VAL J 277 9.68 4.80 -8.26
N ASN J 278 8.68 4.43 -7.45
CA ASN J 278 8.90 4.19 -6.03
C ASN J 278 9.57 2.84 -5.76
N ALA J 279 8.91 1.74 -6.14
CA ALA J 279 9.41 0.38 -5.92
C ALA J 279 9.49 0.07 -4.43
N PRO J 280 8.38 0.14 -3.70
CA PRO J 280 8.46 0.08 -2.24
C PRO J 280 8.42 -1.34 -1.66
N MET J 281 8.39 -1.42 -0.33
CA MET J 281 8.31 -2.70 0.37
C MET J 281 6.86 -3.04 0.73
N ARG J 282 6.07 -3.21 -0.31
CA ARG J 282 4.66 -3.56 -0.18
C ARG J 282 4.49 -5.07 -0.22
N HIS J 283 3.26 -5.54 -0.42
CA HIS J 283 2.96 -6.96 -0.51
C HIS J 283 2.57 -7.43 -1.90
N SER J 284 2.01 -6.56 -2.74
CA SER J 284 1.59 -6.97 -4.08
C SER J 284 2.77 -7.14 -5.02
N SER J 285 3.52 -6.07 -5.26
CA SER J 285 4.72 -6.12 -6.08
C SER J 285 6.00 -6.18 -5.26
N VAL J 286 5.91 -5.94 -3.95
CA VAL J 286 7.08 -6.00 -3.08
C VAL J 286 7.12 -7.29 -2.25
N PHE J 287 5.97 -7.89 -1.95
CA PHE J 287 5.95 -9.21 -1.33
C PHE J 287 5.95 -10.32 -2.35
N GLU J 288 5.32 -10.11 -3.50
CA GLU J 288 5.30 -11.07 -4.59
C GLU J 288 5.97 -10.47 -5.81
N HIS J 289 6.84 -11.25 -6.45
CA HIS J 289 7.57 -10.76 -7.62
C HIS J 289 6.64 -10.60 -8.82
N ASP J 290 5.77 -11.58 -9.06
CA ASP J 290 4.81 -11.51 -10.15
C ASP J 290 3.49 -10.90 -9.70
N PHE J 291 3.57 -9.75 -9.01
CA PHE J 291 2.38 -8.99 -8.69
C PHE J 291 1.97 -8.12 -9.87
N GLY J 292 2.85 -7.19 -10.27
CA GLY J 292 2.68 -6.39 -11.47
C GLY J 292 1.51 -5.42 -11.42
N ARG J 293 1.38 -4.70 -10.31
CA ARG J 293 0.26 -3.79 -10.12
C ARG J 293 0.48 -2.54 -10.99
N THR J 294 0.12 -2.67 -12.26
CA THR J 294 0.25 -1.61 -13.25
C THR J 294 -1.02 -1.54 -14.06
N PRO J 295 -1.27 -0.41 -14.72
CA PRO J 295 -2.50 -0.29 -15.53
C PRO J 295 -2.43 -1.12 -16.80
N GLU J 296 -1.29 -1.05 -17.50
CA GLU J 296 -1.15 -1.83 -18.73
C GLU J 296 -1.01 -3.31 -18.44
N VAL J 297 -0.31 -3.65 -17.35
CA VAL J 297 -0.18 -5.06 -16.96
C VAL J 297 -1.53 -5.60 -16.50
N SER J 298 -2.32 -4.77 -15.81
CA SER J 298 -3.65 -5.20 -15.39
C SER J 298 -4.58 -5.35 -16.58
N ARG J 299 -4.44 -4.48 -17.59
CA ARG J 299 -5.26 -4.60 -18.79
C ARG J 299 -4.89 -5.85 -19.59
N LEU J 300 -3.58 -6.14 -19.69
CA LEU J 300 -3.15 -7.35 -20.38
C LEU J 300 -3.53 -8.60 -19.62
N THR J 301 -3.61 -8.52 -18.29
CA THR J 301 -4.06 -9.66 -17.50
C THR J 301 -5.56 -9.88 -17.62
N ARG J 302 -6.34 -8.81 -17.69
CA ARG J 302 -7.77 -8.95 -17.82
C ARG J 302 -8.19 -9.35 -19.23
N THR J 303 -7.39 -8.98 -20.24
CA THR J 303 -7.79 -9.24 -21.62
C THR J 303 -7.48 -10.64 -22.10
N LEU J 304 -6.75 -11.44 -21.32
CA LEU J 304 -6.40 -12.78 -21.80
C LEU J 304 -7.49 -13.81 -21.52
N GLN J 305 -8.65 -13.41 -21.00
CA GLN J 305 -9.72 -14.36 -20.75
C GLN J 305 -10.50 -14.71 -22.01
N ARG J 306 -10.53 -13.82 -23.00
CA ARG J 306 -11.21 -14.14 -24.25
C ARG J 306 -10.43 -15.16 -25.07
N PHE J 307 -9.11 -15.18 -24.93
CA PHE J 307 -8.26 -16.16 -25.58
C PHE J 307 -7.89 -17.32 -24.65
N LEU J 308 -8.31 -17.27 -23.40
CA LEU J 308 -8.09 -18.34 -22.45
C LEU J 308 -9.26 -19.31 -22.37
N ALA J 309 -10.13 -19.30 -23.38
CA ALA J 309 -11.28 -20.19 -23.42
C ALA J 309 -10.94 -21.45 -24.21
N LYS J 310 -11.93 -22.30 -24.43
CA LYS J 310 -11.73 -23.58 -25.12
C LYS J 310 -11.57 -23.30 -26.62
N THR J 311 -10.34 -22.97 -27.01
CA THR J 311 -10.03 -22.67 -28.41
C THR J 311 -9.53 -23.94 -29.09
N VAL J 312 -10.43 -24.94 -29.15
CA VAL J 312 -10.10 -26.19 -29.82
C VAL J 312 -10.06 -26.01 -31.33
N HIS J 313 -11.06 -25.32 -31.88
CA HIS J 313 -11.07 -24.94 -33.29
C HIS J 313 -10.46 -23.57 -33.53
N ASN J 314 -9.70 -23.06 -32.57
CA ASN J 314 -9.05 -21.75 -32.64
C ASN J 314 -7.61 -21.85 -32.19
N ASN J 315 -6.88 -22.83 -32.76
CA ASN J 315 -5.50 -23.10 -32.34
C ASN J 315 -4.57 -21.94 -32.67
N LEU J 316 -4.86 -21.19 -33.72
CA LEU J 316 -4.17 -19.93 -33.96
C LEU J 316 -4.82 -18.76 -33.25
N ALA J 317 -6.08 -18.90 -32.81
CA ALA J 317 -6.81 -17.83 -32.16
C ALA J 317 -6.68 -17.89 -30.64
N ILE J 318 -7.05 -19.03 -30.04
CA ILE J 318 -6.88 -19.20 -28.59
C ILE J 318 -5.47 -19.62 -28.22
N ARG J 319 -4.61 -19.90 -29.19
CA ARG J 319 -3.24 -20.33 -28.93
C ARG J 319 -2.21 -19.35 -29.47
N GLN J 320 -2.33 -18.94 -30.73
CA GLN J 320 -1.33 -18.07 -31.33
C GLN J 320 -1.43 -16.66 -30.77
N ARG J 321 -2.65 -16.11 -30.71
CA ARG J 321 -2.85 -14.81 -30.08
C ARG J 321 -2.63 -14.89 -28.58
N ARG J 322 -2.99 -16.02 -27.97
CA ARG J 322 -2.71 -16.23 -26.55
C ARG J 322 -1.22 -16.35 -26.29
N ALA J 323 -0.48 -16.99 -27.21
CA ALA J 323 0.97 -17.08 -27.06
C ALA J 323 1.64 -15.73 -27.26
N GLN J 324 1.12 -14.92 -28.19
CA GLN J 324 1.65 -13.57 -28.39
C GLN J 324 1.35 -12.68 -27.19
N LEU J 325 0.18 -12.83 -26.58
CA LEU J 325 -0.16 -12.03 -25.42
C LEU J 325 0.62 -12.48 -24.19
N VAL J 326 0.91 -13.78 -24.09
CA VAL J 326 1.77 -14.26 -23.01
C VAL J 326 3.19 -13.73 -23.19
N ALA J 327 3.68 -13.69 -24.44
CA ALA J 327 4.99 -13.13 -24.70
C ALA J 327 5.05 -11.63 -24.42
N GLN J 328 3.95 -10.91 -24.70
CA GLN J 328 3.90 -9.48 -24.40
C GLN J 328 3.86 -9.23 -22.90
N ILE J 329 3.09 -10.04 -22.16
CA ILE J 329 3.01 -9.89 -20.72
C ILE J 329 4.33 -10.31 -20.06
N CYS J 330 5.09 -11.19 -20.71
CA CYS J 330 6.41 -11.52 -20.20
C CYS J 330 7.42 -10.43 -20.50
N ASP J 331 7.36 -9.85 -21.70
CA ASP J 331 8.32 -8.82 -22.09
C ASP J 331 8.08 -7.52 -21.33
N GLU J 332 6.84 -7.26 -20.92
CA GLU J 332 6.55 -6.05 -20.14
C GLU J 332 7.17 -6.10 -18.75
N ALA J 333 7.48 -7.30 -18.25
CA ALA J 333 8.12 -7.40 -16.94
C ALA J 333 9.54 -6.87 -16.96
N LEU J 334 10.23 -7.00 -18.10
CA LEU J 334 11.57 -6.43 -18.22
C LEU J 334 11.52 -4.91 -18.13
N GLN J 335 10.49 -4.30 -18.70
CA GLN J 335 10.34 -2.85 -18.57
C GLN J 335 9.89 -2.47 -17.16
N TYR J 336 9.07 -3.31 -16.53
CA TYR J 336 8.61 -3.04 -15.18
C TYR J 336 9.70 -3.23 -14.14
N ALA J 337 10.77 -3.95 -14.49
CA ALA J 337 11.90 -4.10 -13.59
C ALA J 337 13.01 -3.10 -13.90
N ALA J 338 13.44 -3.04 -15.15
CA ALA J 338 14.52 -2.13 -15.54
C ALA J 338 14.11 -0.67 -15.57
N ARG J 339 12.80 -0.38 -15.47
CA ARG J 339 12.35 1.00 -15.34
C ARG J 339 12.83 1.62 -14.03
N LEU J 340 13.01 0.79 -13.01
CA LEU J 340 13.70 1.18 -11.79
C LEU J 340 15.17 0.79 -11.81
N ARG J 341 15.71 0.51 -12.99
CA ARG J 341 17.11 0.13 -13.12
C ARG J 341 18.04 1.30 -12.79
N GLU J 342 17.55 2.53 -12.97
CA GLU J 342 18.24 3.72 -12.48
C GLU J 342 17.41 4.47 -11.46
N LEU J 343 16.45 3.79 -10.82
CA LEU J 343 15.51 4.43 -9.92
C LEU J 343 16.05 4.67 -8.53
N GLU J 344 17.31 4.31 -8.26
CA GLU J 344 17.90 4.53 -6.95
C GLU J 344 19.35 4.09 -6.97
N PRO J 345 20.11 4.37 -5.91
CA PRO J 345 21.47 3.80 -5.81
C PRO J 345 21.48 2.32 -5.45
N GLY J 346 20.34 1.75 -5.09
CA GLY J 346 20.25 0.33 -4.78
C GLY J 346 19.16 0.06 -3.76
N TRP J 347 18.34 -0.94 -4.02
CA TRP J 347 17.29 -1.35 -3.08
C TRP J 347 17.98 -2.06 -1.92
N SER J 348 18.30 -1.31 -0.87
CA SER J 348 19.11 -1.81 0.22
C SER J 348 18.27 -2.65 1.19
N ALA J 349 18.85 -2.96 2.35
CA ALA J 349 18.15 -3.76 3.36
C ALA J 349 17.08 -2.91 4.02
N THR J 350 15.81 -3.22 3.75
CA THR J 350 14.71 -2.48 4.31
C THR J 350 13.56 -3.43 4.62
N PRO J 351 12.53 -2.97 5.32
CA PRO J 351 11.41 -3.85 5.67
C PRO J 351 10.34 -3.88 4.60
N GLY J 352 9.67 -5.02 4.51
CA GLY J 352 8.59 -5.25 3.55
C GLY J 352 9.07 -5.76 2.20
N CYS J 353 10.25 -5.33 1.77
CA CYS J 353 10.82 -5.73 0.51
C CYS J 353 11.56 -7.07 0.58
N GLN J 354 11.43 -7.79 1.70
CA GLN J 354 12.01 -9.12 1.78
C GLN J 354 11.30 -10.10 0.86
N LEU J 355 10.02 -9.86 0.59
CA LEU J 355 9.32 -10.65 -0.42
C LEU J 355 9.90 -10.38 -1.80
N HIS J 356 10.32 -9.14 -2.06
CA HIS J 356 11.13 -8.82 -3.24
C HIS J 356 12.60 -9.12 -3.01
N ASP J 357 13.00 -9.43 -1.77
CA ASP J 357 14.36 -9.86 -1.49
C ASP J 357 14.60 -11.32 -1.84
N ALA J 358 13.52 -12.10 -2.03
CA ALA J 358 13.68 -13.44 -2.57
C ALA J 358 14.06 -13.42 -4.05
N GLU J 359 13.72 -12.34 -4.74
CA GLU J 359 14.09 -12.08 -6.13
C GLU J 359 14.78 -10.73 -6.25
N GLN J 360 15.76 -10.49 -5.38
CA GLN J 360 16.44 -9.20 -5.29
C GLN J 360 17.67 -9.11 -6.19
N LEU J 361 17.65 -9.81 -7.32
CA LEU J 361 18.69 -9.68 -8.34
C LEU J 361 18.13 -9.21 -9.67
N TRP J 362 17.12 -9.89 -10.21
CA TRP J 362 16.59 -9.55 -11.52
C TRP J 362 15.80 -8.25 -11.46
N LEU J 363 14.70 -8.24 -10.70
CA LEU J 363 13.92 -7.02 -10.51
C LEU J 363 14.38 -6.23 -9.28
N ASP J 364 15.69 -6.01 -9.18
CA ASP J 364 16.27 -5.37 -8.01
C ASP J 364 17.54 -4.64 -8.42
N PRO J 365 18.18 -3.92 -7.49
CA PRO J 365 19.26 -3.00 -7.87
C PRO J 365 20.55 -3.67 -8.30
N LEU J 366 21.54 -2.85 -8.62
CA LEU J 366 22.86 -3.31 -9.04
C LEU J 366 23.89 -2.54 -8.25
N ARG J 367 24.58 -3.23 -7.34
CA ARG J 367 25.60 -2.60 -6.51
C ARG J 367 26.03 -3.55 -5.40
N GLN J 376 30.64 -16.02 -8.14
CA GLN J 376 29.69 -15.03 -7.63
C GLN J 376 28.27 -15.39 -8.02
N ARG J 377 27.48 -15.82 -7.03
CA ARG J 377 26.09 -16.18 -7.24
C ARG J 377 25.10 -15.39 -6.40
N ARG J 378 25.50 -14.92 -5.22
CA ARG J 378 24.63 -14.13 -4.35
C ARG J 378 25.14 -12.73 -4.12
N LEU J 379 26.39 -12.58 -3.65
CA LEU J 379 27.00 -11.27 -3.49
C LEU J 379 27.68 -10.79 -4.76
N ARG J 380 28.28 -11.70 -5.52
CA ARG J 380 28.87 -11.38 -6.82
C ARG J 380 28.00 -11.86 -7.98
N GLY J 381 26.76 -12.23 -7.71
CA GLY J 381 25.87 -12.69 -8.76
C GLY J 381 24.43 -12.46 -8.38
N ASP J 382 23.56 -12.38 -9.40
CA ASP J 382 22.14 -12.19 -9.18
C ASP J 382 21.44 -13.55 -9.16
N TRP J 383 20.20 -13.57 -8.69
CA TRP J 383 19.48 -14.83 -8.54
C TRP J 383 18.58 -15.06 -9.75
N PRO J 384 19.08 -15.74 -10.78
CA PRO J 384 18.29 -15.97 -12.00
C PRO J 384 17.38 -17.20 -11.94
N ALA J 385 16.67 -17.36 -10.82
CA ALA J 385 15.71 -18.44 -10.70
C ALA J 385 14.43 -18.01 -10.02
N GLU J 386 14.37 -16.78 -9.48
CA GLU J 386 13.17 -16.31 -8.81
C GLU J 386 12.05 -15.99 -9.79
N VAL J 387 12.37 -15.75 -11.06
CA VAL J 387 11.33 -15.62 -12.07
C VAL J 387 10.64 -16.95 -12.30
N GLY J 388 11.37 -18.06 -12.12
CA GLY J 388 10.74 -19.37 -12.16
C GLY J 388 9.77 -19.58 -11.01
N ASN J 389 10.03 -18.94 -9.86
CA ASN J 389 9.08 -19.00 -8.76
C ASN J 389 7.90 -18.05 -8.99
N ARG J 390 8.15 -16.91 -9.62
CA ARG J 390 7.07 -15.96 -9.89
C ARG J 390 6.21 -16.37 -11.07
N PHE J 391 6.68 -17.32 -11.89
CA PHE J 391 5.89 -17.76 -13.04
C PHE J 391 4.65 -18.53 -12.60
N ALA J 392 4.74 -19.27 -11.49
CA ALA J 392 3.57 -19.99 -11.00
C ALA J 392 2.54 -19.02 -10.42
N ASN J 393 2.99 -17.91 -9.84
CA ASN J 393 2.05 -16.94 -9.31
C ASN J 393 1.42 -16.09 -10.40
N TRP J 394 2.20 -15.67 -11.39
CA TRP J 394 1.66 -14.83 -12.44
C TRP J 394 0.94 -15.64 -13.51
N LEU J 395 1.68 -16.50 -14.21
CA LEU J 395 1.13 -17.22 -15.35
C LEU J 395 0.30 -18.43 -14.96
N ASN J 396 0.44 -18.92 -13.73
CA ASN J 396 -0.36 -20.04 -13.26
C ASN J 396 -1.47 -19.59 -12.32
N ARG J 397 -1.17 -18.71 -11.37
CA ARG J 397 -2.18 -18.27 -10.42
C ARG J 397 -3.16 -17.28 -11.05
N ALA J 398 -2.67 -16.34 -11.84
CA ALA J 398 -3.55 -15.35 -12.45
C ALA J 398 -4.02 -15.74 -13.84
N VAL J 399 -3.30 -16.61 -14.53
CA VAL J 399 -3.72 -17.05 -15.86
C VAL J 399 -4.57 -18.30 -15.73
N GLU J 410 -8.56 -26.88 -23.08
CA GLU J 410 -7.26 -27.11 -23.67
C GLU J 410 -6.17 -27.09 -22.60
N ALA J 411 -5.09 -27.83 -22.85
CA ALA J 411 -3.98 -27.88 -21.90
C ALA J 411 -2.62 -27.88 -22.57
N ALA J 412 -2.53 -27.56 -23.86
CA ALA J 412 -1.26 -27.54 -24.57
C ALA J 412 -0.56 -26.19 -24.42
N GLN J 413 -1.23 -25.12 -24.85
CA GLN J 413 -0.62 -23.79 -24.80
C GLN J 413 -0.60 -23.23 -23.40
N TRP J 414 -1.39 -23.77 -22.47
CA TRP J 414 -1.37 -23.31 -21.09
C TRP J 414 -0.15 -23.79 -20.33
N SER J 415 0.56 -24.79 -20.85
CA SER J 415 1.75 -25.31 -20.18
C SER J 415 2.95 -25.53 -21.11
N GLN J 416 2.75 -25.66 -22.42
CA GLN J 416 3.86 -25.93 -23.33
C GLN J 416 4.43 -24.65 -23.92
N GLU J 417 3.60 -23.87 -24.61
CA GLU J 417 4.06 -22.61 -25.18
C GLU J 417 4.36 -21.57 -24.10
N LEU J 418 3.56 -21.57 -23.03
CA LEU J 418 3.84 -20.69 -21.90
C LEU J 418 5.14 -21.08 -21.21
N SER J 419 5.41 -22.38 -21.13
CA SER J 419 6.67 -22.83 -20.55
C SER J 419 7.85 -22.48 -21.43
N LYS J 420 7.68 -22.55 -22.75
CA LYS J 420 8.76 -22.18 -23.67
C LYS J 420 9.04 -20.69 -23.63
N GLU J 421 7.98 -19.87 -23.55
CA GLU J 421 8.16 -18.43 -23.40
C GLU J 421 8.78 -18.08 -22.06
N LEU J 422 8.44 -18.81 -20.99
CA LEU J 422 9.08 -18.60 -19.70
C LEU J 422 10.54 -18.99 -19.74
N THR J 423 10.88 -20.03 -20.51
CA THR J 423 12.28 -20.43 -20.66
C THR J 423 13.06 -19.38 -21.45
N MET J 424 12.42 -18.78 -22.46
CA MET J 424 13.06 -17.69 -23.19
C MET J 424 13.27 -16.47 -22.31
N PHE J 425 12.28 -16.15 -21.46
CA PHE J 425 12.41 -15.04 -20.54
C PHE J 425 13.48 -15.30 -19.47
N LYS J 426 13.60 -16.56 -19.04
CA LYS J 426 14.64 -16.91 -18.09
C LYS J 426 16.03 -16.84 -18.71
N GLU J 427 16.14 -17.25 -19.98
CA GLU J 427 17.43 -17.14 -20.67
C GLU J 427 17.80 -15.68 -20.88
N ILE J 428 16.81 -14.83 -21.17
CA ILE J 428 17.08 -13.41 -21.34
C ILE J 428 17.44 -12.76 -20.00
N LEU J 429 16.82 -13.20 -18.92
CA LEU J 429 17.14 -12.64 -17.61
C LEU J 429 18.50 -13.13 -17.10
N GLU J 430 18.93 -14.30 -17.54
CA GLU J 430 20.20 -14.84 -17.11
C GLU J 430 21.36 -14.33 -17.95
N ASP J 431 21.12 -14.05 -19.24
CA ASP J 431 22.20 -13.58 -20.11
C ASP J 431 22.66 -12.18 -19.78
N GLU J 432 21.81 -11.38 -19.12
CA GLU J 432 22.16 -10.00 -18.82
C GLU J 432 22.91 -9.87 -17.50
N ARG J 433 22.29 -10.31 -16.40
CA ARG J 433 22.92 -10.21 -15.10
C ARG J 433 24.02 -11.25 -14.98
N ASP J 434 25.19 -10.92 -15.52
CA ASP J 434 26.28 -11.88 -15.62
C ASP J 434 26.10 -12.72 -16.89
#